data_3KXP
#
_entry.id   3KXP
#
_cell.length_a   115.200
_cell.length_b   178.530
_cell.length_c   189.250
_cell.angle_alpha   90.000
_cell.angle_beta   90.000
_cell.angle_gamma   90.000
#
_symmetry.space_group_name_H-M   'P 21 21 21'
#
loop_
_entity.id
_entity.type
_entity.pdbx_description
1 polymer 'Alpha-(N-acetylaminomethylene)succinic acid hydrolase'
2 non-polymer 'CHLORIDE ION'
3 water water
#
_entity_poly.entity_id   1
_entity_poly.type   'polypeptide(L)'
_entity_poly.pdbx_seq_one_letter_code
;(MSE)GSHHHHHHDITSLYKKAGSAAAVLEENLYFGGSFT(MSE)D(MSE)AADIASDHFISRRVDIGRITLNVREKGSG
PL(MSE)LFFHGITSNSAVFEPL(MSE)IRLSDRFTTIAVDQRGHGLSDKPETGYEANDYADDIAGLIRTLARGHAILVG
HSLGARNSVTAAAKYPDLVRSVVAIDFTPYIETEALDALEARVNAGSQLFEDIKAVEAYLAGRYPNIPADAIRIRAESGY
QPVDGGLRPLASSAA(MSE)AQTARGLRSDLVPAYRDVTKPVLIVRGESSKLVSAAALAKTSRLRPDLPVVVVPGADHYV
NEVSPEITLKAITNFIDA
;
_entity_poly.pdbx_strand_id   A,B,C,D,E,F,G,H,I,J,K,L
#
loop_
_chem_comp.id
_chem_comp.type
_chem_comp.name
_chem_comp.formula
CL non-polymer 'CHLORIDE ION' 'Cl -1'
#
# COMPACT_ATOMS: atom_id res chain seq x y z
N HIS A 47 63.07 27.66 -33.16
CA HIS A 47 61.85 27.30 -33.95
C HIS A 47 61.01 28.53 -34.30
N PHE A 48 61.03 29.53 -33.43
CA PHE A 48 60.27 30.75 -33.68
C PHE A 48 61.13 31.79 -34.38
N ILE A 49 60.57 32.43 -35.40
CA ILE A 49 61.29 33.45 -36.11
C ILE A 49 60.84 34.79 -35.52
N SER A 50 61.80 35.68 -35.25
CA SER A 50 61.48 36.98 -34.68
C SER A 50 61.61 38.02 -35.76
N ARG A 51 60.74 39.02 -35.73
CA ARG A 51 60.78 40.09 -36.71
C ARG A 51 59.97 41.28 -36.22
N ARG A 52 60.42 42.47 -36.57
CA ARG A 52 59.71 43.67 -36.17
C ARG A 52 58.70 43.97 -37.26
N VAL A 53 57.43 44.10 -36.87
CA VAL A 53 56.37 44.36 -37.81
C VAL A 53 55.89 45.79 -37.73
N ASP A 54 55.92 46.47 -38.86
CA ASP A 54 55.46 47.85 -38.92
C ASP A 54 53.96 47.76 -39.13
N ILE A 55 53.19 48.23 -38.17
CA ILE A 55 51.74 48.19 -38.28
C ILE A 55 51.20 49.61 -38.45
N GLY A 56 52.09 50.51 -38.87
CA GLY A 56 51.71 51.89 -39.10
C GLY A 56 51.88 52.79 -37.90
N ARG A 57 50.93 52.70 -36.97
CA ARG A 57 50.97 53.53 -35.76
C ARG A 57 52.24 53.28 -34.94
N ILE A 58 52.88 52.15 -35.17
CA ILE A 58 54.10 51.80 -34.44
C ILE A 58 54.68 50.51 -35.00
N THR A 59 55.88 50.15 -34.55
CA THR A 59 56.52 48.92 -34.99
C THR A 59 56.66 48.01 -33.78
N LEU A 60 56.24 46.75 -33.93
CA LEU A 60 56.31 45.78 -32.83
C LEU A 60 57.12 44.57 -33.18
N ASN A 61 57.79 43.98 -32.18
CA ASN A 61 58.58 42.78 -32.39
C ASN A 61 57.68 41.58 -32.07
N VAL A 62 57.75 40.53 -32.88
CA VAL A 62 56.92 39.35 -32.65
C VAL A 62 57.70 38.06 -32.88
N ARG A 63 57.18 36.96 -32.35
CA ARG A 63 57.79 35.63 -32.48
C ARG A 63 56.71 34.75 -33.10
N GLU A 64 56.99 34.20 -34.28
CA GLU A 64 56.00 33.38 -34.97
C GLU A 64 56.40 31.92 -35.14
N LYS A 65 55.37 31.08 -35.28
CA LYS A 65 55.56 29.66 -35.49
C LYS A 65 54.22 28.96 -35.76
N GLY A 66 54.27 27.91 -36.58
CA GLY A 66 53.07 27.16 -36.89
C GLY A 66 52.23 27.71 -38.03
N SER A 67 51.07 27.09 -38.23
CA SER A 67 50.13 27.48 -39.27
C SER A 67 48.72 27.17 -38.78
N GLY A 68 47.74 27.85 -39.35
CA GLY A 68 46.35 27.62 -38.94
C GLY A 68 45.77 28.93 -38.46
N PRO A 69 44.58 28.92 -37.85
CA PRO A 69 43.97 30.15 -37.36
C PRO A 69 44.96 30.95 -36.51
N LEU A 70 44.82 32.27 -36.51
CA LEU A 70 45.72 33.11 -35.75
C LEU A 70 45.43 33.17 -34.26
N MSE A 71 46.49 33.04 -33.46
CA MSE A 71 46.38 33.11 -32.01
C MSE A 71 47.53 33.99 -31.49
O MSE A 71 48.69 33.60 -31.56
CB MSE A 71 46.48 31.72 -31.41
CG MSE A 71 46.12 31.67 -29.94
SE MSE A 71 46.06 29.86 -29.27
CE MSE A 71 44.33 29.34 -29.97
N LEU A 72 47.17 35.16 -30.96
CA LEU A 72 48.17 36.10 -30.45
C LEU A 72 48.33 36.06 -28.94
N PHE A 73 49.57 36.16 -28.46
CA PHE A 73 49.85 36.13 -27.03
C PHE A 73 50.47 37.44 -26.53
N PHE A 74 49.90 37.99 -25.46
CA PHE A 74 50.38 39.25 -24.90
C PHE A 74 50.79 39.14 -23.43
N HIS A 75 52.08 39.40 -23.17
CA HIS A 75 52.69 39.33 -21.84
C HIS A 75 52.23 40.37 -20.82
N GLY A 76 52.68 40.21 -19.57
CA GLY A 76 52.34 41.16 -18.52
C GLY A 76 53.34 42.31 -18.47
N ILE A 77 53.12 43.29 -17.59
CA ILE A 77 54.03 44.44 -17.49
C ILE A 77 55.48 44.03 -17.15
N THR A 78 56.42 44.72 -17.80
CA THR A 78 57.88 44.52 -17.67
C THR A 78 58.37 43.22 -18.29
N SER A 79 57.45 42.34 -18.67
CA SER A 79 57.80 41.06 -19.27
C SER A 79 58.00 41.22 -20.79
N ASN A 80 58.01 40.11 -21.52
CA ASN A 80 58.17 40.14 -22.97
C ASN A 80 57.71 38.82 -23.62
N SER A 81 57.51 38.84 -24.94
CA SER A 81 57.01 37.71 -25.72
C SER A 81 57.59 36.31 -25.49
N ALA A 82 58.86 36.21 -25.12
CA ALA A 82 59.48 34.89 -24.93
C ALA A 82 58.85 33.97 -23.89
N VAL A 83 58.25 34.53 -22.85
CA VAL A 83 57.66 33.70 -21.81
C VAL A 83 56.59 32.76 -22.34
N PHE A 84 56.10 33.01 -23.55
CA PHE A 84 55.06 32.16 -24.12
C PHE A 84 55.52 31.02 -25.02
N GLU A 85 56.80 30.99 -25.37
CA GLU A 85 57.27 29.92 -26.26
C GLU A 85 56.92 28.52 -25.79
N PRO A 86 57.09 28.21 -24.49
CA PRO A 86 56.76 26.85 -24.03
C PRO A 86 55.30 26.49 -24.30
N LEU A 87 54.41 27.46 -24.13
CA LEU A 87 52.99 27.24 -24.34
C LEU A 87 52.62 27.16 -25.83
N MSE A 88 53.29 27.98 -26.64
CA MSE A 88 53.03 28.04 -28.08
C MSE A 88 53.42 26.78 -28.84
O MSE A 88 52.69 26.34 -29.74
CB MSE A 88 53.75 29.23 -28.69
CG MSE A 88 53.48 30.52 -28.00
SE MSE A 88 54.43 31.95 -28.85
CE MSE A 88 52.97 32.66 -29.89
N ILE A 89 54.57 26.23 -28.51
CA ILE A 89 55.03 25.03 -29.19
C ILE A 89 53.93 23.97 -29.15
N ARG A 90 53.16 23.99 -28.06
CA ARG A 90 52.07 23.04 -27.84
C ARG A 90 50.84 23.28 -28.71
N LEU A 91 50.71 24.47 -29.27
CA LEU A 91 49.54 24.78 -30.10
C LEU A 91 49.89 25.11 -31.53
N SER A 92 51.19 25.08 -31.86
CA SER A 92 51.71 25.40 -33.18
C SER A 92 51.24 24.55 -34.35
N ASP A 93 51.03 23.26 -34.09
CA ASP A 93 50.58 22.36 -35.14
C ASP A 93 49.16 22.65 -35.63
N ARG A 94 48.37 23.36 -34.81
CA ARG A 94 46.98 23.66 -35.17
C ARG A 94 46.70 25.15 -35.36
N PHE A 95 47.56 26.00 -34.80
CA PHE A 95 47.37 27.44 -34.95
C PHE A 95 48.68 28.16 -35.28
N THR A 96 48.53 29.34 -35.87
CA THR A 96 49.68 30.19 -36.17
C THR A 96 49.82 30.99 -34.88
N THR A 97 50.73 30.56 -34.02
CA THR A 97 50.97 31.22 -32.74
C THR A 97 51.99 32.34 -32.85
N ILE A 98 51.60 33.53 -32.42
CA ILE A 98 52.48 34.69 -32.47
C ILE A 98 52.45 35.44 -31.14
N ALA A 99 53.62 35.58 -30.52
CA ALA A 99 53.73 36.31 -29.26
C ALA A 99 54.17 37.71 -29.61
N VAL A 100 53.58 38.71 -28.96
CA VAL A 100 53.92 40.10 -29.26
C VAL A 100 54.59 40.88 -28.15
N ASP A 101 55.72 41.50 -28.45
CA ASP A 101 56.38 42.34 -27.48
C ASP A 101 55.53 43.59 -27.58
N GLN A 102 54.88 43.98 -26.49
CA GLN A 102 54.04 45.16 -26.59
C GLN A 102 54.83 46.45 -26.43
N ARG A 103 54.23 47.55 -26.86
CA ARG A 103 54.90 48.85 -26.78
C ARG A 103 55.54 49.08 -25.42
N GLY A 104 56.75 49.62 -25.45
CA GLY A 104 57.49 49.90 -24.23
C GLY A 104 58.27 48.69 -23.73
N HIS A 105 58.04 47.54 -24.36
CA HIS A 105 58.70 46.30 -23.93
C HIS A 105 59.55 45.63 -25.00
N GLY A 106 60.28 44.61 -24.57
CA GLY A 106 61.12 43.82 -25.45
C GLY A 106 61.83 44.60 -26.54
N LEU A 107 61.74 44.10 -27.77
CA LEU A 107 62.38 44.72 -28.91
C LEU A 107 61.43 45.54 -29.74
N SER A 108 60.38 46.06 -29.11
CA SER A 108 59.39 46.88 -29.80
C SER A 108 59.66 48.37 -29.57
N ASP A 109 58.98 49.21 -30.35
CA ASP A 109 59.15 50.66 -30.21
C ASP A 109 58.76 51.07 -28.80
N LYS A 110 59.36 52.17 -28.35
CA LYS A 110 59.09 52.68 -27.01
C LYS A 110 58.79 54.17 -27.03
N PRO A 111 57.59 54.54 -27.51
CA PRO A 111 57.19 55.95 -27.58
C PRO A 111 57.32 56.67 -26.26
N GLU A 112 57.38 58.00 -26.34
CA GLU A 112 57.53 58.85 -25.16
C GLU A 112 56.28 58.76 -24.29
N THR A 113 55.13 58.49 -24.90
CA THR A 113 53.89 58.37 -24.14
C THR A 113 52.86 57.49 -24.86
N GLY A 114 51.65 57.44 -24.32
CA GLY A 114 50.60 56.63 -24.91
C GLY A 114 50.61 55.21 -24.39
N TYR A 115 50.45 55.05 -23.08
CA TYR A 115 50.47 53.72 -22.50
C TYR A 115 49.20 53.38 -21.75
N GLU A 116 48.06 53.84 -22.27
CA GLU A 116 46.78 53.57 -21.66
C GLU A 116 46.16 52.37 -22.34
N ALA A 117 45.04 51.89 -21.82
CA ALA A 117 44.35 50.73 -22.38
C ALA A 117 44.16 50.88 -23.89
N ASN A 118 43.52 51.98 -24.30
CA ASN A 118 43.26 52.25 -25.71
C ASN A 118 44.50 52.15 -26.58
N ASP A 119 45.60 52.74 -26.11
CA ASP A 119 46.85 52.69 -26.86
C ASP A 119 47.23 51.24 -27.16
N TYR A 120 47.31 50.41 -26.14
CA TYR A 120 47.65 49.00 -26.34
C TYR A 120 46.59 48.26 -27.16
N ALA A 121 45.33 48.64 -26.96
CA ALA A 121 44.23 48.00 -27.66
C ALA A 121 44.29 48.29 -29.17
N ASP A 122 44.56 49.56 -29.52
CA ASP A 122 44.67 49.92 -30.92
C ASP A 122 45.86 49.21 -31.56
N ASP A 123 46.92 48.98 -30.78
CA ASP A 123 48.08 48.28 -31.31
C ASP A 123 47.69 46.89 -31.77
N ILE A 124 46.81 46.24 -31.00
CA ILE A 124 46.35 44.90 -31.32
C ILE A 124 45.54 44.86 -32.62
N ALA A 125 44.61 45.80 -32.76
CA ALA A 125 43.80 45.87 -33.97
C ALA A 125 44.73 46.09 -35.16
N GLY A 126 45.63 47.06 -35.02
CA GLY A 126 46.57 47.35 -36.09
C GLY A 126 47.33 46.11 -36.52
N LEU A 127 47.81 45.35 -35.54
CA LEU A 127 48.58 44.14 -35.81
C LEU A 127 47.74 43.04 -36.48
N ILE A 128 46.50 42.89 -36.04
CA ILE A 128 45.65 41.88 -36.63
C ILE A 128 45.40 42.27 -38.09
N ARG A 129 45.12 43.54 -38.35
CA ARG A 129 44.89 44.02 -39.71
C ARG A 129 46.13 43.84 -40.58
N THR A 130 47.29 44.22 -40.04
CA THR A 130 48.55 44.13 -40.77
C THR A 130 48.92 42.68 -41.08
N LEU A 131 48.60 41.77 -40.18
CA LEU A 131 48.92 40.36 -40.42
C LEU A 131 47.95 39.78 -41.43
N ALA A 132 46.78 40.39 -41.53
CA ALA A 132 45.73 39.97 -42.45
C ALA A 132 45.65 38.45 -42.62
N ARG A 133 45.48 37.73 -41.51
CA ARG A 133 45.38 36.28 -41.54
C ARG A 133 44.08 35.85 -40.89
N GLY A 134 43.12 36.76 -40.82
CA GLY A 134 41.83 36.45 -40.21
C GLY A 134 41.77 36.91 -38.77
N HIS A 135 40.57 36.86 -38.18
CA HIS A 135 40.39 37.28 -36.80
C HIS A 135 41.27 36.45 -35.87
N ALA A 136 41.68 37.03 -34.76
CA ALA A 136 42.58 36.33 -33.86
C ALA A 136 42.03 35.98 -32.48
N ILE A 137 42.54 34.88 -31.95
CA ILE A 137 42.21 34.43 -30.61
C ILE A 137 43.28 35.12 -29.77
N LEU A 138 42.86 35.91 -28.81
CA LEU A 138 43.78 36.63 -27.94
C LEU A 138 44.01 35.95 -26.57
N VAL A 139 45.27 35.62 -26.29
CA VAL A 139 45.67 34.99 -25.04
C VAL A 139 46.54 36.01 -24.30
N GLY A 140 45.99 36.65 -23.29
CA GLY A 140 46.76 37.66 -22.57
C GLY A 140 46.94 37.46 -21.07
N HIS A 141 48.11 37.83 -20.59
CA HIS A 141 48.41 37.70 -19.17
C HIS A 141 48.51 39.07 -18.53
N SER A 142 47.66 39.32 -17.54
CA SER A 142 47.66 40.59 -16.82
C SER A 142 47.51 41.79 -17.77
N LEU A 143 48.57 42.60 -17.92
CA LEU A 143 48.53 43.74 -18.86
C LEU A 143 47.99 43.26 -20.20
N GLY A 144 48.51 42.13 -20.66
CA GLY A 144 48.05 41.56 -21.93
C GLY A 144 46.57 41.22 -21.87
N ALA A 145 46.12 40.62 -20.76
CA ALA A 145 44.71 40.26 -20.62
C ALA A 145 43.84 41.51 -20.65
N ARG A 146 44.22 42.54 -19.90
CA ARG A 146 43.47 43.78 -19.88
C ARG A 146 43.40 44.35 -21.31
N ASN A 147 44.53 44.31 -22.01
CA ASN A 147 44.59 44.82 -23.37
C ASN A 147 43.71 44.03 -24.32
N SER A 148 43.76 42.70 -24.23
CA SER A 148 42.95 41.86 -25.12
C SER A 148 41.45 42.06 -24.95
N VAL A 149 40.96 42.12 -23.72
CA VAL A 149 39.53 42.30 -23.51
C VAL A 149 39.09 43.68 -24.00
N THR A 150 39.94 44.70 -23.83
CA THR A 150 39.62 46.04 -24.30
C THR A 150 39.54 46.00 -25.84
N ALA A 151 40.49 45.32 -26.45
CA ALA A 151 40.54 45.19 -27.91
C ALA A 151 39.30 44.47 -28.45
N ALA A 152 38.95 43.34 -27.83
CA ALA A 152 37.80 42.54 -28.25
C ALA A 152 36.49 43.34 -28.19
N ALA A 153 36.37 44.17 -27.16
CA ALA A 153 35.16 44.97 -26.99
C ALA A 153 35.11 46.14 -27.97
N LYS A 154 36.26 46.59 -28.42
CA LYS A 154 36.30 47.72 -29.36
C LYS A 154 36.38 47.25 -30.81
N TYR A 155 36.92 46.06 -31.03
CA TYR A 155 37.06 45.51 -32.39
C TYR A 155 36.51 44.09 -32.50
N PRO A 156 35.20 43.92 -32.26
CA PRO A 156 34.50 42.63 -32.33
C PRO A 156 34.91 41.75 -33.49
N ASP A 157 34.89 42.33 -34.69
CA ASP A 157 35.23 41.60 -35.91
C ASP A 157 36.68 41.10 -36.02
N LEU A 158 37.61 41.80 -35.40
CA LEU A 158 39.01 41.40 -35.48
C LEU A 158 39.39 40.26 -34.53
N VAL A 159 38.57 40.03 -33.51
CA VAL A 159 38.89 38.99 -32.54
C VAL A 159 37.82 37.94 -32.34
N ARG A 160 38.26 36.70 -32.43
CA ARG A 160 37.43 35.52 -32.29
C ARG A 160 37.06 35.22 -30.83
N SER A 161 38.07 35.27 -29.96
CA SER A 161 37.86 34.99 -28.55
C SER A 161 39.07 35.40 -27.72
N VAL A 162 38.86 35.54 -26.42
CA VAL A 162 39.93 35.95 -25.53
C VAL A 162 40.09 35.04 -24.32
N VAL A 163 41.33 34.80 -23.94
CA VAL A 163 41.65 34.04 -22.76
C VAL A 163 42.34 35.07 -21.88
N ALA A 164 41.57 35.68 -20.96
CA ALA A 164 42.08 36.70 -20.06
C ALA A 164 42.68 36.10 -18.78
N ILE A 165 44.00 35.94 -18.78
CA ILE A 165 44.68 35.37 -17.62
C ILE A 165 45.09 36.36 -16.53
N ASP A 166 44.35 36.33 -15.43
CA ASP A 166 44.60 37.14 -14.24
C ASP A 166 44.53 38.67 -14.29
N PHE A 167 43.41 39.19 -14.78
CA PHE A 167 43.18 40.63 -14.81
C PHE A 167 41.74 40.93 -15.15
N THR A 168 41.00 41.30 -14.12
CA THR A 168 39.59 41.58 -14.23
C THR A 168 39.30 42.98 -13.70
N PRO A 169 38.05 43.42 -13.76
CA PRO A 169 37.76 44.75 -13.23
C PRO A 169 37.70 44.57 -11.72
N TYR A 170 37.46 45.66 -11.00
CA TYR A 170 37.33 45.61 -9.53
C TYR A 170 38.58 45.30 -8.72
N ILE A 171 39.76 45.29 -9.33
CA ILE A 171 40.98 45.02 -8.59
C ILE A 171 41.11 46.12 -7.52
N GLU A 172 41.41 45.74 -6.28
CA GLU A 172 41.53 46.73 -5.21
C GLU A 172 42.77 47.60 -5.29
N THR A 173 42.62 48.84 -4.84
CA THR A 173 43.70 49.83 -4.86
C THR A 173 45.03 49.31 -4.29
N GLU A 174 44.96 48.62 -3.17
CA GLU A 174 46.15 48.08 -2.52
C GLU A 174 46.96 47.16 -3.43
N ALA A 175 46.27 46.32 -4.19
CA ALA A 175 46.92 45.39 -5.10
C ALA A 175 47.64 46.13 -6.23
N LEU A 176 47.03 47.20 -6.73
CA LEU A 176 47.64 48.00 -7.77
C LEU A 176 48.76 48.85 -7.17
N ASP A 177 48.63 49.23 -5.89
CA ASP A 177 49.68 50.00 -5.23
C ASP A 177 50.94 49.15 -5.22
N ALA A 178 50.76 47.86 -4.92
CA ALA A 178 51.87 46.92 -4.85
C ALA A 178 52.56 46.73 -6.20
N LEU A 179 51.74 46.59 -7.25
CA LEU A 179 52.28 46.40 -8.60
C LEU A 179 53.07 47.64 -9.02
N GLU A 180 52.50 48.80 -8.74
CA GLU A 180 53.12 50.06 -9.09
C GLU A 180 54.43 50.33 -8.33
N ALA A 181 54.49 49.96 -7.05
CA ALA A 181 55.69 50.19 -6.25
C ALA A 181 56.93 49.41 -6.67
N ARG A 182 56.76 48.20 -7.20
CA ARG A 182 57.92 47.41 -7.60
C ARG A 182 58.05 47.22 -9.11
N VAL A 183 57.22 47.93 -9.88
CA VAL A 183 57.24 47.81 -11.33
C VAL A 183 58.61 48.05 -11.97
N ASN A 184 59.39 48.97 -11.42
CA ASN A 184 60.71 49.29 -11.94
C ASN A 184 61.83 48.84 -11.01
N ALA A 185 61.54 47.87 -10.16
CA ALA A 185 62.52 47.35 -9.22
C ALA A 185 63.59 46.65 -10.03
N GLY A 186 63.27 46.36 -11.29
CA GLY A 186 64.21 45.68 -12.16
C GLY A 186 65.07 46.64 -12.97
N SER A 187 64.72 47.92 -12.96
CA SER A 187 65.49 48.91 -13.70
C SER A 187 66.80 49.20 -12.98
N GLN A 188 67.78 48.33 -13.20
CA GLN A 188 69.11 48.45 -12.58
C GLN A 188 70.14 47.75 -13.46
N LEU A 189 71.42 47.92 -13.14
CA LEU A 189 72.50 47.31 -13.89
C LEU A 189 72.91 45.97 -13.27
N PHE A 190 72.58 44.88 -13.95
CA PHE A 190 72.96 43.56 -13.45
C PHE A 190 74.35 43.20 -13.95
N GLU A 191 75.13 42.56 -13.08
CA GLU A 191 76.50 42.17 -13.40
C GLU A 191 76.59 41.11 -14.50
N ASP A 192 75.71 40.12 -14.44
CA ASP A 192 75.67 39.05 -15.42
C ASP A 192 74.33 38.34 -15.33
N ILE A 193 74.09 37.39 -16.22
CA ILE A 193 72.82 36.70 -16.23
C ILE A 193 72.52 36.03 -14.90
N LYS A 194 73.54 35.58 -14.19
CA LYS A 194 73.32 34.92 -12.91
C LYS A 194 72.65 35.91 -11.93
N ALA A 195 73.11 37.15 -11.96
CA ALA A 195 72.54 38.16 -11.08
C ALA A 195 71.09 38.47 -11.46
N VAL A 196 70.78 38.35 -12.76
CA VAL A 196 69.43 38.60 -13.25
C VAL A 196 68.48 37.53 -12.74
N GLU A 197 68.91 36.27 -12.78
CA GLU A 197 68.10 35.16 -12.31
C GLU A 197 67.88 35.25 -10.80
N ALA A 198 68.94 35.59 -10.06
CA ALA A 198 68.82 35.72 -8.61
C ALA A 198 67.75 36.76 -8.34
N TYR A 199 67.86 37.90 -9.02
CA TYR A 199 66.89 38.96 -8.85
C TYR A 199 65.47 38.48 -9.17
N LEU A 200 65.30 37.85 -10.32
CA LEU A 200 64.00 37.37 -10.74
C LEU A 200 63.44 36.31 -9.80
N ALA A 201 64.23 35.27 -9.50
CA ALA A 201 63.76 34.22 -8.60
C ALA A 201 63.24 34.83 -7.29
N GLY A 202 63.89 35.90 -6.84
CA GLY A 202 63.50 36.55 -5.61
C GLY A 202 62.23 37.39 -5.75
N ARG A 203 62.03 38.00 -6.92
CA ARG A 203 60.83 38.81 -7.13
C ARG A 203 59.63 37.93 -7.46
N TYR A 204 59.87 36.79 -8.11
CA TYR A 204 58.80 35.87 -8.48
C TYR A 204 59.11 34.49 -7.89
N PRO A 205 59.03 34.36 -6.56
CA PRO A 205 59.31 33.12 -5.82
C PRO A 205 58.60 31.84 -6.27
N ASN A 206 57.40 31.97 -6.85
CA ASN A 206 56.67 30.78 -7.28
C ASN A 206 56.90 30.38 -8.73
N ILE A 207 57.60 31.22 -9.50
CA ILE A 207 57.86 30.91 -10.90
C ILE A 207 59.02 29.92 -11.01
N PRO A 208 58.81 28.82 -11.75
CA PRO A 208 59.79 27.75 -11.98
C PRO A 208 61.12 28.23 -12.60
N ALA A 209 62.24 27.65 -12.14
CA ALA A 209 63.57 28.01 -12.64
C ALA A 209 63.62 28.16 -14.17
N ASP A 210 63.02 27.21 -14.88
CA ASP A 210 63.00 27.27 -16.33
C ASP A 210 62.39 28.58 -16.85
N ALA A 211 61.29 29.00 -16.24
CA ALA A 211 60.62 30.23 -16.65
C ALA A 211 61.48 31.43 -16.24
N ILE A 212 62.14 31.32 -15.10
CA ILE A 212 63.00 32.42 -14.66
C ILE A 212 64.10 32.60 -15.70
N ARG A 213 64.73 31.50 -16.10
CA ARG A 213 65.79 31.53 -17.08
C ARG A 213 65.30 32.13 -18.41
N ILE A 214 64.10 31.77 -18.84
CA ILE A 214 63.57 32.33 -20.08
C ILE A 214 63.43 33.85 -20.00
N ARG A 215 62.91 34.36 -18.89
CA ARG A 215 62.76 35.80 -18.70
C ARG A 215 64.16 36.44 -18.66
N ALA A 216 65.07 35.80 -17.94
CA ALA A 216 66.43 36.30 -17.79
C ALA A 216 67.14 36.48 -19.14
N GLU A 217 67.02 35.50 -20.03
CA GLU A 217 67.69 35.56 -21.31
C GLU A 217 67.00 36.45 -22.33
N SER A 218 65.70 36.66 -22.18
CA SER A 218 64.96 37.44 -23.16
C SER A 218 64.65 38.89 -22.85
N GLY A 219 64.51 39.25 -21.58
CA GLY A 219 64.16 40.62 -21.26
C GLY A 219 65.29 41.53 -20.83
N TYR A 220 66.51 41.05 -20.88
CA TYR A 220 67.65 41.85 -20.45
C TYR A 220 68.77 41.74 -21.48
N GLN A 221 69.31 42.87 -21.90
CA GLN A 221 70.38 42.87 -22.89
C GLN A 221 71.69 43.47 -22.41
N PRO A 222 72.80 42.99 -22.96
CA PRO A 222 74.14 43.46 -22.61
C PRO A 222 74.34 44.92 -22.93
N VAL A 223 74.68 45.69 -21.91
CA VAL A 223 74.90 47.11 -22.06
C VAL A 223 76.30 47.39 -21.49
N ASP A 224 76.68 48.66 -21.44
CA ASP A 224 77.98 49.03 -20.92
C ASP A 224 78.11 48.62 -19.44
N GLY A 225 78.98 47.66 -19.15
CA GLY A 225 79.18 47.24 -17.78
C GLY A 225 78.37 46.05 -17.26
N GLY A 226 77.41 45.60 -18.05
CA GLY A 226 76.59 44.47 -17.64
C GLY A 226 75.27 44.37 -18.40
N LEU A 227 74.24 43.84 -17.73
CA LEU A 227 72.94 43.69 -18.37
C LEU A 227 71.90 44.66 -17.82
N ARG A 228 70.95 45.04 -18.66
CA ARG A 228 69.87 45.94 -18.27
C ARG A 228 68.58 45.49 -18.93
N PRO A 229 67.43 45.87 -18.35
CA PRO A 229 66.12 45.52 -18.89
C PRO A 229 65.88 46.15 -20.28
N LEU A 230 65.20 45.42 -21.16
CA LEU A 230 64.89 45.97 -22.48
C LEU A 230 63.75 46.98 -22.30
N ALA A 231 62.83 46.67 -21.39
CA ALA A 231 61.69 47.54 -21.12
C ALA A 231 62.12 48.94 -20.68
N SER A 232 61.46 49.95 -21.22
CA SER A 232 61.75 51.33 -20.88
C SER A 232 61.13 51.64 -19.51
N SER A 233 61.91 52.26 -18.62
CA SER A 233 61.41 52.59 -17.28
C SER A 233 60.24 53.58 -17.33
N ALA A 234 60.32 54.57 -18.20
CA ALA A 234 59.24 55.55 -18.31
C ALA A 234 57.98 54.86 -18.81
N ALA A 235 58.14 53.94 -19.76
CA ALA A 235 57.01 53.20 -20.31
C ALA A 235 56.31 52.38 -19.20
N MSE A 236 57.12 51.77 -18.34
CA MSE A 236 56.58 50.97 -17.23
C MSE A 236 55.78 51.83 -16.25
O MSE A 236 54.67 51.48 -15.88
CB MSE A 236 57.73 50.29 -16.46
CG MSE A 236 58.56 49.35 -17.30
SE MSE A 236 57.43 48.15 -18.33
CE MSE A 236 57.38 49.12 -20.01
N ALA A 237 56.37 52.95 -15.83
CA ALA A 237 55.72 53.86 -14.88
C ALA A 237 54.38 54.32 -15.43
N GLN A 238 54.34 54.66 -16.71
CA GLN A 238 53.10 55.11 -17.31
C GLN A 238 52.11 53.96 -17.48
N THR A 239 52.62 52.78 -17.83
CA THR A 239 51.75 51.62 -17.99
C THR A 239 51.13 51.21 -16.66
N ALA A 240 51.94 51.19 -15.60
CA ALA A 240 51.47 50.84 -14.26
C ALA A 240 50.28 51.71 -13.86
N ARG A 241 50.40 53.04 -13.92
CA ARG A 241 49.27 53.85 -13.53
C ARG A 241 48.10 53.77 -14.51
N GLY A 242 48.37 53.32 -15.73
CA GLY A 242 47.29 53.19 -16.69
C GLY A 242 46.46 51.97 -16.33
N LEU A 243 47.04 51.05 -15.58
CA LEU A 243 46.36 49.82 -15.17
C LEU A 243 45.28 50.07 -14.13
N ARG A 244 45.25 51.27 -13.57
CA ARG A 244 44.26 51.63 -12.56
C ARG A 244 42.91 52.04 -13.15
N SER A 245 42.86 52.25 -14.46
CA SER A 245 41.62 52.69 -15.09
C SER A 245 40.49 51.67 -14.99
N ASP A 246 39.27 52.19 -15.02
CA ASP A 246 38.05 51.39 -14.91
C ASP A 246 37.96 50.41 -16.07
N LEU A 247 37.93 49.12 -15.75
CA LEU A 247 37.87 48.06 -16.74
C LEU A 247 36.45 47.49 -16.89
N VAL A 248 35.51 48.02 -16.12
CA VAL A 248 34.11 47.55 -16.15
C VAL A 248 33.47 47.66 -17.54
N PRO A 249 33.57 48.83 -18.20
CA PRO A 249 32.97 48.97 -19.53
C PRO A 249 33.44 47.90 -20.51
N ALA A 250 34.74 47.59 -20.49
CA ALA A 250 35.31 46.58 -21.37
C ALA A 250 34.73 45.19 -21.13
N TYR A 251 34.60 44.78 -19.87
CA TYR A 251 34.02 43.46 -19.61
C TYR A 251 32.52 43.48 -19.83
N ARG A 252 31.88 44.59 -19.49
CA ARG A 252 30.45 44.72 -19.67
C ARG A 252 30.04 44.71 -21.15
N ASP A 253 30.84 45.32 -22.02
CA ASP A 253 30.46 45.40 -23.43
C ASP A 253 31.05 44.39 -24.41
N VAL A 254 32.04 43.61 -23.99
CA VAL A 254 32.63 42.64 -24.90
C VAL A 254 31.58 41.63 -25.39
N THR A 255 31.46 41.51 -26.70
CA THR A 255 30.47 40.61 -27.29
C THR A 255 31.03 39.26 -27.74
N LYS A 256 32.35 39.13 -27.70
CA LYS A 256 32.98 37.88 -28.10
C LYS A 256 33.31 37.01 -26.88
N PRO A 257 33.47 35.69 -27.07
CA PRO A 257 33.79 34.77 -25.97
C PRO A 257 35.03 35.15 -25.19
N VAL A 258 34.92 35.11 -23.86
CA VAL A 258 36.05 35.43 -23.00
C VAL A 258 36.14 34.44 -21.84
N LEU A 259 37.27 33.75 -21.75
CA LEU A 259 37.49 32.80 -20.68
C LEU A 259 38.29 33.55 -19.60
N ILE A 260 37.78 33.56 -18.37
CA ILE A 260 38.48 34.24 -17.30
C ILE A 260 39.29 33.22 -16.52
N VAL A 261 40.60 33.46 -16.41
CA VAL A 261 41.46 32.57 -15.67
C VAL A 261 42.08 33.32 -14.51
N ARG A 262 41.93 32.78 -13.30
CA ARG A 262 42.51 33.41 -12.12
C ARG A 262 43.37 32.41 -11.38
N GLY A 263 44.43 32.90 -10.74
CA GLY A 263 45.27 32.02 -9.96
C GLY A 263 44.67 32.00 -8.57
N GLU A 264 44.61 30.82 -7.96
CA GLU A 264 44.05 30.69 -6.62
C GLU A 264 44.65 31.66 -5.61
N SER A 265 45.98 31.79 -5.60
CA SER A 265 46.62 32.68 -4.65
C SER A 265 47.15 33.99 -5.26
N SER A 266 46.59 34.38 -6.41
CA SER A 266 47.01 35.61 -7.06
C SER A 266 46.91 36.81 -6.10
N LYS A 267 47.95 37.63 -6.06
CA LYS A 267 47.91 38.80 -5.20
C LYS A 267 47.40 40.03 -5.96
N LEU A 268 47.16 39.87 -7.26
CA LEU A 268 46.66 40.97 -8.08
C LEU A 268 45.13 40.87 -8.16
N VAL A 269 44.63 39.72 -8.61
CA VAL A 269 43.19 39.51 -8.72
C VAL A 269 42.73 38.66 -7.54
N SER A 270 42.01 39.29 -6.62
CA SER A 270 41.50 38.63 -5.44
C SER A 270 40.25 37.82 -5.76
N ALA A 271 39.88 36.92 -4.86
CA ALA A 271 38.69 36.11 -5.05
C ALA A 271 37.45 37.01 -5.07
N ALA A 272 37.48 38.08 -4.28
CA ALA A 272 36.37 39.02 -4.22
C ALA A 272 36.23 39.73 -5.57
N ALA A 273 37.36 40.10 -6.16
CA ALA A 273 37.36 40.76 -7.46
C ALA A 273 36.75 39.86 -8.53
N LEU A 274 37.13 38.57 -8.54
CA LEU A 274 36.59 37.65 -9.53
C LEU A 274 35.10 37.46 -9.32
N ALA A 275 34.67 37.43 -8.06
CA ALA A 275 33.25 37.25 -7.74
C ALA A 275 32.41 38.40 -8.31
N LYS A 276 32.90 39.63 -8.18
CA LYS A 276 32.19 40.79 -8.69
C LYS A 276 32.16 40.76 -10.22
N THR A 277 33.30 40.39 -10.81
CA THR A 277 33.40 40.29 -12.26
C THR A 277 32.35 39.30 -12.78
N SER A 278 32.32 38.10 -12.19
CA SER A 278 31.36 37.09 -12.58
C SER A 278 29.92 37.56 -12.41
N ARG A 279 29.67 38.40 -11.42
CA ARG A 279 28.32 38.91 -11.20
C ARG A 279 27.98 39.92 -12.31
N LEU A 280 29.00 40.61 -12.81
CA LEU A 280 28.84 41.60 -13.88
C LEU A 280 28.57 40.88 -15.20
N ARG A 281 29.31 39.78 -15.40
CA ARG A 281 29.16 38.95 -16.60
C ARG A 281 29.11 37.50 -16.19
N PRO A 282 27.96 37.06 -15.68
CA PRO A 282 27.83 35.66 -15.26
C PRO A 282 27.98 34.64 -16.38
N ASP A 283 27.80 35.09 -17.61
CA ASP A 283 27.90 34.18 -18.76
C ASP A 283 29.32 33.81 -19.20
N LEU A 284 30.32 34.58 -18.76
CA LEU A 284 31.69 34.28 -19.15
C LEU A 284 32.29 33.12 -18.36
N PRO A 285 32.66 32.03 -19.03
CA PRO A 285 33.25 30.86 -18.35
C PRO A 285 34.45 31.23 -17.50
N VAL A 286 34.56 30.59 -16.34
CA VAL A 286 35.65 30.86 -15.42
C VAL A 286 36.46 29.63 -15.04
N VAL A 287 37.77 29.84 -14.89
CA VAL A 287 38.73 28.81 -14.49
C VAL A 287 39.62 29.39 -13.38
N VAL A 288 39.70 28.69 -12.25
CA VAL A 288 40.53 29.11 -11.11
C VAL A 288 41.59 28.02 -10.97
N VAL A 289 42.85 28.38 -11.18
CA VAL A 289 43.94 27.41 -11.13
C VAL A 289 44.54 27.24 -9.73
N PRO A 290 44.40 26.03 -9.16
CA PRO A 290 44.92 25.70 -7.83
C PRO A 290 46.45 25.72 -7.84
N GLY A 291 47.03 26.19 -6.74
CA GLY A 291 48.47 26.24 -6.63
C GLY A 291 49.14 27.37 -7.39
N ALA A 292 48.36 28.13 -8.17
CA ALA A 292 48.91 29.24 -8.96
C ALA A 292 48.64 30.62 -8.36
N ASP A 293 49.64 31.50 -8.44
CA ASP A 293 49.47 32.86 -7.95
C ASP A 293 49.18 33.71 -9.19
N HIS A 294 49.58 34.98 -9.19
CA HIS A 294 49.31 35.83 -10.34
C HIS A 294 49.88 35.30 -11.65
N TYR A 295 51.02 34.62 -11.59
CA TYR A 295 51.70 34.10 -12.77
C TYR A 295 51.22 32.72 -13.20
N VAL A 296 49.94 32.62 -13.51
CA VAL A 296 49.30 31.38 -13.88
C VAL A 296 49.95 30.54 -14.99
N ASN A 297 50.12 31.11 -16.18
CA ASN A 297 50.69 30.36 -17.28
C ASN A 297 52.11 29.83 -17.01
N GLU A 298 52.91 30.58 -16.27
CA GLU A 298 54.26 30.13 -15.98
C GLU A 298 54.32 29.13 -14.82
N VAL A 299 53.47 29.33 -13.80
CA VAL A 299 53.47 28.47 -12.63
C VAL A 299 52.66 27.18 -12.83
N SER A 300 51.63 27.22 -13.67
CA SER A 300 50.79 26.04 -13.93
C SER A 300 50.59 25.84 -15.42
N PRO A 301 51.67 25.54 -16.15
CA PRO A 301 51.61 25.33 -17.60
C PRO A 301 50.63 24.28 -18.13
N GLU A 302 50.54 23.14 -17.45
CA GLU A 302 49.65 22.07 -17.90
C GLU A 302 48.18 22.44 -17.77
N ILE A 303 47.78 22.84 -16.57
CA ILE A 303 46.39 23.21 -16.35
C ILE A 303 45.98 24.39 -17.23
N THR A 304 46.92 25.32 -17.46
CA THR A 304 46.68 26.48 -18.29
C THR A 304 46.38 26.01 -19.71
N LEU A 305 47.22 25.09 -20.20
CA LEU A 305 47.06 24.55 -21.54
C LEU A 305 45.70 23.87 -21.69
N LYS A 306 45.38 22.96 -20.77
CA LYS A 306 44.11 22.23 -20.82
C LYS A 306 42.90 23.18 -20.78
N ALA A 307 43.02 24.26 -20.02
CA ALA A 307 41.95 25.23 -19.91
C ALA A 307 41.74 25.93 -21.24
N ILE A 308 42.83 26.20 -21.94
CA ILE A 308 42.75 26.86 -23.24
C ILE A 308 42.17 25.92 -24.30
N THR A 309 42.62 24.68 -24.30
CA THR A 309 42.11 23.72 -25.27
C THR A 309 40.65 23.37 -24.99
N ASN A 310 40.25 23.38 -23.71
CA ASN A 310 38.84 23.09 -23.41
C ASN A 310 37.98 24.22 -23.96
N PHE A 311 38.51 25.45 -23.85
CA PHE A 311 37.83 26.65 -24.29
C PHE A 311 37.61 26.72 -25.79
N ILE A 312 38.70 26.81 -26.55
CA ILE A 312 38.62 26.94 -28.01
C ILE A 312 38.17 25.69 -28.78
N ASP A 313 38.32 24.50 -28.21
CA ASP A 313 37.93 23.27 -28.91
C ASP A 313 36.49 22.82 -28.67
N ALA A 314 35.82 23.41 -27.68
CA ALA A 314 34.44 23.04 -27.36
C ALA A 314 33.51 22.98 -28.58
N HIS B 47 13.31 -52.49 21.14
CA HIS B 47 13.94 -52.09 19.83
C HIS B 47 13.16 -50.95 19.15
N PHE B 48 13.40 -49.73 19.62
CA PHE B 48 12.74 -48.54 19.11
C PHE B 48 13.61 -47.72 18.16
N ILE B 49 12.96 -46.99 17.25
CA ILE B 49 13.69 -46.15 16.31
C ILE B 49 13.66 -44.69 16.80
N SER B 50 14.84 -44.13 17.03
CA SER B 50 14.95 -42.75 17.50
C SER B 50 15.23 -41.80 16.33
N ARG B 51 14.60 -40.63 16.35
CA ARG B 51 14.82 -39.65 15.29
C ARG B 51 14.42 -38.26 15.76
N ARG B 52 15.15 -37.25 15.32
CA ARG B 52 14.84 -35.89 15.70
C ARG B 52 13.75 -35.39 14.75
N VAL B 53 12.67 -34.86 15.31
CA VAL B 53 11.57 -34.36 14.51
C VAL B 53 11.46 -32.84 14.58
N ASP B 54 11.46 -32.20 13.42
CA ASP B 54 11.34 -30.75 13.35
C ASP B 54 9.85 -30.47 13.28
N ILE B 55 9.31 -29.79 14.29
CA ILE B 55 7.89 -29.46 14.31
C ILE B 55 7.67 -27.98 14.03
N GLY B 56 8.66 -27.35 13.41
CA GLY B 56 8.57 -25.93 13.08
C GLY B 56 9.16 -25.04 14.15
N ARG B 57 8.45 -24.92 15.27
CA ARG B 57 8.87 -24.11 16.39
C ARG B 57 10.16 -24.65 17.02
N ILE B 58 10.37 -25.96 16.93
CA ILE B 58 11.55 -26.59 17.52
C ILE B 58 11.73 -28.03 17.04
N THR B 59 12.89 -28.61 17.34
CA THR B 59 13.17 -29.99 16.95
C THR B 59 13.30 -30.85 18.21
N LEU B 60 12.57 -31.97 18.23
CA LEU B 60 12.57 -32.86 19.39
C LEU B 60 13.01 -34.28 19.03
N ASN B 61 13.75 -34.92 19.92
CA ASN B 61 14.17 -36.30 19.69
C ASN B 61 13.00 -37.17 20.17
N VAL B 62 12.69 -38.20 19.39
CA VAL B 62 11.58 -39.09 19.69
C VAL B 62 11.94 -40.57 19.50
N ARG B 63 11.36 -41.44 20.32
CA ARG B 63 11.60 -42.88 20.21
C ARG B 63 10.29 -43.48 19.74
N GLU B 64 10.34 -44.24 18.65
CA GLU B 64 9.12 -44.82 18.08
C GLU B 64 9.10 -46.34 17.94
N LYS B 65 7.89 -46.90 18.00
CA LYS B 65 7.68 -48.34 17.86
C LYS B 65 6.19 -48.69 17.81
N GLY B 66 5.87 -49.74 17.05
CA GLY B 66 4.51 -50.21 16.92
C GLY B 66 3.58 -49.41 16.02
N SER B 67 2.39 -49.95 15.78
CA SER B 67 1.39 -49.30 14.94
C SER B 67 0.07 -49.22 15.70
N GLY B 68 -0.84 -48.38 15.20
CA GLY B 68 -2.13 -48.21 15.83
C GLY B 68 -2.31 -46.78 16.28
N PRO B 69 -3.37 -46.48 17.03
CA PRO B 69 -3.63 -45.11 17.52
C PRO B 69 -2.40 -44.53 18.22
N LEU B 70 -2.17 -43.24 18.04
CA LEU B 70 -1.01 -42.58 18.65
C LEU B 70 -1.08 -42.48 20.18
N MSE B 71 0.05 -42.75 20.82
CA MSE B 71 0.14 -42.67 22.27
C MSE B 71 1.50 -42.07 22.61
O MSE B 71 2.53 -42.73 22.44
CB MSE B 71 0.00 -44.06 22.88
CG MSE B 71 -0.14 -44.02 24.40
SE MSE B 71 -0.56 -45.76 25.14
CE MSE B 71 -2.41 -45.89 24.57
N LEU B 72 1.49 -40.83 23.08
CA LEU B 72 2.71 -40.10 23.42
C LEU B 72 3.06 -40.16 24.91
N PHE B 73 4.34 -40.37 25.21
CA PHE B 73 4.80 -40.46 26.59
C PHE B 73 5.75 -39.31 26.92
N PHE B 74 5.53 -38.66 28.08
CA PHE B 74 6.37 -37.54 28.50
C PHE B 74 6.95 -37.71 29.91
N HIS B 75 8.28 -37.63 29.99
CA HIS B 75 9.06 -37.81 31.22
C HIS B 75 9.06 -36.61 32.17
N GLY B 76 9.68 -36.81 33.34
CA GLY B 76 9.78 -35.77 34.35
C GLY B 76 11.01 -34.89 34.14
N ILE B 77 11.13 -33.84 34.96
CA ILE B 77 12.25 -32.91 34.85
C ILE B 77 13.63 -33.58 35.00
N THR B 78 14.55 -33.25 34.09
CA THR B 78 15.91 -33.78 34.04
C THR B 78 15.99 -35.24 33.56
N SER B 79 14.82 -35.83 33.30
CA SER B 79 14.73 -37.21 32.83
C SER B 79 14.73 -37.19 31.29
N ASN B 80 14.36 -38.31 30.67
CA ASN B 80 14.30 -38.39 29.21
C ASN B 80 13.39 -39.54 28.77
N SER B 81 13.10 -39.59 27.48
CA SER B 81 12.22 -40.59 26.88
C SER B 81 12.51 -42.07 27.13
N ALA B 82 13.77 -42.41 27.34
CA ALA B 82 14.14 -43.82 27.55
C ALA B 82 13.44 -44.53 28.71
N VAL B 83 13.03 -43.78 29.74
CA VAL B 83 12.36 -44.39 30.89
C VAL B 83 11.05 -45.11 30.56
N PHE B 84 10.40 -44.74 29.46
CA PHE B 84 9.12 -45.36 29.10
C PHE B 84 9.20 -46.61 28.22
N GLU B 85 10.39 -46.99 27.79
CA GLU B 85 10.51 -48.17 26.93
C GLU B 85 9.92 -49.48 27.48
N PRO B 86 10.13 -49.78 28.76
CA PRO B 86 9.59 -51.03 29.33
C PRO B 86 8.06 -51.03 29.38
N LEU B 87 7.48 -49.84 29.44
CA LEU B 87 6.04 -49.71 29.48
C LEU B 87 5.46 -49.74 28.07
N MSE B 88 6.16 -49.10 27.14
CA MSE B 88 5.72 -49.03 25.75
C MSE B 88 5.73 -50.36 25.00
O MSE B 88 4.92 -50.58 24.11
CB MSE B 88 6.56 -48.02 24.97
CG MSE B 88 6.21 -46.59 25.24
SE MSE B 88 7.55 -45.38 24.55
CE MSE B 88 7.35 -45.67 22.66
N ILE B 89 6.67 -51.24 25.37
CA ILE B 89 6.78 -52.54 24.72
C ILE B 89 5.55 -53.40 25.00
N ARG B 90 4.82 -53.08 26.06
CA ARG B 90 3.63 -53.83 26.43
C ARG B 90 2.40 -53.28 25.73
N LEU B 91 2.59 -52.17 25.02
CA LEU B 91 1.48 -51.52 24.33
C LEU B 91 1.72 -51.33 22.83
N SER B 92 2.97 -51.44 22.40
CA SER B 92 3.34 -51.25 21.01
C SER B 92 2.66 -52.21 20.02
N ASP B 93 2.08 -53.28 20.54
CA ASP B 93 1.40 -54.27 19.69
C ASP B 93 0.02 -53.79 19.26
N ARG B 94 -0.51 -52.78 19.94
CA ARG B 94 -1.84 -52.25 19.63
C ARG B 94 -1.83 -50.74 19.41
N PHE B 95 -0.82 -50.06 19.93
CA PHE B 95 -0.72 -48.62 19.76
C PHE B 95 0.62 -48.26 19.13
N THR B 96 0.69 -47.05 18.60
CA THR B 96 1.92 -46.52 18.03
C THR B 96 2.46 -45.72 19.20
N THR B 97 3.28 -46.37 20.00
CA THR B 97 3.87 -45.73 21.17
C THR B 97 5.09 -44.89 20.79
N ILE B 98 5.10 -43.67 21.29
CA ILE B 98 6.20 -42.75 21.01
C ILE B 98 6.61 -41.96 22.25
N ALA B 99 7.86 -42.10 22.66
CA ALA B 99 8.36 -41.38 23.82
C ALA B 99 9.06 -40.13 23.30
N VAL B 100 8.83 -39.00 23.97
CA VAL B 100 9.40 -37.75 23.53
C VAL B 100 10.42 -37.13 24.49
N ASP B 101 11.52 -36.64 23.95
CA ASP B 101 12.51 -35.95 24.76
C ASP B 101 11.95 -34.53 24.69
N GLN B 102 11.64 -33.93 25.84
CA GLN B 102 11.08 -32.59 25.85
C GLN B 102 12.15 -31.52 25.78
N ARG B 103 11.79 -30.34 25.29
CA ARG B 103 12.74 -29.25 25.15
C ARG B 103 13.59 -29.13 26.40
N GLY B 104 14.90 -29.03 26.20
CA GLY B 104 15.84 -28.91 27.30
C GLY B 104 16.42 -30.23 27.74
N HIS B 105 15.77 -31.34 27.37
CA HIS B 105 16.19 -32.67 27.78
C HIS B 105 16.69 -33.57 26.65
N GLY B 106 17.33 -34.66 27.05
CA GLY B 106 17.84 -35.63 26.10
C GLY B 106 18.52 -35.07 24.87
N LEU B 107 18.03 -35.48 23.69
CA LEU B 107 18.59 -35.07 22.41
C LEU B 107 17.70 -34.07 21.66
N SER B 108 16.85 -33.37 22.39
CA SER B 108 15.97 -32.38 21.79
C SER B 108 16.62 -31.01 21.89
N ASP B 109 16.10 -30.05 21.12
CA ASP B 109 16.65 -28.71 21.16
C ASP B 109 16.61 -28.13 22.56
N LYS B 110 17.53 -27.23 22.84
CA LYS B 110 17.61 -26.60 24.13
C LYS B 110 17.73 -25.09 23.96
N PRO B 111 16.62 -24.43 23.60
CA PRO B 111 16.65 -22.97 23.40
C PRO B 111 17.05 -22.26 24.69
N GLU B 112 17.53 -21.02 24.55
CA GLU B 112 17.97 -20.26 25.70
C GLU B 112 16.86 -19.96 26.70
N THR B 113 15.62 -19.92 26.21
CA THR B 113 14.49 -19.64 27.09
C THR B 113 13.16 -20.21 26.58
N GLY B 114 12.15 -20.15 27.43
CA GLY B 114 10.84 -20.67 27.08
C GLY B 114 10.56 -22.03 27.66
N TYR B 115 10.55 -22.12 28.99
CA TYR B 115 10.27 -23.39 29.64
C TYR B 115 9.10 -23.33 30.62
N GLU B 116 8.02 -22.68 30.18
CA GLU B 116 6.80 -22.54 30.97
C GLU B 116 5.79 -23.54 30.43
N ALA B 117 4.69 -23.73 31.15
CA ALA B 117 3.64 -24.67 30.76
C ALA B 117 3.24 -24.58 29.30
N ASN B 118 2.89 -23.37 28.84
CA ASN B 118 2.48 -23.19 27.45
C ASN B 118 3.54 -23.57 26.41
N ASP B 119 4.81 -23.30 26.70
CA ASP B 119 5.87 -23.64 25.76
C ASP B 119 5.89 -25.16 25.53
N TYR B 120 5.96 -25.92 26.63
CA TYR B 120 5.95 -27.39 26.56
C TYR B 120 4.64 -27.86 25.93
N ALA B 121 3.54 -27.23 26.33
CA ALA B 121 2.23 -27.59 25.80
C ALA B 121 2.13 -27.40 24.30
N ASP B 122 2.68 -26.30 23.79
CA ASP B 122 2.64 -26.05 22.35
C ASP B 122 3.50 -27.06 21.60
N ASP B 123 4.62 -27.47 22.21
CA ASP B 123 5.49 -28.45 21.58
C ASP B 123 4.66 -29.70 21.34
N ILE B 124 3.79 -30.03 22.30
CA ILE B 124 2.96 -31.21 22.17
C ILE B 124 1.98 -31.06 21.01
N ALA B 125 1.45 -29.85 20.84
CA ALA B 125 0.51 -29.60 19.75
C ALA B 125 1.20 -29.76 18.39
N GLY B 126 2.37 -29.14 18.25
CA GLY B 126 3.10 -29.24 16.99
C GLY B 126 3.43 -30.67 16.64
N LEU B 127 3.98 -31.41 17.60
CA LEU B 127 4.36 -32.80 17.42
C LEU B 127 3.18 -33.63 16.88
N ILE B 128 2.04 -33.53 17.55
CA ILE B 128 0.84 -34.27 17.12
C ILE B 128 0.53 -33.91 15.67
N ARG B 129 0.55 -32.62 15.33
CA ARG B 129 0.28 -32.20 13.96
C ARG B 129 1.31 -32.80 13.01
N THR B 130 2.59 -32.52 13.27
CA THR B 130 3.67 -33.02 12.42
C THR B 130 3.52 -34.51 12.18
N LEU B 131 3.42 -35.29 13.26
CA LEU B 131 3.27 -36.72 13.12
C LEU B 131 2.06 -37.05 12.25
N ALA B 132 1.01 -36.25 12.39
CA ALA B 132 -0.22 -36.41 11.62
C ALA B 132 -0.73 -37.85 11.54
N ARG B 133 -0.99 -38.46 12.69
CA ARG B 133 -1.48 -39.84 12.73
C ARG B 133 -2.74 -39.92 13.58
N GLY B 134 -3.52 -38.85 13.55
CA GLY B 134 -4.74 -38.79 14.32
C GLY B 134 -4.48 -38.21 15.70
N HIS B 135 -5.53 -38.09 16.51
CA HIS B 135 -5.37 -37.55 17.86
C HIS B 135 -4.53 -38.48 18.74
N ALA B 136 -3.89 -37.90 19.74
CA ALA B 136 -3.03 -38.66 20.64
C ALA B 136 -3.49 -38.82 22.09
N ILE B 137 -3.13 -39.96 22.65
CA ILE B 137 -3.41 -40.26 24.03
C ILE B 137 -2.11 -39.78 24.69
N LEU B 138 -2.22 -39.02 25.77
CA LEU B 138 -1.03 -38.53 26.45
C LEU B 138 -0.77 -39.20 27.78
N VAL B 139 0.42 -39.78 27.93
CA VAL B 139 0.83 -40.43 29.17
C VAL B 139 2.04 -39.66 29.67
N GLY B 140 1.83 -38.78 30.65
CA GLY B 140 2.91 -37.99 31.18
C GLY B 140 3.18 -38.21 32.65
N HIS B 141 4.44 -38.06 33.04
CA HIS B 141 4.82 -38.22 34.43
C HIS B 141 5.34 -36.89 34.95
N SER B 142 4.86 -36.48 36.12
CA SER B 142 5.29 -35.24 36.75
C SER B 142 5.25 -34.11 35.71
N LEU B 143 6.41 -33.57 35.37
CA LEU B 143 6.47 -32.50 34.37
C LEU B 143 5.63 -32.92 33.17
N GLY B 144 5.83 -34.16 32.73
CA GLY B 144 5.09 -34.69 31.61
C GLY B 144 3.59 -34.60 31.80
N ALA B 145 3.13 -34.95 33.01
CA ALA B 145 1.70 -34.91 33.32
C ALA B 145 1.18 -33.47 33.27
N ARG B 146 1.95 -32.56 33.85
CA ARG B 146 1.60 -31.15 33.88
C ARG B 146 1.49 -30.61 32.45
N ASN B 147 2.50 -30.90 31.62
CA ASN B 147 2.46 -30.44 30.23
C ASN B 147 1.25 -31.00 29.49
N SER B 148 0.99 -32.30 29.68
CA SER B 148 -0.11 -32.96 29.01
C SER B 148 -1.49 -32.38 29.31
N VAL B 149 -1.78 -32.14 30.59
CA VAL B 149 -3.08 -31.60 30.96
C VAL B 149 -3.26 -30.21 30.36
N THR B 150 -2.21 -29.40 30.40
CA THR B 150 -2.25 -28.05 29.85
C THR B 150 -2.51 -28.13 28.34
N ALA B 151 -1.92 -29.11 27.68
CA ALA B 151 -2.10 -29.27 26.25
C ALA B 151 -3.50 -29.74 25.92
N ALA B 152 -4.04 -30.62 26.77
CA ALA B 152 -5.37 -31.16 26.54
C ALA B 152 -6.46 -30.10 26.72
N ALA B 153 -6.23 -29.17 27.64
CA ALA B 153 -7.20 -28.11 27.89
C ALA B 153 -7.15 -27.12 26.73
N LYS B 154 -5.95 -26.93 26.19
CA LYS B 154 -5.73 -25.99 25.10
C LYS B 154 -6.04 -26.51 23.69
N TYR B 155 -5.72 -27.77 23.44
CA TYR B 155 -5.96 -28.36 22.12
C TYR B 155 -6.78 -29.64 22.23
N PRO B 156 -8.03 -29.52 22.68
CA PRO B 156 -8.93 -30.67 22.85
C PRO B 156 -9.11 -31.56 21.63
N ASP B 157 -8.93 -30.99 20.44
CA ASP B 157 -9.09 -31.76 19.21
C ASP B 157 -7.85 -32.54 18.83
N LEU B 158 -6.76 -32.33 19.55
CA LEU B 158 -5.53 -33.04 19.24
C LEU B 158 -5.27 -34.17 20.24
N VAL B 159 -5.82 -34.03 21.45
CA VAL B 159 -5.62 -35.03 22.49
C VAL B 159 -6.88 -35.87 22.73
N ARG B 160 -6.75 -37.18 22.54
CA ARG B 160 -7.88 -38.09 22.76
C ARG B 160 -8.15 -38.20 24.27
N SER B 161 -7.07 -38.38 25.04
CA SER B 161 -7.19 -38.52 26.48
C SER B 161 -5.82 -38.35 27.14
N VAL B 162 -5.83 -38.23 28.46
CA VAL B 162 -4.58 -38.05 29.19
C VAL B 162 -4.50 -38.90 30.45
N VAL B 163 -3.31 -39.46 30.72
CA VAL B 163 -3.06 -40.23 31.93
C VAL B 163 -2.01 -39.35 32.61
N ALA B 164 -2.44 -38.63 33.63
CA ALA B 164 -1.56 -37.72 34.37
C ALA B 164 -0.99 -38.40 35.60
N ILE B 165 0.29 -38.77 35.53
CA ILE B 165 0.93 -39.46 36.64
C ILE B 165 1.69 -38.56 37.61
N ASP B 166 1.15 -38.47 38.81
CA ASP B 166 1.72 -37.71 39.92
C ASP B 166 2.02 -36.23 39.71
N PHE B 167 0.99 -35.46 39.36
CA PHE B 167 1.11 -34.03 39.23
C PHE B 167 -0.25 -33.38 39.06
N THR B 168 -0.67 -32.69 40.11
CA THR B 168 -1.97 -32.04 40.12
C THR B 168 -1.80 -30.61 40.58
N PRO B 169 -2.92 -29.88 40.72
CA PRO B 169 -2.81 -28.50 41.19
C PRO B 169 -2.66 -28.60 42.70
N TYR B 170 -2.51 -27.46 43.37
CA TYR B 170 -2.40 -27.40 44.83
C TYR B 170 -1.18 -28.04 45.48
N ILE B 171 -0.16 -28.36 44.72
CA ILE B 171 1.05 -28.97 45.30
C ILE B 171 1.66 -27.96 46.27
N GLU B 172 2.05 -28.43 47.46
CA GLU B 172 2.63 -27.54 48.46
C GLU B 172 3.89 -26.85 47.95
N THR B 173 4.02 -25.56 48.25
CA THR B 173 5.17 -24.79 47.82
C THR B 173 6.43 -25.40 48.41
N GLU B 174 6.27 -26.14 49.50
CA GLU B 174 7.40 -26.80 50.16
C GLU B 174 7.93 -27.95 49.33
N ALA B 175 7.03 -28.66 48.66
CA ALA B 175 7.40 -29.80 47.82
C ALA B 175 8.17 -29.28 46.62
N LEU B 176 7.61 -28.26 45.97
CA LEU B 176 8.23 -27.65 44.81
C LEU B 176 9.63 -27.15 45.12
N ASP B 177 9.82 -26.52 46.28
CA ASP B 177 11.14 -26.03 46.65
C ASP B 177 12.13 -27.18 46.81
N ALA B 178 11.63 -28.32 47.27
CA ALA B 178 12.47 -29.49 47.45
C ALA B 178 12.87 -30.04 46.09
N LEU B 179 11.96 -29.90 45.11
CA LEU B 179 12.23 -30.37 43.75
C LEU B 179 13.26 -29.44 43.12
N GLU B 180 13.01 -28.15 43.18
CA GLU B 180 13.92 -27.16 42.62
C GLU B 180 15.35 -27.35 43.12
N ALA B 181 15.52 -27.39 44.44
CA ALA B 181 16.86 -27.56 45.02
C ALA B 181 17.49 -28.88 44.61
N ARG B 182 16.64 -29.87 44.40
CA ARG B 182 17.06 -31.21 44.01
C ARG B 182 17.63 -31.24 42.59
N VAL B 183 16.99 -30.51 41.66
CA VAL B 183 17.44 -30.49 40.27
C VAL B 183 18.64 -29.58 40.02
N ASN B 184 18.67 -28.42 40.67
CA ASN B 184 19.78 -27.49 40.46
C ASN B 184 21.06 -27.92 41.15
N ALA B 185 20.96 -28.84 42.10
CA ALA B 185 22.15 -29.34 42.79
C ALA B 185 22.64 -30.61 42.11
N GLY B 186 21.92 -31.02 41.07
CA GLY B 186 22.28 -32.22 40.34
C GLY B 186 23.68 -32.21 39.78
N SER B 187 24.50 -33.16 40.21
CA SER B 187 25.89 -33.28 39.76
C SER B 187 26.01 -33.16 38.24
N GLN B 188 27.04 -32.45 37.79
CA GLN B 188 27.24 -32.21 36.36
C GLN B 188 28.41 -32.92 35.67
N LEU B 189 29.13 -33.79 36.38
CA LEU B 189 30.25 -34.50 35.74
C LEU B 189 30.62 -35.78 36.48
N PHE B 190 30.43 -36.91 35.80
CA PHE B 190 30.73 -38.21 36.39
C PHE B 190 31.93 -38.88 35.75
N GLU B 191 32.59 -39.72 36.53
CA GLU B 191 33.77 -40.44 36.09
C GLU B 191 33.45 -41.53 35.06
N ASP B 192 32.33 -42.20 35.23
CA ASP B 192 31.92 -43.26 34.31
C ASP B 192 30.47 -43.69 34.58
N ILE B 193 29.99 -44.66 33.80
CA ILE B 193 28.63 -45.16 33.96
C ILE B 193 28.38 -45.69 35.37
N LYS B 194 29.39 -46.32 35.97
CA LYS B 194 29.24 -46.84 37.33
C LYS B 194 28.93 -45.73 38.31
N ALA B 195 29.64 -44.60 38.18
CA ALA B 195 29.43 -43.46 39.05
C ALA B 195 28.03 -42.84 38.86
N VAL B 196 27.61 -42.75 37.61
CA VAL B 196 26.30 -42.21 37.28
C VAL B 196 25.23 -43.05 37.96
N GLU B 197 25.32 -44.37 37.77
CA GLU B 197 24.37 -45.28 38.37
C GLU B 197 24.33 -45.16 39.89
N ALA B 198 25.49 -45.09 40.52
CA ALA B 198 25.56 -44.95 41.97
C ALA B 198 24.89 -43.63 42.39
N TYR B 199 25.18 -42.56 41.67
CA TYR B 199 24.60 -41.26 41.97
C TYR B 199 23.08 -41.28 41.88
N LEU B 200 22.56 -41.87 40.81
CA LEU B 200 21.12 -41.93 40.61
C LEU B 200 20.39 -42.78 41.64
N ALA B 201 20.99 -43.90 42.03
CA ALA B 201 20.38 -44.78 43.03
C ALA B 201 20.20 -44.05 44.35
N GLY B 202 21.21 -43.28 44.76
CA GLY B 202 21.13 -42.54 46.00
C GLY B 202 20.13 -41.41 45.94
N ARG B 203 19.92 -40.88 44.74
CA ARG B 203 18.99 -39.78 44.52
C ARG B 203 17.54 -40.27 44.43
N TYR B 204 17.35 -41.47 43.87
CA TYR B 204 16.04 -42.08 43.73
C TYR B 204 16.11 -43.49 44.31
N PRO B 205 16.19 -43.60 45.64
CA PRO B 205 16.29 -44.88 46.36
C PRO B 205 15.22 -45.95 46.13
N ASN B 206 14.00 -45.54 45.74
CA ASN B 206 12.95 -46.53 45.51
C ASN B 206 12.88 -47.02 44.07
N ILE B 207 13.61 -46.37 43.17
CA ILE B 207 13.59 -46.79 41.78
C ILE B 207 14.40 -48.07 41.63
N PRO B 208 13.83 -49.07 40.95
CA PRO B 208 14.48 -50.37 40.72
C PRO B 208 15.80 -50.25 39.96
N ALA B 209 16.74 -51.15 40.26
CA ALA B 209 18.06 -51.15 39.62
C ALA B 209 17.97 -51.04 38.10
N ASP B 210 17.09 -51.81 37.48
CA ASP B 210 16.94 -51.80 36.03
C ASP B 210 16.56 -50.43 35.47
N ALA B 211 15.68 -49.72 36.16
CA ALA B 211 15.25 -48.40 35.69
C ALA B 211 16.36 -47.38 35.89
N ILE B 212 17.18 -47.57 36.92
CA ILE B 212 18.30 -46.68 37.17
C ILE B 212 19.30 -46.82 36.03
N ARG B 213 19.55 -48.06 35.61
CA ARG B 213 20.49 -48.31 34.52
C ARG B 213 20.00 -47.65 33.24
N ILE B 214 18.70 -47.73 32.98
CA ILE B 214 18.14 -47.11 31.79
C ILE B 214 18.39 -45.60 31.85
N ARG B 215 18.12 -44.99 33.01
CA ARG B 215 18.36 -43.56 33.17
C ARG B 215 19.84 -43.23 32.94
N ALA B 216 20.73 -44.08 33.45
CA ALA B 216 22.17 -43.87 33.30
C ALA B 216 22.67 -43.96 31.86
N GLU B 217 22.12 -44.89 31.09
CA GLU B 217 22.55 -45.07 29.70
C GLU B 217 22.05 -44.01 28.75
N SER B 218 20.80 -43.59 28.93
CA SER B 218 20.19 -42.61 28.04
C SER B 218 20.28 -41.14 28.44
N GLY B 219 20.43 -40.88 29.73
CA GLY B 219 20.48 -39.50 30.17
C GLY B 219 21.83 -38.79 30.18
N TYR B 220 22.91 -39.54 30.11
CA TYR B 220 24.24 -38.92 30.15
C TYR B 220 25.08 -39.23 28.91
N GLN B 221 25.79 -38.22 28.42
CA GLN B 221 26.62 -38.35 27.23
C GLN B 221 28.11 -38.17 27.56
N PRO B 222 28.98 -38.92 26.86
CA PRO B 222 30.43 -38.85 27.06
C PRO B 222 31.02 -37.55 26.47
N VAL B 223 31.89 -36.92 27.26
CA VAL B 223 32.54 -35.68 26.86
C VAL B 223 33.90 -35.60 27.57
N ASP B 224 34.61 -34.48 27.44
CA ASP B 224 35.90 -34.35 28.09
C ASP B 224 35.77 -34.45 29.61
N GLY B 225 36.39 -35.47 30.19
CA GLY B 225 36.33 -35.65 31.62
C GLY B 225 35.27 -36.60 32.11
N GLY B 226 34.70 -37.42 31.22
CA GLY B 226 33.69 -38.36 31.64
C GLY B 226 32.31 -38.20 31.03
N LEU B 227 31.27 -38.41 31.83
CA LEU B 227 29.89 -38.31 31.39
C LEU B 227 29.19 -37.07 31.94
N ARG B 228 28.37 -36.46 31.11
CA ARG B 228 27.63 -35.28 31.51
C ARG B 228 26.15 -35.47 31.19
N PRO B 229 25.27 -34.89 32.02
CA PRO B 229 23.82 -35.02 31.79
C PRO B 229 23.49 -34.37 30.46
N LEU B 230 22.58 -34.96 29.70
CA LEU B 230 22.20 -34.37 28.42
C LEU B 230 21.33 -33.13 28.65
N ALA B 231 20.62 -33.10 29.78
CA ALA B 231 19.75 -31.97 30.08
C ALA B 231 20.51 -30.67 30.34
N SER B 232 20.06 -29.60 29.69
CA SER B 232 20.66 -28.28 29.87
C SER B 232 20.34 -27.78 31.28
N SER B 233 21.37 -27.63 32.11
CA SER B 233 21.13 -27.18 33.47
C SER B 233 20.33 -25.87 33.50
N ALA B 234 20.66 -24.94 32.62
CA ALA B 234 19.96 -23.67 32.57
C ALA B 234 18.48 -23.91 32.27
N ALA B 235 18.20 -24.86 31.39
CA ALA B 235 16.83 -25.18 31.03
C ALA B 235 16.10 -25.82 32.20
N MSE B 236 16.84 -26.57 33.02
CA MSE B 236 16.25 -27.24 34.19
C MSE B 236 15.80 -26.25 35.25
O MSE B 236 14.69 -26.36 35.78
CB MSE B 236 17.24 -28.23 34.79
CG MSE B 236 17.64 -29.39 33.87
SE MSE B 236 16.13 -30.33 33.06
CE MSE B 236 15.86 -29.25 31.47
N ALA B 237 16.67 -25.29 35.55
CA ALA B 237 16.34 -24.28 36.56
C ALA B 237 15.11 -23.48 36.13
N GLN B 238 15.02 -23.18 34.84
CA GLN B 238 13.89 -22.43 34.32
C GLN B 238 12.64 -23.30 34.32
N THR B 239 12.80 -24.58 34.07
CA THR B 239 11.64 -25.46 34.07
C THR B 239 11.14 -25.64 35.49
N ALA B 240 12.05 -25.79 36.44
CA ALA B 240 11.66 -25.96 37.83
C ALA B 240 10.83 -24.77 38.33
N ARG B 241 11.27 -23.56 37.99
CA ARG B 241 10.55 -22.35 38.38
C ARG B 241 9.16 -22.36 37.76
N GLY B 242 9.10 -22.74 36.49
CA GLY B 242 7.83 -22.79 35.77
C GLY B 242 6.85 -23.82 36.30
N LEU B 243 7.35 -24.82 37.01
CA LEU B 243 6.48 -25.86 37.58
C LEU B 243 5.64 -25.31 38.73
N ARG B 244 5.95 -24.10 39.17
CA ARG B 244 5.21 -23.50 40.27
C ARG B 244 3.98 -22.73 39.82
N SER B 245 3.72 -22.71 38.52
CA SER B 245 2.55 -21.98 38.03
C SER B 245 1.24 -22.65 38.43
N ASP B 246 0.19 -21.82 38.57
CA ASP B 246 -1.13 -22.30 38.94
C ASP B 246 -1.69 -23.24 37.87
N LEU B 247 -1.93 -24.49 38.25
CA LEU B 247 -2.43 -25.50 37.32
C LEU B 247 -3.94 -25.73 37.41
N VAL B 248 -4.60 -25.00 38.31
CA VAL B 248 -6.04 -25.12 38.49
C VAL B 248 -6.82 -24.89 37.20
N PRO B 249 -6.45 -23.85 36.42
CA PRO B 249 -7.15 -23.57 35.15
C PRO B 249 -7.13 -24.75 34.17
N ALA B 250 -5.96 -25.35 34.00
CA ALA B 250 -5.82 -26.49 33.10
C ALA B 250 -6.77 -27.64 33.49
N TYR B 251 -6.75 -28.02 34.77
CA TYR B 251 -7.60 -29.10 35.25
C TYR B 251 -9.08 -28.76 35.23
N ARG B 252 -9.41 -27.51 35.54
CA ARG B 252 -10.81 -27.11 35.57
C ARG B 252 -11.42 -27.05 34.17
N ASP B 253 -10.62 -26.65 33.19
CA ASP B 253 -11.11 -26.51 31.83
C ASP B 253 -10.95 -27.69 30.87
N VAL B 254 -10.08 -28.65 31.17
CA VAL B 254 -9.90 -29.79 30.27
C VAL B 254 -11.22 -30.51 30.02
N THR B 255 -11.54 -30.77 28.76
CA THR B 255 -12.78 -31.44 28.39
C THR B 255 -12.60 -32.86 27.89
N LYS B 256 -11.35 -33.31 27.82
CA LYS B 256 -11.08 -34.67 27.36
C LYS B 256 -10.81 -35.52 28.59
N PRO B 257 -11.06 -36.83 28.50
CA PRO B 257 -10.85 -37.76 29.63
C PRO B 257 -9.45 -37.64 30.26
N VAL B 258 -9.39 -37.61 31.58
CA VAL B 258 -8.10 -37.55 32.24
C VAL B 258 -8.07 -38.55 33.38
N LEU B 259 -7.03 -39.36 33.43
CA LEU B 259 -6.87 -40.32 34.53
C LEU B 259 -5.83 -39.73 35.46
N ILE B 260 -6.20 -39.56 36.73
CA ILE B 260 -5.29 -38.99 37.71
C ILE B 260 -4.65 -40.11 38.52
N VAL B 261 -3.34 -40.23 38.45
CA VAL B 261 -2.63 -41.27 39.17
C VAL B 261 -1.67 -40.70 40.21
N ARG B 262 -1.73 -41.23 41.44
CA ARG B 262 -0.85 -40.77 42.51
C ARG B 262 -0.14 -41.90 43.24
N GLY B 263 1.11 -41.67 43.61
CA GLY B 263 1.83 -42.67 44.37
C GLY B 263 1.25 -42.55 45.77
N GLU B 264 1.00 -43.66 46.45
CA GLU B 264 0.42 -43.61 47.79
C GLU B 264 1.32 -42.86 48.77
N SER B 265 2.63 -42.99 48.58
CA SER B 265 3.57 -42.32 49.47
C SER B 265 4.33 -41.22 48.74
N SER B 266 3.73 -40.70 47.68
CA SER B 266 4.38 -39.63 46.92
C SER B 266 4.58 -38.42 47.84
N LYS B 267 5.74 -37.78 47.74
CA LYS B 267 6.02 -36.61 48.56
C LYS B 267 5.88 -35.33 47.77
N LEU B 268 5.63 -35.44 46.47
CA LEU B 268 5.44 -34.28 45.60
C LEU B 268 3.95 -34.00 45.52
N VAL B 269 3.15 -35.04 45.31
CA VAL B 269 1.70 -34.90 45.28
C VAL B 269 1.19 -35.48 46.60
N SER B 270 0.81 -34.62 47.53
CA SER B 270 0.32 -35.05 48.83
C SER B 270 -1.13 -35.52 48.73
N ALA B 271 -1.57 -36.32 49.71
CA ALA B 271 -2.95 -36.80 49.71
C ALA B 271 -3.86 -35.58 49.78
N ALA B 272 -3.42 -34.56 50.52
CA ALA B 272 -4.18 -33.32 50.68
C ALA B 272 -4.33 -32.61 49.33
N ALA B 273 -3.27 -32.61 48.54
CA ALA B 273 -3.32 -31.96 47.24
C ALA B 273 -4.30 -32.71 46.34
N LEU B 274 -4.24 -34.03 46.35
CA LEU B 274 -5.13 -34.82 45.52
C LEU B 274 -6.59 -34.65 45.99
N ALA B 275 -6.79 -34.43 47.29
CA ALA B 275 -8.14 -34.24 47.82
C ALA B 275 -8.77 -32.97 47.25
N LYS B 276 -7.99 -31.90 47.18
CA LYS B 276 -8.50 -30.64 46.62
C LYS B 276 -8.75 -30.80 45.12
N THR B 277 -7.83 -31.48 44.44
CA THR B 277 -7.96 -31.72 43.00
C THR B 277 -9.30 -32.40 42.69
N SER B 278 -9.62 -33.46 43.44
CA SER B 278 -10.87 -34.17 43.21
C SER B 278 -12.07 -33.28 43.57
N ARG B 279 -11.87 -32.35 44.49
CA ARG B 279 -12.97 -31.46 44.85
C ARG B 279 -13.26 -30.59 43.61
N LEU B 280 -12.18 -30.12 42.97
CA LEU B 280 -12.27 -29.28 41.77
C LEU B 280 -12.91 -30.03 40.60
N ARG B 281 -12.47 -31.26 40.37
CA ARG B 281 -12.99 -32.09 39.29
C ARG B 281 -13.34 -33.48 39.82
N PRO B 282 -14.52 -33.64 40.43
CA PRO B 282 -14.89 -34.96 40.97
C PRO B 282 -15.16 -36.03 39.91
N ASP B 283 -15.41 -35.60 38.67
CA ASP B 283 -15.71 -36.52 37.59
C ASP B 283 -14.49 -37.24 37.03
N LEU B 284 -13.31 -36.73 37.30
CA LEU B 284 -12.11 -37.36 36.78
C LEU B 284 -11.72 -38.59 37.59
N PRO B 285 -11.62 -39.74 36.91
CA PRO B 285 -11.24 -40.99 37.59
C PRO B 285 -9.91 -40.86 38.31
N VAL B 286 -9.76 -41.57 39.44
CA VAL B 286 -8.55 -41.52 40.23
C VAL B 286 -8.01 -42.91 40.59
N VAL B 287 -6.69 -43.02 40.57
CA VAL B 287 -5.99 -44.25 40.92
C VAL B 287 -4.84 -43.88 41.85
N VAL B 288 -4.81 -44.51 43.02
CA VAL B 288 -3.74 -44.26 43.99
C VAL B 288 -2.98 -45.57 44.11
N VAL B 289 -1.73 -45.57 43.65
CA VAL B 289 -0.87 -46.76 43.65
C VAL B 289 -0.19 -47.06 44.98
N PRO B 290 -0.45 -48.25 45.54
CA PRO B 290 0.15 -48.66 46.82
C PRO B 290 1.63 -49.03 46.65
N GLY B 291 2.44 -48.65 47.64
CA GLY B 291 3.86 -48.97 47.60
C GLY B 291 4.68 -48.07 46.70
N ALA B 292 4.01 -47.19 45.97
CA ALA B 292 4.69 -46.28 45.05
C ALA B 292 4.85 -44.86 45.60
N ASP B 293 6.01 -44.26 45.34
CA ASP B 293 6.23 -42.90 45.77
C ASP B 293 5.94 -42.01 44.56
N HIS B 294 6.72 -40.94 44.37
CA HIS B 294 6.49 -40.04 43.24
C HIS B 294 6.76 -40.69 41.88
N TYR B 295 7.71 -41.60 41.84
CA TYR B 295 8.11 -42.29 40.60
C TYR B 295 7.26 -43.53 40.35
N VAL B 296 5.96 -43.28 40.17
CA VAL B 296 4.98 -44.34 39.99
C VAL B 296 5.26 -45.39 38.92
N ASN B 297 5.28 -44.96 37.67
CA ASN B 297 5.51 -45.88 36.54
C ASN B 297 6.78 -46.73 36.67
N GLU B 298 7.82 -46.19 37.29
CA GLU B 298 9.07 -46.93 37.45
C GLU B 298 9.09 -47.82 38.71
N VAL B 299 8.41 -47.40 39.76
CA VAL B 299 8.38 -48.17 41.00
C VAL B 299 7.29 -49.24 40.97
N SER B 300 6.14 -48.91 40.40
CA SER B 300 5.02 -49.87 40.32
C SER B 300 4.62 -50.00 38.86
N PRO B 301 5.47 -50.64 38.04
CA PRO B 301 5.21 -50.84 36.61
C PRO B 301 3.97 -51.64 36.26
N GLU B 302 3.71 -52.72 37.00
CA GLU B 302 2.54 -53.56 36.71
C GLU B 302 1.22 -52.87 37.00
N ILE B 303 1.08 -52.32 38.20
CA ILE B 303 -0.15 -51.62 38.56
C ILE B 303 -0.37 -50.46 37.60
N THR B 304 0.71 -49.78 37.22
CA THR B 304 0.59 -48.65 36.30
C THR B 304 0.06 -49.08 34.94
N LEU B 305 0.62 -50.15 34.39
CA LEU B 305 0.16 -50.61 33.09
C LEU B 305 -1.31 -50.96 33.18
N LYS B 306 -1.67 -51.69 34.24
CA LYS B 306 -3.05 -52.11 34.44
C LYS B 306 -4.00 -50.93 34.56
N ALA B 307 -3.59 -49.91 35.30
CA ALA B 307 -4.43 -48.73 35.47
C ALA B 307 -4.61 -48.05 34.12
N ILE B 308 -3.55 -48.04 33.32
CA ILE B 308 -3.59 -47.41 32.01
C ILE B 308 -4.53 -48.14 31.05
N THR B 309 -4.47 -49.47 31.03
CA THR B 309 -5.35 -50.24 30.14
C THR B 309 -6.81 -50.16 30.57
N ASN B 310 -7.07 -50.10 31.88
CA ASN B 310 -8.45 -50.01 32.38
C ASN B 310 -9.08 -48.70 31.93
N PHE B 311 -8.24 -47.67 31.77
CA PHE B 311 -8.69 -46.35 31.36
C PHE B 311 -9.01 -46.27 29.87
N ILE B 312 -8.03 -46.60 29.03
CA ILE B 312 -8.20 -46.51 27.58
C ILE B 312 -8.95 -47.65 26.87
N ASP B 313 -9.02 -48.83 27.48
CA ASP B 313 -9.72 -49.94 26.85
C ASP B 313 -11.19 -50.06 27.24
N ALA B 314 -11.66 -49.17 28.12
CA ALA B 314 -13.07 -49.20 28.55
C ALA B 314 -14.04 -48.85 27.43
N HIS C 47 -39.68 -42.42 21.78
CA HIS C 47 -38.20 -42.47 21.56
C HIS C 47 -37.58 -43.84 21.86
N PHE C 48 -38.06 -44.49 22.91
CA PHE C 48 -37.55 -45.82 23.27
C PHE C 48 -38.60 -46.89 23.01
N ILE C 49 -38.24 -47.90 22.22
CA ILE C 49 -39.18 -48.98 21.96
C ILE C 49 -38.95 -50.06 23.01
N SER C 50 -40.03 -50.57 23.57
CA SER C 50 -39.94 -51.61 24.59
C SER C 50 -40.37 -52.93 23.99
N ARG C 51 -39.69 -54.01 24.35
CA ARG C 51 -40.06 -55.31 23.85
C ARG C 51 -39.47 -56.41 24.73
N ARG C 52 -40.25 -57.45 24.95
CA ARG C 52 -39.82 -58.56 25.77
C ARG C 52 -38.92 -59.43 24.91
N VAL C 53 -37.69 -59.65 25.39
CA VAL C 53 -36.71 -60.45 24.68
C VAL C 53 -36.55 -61.83 25.30
N ASP C 54 -36.93 -62.86 24.56
CA ASP C 54 -36.79 -64.22 25.04
C ASP C 54 -35.32 -64.59 24.89
N ILE C 55 -34.62 -64.75 26.00
CA ILE C 55 -33.20 -65.11 25.91
C ILE C 55 -32.98 -66.59 26.22
N GLY C 56 -34.07 -67.35 26.13
CA GLY C 56 -34.01 -68.78 26.38
C GLY C 56 -34.40 -69.12 27.80
N ARG C 57 -33.45 -68.97 28.71
CA ARG C 57 -33.64 -69.24 30.13
C ARG C 57 -34.79 -68.41 30.75
N ILE C 58 -35.15 -67.30 30.10
CA ILE C 58 -36.21 -66.43 30.61
C ILE C 58 -36.42 -65.28 29.63
N THR C 59 -37.47 -64.48 29.80
CA THR C 59 -37.70 -63.36 28.90
C THR C 59 -37.72 -62.05 29.68
N LEU C 60 -36.87 -61.12 29.28
CA LEU C 60 -36.74 -59.81 29.92
C LEU C 60 -37.30 -58.69 29.05
N ASN C 61 -37.99 -57.74 29.69
CA ASN C 61 -38.50 -56.60 28.97
C ASN C 61 -37.32 -55.65 28.82
N VAL C 62 -37.27 -54.92 27.71
CA VAL C 62 -36.15 -54.03 27.44
C VAL C 62 -36.55 -52.73 26.75
N ARG C 63 -35.78 -51.67 27.01
CA ARG C 63 -35.98 -50.35 26.42
C ARG C 63 -34.77 -50.10 25.52
N GLU C 64 -35.01 -49.82 24.24
CA GLU C 64 -33.93 -49.62 23.31
C GLU C 64 -33.95 -48.31 22.51
N LYS C 65 -32.78 -47.82 22.14
CA LYS C 65 -32.65 -46.60 21.35
C LYS C 65 -31.20 -46.38 20.91
N GLY C 66 -31.05 -45.67 19.79
CA GLY C 66 -29.72 -45.36 19.26
C GLY C 66 -29.07 -46.39 18.36
N SER C 67 -27.80 -46.14 18.04
CA SER C 67 -27.01 -47.03 17.19
C SER C 67 -25.55 -46.96 17.62
N GLY C 68 -24.76 -47.97 17.24
CA GLY C 68 -23.36 -47.98 17.61
C GLY C 68 -23.09 -49.06 18.64
N PRO C 69 -21.90 -49.07 19.26
CA PRO C 69 -21.56 -50.08 20.27
C PRO C 69 -22.64 -50.21 21.35
N LEU C 70 -22.96 -51.45 21.70
CA LEU C 70 -23.98 -51.76 22.68
C LEU C 70 -23.62 -51.36 24.12
N MSE C 71 -24.57 -50.71 24.78
CA MSE C 71 -24.40 -50.26 26.16
C MSE C 71 -25.66 -50.67 26.93
O MSE C 71 -26.76 -50.21 26.60
CB MSE C 71 -24.22 -48.75 26.20
CG MSE C 71 -23.86 -48.19 27.55
SE MSE C 71 -23.41 -46.32 27.40
CE MSE C 71 -21.54 -46.50 26.92
N LEU C 72 -25.50 -51.51 27.94
CA LEU C 72 -26.63 -52.00 28.74
C LEU C 72 -26.70 -51.35 30.13
N PHE C 73 -27.92 -51.03 30.56
CA PHE C 73 -28.12 -50.37 31.84
C PHE C 73 -28.97 -51.23 32.78
N PHE C 74 -28.48 -51.41 34.00
CA PHE C 74 -29.17 -52.23 34.99
C PHE C 74 -29.52 -51.48 36.28
N HIS C 75 -30.82 -51.43 36.57
CA HIS C 75 -31.36 -50.75 37.75
C HIS C 75 -31.06 -51.40 39.10
N GLY C 76 -31.44 -50.71 40.18
CA GLY C 76 -31.24 -51.21 41.52
C GLY C 76 -32.44 -52.05 41.95
N ILE C 77 -32.37 -52.67 43.12
CA ILE C 77 -33.47 -53.50 43.59
C ILE C 77 -34.81 -52.74 43.71
N THR C 78 -35.87 -53.40 43.27
CA THR C 78 -37.25 -52.90 43.26
C THR C 78 -37.49 -51.79 42.23
N SER C 79 -36.42 -51.37 41.56
CA SER C 79 -36.49 -50.33 40.55
C SER C 79 -36.74 -50.97 39.16
N ASN C 80 -36.70 -50.18 38.09
CA ASN C 80 -36.91 -50.72 36.74
C ASN C 80 -36.16 -49.90 35.70
N SER C 81 -36.17 -50.35 34.45
CA SER C 81 -35.44 -49.70 33.36
C SER C 81 -35.75 -48.24 33.04
N ALA C 82 -37.00 -47.83 33.18
CA ALA C 82 -37.37 -46.45 32.86
C ALA C 82 -36.50 -45.40 33.56
N VAL C 83 -35.86 -45.76 34.68
CA VAL C 83 -35.06 -44.77 35.38
C VAL C 83 -33.82 -44.35 34.61
N PHE C 84 -33.40 -45.16 33.65
CA PHE C 84 -32.21 -44.83 32.86
C PHE C 84 -32.48 -44.06 31.57
N GLU C 85 -33.75 -43.77 31.26
CA GLU C 85 -34.05 -43.04 30.02
C GLU C 85 -33.41 -41.65 29.94
N PRO C 86 -33.41 -40.88 31.03
CA PRO C 86 -32.80 -39.55 30.94
C PRO C 86 -31.28 -39.57 30.64
N LEU C 87 -30.61 -40.64 31.06
CA LEU C 87 -29.17 -40.74 30.82
C LEU C 87 -28.86 -41.28 29.42
N MSE C 88 -29.56 -42.32 29.01
CA MSE C 88 -29.37 -42.92 27.70
C MSE C 88 -29.54 -41.93 26.54
O MSE C 88 -28.80 -41.98 25.56
CB MSE C 88 -30.34 -44.08 27.52
CG MSE C 88 -30.04 -45.28 28.36
SE MSE C 88 -31.59 -46.46 28.42
CE MSE C 88 -31.55 -47.14 26.62
N ILE C 89 -30.52 -41.04 26.65
CA ILE C 89 -30.79 -40.05 25.60
C ILE C 89 -29.53 -39.23 25.30
N ARG C 90 -28.69 -39.06 26.32
CA ARG C 90 -27.46 -38.29 26.17
C ARG C 90 -26.36 -39.12 25.49
N LEU C 91 -26.64 -40.40 25.27
CA LEU C 91 -25.67 -41.30 24.65
C LEU C 91 -26.23 -42.06 23.46
N SER C 92 -27.51 -41.82 23.14
CA SER C 92 -28.20 -42.48 22.04
C SER C 92 -27.61 -42.22 20.65
N ASP C 93 -26.91 -41.11 20.51
CA ASP C 93 -26.34 -40.74 19.23
C ASP C 93 -25.01 -41.43 18.93
N ARG C 94 -24.42 -42.07 19.93
CA ARG C 94 -23.13 -42.72 19.75
C ARG C 94 -23.13 -44.19 20.13
N PHE C 95 -24.15 -44.60 20.89
CA PHE C 95 -24.25 -46.00 21.32
C PHE C 95 -25.66 -46.53 21.15
N THR C 96 -25.76 -47.86 21.15
CA THR C 96 -27.05 -48.53 21.08
C THR C 96 -27.30 -48.72 22.58
N THR C 97 -27.97 -47.76 23.19
CA THR C 97 -28.25 -47.81 24.62
C THR C 97 -29.48 -48.65 24.92
N ILE C 98 -29.31 -49.64 25.80
CA ILE C 98 -30.42 -50.51 26.17
C ILE C 98 -30.55 -50.73 27.69
N ALA C 99 -31.72 -50.40 28.23
CA ALA C 99 -32.00 -50.55 29.65
C ALA C 99 -32.86 -51.79 29.85
N VAL C 100 -32.47 -52.60 30.83
CA VAL C 100 -33.15 -53.86 31.11
C VAL C 100 -33.92 -53.99 32.43
N ASP C 101 -35.13 -54.54 32.35
CA ASP C 101 -35.91 -54.83 33.55
C ASP C 101 -35.34 -56.19 33.92
N GLN C 102 -34.66 -56.29 35.04
CA GLN C 102 -34.08 -57.58 35.41
C GLN C 102 -35.15 -58.53 35.96
N ARG C 103 -34.82 -59.82 35.97
CA ARG C 103 -35.77 -60.82 36.46
C ARG C 103 -36.42 -60.36 37.76
N GLY C 104 -37.71 -60.61 37.86
CA GLY C 104 -38.48 -60.24 39.03
C GLY C 104 -38.95 -58.79 39.02
N HIS C 105 -38.42 -57.99 38.10
CA HIS C 105 -38.77 -56.56 38.03
C HIS C 105 -39.55 -56.10 36.78
N GLY C 106 -40.05 -54.86 36.85
CA GLY C 106 -40.79 -54.27 35.74
C GLY C 106 -41.76 -55.16 35.00
N LEU C 107 -41.48 -55.42 33.73
CA LEU C 107 -42.36 -56.24 32.91
C LEU C 107 -41.67 -57.51 32.43
N SER C 108 -40.65 -57.94 33.15
CA SER C 108 -39.93 -59.16 32.80
C SER C 108 -40.56 -60.35 33.50
N ASP C 109 -40.04 -61.55 33.23
CA ASP C 109 -40.58 -62.72 33.91
C ASP C 109 -40.21 -62.62 35.38
N LYS C 110 -41.03 -63.21 36.23
CA LYS C 110 -40.80 -63.19 37.66
C LYS C 110 -40.99 -64.61 38.19
N PRO C 111 -39.99 -65.47 37.97
CA PRO C 111 -40.02 -66.85 38.42
C PRO C 111 -40.06 -66.99 39.93
N GLU C 112 -40.49 -68.17 40.38
CA GLU C 112 -40.59 -68.46 41.80
C GLU C 112 -39.27 -68.25 42.53
N THR C 113 -38.18 -68.71 41.94
CA THR C 113 -36.89 -68.57 42.61
C THR C 113 -35.72 -68.34 41.64
N GLY C 114 -34.53 -68.17 42.19
CA GLY C 114 -33.35 -67.95 41.37
C GLY C 114 -33.00 -66.48 41.31
N TYR C 115 -32.68 -65.87 42.45
CA TYR C 115 -32.35 -64.45 42.48
C TYR C 115 -31.00 -64.14 43.10
N GLU C 116 -30.04 -65.04 42.89
CA GLU C 116 -28.69 -64.86 43.40
C GLU C 116 -27.87 -64.16 42.33
N ALA C 117 -26.64 -63.79 42.68
CA ALA C 117 -25.77 -63.08 41.74
C ALA C 117 -25.61 -63.84 40.41
N ASN C 118 -25.30 -65.12 40.48
CA ASN C 118 -25.10 -65.90 39.25
C ASN C 118 -26.35 -65.96 38.36
N ASP C 119 -27.54 -65.91 38.96
CA ASP C 119 -28.77 -65.96 38.17
C ASP C 119 -28.94 -64.67 37.38
N TYR C 120 -28.65 -63.54 38.02
CA TYR C 120 -28.76 -62.24 37.36
C TYR C 120 -27.64 -62.10 36.32
N ALA C 121 -26.45 -62.60 36.68
CA ALA C 121 -25.29 -62.53 35.78
C ALA C 121 -25.53 -63.33 34.50
N ASP C 122 -26.03 -64.56 34.64
CA ASP C 122 -26.28 -65.39 33.47
C ASP C 122 -27.32 -64.73 32.57
N ASP C 123 -28.25 -63.99 33.18
CA ASP C 123 -29.27 -63.29 32.42
C ASP C 123 -28.57 -62.28 31.53
N ILE C 124 -27.60 -61.57 32.10
CA ILE C 124 -26.86 -60.58 31.34
C ILE C 124 -26.10 -61.23 30.19
N ALA C 125 -25.47 -62.37 30.45
CA ALA C 125 -24.73 -63.06 29.41
C ALA C 125 -25.67 -63.50 28.28
N GLY C 126 -26.83 -64.04 28.65
CA GLY C 126 -27.79 -64.48 27.66
C GLY C 126 -28.35 -63.36 26.80
N LEU C 127 -28.53 -62.19 27.41
CA LEU C 127 -29.07 -61.04 26.70
C LEU C 127 -28.07 -60.56 25.65
N ILE C 128 -26.79 -60.57 26.03
CA ILE C 128 -25.73 -60.14 25.13
C ILE C 128 -25.65 -61.02 23.90
N ARG C 129 -25.77 -62.33 24.10
CA ARG C 129 -25.72 -63.27 23.00
C ARG C 129 -26.96 -63.13 22.14
N THR C 130 -28.13 -63.04 22.78
CA THR C 130 -29.39 -62.91 22.05
C THR C 130 -29.46 -61.63 21.21
N LEU C 131 -29.01 -60.50 21.77
CA LEU C 131 -29.03 -59.24 21.04
C LEU C 131 -28.17 -59.33 19.79
N ALA C 132 -27.04 -60.03 19.92
CA ALA C 132 -26.10 -60.22 18.83
C ALA C 132 -25.60 -58.92 18.24
N ARG C 133 -25.03 -58.06 19.09
CA ARG C 133 -24.51 -56.78 18.60
C ARG C 133 -23.13 -56.51 19.17
N GLY C 134 -22.37 -57.58 19.37
CA GLY C 134 -21.02 -57.44 19.90
C GLY C 134 -20.98 -57.34 21.42
N HIS C 135 -19.78 -57.24 21.96
CA HIS C 135 -19.62 -57.12 23.40
C HIS C 135 -20.30 -55.85 23.90
N ALA C 136 -20.77 -55.88 25.14
CA ALA C 136 -21.46 -54.74 25.71
C ALA C 136 -20.74 -54.04 26.85
N ILE C 137 -21.06 -52.76 26.98
CA ILE C 137 -20.53 -51.94 28.05
C ILE C 137 -21.67 -52.07 29.06
N LEU C 138 -21.34 -52.39 30.32
CA LEU C 138 -22.38 -52.52 31.31
C LEU C 138 -22.37 -51.35 32.30
N VAL C 139 -23.53 -50.72 32.46
CA VAL C 139 -23.68 -49.62 33.40
C VAL C 139 -24.75 -50.08 34.37
N GLY C 140 -24.34 -50.37 35.60
CA GLY C 140 -25.28 -50.84 36.59
C GLY C 140 -25.28 -50.05 37.88
N HIS C 141 -26.45 -49.97 38.49
CA HIS C 141 -26.62 -49.25 39.74
C HIS C 141 -27.00 -50.24 40.86
N SER C 142 -26.22 -50.23 41.94
CA SER C 142 -26.45 -51.08 43.11
C SER C 142 -26.63 -52.54 42.66
N LEU C 143 -27.83 -53.10 42.80
CA LEU C 143 -28.06 -54.47 42.36
C LEU C 143 -27.48 -54.62 40.94
N GLY C 144 -27.73 -53.63 40.08
CA GLY C 144 -27.22 -53.69 38.73
C GLY C 144 -25.70 -53.71 38.64
N ALA C 145 -25.05 -52.93 39.50
CA ALA C 145 -23.60 -52.90 39.51
C ALA C 145 -23.08 -54.26 39.98
N ARG C 146 -23.75 -54.83 40.97
CA ARG C 146 -23.35 -56.12 41.49
C ARG C 146 -23.47 -57.22 40.43
N ASN C 147 -24.59 -57.23 39.70
CA ASN C 147 -24.82 -58.23 38.67
C ASN C 147 -23.80 -58.08 37.53
N SER C 148 -23.44 -56.83 37.22
CA SER C 148 -22.53 -56.52 36.14
C SER C 148 -21.07 -56.93 36.33
N VAL C 149 -20.51 -56.65 37.49
CA VAL C 149 -19.14 -57.02 37.74
C VAL C 149 -19.03 -58.54 37.81
N THR C 150 -20.10 -59.18 38.25
CA THR C 150 -20.14 -60.63 38.34
C THR C 150 -20.12 -61.20 36.92
N ALA C 151 -20.92 -60.61 36.04
CA ALA C 151 -21.01 -61.05 34.65
C ALA C 151 -19.68 -60.88 33.93
N ALA C 152 -19.00 -59.77 34.22
CA ALA C 152 -17.73 -59.47 33.60
C ALA C 152 -16.64 -60.43 34.06
N ALA C 153 -16.68 -60.83 35.33
CA ALA C 153 -15.69 -61.74 35.86
C ALA C 153 -15.91 -63.14 35.28
N LYS C 154 -17.17 -63.48 35.06
CA LYS C 154 -17.53 -64.80 34.53
C LYS C 154 -17.54 -64.91 33.00
N TYR C 155 -17.86 -63.81 32.31
CA TYR C 155 -17.91 -63.81 30.85
C TYR C 155 -17.09 -62.67 30.26
N PRO C 156 -15.77 -62.64 30.51
CA PRO C 156 -14.95 -61.56 29.97
C PRO C 156 -15.17 -61.21 28.49
N ASP C 157 -15.30 -62.22 27.65
CA ASP C 157 -15.48 -61.99 26.21
C ASP C 157 -16.77 -61.28 25.81
N LEU C 158 -17.81 -61.37 26.62
CA LEU C 158 -19.08 -60.72 26.31
C LEU C 158 -19.15 -59.29 26.82
N VAL C 159 -18.26 -58.94 27.74
CA VAL C 159 -18.28 -57.61 28.35
C VAL C 159 -17.08 -56.73 28.01
N ARG C 160 -17.33 -55.57 27.41
CA ARG C 160 -16.25 -54.65 27.07
C ARG C 160 -15.73 -53.97 28.34
N SER C 161 -16.63 -53.40 29.12
CA SER C 161 -16.24 -52.75 30.37
C SER C 161 -17.45 -52.59 31.28
N VAL C 162 -17.22 -52.11 32.50
CA VAL C 162 -18.31 -51.95 33.45
C VAL C 162 -18.21 -50.68 34.25
N VAL C 163 -19.35 -50.03 34.43
CA VAL C 163 -19.45 -48.82 35.25
C VAL C 163 -20.28 -49.29 36.44
N ALA C 164 -19.60 -49.54 37.56
CA ALA C 164 -20.25 -50.02 38.78
C ALA C 164 -20.67 -48.86 39.67
N ILE C 165 -21.96 -48.56 39.69
CA ILE C 165 -22.45 -47.47 40.50
C ILE C 165 -22.97 -47.87 41.88
N ASP C 166 -22.21 -47.50 42.89
CA ASP C 166 -22.55 -47.73 44.28
C ASP C 166 -22.89 -49.17 44.72
N PHE C 167 -21.92 -50.04 44.62
CA PHE C 167 -22.03 -51.41 45.08
C PHE C 167 -20.67 -52.07 44.93
N THR C 168 -20.04 -52.32 46.06
CA THR C 168 -18.72 -52.91 46.11
C THR C 168 -18.75 -54.07 47.08
N PRO C 169 -17.60 -54.73 47.26
CA PRO C 169 -17.60 -55.85 48.22
C PRO C 169 -17.47 -55.17 49.58
N TYR C 170 -17.38 -55.94 50.66
CA TYR C 170 -17.20 -55.38 52.00
C TYR C 170 -18.31 -54.48 52.55
N ILE C 171 -19.53 -54.58 52.04
CA ILE C 171 -20.60 -53.75 52.58
C ILE C 171 -20.97 -54.27 53.97
N GLU C 172 -21.10 -53.35 54.93
CA GLU C 172 -21.45 -53.73 56.31
C GLU C 172 -22.77 -54.49 56.42
N THR C 173 -22.82 -55.45 57.34
CA THR C 173 -24.01 -56.24 57.57
C THR C 173 -25.18 -55.30 57.90
N GLU C 174 -24.88 -54.26 58.67
CA GLU C 174 -25.87 -53.26 59.07
C GLU C 174 -26.45 -52.54 57.86
N ALA C 175 -25.59 -52.18 56.92
CA ALA C 175 -26.03 -51.49 55.72
C ALA C 175 -26.96 -52.43 54.93
N LEU C 176 -26.56 -53.70 54.84
CA LEU C 176 -27.35 -54.72 54.15
C LEU C 176 -28.69 -54.94 54.86
N ASP C 177 -28.69 -54.84 56.19
CA ASP C 177 -29.92 -55.02 56.97
C ASP C 177 -30.90 -53.90 56.70
N ALA C 178 -30.39 -52.67 56.59
CA ALA C 178 -31.22 -51.51 56.32
C ALA C 178 -31.78 -51.60 54.89
N LEU C 179 -30.99 -52.14 53.96
CA LEU C 179 -31.47 -52.29 52.58
C LEU C 179 -32.65 -53.26 52.57
N GLU C 180 -32.53 -54.32 53.36
CA GLU C 180 -33.55 -55.35 53.45
C GLU C 180 -34.87 -54.83 54.00
N ALA C 181 -34.81 -54.05 55.08
CA ALA C 181 -36.01 -53.49 55.70
C ALA C 181 -36.68 -52.53 54.73
N ARG C 182 -35.87 -51.73 54.05
CA ARG C 182 -36.37 -50.77 53.09
C ARG C 182 -37.11 -51.49 51.95
N VAL C 183 -36.55 -52.60 51.49
CA VAL C 183 -37.19 -53.35 50.42
C VAL C 183 -38.56 -53.87 50.88
N ASN C 184 -38.61 -54.44 52.08
CA ASN C 184 -39.86 -54.98 52.62
C ASN C 184 -40.98 -53.96 52.77
N ALA C 185 -40.63 -52.72 53.12
CA ALA C 185 -41.63 -51.68 53.29
C ALA C 185 -42.15 -51.20 51.94
N GLY C 186 -41.56 -51.73 50.87
CA GLY C 186 -41.96 -51.33 49.53
C GLY C 186 -43.30 -51.86 49.04
N SER C 187 -43.56 -53.15 49.27
CA SER C 187 -44.80 -53.75 48.82
C SER C 187 -46.02 -53.12 49.46
N GLN C 188 -46.80 -52.41 48.64
CA GLN C 188 -47.98 -51.74 49.12
C GLN C 188 -49.04 -51.64 48.03
N LEU C 189 -50.23 -51.18 48.41
CA LEU C 189 -51.33 -50.99 47.47
C LEU C 189 -51.80 -49.56 47.63
N PHE C 190 -51.60 -48.74 46.60
CA PHE C 190 -52.00 -47.33 46.67
C PHE C 190 -53.26 -47.07 45.85
N GLU C 191 -53.93 -45.96 46.15
CA GLU C 191 -55.13 -45.59 45.42
C GLU C 191 -54.81 -45.13 44.02
N ASP C 192 -53.90 -44.16 43.94
CA ASP C 192 -53.50 -43.60 42.66
C ASP C 192 -52.02 -43.24 42.55
N ILE C 193 -51.68 -42.62 41.43
CA ILE C 193 -50.32 -42.21 41.13
C ILE C 193 -49.83 -41.10 42.07
N LYS C 194 -50.74 -40.21 42.49
CA LYS C 194 -50.38 -39.13 43.39
C LYS C 194 -49.87 -39.64 44.74
N ALA C 195 -50.51 -40.69 45.24
CA ALA C 195 -50.11 -41.29 46.52
C ALA C 195 -48.76 -41.97 46.32
N VAL C 196 -48.61 -42.65 45.19
CA VAL C 196 -47.36 -43.34 44.87
C VAL C 196 -46.22 -42.32 44.81
N GLU C 197 -46.43 -41.22 44.10
CA GLU C 197 -45.41 -40.18 43.98
C GLU C 197 -45.01 -39.62 45.34
N ALA C 198 -46.00 -39.32 46.18
CA ALA C 198 -45.74 -38.78 47.51
C ALA C 198 -44.97 -39.83 48.32
N TYR C 199 -45.41 -41.08 48.25
CA TYR C 199 -44.75 -42.13 48.99
C TYR C 199 -43.28 -42.30 48.57
N LEU C 200 -43.01 -42.25 47.27
CA LEU C 200 -41.65 -42.43 46.79
C LEU C 200 -40.75 -41.24 47.14
N ALA C 201 -41.33 -40.05 47.22
CA ALA C 201 -40.57 -38.85 47.56
C ALA C 201 -40.04 -38.99 48.97
N GLY C 202 -40.81 -39.67 49.81
CA GLY C 202 -40.39 -39.87 51.19
C GLY C 202 -39.27 -40.89 51.30
N ARG C 203 -39.41 -42.03 50.63
CA ARG C 203 -38.39 -43.08 50.68
C ARG C 203 -37.07 -42.63 50.08
N TYR C 204 -37.15 -41.73 49.10
CA TYR C 204 -35.96 -41.24 48.42
C TYR C 204 -35.93 -39.73 48.49
N PRO C 205 -35.76 -39.17 49.69
CA PRO C 205 -35.73 -37.72 49.86
C PRO C 205 -34.79 -36.92 48.94
N ASN C 206 -33.69 -37.52 48.51
CA ASN C 206 -32.75 -36.80 47.65
C ASN C 206 -33.01 -36.89 46.16
N ILE C 207 -33.79 -37.87 45.72
CA ILE C 207 -34.07 -38.02 44.31
C ILE C 207 -34.96 -36.87 43.80
N PRO C 208 -34.54 -36.21 42.71
CA PRO C 208 -35.30 -35.10 42.12
C PRO C 208 -36.72 -35.48 41.75
N ALA C 209 -37.63 -34.52 41.86
CA ALA C 209 -39.05 -34.73 41.56
C ALA C 209 -39.27 -35.39 40.20
N ASP C 210 -38.53 -34.94 39.19
CA ASP C 210 -38.68 -35.51 37.86
C ASP C 210 -38.39 -37.02 37.86
N ALA C 211 -37.32 -37.42 38.54
CA ALA C 211 -36.96 -38.83 38.61
C ALA C 211 -38.00 -39.61 39.41
N ILE C 212 -38.49 -39.00 40.48
CA ILE C 212 -39.53 -39.62 41.31
C ILE C 212 -40.75 -39.95 40.45
N ARG C 213 -41.17 -39.00 39.62
CA ARG C 213 -42.32 -39.20 38.76
C ARG C 213 -42.07 -40.33 37.77
N ILE C 214 -40.83 -40.45 37.31
CA ILE C 214 -40.49 -41.52 36.37
C ILE C 214 -40.65 -42.88 37.06
N ARG C 215 -40.23 -42.96 38.33
CA ARG C 215 -40.36 -44.21 39.07
C ARG C 215 -41.83 -44.52 39.30
N ALA C 216 -42.58 -43.49 39.66
CA ALA C 216 -44.01 -43.63 39.91
C ALA C 216 -44.78 -44.17 38.70
N GLU C 217 -44.57 -43.59 37.52
CA GLU C 217 -45.27 -44.00 36.31
C GLU C 217 -44.85 -45.35 35.74
N SER C 218 -43.59 -45.73 35.94
CA SER C 218 -43.09 -46.98 35.38
C SER C 218 -43.01 -48.19 36.29
N GLY C 219 -42.90 -47.99 37.59
CA GLY C 219 -42.77 -49.11 38.49
C GLY C 219 -44.06 -49.70 39.04
N TYR C 220 -45.20 -49.08 38.73
CA TYR C 220 -46.47 -49.56 39.25
C TYR C 220 -47.48 -49.98 38.19
N GLN C 221 -48.45 -50.78 38.59
CA GLN C 221 -49.48 -51.27 37.68
C GLN C 221 -50.85 -51.25 38.35
N PRO C 222 -51.93 -51.07 37.57
CA PRO C 222 -53.24 -51.04 38.22
C PRO C 222 -53.80 -52.45 38.43
N VAL C 223 -54.35 -52.70 39.61
CA VAL C 223 -54.96 -53.98 39.94
C VAL C 223 -56.24 -53.62 40.68
N ASP C 224 -56.99 -54.61 41.16
CA ASP C 224 -58.22 -54.29 41.89
C ASP C 224 -57.79 -53.72 43.23
N GLY C 225 -58.19 -52.50 43.50
CA GLY C 225 -57.83 -51.86 44.75
C GLY C 225 -57.05 -50.59 44.49
N GLY C 226 -56.25 -50.60 43.43
CA GLY C 226 -55.46 -49.44 43.09
C GLY C 226 -54.17 -49.80 42.37
N LEU C 227 -53.06 -49.24 42.83
CA LEU C 227 -51.77 -49.51 42.22
C LEU C 227 -50.88 -50.42 43.07
N ARG C 228 -50.25 -51.37 42.41
CA ARG C 228 -49.35 -52.29 43.08
C ARG C 228 -48.02 -52.23 42.35
N PRO C 229 -46.91 -52.48 43.05
CA PRO C 229 -45.63 -52.43 42.36
C PRO C 229 -45.57 -53.59 41.37
N LEU C 230 -44.88 -53.41 40.26
CA LEU C 230 -44.75 -54.47 39.26
C LEU C 230 -43.82 -55.55 39.79
N ALA C 231 -42.86 -55.15 40.64
CA ALA C 231 -41.90 -56.08 41.21
C ALA C 231 -42.52 -57.12 42.14
N SER C 232 -42.09 -58.36 41.98
CA SER C 232 -42.57 -59.45 42.82
C SER C 232 -41.95 -59.36 44.21
N SER C 233 -42.79 -59.26 45.24
CA SER C 233 -42.33 -59.17 46.63
C SER C 233 -41.40 -60.31 47.00
N ALA C 234 -41.82 -61.53 46.70
CA ALA C 234 -41.03 -62.72 47.00
C ALA C 234 -39.67 -62.63 46.33
N ALA C 235 -39.67 -62.16 45.09
CA ALA C 235 -38.44 -62.01 44.33
C ALA C 235 -37.54 -60.91 44.93
N MSE C 236 -38.16 -59.87 45.47
CA MSE C 236 -37.42 -58.77 46.07
C MSE C 236 -36.72 -59.26 47.34
O MSE C 236 -35.55 -58.95 47.57
CB MSE C 236 -38.34 -57.61 46.44
CG MSE C 236 -39.11 -57.02 45.27
SE MSE C 236 -37.92 -56.49 43.85
CE MSE C 236 -38.02 -58.07 42.71
N ALA C 237 -37.45 -60.03 48.15
CA ALA C 237 -36.92 -60.58 49.38
C ALA C 237 -35.73 -61.50 49.10
N GLN C 238 -35.88 -62.38 48.12
CA GLN C 238 -34.79 -63.30 47.78
C GLN C 238 -33.60 -62.53 47.22
N THR C 239 -33.88 -61.49 46.44
CA THR C 239 -32.81 -60.68 45.87
C THR C 239 -32.04 -59.96 46.96
N ALA C 240 -32.74 -59.33 47.91
CA ALA C 240 -32.08 -58.61 49.00
C ALA C 240 -31.16 -59.57 49.74
N ARG C 241 -31.69 -60.72 50.11
CA ARG C 241 -30.91 -61.73 50.81
C ARG C 241 -29.66 -62.09 49.99
N GLY C 242 -29.85 -62.26 48.68
CA GLY C 242 -28.72 -62.59 47.82
C GLY C 242 -27.69 -61.48 47.70
N LEU C 243 -28.09 -60.25 48.01
CA LEU C 243 -27.16 -59.12 47.93
C LEU C 243 -26.15 -59.16 49.07
N ARG C 244 -26.30 -60.12 49.97
CA ARG C 244 -25.39 -60.25 51.11
C ARG C 244 -24.19 -61.13 50.77
N SER C 245 -24.30 -61.91 49.70
CA SER C 245 -23.23 -62.82 49.31
C SER C 245 -21.90 -62.11 49.13
N ASP C 246 -20.83 -62.85 49.36
CA ASP C 246 -19.48 -62.31 49.24
C ASP C 246 -19.22 -61.87 47.79
N LEU C 247 -18.81 -60.62 47.62
CA LEU C 247 -18.57 -60.07 46.29
C LEU C 247 -17.08 -59.87 45.99
N VAL C 248 -16.22 -60.25 46.92
CA VAL C 248 -14.79 -60.09 46.73
C VAL C 248 -14.29 -60.85 45.50
N PRO C 249 -14.72 -62.11 45.31
CA PRO C 249 -14.29 -62.92 44.16
C PRO C 249 -14.47 -62.21 42.83
N ALA C 250 -15.67 -61.70 42.58
CA ALA C 250 -15.96 -60.99 41.34
C ALA C 250 -15.06 -59.78 41.09
N TYR C 251 -14.91 -58.92 42.09
CA TYR C 251 -14.08 -57.73 41.93
C TYR C 251 -12.61 -58.09 41.84
N ARG C 252 -12.25 -59.16 42.53
CA ARG C 252 -10.87 -59.63 42.56
C ARG C 252 -10.46 -60.27 41.25
N ASP C 253 -11.37 -61.00 40.61
CA ASP C 253 -11.03 -61.69 39.37
C ASP C 253 -11.30 -60.99 38.03
N VAL C 254 -12.23 -60.03 37.98
CA VAL C 254 -12.53 -59.35 36.72
C VAL C 254 -11.29 -58.87 35.99
N THR C 255 -11.26 -59.15 34.69
CA THR C 255 -10.12 -58.77 33.86
C THR C 255 -10.47 -57.61 32.92
N LYS C 256 -11.75 -57.27 32.84
CA LYS C 256 -12.18 -56.17 31.97
C LYS C 256 -12.21 -54.88 32.78
N PRO C 257 -12.08 -53.71 32.12
CA PRO C 257 -12.10 -52.44 32.85
C PRO C 257 -13.38 -52.18 33.66
N VAL C 258 -13.21 -51.71 34.88
CA VAL C 258 -14.35 -51.38 35.75
C VAL C 258 -14.16 -50.02 36.42
N LEU C 259 -15.14 -49.14 36.25
CA LEU C 259 -15.09 -47.82 36.87
C LEU C 259 -15.91 -47.93 38.13
N ILE C 260 -15.30 -47.59 39.26
CA ILE C 260 -16.00 -47.66 40.53
C ILE C 260 -16.56 -46.28 40.88
N VAL C 261 -17.86 -46.21 41.06
CA VAL C 261 -18.50 -44.95 41.37
C VAL C 261 -19.24 -45.04 42.71
N ARG C 262 -18.89 -44.17 43.65
CA ARG C 262 -19.58 -44.16 44.94
C ARG C 262 -20.15 -42.78 45.25
N GLY C 263 -21.34 -42.75 45.83
CA GLY C 263 -21.93 -41.48 46.23
C GLY C 263 -21.24 -41.07 47.52
N GLU C 264 -20.71 -39.86 47.59
CA GLU C 264 -20.01 -39.41 48.79
C GLU C 264 -20.76 -39.62 50.10
N SER C 265 -22.07 -39.39 50.11
CA SER C 265 -22.83 -39.58 51.33
C SER C 265 -23.66 -40.86 51.31
N SER C 266 -23.24 -41.81 50.48
CA SER C 266 -23.94 -43.08 50.38
C SER C 266 -23.98 -43.83 51.73
N LYS C 267 -25.11 -44.44 52.02
CA LYS C 267 -25.26 -45.20 53.24
C LYS C 267 -25.16 -46.71 52.94
N LEU C 268 -25.09 -47.04 51.65
CA LEU C 268 -24.97 -48.44 51.26
C LEU C 268 -23.48 -48.78 51.19
N VAL C 269 -22.75 -48.01 50.39
CA VAL C 269 -21.31 -48.21 50.25
C VAL C 269 -20.61 -47.15 51.09
N SER C 270 -20.13 -47.55 52.25
CA SER C 270 -19.44 -46.64 53.16
C SER C 270 -18.05 -46.31 52.61
N ALA C 271 -17.48 -45.21 53.07
CA ALA C 271 -16.14 -44.83 52.64
C ALA C 271 -15.16 -45.97 52.99
N ALA C 272 -15.44 -46.66 54.09
CA ALA C 272 -14.59 -47.77 54.54
C ALA C 272 -14.64 -48.95 53.57
N ALA C 273 -15.83 -49.24 53.05
CA ALA C 273 -15.95 -50.35 52.09
C ALA C 273 -15.17 -50.00 50.83
N LEU C 274 -15.31 -48.75 50.38
CA LEU C 274 -14.62 -48.32 49.17
C LEU C 274 -13.11 -48.45 49.34
N ALA C 275 -12.59 -47.99 50.49
CA ALA C 275 -11.15 -48.04 50.75
C ALA C 275 -10.64 -49.49 50.66
N LYS C 276 -11.41 -50.42 51.24
CA LYS C 276 -11.05 -51.83 51.21
C LYS C 276 -11.05 -52.37 49.79
N THR C 277 -12.04 -51.95 49.00
CA THR C 277 -12.15 -52.36 47.61
C THR C 277 -10.92 -51.90 46.83
N SER C 278 -10.53 -50.65 47.04
CA SER C 278 -9.37 -50.10 46.35
C SER C 278 -8.07 -50.76 46.78
N ARG C 279 -8.05 -51.34 47.97
CA ARG C 279 -6.84 -52.01 48.44
C ARG C 279 -6.80 -53.37 47.74
N LEU C 280 -7.98 -53.92 47.49
CA LEU C 280 -8.11 -55.20 46.82
C LEU C 280 -7.73 -55.04 45.34
N ARG C 281 -8.17 -53.95 44.72
CA ARG C 281 -7.89 -53.66 43.32
C ARG C 281 -7.52 -52.19 43.12
N PRO C 282 -6.32 -51.79 43.55
CA PRO C 282 -5.87 -50.40 43.40
C PRO C 282 -5.82 -49.90 41.96
N ASP C 283 -5.89 -50.83 41.01
CA ASP C 283 -5.82 -50.47 39.59
C ASP C 283 -7.14 -49.95 39.03
N LEU C 284 -8.25 -50.34 39.63
CA LEU C 284 -9.55 -49.88 39.15
C LEU C 284 -9.79 -48.41 39.43
N PRO C 285 -10.09 -47.62 38.38
CA PRO C 285 -10.33 -46.18 38.57
C PRO C 285 -11.57 -45.97 39.44
N VAL C 286 -11.51 -44.92 40.27
CA VAL C 286 -12.58 -44.58 41.21
C VAL C 286 -13.06 -43.13 41.09
N VAL C 287 -14.37 -42.95 41.23
CA VAL C 287 -14.98 -41.63 41.19
C VAL C 287 -15.94 -41.54 42.38
N VAL C 288 -15.73 -40.54 43.23
CA VAL C 288 -16.59 -40.33 44.40
C VAL C 288 -17.39 -39.06 44.13
N VAL C 289 -18.71 -39.18 43.99
CA VAL C 289 -19.55 -38.03 43.67
C VAL C 289 -20.05 -37.22 44.86
N PRO C 290 -19.50 -36.02 45.06
CA PRO C 290 -19.90 -35.16 46.18
C PRO C 290 -21.37 -34.75 46.07
N GLY C 291 -22.06 -34.74 47.21
CA GLY C 291 -23.46 -34.34 47.23
C GLY C 291 -24.44 -35.45 46.88
N ALA C 292 -23.93 -36.63 46.52
CA ALA C 292 -24.81 -37.73 46.16
C ALA C 292 -24.83 -38.81 47.22
N ASP C 293 -25.99 -39.41 47.40
CA ASP C 293 -26.14 -40.50 48.35
C ASP C 293 -26.04 -41.77 47.53
N HIS C 294 -26.74 -42.82 47.96
CA HIS C 294 -26.72 -44.10 47.26
C HIS C 294 -27.19 -44.00 45.82
N TYR C 295 -28.21 -43.17 45.59
CA TYR C 295 -28.80 -42.99 44.26
C TYR C 295 -28.02 -41.96 43.45
N VAL C 296 -26.80 -42.33 43.08
CA VAL C 296 -25.91 -41.45 42.35
C VAL C 296 -26.40 -40.91 41.00
N ASN C 297 -26.75 -41.80 40.07
CA ASN C 297 -27.19 -41.37 38.74
C ASN C 297 -28.44 -40.50 38.68
N GLU C 298 -29.35 -40.66 39.62
CA GLU C 298 -30.56 -39.85 39.63
C GLU C 298 -30.38 -38.53 40.38
N VAL C 299 -29.53 -38.53 41.41
CA VAL C 299 -29.27 -37.33 42.20
C VAL C 299 -28.20 -36.43 41.58
N SER C 300 -27.26 -37.02 40.85
CA SER C 300 -26.19 -36.26 40.21
C SER C 300 -26.05 -36.72 38.78
N PRO C 301 -27.06 -36.43 37.95
CA PRO C 301 -27.06 -36.83 36.54
C PRO C 301 -25.91 -36.30 35.72
N GLU C 302 -25.54 -35.04 35.92
CA GLU C 302 -24.45 -34.42 35.15
C GLU C 302 -23.07 -35.00 35.44
N ILE C 303 -22.72 -35.09 36.72
CA ILE C 303 -21.42 -35.63 37.08
C ILE C 303 -21.36 -37.10 36.69
N THR C 304 -22.49 -37.79 36.76
CA THR C 304 -22.53 -39.20 36.40
C THR C 304 -22.21 -39.37 34.92
N LEU C 305 -22.86 -38.57 34.08
CA LEU C 305 -22.64 -38.63 32.64
C LEU C 305 -21.18 -38.36 32.33
N LYS C 306 -20.67 -37.25 32.85
CA LYS C 306 -19.28 -36.87 32.63
C LYS C 306 -18.34 -37.97 33.12
N ALA C 307 -18.67 -38.56 34.27
CA ALA C 307 -17.85 -39.64 34.83
C ALA C 307 -17.85 -40.84 33.86
N ILE C 308 -19.01 -41.16 33.31
CA ILE C 308 -19.10 -42.27 32.36
C ILE C 308 -18.29 -41.98 31.10
N THR C 309 -18.47 -40.80 30.52
CA THR C 309 -17.75 -40.45 29.31
C THR C 309 -16.23 -40.41 29.51
N ASN C 310 -15.77 -39.83 30.61
CA ASN C 310 -14.33 -39.78 30.87
C ASN C 310 -13.76 -41.19 30.91
N PHE C 311 -14.62 -42.17 31.13
CA PHE C 311 -14.21 -43.57 31.23
C PHE C 311 -14.20 -44.30 29.89
N ILE C 312 -15.37 -44.39 29.25
CA ILE C 312 -15.49 -45.08 27.98
C ILE C 312 -14.82 -44.40 26.76
N ASP C 313 -14.60 -43.09 26.83
CA ASP C 313 -13.98 -42.41 25.70
C ASP C 313 -12.47 -42.23 25.80
N ALA C 314 -11.87 -42.70 26.88
CA ALA C 314 -10.42 -42.55 27.04
C ALA C 314 -9.63 -43.28 25.93
N HIS D 47 -18.66 55.75 11.96
CA HIS D 47 -18.42 56.27 13.33
C HIS D 47 -16.95 56.65 13.55
N PHE D 48 -16.25 57.02 12.49
CA PHE D 48 -14.84 57.38 12.62
C PHE D 48 -14.59 58.88 12.65
N ILE D 49 -13.68 59.30 13.52
CA ILE D 49 -13.32 60.71 13.66
C ILE D 49 -11.94 60.94 13.06
N SER D 50 -11.82 62.02 12.28
CA SER D 50 -10.55 62.34 11.64
C SER D 50 -9.87 63.59 12.21
N ARG D 51 -8.62 63.44 12.62
CA ARG D 51 -7.87 64.55 13.16
C ARG D 51 -6.38 64.45 12.84
N ARG D 52 -5.75 65.61 12.64
CA ARG D 52 -4.33 65.66 12.33
C ARG D 52 -3.50 65.67 13.60
N VAL D 53 -2.65 64.64 13.74
CA VAL D 53 -1.79 64.50 14.91
C VAL D 53 -0.36 64.96 14.65
N ASP D 54 0.07 65.99 15.38
CA ASP D 54 1.43 66.49 15.23
C ASP D 54 2.33 65.56 16.05
N ILE D 55 3.09 64.72 15.37
CA ILE D 55 3.98 63.81 16.07
C ILE D 55 5.40 64.37 16.18
N GLY D 56 5.54 65.67 15.96
CA GLY D 56 6.83 66.31 16.06
C GLY D 56 7.56 66.44 14.74
N ARG D 57 8.00 65.30 14.20
CA ARG D 57 8.70 65.28 12.93
C ARG D 57 7.76 65.62 11.78
N ILE D 58 6.45 65.60 12.03
CA ILE D 58 5.46 65.87 11.00
C ILE D 58 4.06 65.67 11.59
N THR D 59 3.02 66.13 10.89
CA THR D 59 1.65 65.93 11.38
C THR D 59 0.91 65.03 10.40
N LEU D 60 0.28 63.97 10.90
CA LEU D 60 -0.45 63.03 10.07
C LEU D 60 -1.94 62.97 10.36
N ASN D 61 -2.75 63.03 9.32
CA ASN D 61 -4.21 62.92 9.50
C ASN D 61 -4.47 61.49 9.94
N VAL D 62 -5.50 61.30 10.76
CA VAL D 62 -5.81 59.98 11.28
C VAL D 62 -7.30 59.73 11.50
N ARG D 63 -7.73 58.48 11.25
CA ARG D 63 -9.13 58.04 11.45
C ARG D 63 -9.17 57.15 12.68
N GLU D 64 -9.87 57.58 13.72
CA GLU D 64 -9.96 56.83 14.96
C GLU D 64 -11.36 56.31 15.30
N LYS D 65 -11.40 55.24 16.09
CA LYS D 65 -12.65 54.64 16.49
C LYS D 65 -12.42 53.45 17.43
N GLY D 66 -13.23 53.37 18.48
CA GLY D 66 -13.13 52.26 19.42
C GLY D 66 -12.33 52.49 20.70
N SER D 67 -12.06 51.39 21.39
CA SER D 67 -11.31 51.43 22.63
C SER D 67 -10.67 50.05 22.83
N GLY D 68 -9.61 49.99 23.62
CA GLY D 68 -8.93 48.72 23.84
C GLY D 68 -7.52 48.79 23.27
N PRO D 69 -6.78 47.68 23.23
CA PRO D 69 -5.41 47.68 22.70
C PRO D 69 -5.33 48.36 21.33
N LEU D 70 -4.32 49.22 21.17
CA LEU D 70 -4.09 49.96 19.93
C LEU D 70 -3.82 49.07 18.71
N MSE D 71 -4.37 49.47 17.57
CA MSE D 71 -4.19 48.74 16.33
C MSE D 71 -4.13 49.77 15.21
O MSE D 71 -5.09 50.47 14.95
CB MSE D 71 -5.37 47.78 16.10
CG MSE D 71 -5.16 46.80 14.96
SE MSE D 71 -6.47 45.35 14.93
CE MSE D 71 -5.53 44.07 16.03
N LEU D 72 -2.96 49.86 14.58
CA LEU D 72 -2.76 50.85 13.51
C LEU D 72 -2.82 50.23 12.11
N PHE D 73 -3.51 50.90 11.20
CA PHE D 73 -3.65 50.40 9.83
C PHE D 73 -2.94 51.29 8.82
N PHE D 74 -2.15 50.69 7.94
CA PHE D 74 -1.42 51.46 6.92
C PHE D 74 -1.71 51.03 5.48
N HIS D 75 -2.10 52.01 4.67
CA HIS D 75 -2.47 51.83 3.27
C HIS D 75 -1.32 51.60 2.27
N GLY D 76 -1.69 51.28 1.04
CA GLY D 76 -0.73 51.07 -0.02
C GLY D 76 -0.39 52.39 -0.70
N ILE D 77 0.62 52.39 -1.56
CA ILE D 77 1.03 53.62 -2.25
C ILE D 77 -0.13 54.26 -3.05
N THR D 78 -0.23 55.59 -2.94
CA THR D 78 -1.25 56.42 -3.58
C THR D 78 -2.64 56.20 -2.99
N SER D 79 -2.73 55.35 -1.98
CA SER D 79 -4.01 55.08 -1.33
C SER D 79 -4.13 55.96 -0.07
N ASN D 80 -5.12 55.65 0.78
CA ASN D 80 -5.30 56.41 2.01
C ASN D 80 -6.05 55.60 3.07
N SER D 81 -6.09 56.13 4.29
CA SER D 81 -6.73 55.48 5.44
C SER D 81 -8.17 55.01 5.29
N ALA D 82 -8.97 55.78 4.56
CA ALA D 82 -10.38 55.45 4.39
C ALA D 82 -10.67 54.01 3.95
N VAL D 83 -9.75 53.40 3.21
CA VAL D 83 -9.97 52.04 2.73
C VAL D 83 -10.05 51.02 3.86
N PHE D 84 -9.60 51.42 5.05
CA PHE D 84 -9.62 50.48 6.18
C PHE D 84 -10.87 50.52 7.05
N GLU D 85 -11.77 51.47 6.81
CA GLU D 85 -12.98 51.56 7.62
C GLU D 85 -13.84 50.29 7.69
N PRO D 86 -14.07 49.63 6.54
CA PRO D 86 -14.89 48.41 6.59
C PRO D 86 -14.31 47.30 7.47
N LEU D 87 -12.98 47.22 7.54
CA LEU D 87 -12.31 46.20 8.34
C LEU D 87 -12.24 46.62 9.81
N MSE D 88 -11.86 47.86 10.07
CA MSE D 88 -11.77 48.37 11.43
C MSE D 88 -13.06 48.24 12.21
O MSE D 88 -13.08 47.72 13.33
CB MSE D 88 -11.36 49.85 11.39
CG MSE D 88 -9.90 50.11 11.10
SE MSE D 88 -9.57 51.96 10.62
CE MSE D 88 -9.77 52.80 12.33
N ILE D 89 -14.15 48.71 11.62
CA ILE D 89 -15.46 48.66 12.27
C ILE D 89 -15.81 47.25 12.75
N ARG D 90 -15.13 46.24 12.19
CA ARG D 90 -15.36 44.85 12.58
C ARG D 90 -14.52 44.48 13.81
N LEU D 91 -13.58 45.36 14.18
CA LEU D 91 -12.69 45.12 15.30
C LEU D 91 -12.72 46.24 16.33
N SER D 92 -13.47 47.29 16.04
CA SER D 92 -13.57 48.45 16.94
C SER D 92 -14.12 48.19 18.33
N ASP D 93 -14.94 47.16 18.45
CA ASP D 93 -15.53 46.82 19.73
C ASP D 93 -14.54 46.32 20.77
N ARG D 94 -13.41 45.76 20.34
CA ARG D 94 -12.42 45.26 21.29
C ARG D 94 -11.00 45.76 21.05
N PHE D 95 -10.85 46.66 20.08
CA PHE D 95 -9.55 47.24 19.77
C PHE D 95 -9.74 48.71 19.44
N THR D 96 -8.72 49.51 19.75
CA THR D 96 -8.78 50.92 19.40
C THR D 96 -8.18 50.96 18.00
N THR D 97 -9.05 50.90 16.99
CA THR D 97 -8.63 50.88 15.61
C THR D 97 -8.35 52.28 15.07
N ILE D 98 -7.12 52.48 14.57
CA ILE D 98 -6.73 53.76 14.00
C ILE D 98 -6.03 53.56 12.64
N ALA D 99 -6.59 54.20 11.61
CA ALA D 99 -6.04 54.12 10.27
C ALA D 99 -5.28 55.41 10.05
N VAL D 100 -4.09 55.29 9.46
CA VAL D 100 -3.22 56.44 9.24
C VAL D 100 -2.93 56.83 7.79
N ASP D 101 -3.10 58.12 7.50
CA ASP D 101 -2.76 58.63 6.18
C ASP D 101 -1.25 58.82 6.34
N GLN D 102 -0.44 58.12 5.55
CA GLN D 102 1.00 58.27 5.69
C GLN D 102 1.52 59.51 4.98
N ARG D 103 2.72 59.94 5.34
CA ARG D 103 3.31 61.13 4.74
C ARG D 103 3.15 61.13 3.23
N GLY D 104 2.80 62.29 2.69
CA GLY D 104 2.61 62.43 1.26
C GLY D 104 1.24 62.01 0.77
N HIS D 105 0.48 61.31 1.59
CA HIS D 105 -0.85 60.84 1.19
C HIS D 105 -2.00 61.53 1.93
N GLY D 106 -3.20 61.27 1.45
CA GLY D 106 -4.41 61.81 2.06
C GLY D 106 -4.35 63.23 2.57
N LEU D 107 -4.67 63.41 3.84
CA LEU D 107 -4.70 64.72 4.46
C LEU D 107 -3.47 65.03 5.32
N SER D 108 -2.44 64.19 5.25
CA SER D 108 -1.23 64.40 6.04
C SER D 108 -0.28 65.38 5.37
N ASP D 109 0.82 65.70 6.04
CA ASP D 109 1.81 66.60 5.48
C ASP D 109 2.45 65.89 4.30
N LYS D 110 2.97 66.69 3.37
CA LYS D 110 3.61 66.15 2.19
C LYS D 110 4.90 66.93 1.91
N PRO D 111 5.94 66.65 2.71
CA PRO D 111 7.25 67.29 2.58
C PRO D 111 7.85 67.05 1.21
N GLU D 112 8.75 67.94 0.81
CA GLU D 112 9.42 67.87 -0.49
C GLU D 112 10.16 66.55 -0.72
N THR D 113 10.76 66.02 0.35
CA THR D 113 11.50 64.78 0.23
C THR D 113 11.46 63.98 1.52
N GLY D 114 12.08 62.80 1.50
CA GLY D 114 12.09 61.94 2.66
C GLY D 114 11.03 60.85 2.59
N TYR D 115 11.06 60.05 1.54
CA TYR D 115 10.09 58.98 1.37
C TYR D 115 10.70 57.58 1.30
N GLU D 116 11.78 57.38 2.04
CA GLU D 116 12.46 56.09 2.10
C GLU D 116 11.79 55.26 3.21
N ALA D 117 12.13 53.98 3.29
CA ALA D 117 11.57 53.10 4.30
C ALA D 117 11.84 53.64 5.71
N ASN D 118 13.01 54.25 5.91
CA ASN D 118 13.35 54.79 7.22
C ASN D 118 12.45 55.93 7.65
N ASP D 119 12.13 56.81 6.71
CA ASP D 119 11.29 57.96 7.01
C ASP D 119 9.89 57.49 7.43
N TYR D 120 9.32 56.54 6.69
CA TYR D 120 7.98 56.03 7.03
C TYR D 120 8.00 55.34 8.39
N ALA D 121 9.00 54.50 8.62
CA ALA D 121 9.12 53.77 9.88
C ALA D 121 9.20 54.69 11.10
N ASP D 122 9.98 55.78 10.99
CA ASP D 122 10.09 56.73 12.10
C ASP D 122 8.72 57.34 12.36
N ASP D 123 7.95 57.56 11.30
CA ASP D 123 6.61 58.12 11.43
C ASP D 123 5.78 57.23 12.33
N ILE D 124 5.83 55.93 12.07
CA ILE D 124 5.06 54.97 12.85
C ILE D 124 5.49 55.08 14.31
N ALA D 125 6.79 54.99 14.57
CA ALA D 125 7.30 55.09 15.93
C ALA D 125 6.83 56.40 16.56
N GLY D 126 6.94 57.49 15.79
CA GLY D 126 6.51 58.78 16.28
C GLY D 126 5.06 58.80 16.69
N LEU D 127 4.20 58.12 15.93
CA LEU D 127 2.77 58.10 16.25
C LEU D 127 2.50 57.29 17.51
N ILE D 128 3.11 56.10 17.60
CA ILE D 128 2.93 55.24 18.76
C ILE D 128 3.31 55.96 20.04
N ARG D 129 4.35 56.81 19.98
CA ARG D 129 4.79 57.56 21.15
C ARG D 129 3.78 58.66 21.48
N THR D 130 3.41 59.42 20.46
CA THR D 130 2.47 60.52 20.62
C THR D 130 1.07 60.09 21.06
N LEU D 131 0.64 58.89 20.69
CA LEU D 131 -0.68 58.40 21.08
C LEU D 131 -0.68 57.88 22.51
N ALA D 132 0.50 57.45 22.97
CA ALA D 132 0.66 56.94 24.33
C ALA D 132 -0.38 55.95 24.82
N ARG D 133 -0.74 54.97 23.98
CA ARG D 133 -1.73 53.98 24.37
C ARG D 133 -1.12 52.59 24.39
N GLY D 134 0.15 52.50 24.78
CA GLY D 134 0.83 51.23 24.83
C GLY D 134 1.31 50.80 23.47
N HIS D 135 1.97 49.64 23.40
CA HIS D 135 2.46 49.16 22.13
C HIS D 135 1.30 49.00 21.15
N ALA D 136 1.63 48.90 19.86
CA ALA D 136 0.59 48.79 18.83
C ALA D 136 0.70 47.58 17.93
N ILE D 137 -0.44 47.07 17.50
CA ILE D 137 -0.44 45.98 16.54
C ILE D 137 -0.46 46.74 15.21
N LEU D 138 0.40 46.33 14.29
CA LEU D 138 0.48 47.00 13.00
C LEU D 138 0.01 46.11 11.86
N VAL D 139 -1.02 46.58 11.16
CA VAL D 139 -1.55 45.86 10.00
C VAL D 139 -1.38 46.80 8.80
N GLY D 140 -0.52 46.40 7.87
CA GLY D 140 -0.25 47.21 6.71
C GLY D 140 -0.41 46.47 5.40
N HIS D 141 -0.76 47.23 4.36
CA HIS D 141 -0.93 46.68 3.03
C HIS D 141 0.12 47.26 2.09
N SER D 142 0.93 46.37 1.50
CA SER D 142 1.97 46.76 0.56
C SER D 142 2.92 47.80 1.16
N LEU D 143 2.86 49.05 0.69
CA LEU D 143 3.72 50.08 1.25
C LEU D 143 3.60 50.02 2.78
N GLY D 144 2.37 49.91 3.26
CA GLY D 144 2.14 49.84 4.69
C GLY D 144 2.75 48.61 5.35
N ALA D 145 2.74 47.49 4.64
CA ALA D 145 3.32 46.27 5.18
C ALA D 145 4.84 46.45 5.29
N ARG D 146 5.44 47.04 4.26
CA ARG D 146 6.88 47.25 4.28
C ARG D 146 7.25 48.19 5.42
N ASN D 147 6.50 49.28 5.56
CA ASN D 147 6.79 50.25 6.61
C ASN D 147 6.70 49.60 8.01
N SER D 148 5.71 48.74 8.20
CA SER D 148 5.49 48.08 9.49
C SER D 148 6.61 47.14 9.95
N VAL D 149 6.99 46.20 9.10
CA VAL D 149 8.05 45.28 9.45
C VAL D 149 9.34 46.06 9.71
N THR D 150 9.56 47.13 8.96
CA THR D 150 10.74 47.96 9.16
C THR D 150 10.68 48.62 10.54
N ALA D 151 9.53 49.19 10.88
CA ALA D 151 9.34 49.84 12.17
C ALA D 151 9.48 48.83 13.29
N ALA D 152 8.89 47.65 13.11
CA ALA D 152 8.93 46.58 14.09
C ALA D 152 10.34 46.07 14.35
N ALA D 153 11.17 46.03 13.31
CA ALA D 153 12.54 45.55 13.48
C ALA D 153 13.39 46.62 14.16
N LYS D 154 13.04 47.89 13.94
CA LYS D 154 13.78 49.01 14.51
C LYS D 154 13.32 49.43 15.91
N TYR D 155 12.03 49.36 16.19
CA TYR D 155 11.50 49.72 17.50
C TYR D 155 10.65 48.58 18.03
N PRO D 156 11.28 47.45 18.39
CA PRO D 156 10.58 46.28 18.92
C PRO D 156 9.69 46.52 20.14
N ASP D 157 10.04 47.51 20.95
CA ASP D 157 9.28 47.83 22.14
C ASP D 157 7.94 48.51 21.87
N LEU D 158 7.90 49.31 20.81
CA LEU D 158 6.67 50.01 20.49
C LEU D 158 5.71 49.11 19.71
N VAL D 159 6.20 47.98 19.20
CA VAL D 159 5.35 47.11 18.40
C VAL D 159 5.04 45.74 19.00
N ARG D 160 3.75 45.43 19.10
CA ARG D 160 3.31 44.15 19.63
C ARG D 160 3.44 43.09 18.54
N SER D 161 2.83 43.35 17.38
CA SER D 161 2.90 42.41 16.26
C SER D 161 2.59 43.08 14.92
N VAL D 162 2.73 42.31 13.85
CA VAL D 162 2.49 42.84 12.52
C VAL D 162 1.80 41.90 11.55
N VAL D 163 0.81 42.44 10.85
CA VAL D 163 0.11 41.70 9.81
C VAL D 163 0.61 42.35 8.52
N ALA D 164 1.55 41.70 7.84
CA ALA D 164 2.12 42.24 6.61
C ALA D 164 1.34 41.76 5.39
N ILE D 165 0.48 42.62 4.86
CA ILE D 165 -0.33 42.25 3.72
C ILE D 165 0.30 42.57 2.37
N ASP D 166 0.68 41.49 1.69
CA ASP D 166 1.27 41.55 0.37
C ASP D 166 2.46 42.46 0.10
N PHE D 167 3.55 42.21 0.80
CA PHE D 167 4.80 42.92 0.59
C PHE D 167 5.89 42.24 1.39
N THR D 168 6.75 41.54 0.67
CA THR D 168 7.84 40.79 1.27
C THR D 168 9.15 41.18 0.61
N PRO D 169 10.26 40.55 1.06
CA PRO D 169 11.54 40.88 0.42
C PRO D 169 11.54 40.05 -0.86
N TYR D 170 12.59 40.16 -1.66
CA TYR D 170 12.74 39.40 -2.91
C TYR D 170 11.78 39.72 -4.04
N ILE D 171 11.11 40.87 -4.00
CA ILE D 171 10.21 41.21 -5.09
C ILE D 171 11.05 41.49 -6.34
N GLU D 172 10.71 40.84 -7.45
CA GLU D 172 11.45 41.02 -8.69
C GLU D 172 11.37 42.42 -9.33
N THR D 173 12.48 42.83 -9.96
CA THR D 173 12.59 44.13 -10.62
C THR D 173 11.40 44.43 -11.52
N GLU D 174 11.01 43.44 -12.31
CA GLU D 174 9.89 43.57 -13.24
C GLU D 174 8.61 44.01 -12.51
N ALA D 175 8.39 43.45 -11.31
CA ALA D 175 7.21 43.78 -10.54
C ALA D 175 7.32 45.19 -9.99
N LEU D 176 8.51 45.56 -9.53
CA LEU D 176 8.71 46.89 -8.99
C LEU D 176 8.65 47.93 -10.13
N ASP D 177 9.10 47.54 -11.31
CA ASP D 177 9.05 48.44 -12.47
C ASP D 177 7.60 48.73 -12.81
N ALA D 178 6.76 47.69 -12.78
CA ALA D 178 5.34 47.83 -13.09
C ALA D 178 4.62 48.66 -12.05
N LEU D 179 4.99 48.48 -10.78
CA LEU D 179 4.37 49.26 -9.70
C LEU D 179 4.73 50.72 -9.94
N GLU D 180 6.00 50.97 -10.24
CA GLU D 180 6.48 52.31 -10.50
C GLU D 180 5.76 52.95 -11.69
N ALA D 181 5.62 52.19 -12.78
CA ALA D 181 4.95 52.70 -13.96
C ALA D 181 3.50 53.01 -13.61
N ARG D 182 2.83 52.05 -12.97
CA ARG D 182 1.43 52.21 -12.58
C ARG D 182 1.24 53.49 -11.78
N VAL D 183 2.04 53.66 -10.72
CA VAL D 183 1.96 54.84 -9.88
C VAL D 183 2.09 56.16 -10.63
N ASN D 184 2.98 56.22 -11.61
CA ASN D 184 3.20 57.45 -12.37
C ASN D 184 2.14 57.75 -13.42
N ALA D 185 1.27 56.79 -13.68
CA ALA D 185 0.22 56.96 -14.67
C ALA D 185 -1.12 57.26 -13.99
N GLY D 186 -1.06 57.91 -12.83
CA GLY D 186 -2.30 58.19 -12.11
C GLY D 186 -2.58 59.61 -11.66
N SER D 187 -1.54 60.41 -11.44
CA SER D 187 -1.75 61.79 -11.01
C SER D 187 -2.46 62.61 -12.09
N GLN D 188 -3.77 62.80 -11.95
CA GLN D 188 -4.51 63.57 -12.94
C GLN D 188 -5.58 64.52 -12.41
N LEU D 189 -6.37 65.04 -13.34
CA LEU D 189 -7.43 65.99 -13.02
C LEU D 189 -8.74 65.52 -13.61
N PHE D 190 -9.68 65.16 -12.75
CA PHE D 190 -10.99 64.70 -13.20
C PHE D 190 -12.05 65.75 -13.06
N GLU D 191 -13.11 65.60 -13.84
CA GLU D 191 -14.21 66.55 -13.82
C GLU D 191 -15.06 66.41 -12.56
N ASP D 192 -15.46 65.17 -12.24
CA ASP D 192 -16.27 64.90 -11.06
C ASP D 192 -16.01 63.51 -10.45
N ILE D 193 -16.75 63.19 -9.39
CA ILE D 193 -16.61 61.93 -8.69
C ILE D 193 -16.93 60.72 -9.56
N LYS D 194 -17.98 60.81 -10.38
CA LYS D 194 -18.37 59.71 -11.27
C LYS D 194 -17.22 59.31 -12.18
N ALA D 195 -16.45 60.29 -12.63
CA ALA D 195 -15.32 60.05 -13.50
C ALA D 195 -14.20 59.34 -12.72
N VAL D 196 -13.96 59.79 -11.49
CA VAL D 196 -12.94 59.19 -10.66
C VAL D 196 -13.31 57.73 -10.40
N GLU D 197 -14.58 57.50 -10.05
CA GLU D 197 -15.06 56.14 -9.79
C GLU D 197 -14.84 55.23 -10.99
N ALA D 198 -15.20 55.72 -12.17
CA ALA D 198 -15.05 54.94 -13.40
C ALA D 198 -13.56 54.66 -13.69
N TYR D 199 -12.70 55.63 -13.42
CA TYR D 199 -11.27 55.46 -13.65
C TYR D 199 -10.69 54.37 -12.75
N LEU D 200 -10.94 54.48 -11.44
CA LEU D 200 -10.43 53.53 -10.47
C LEU D 200 -10.91 52.11 -10.71
N ALA D 201 -12.13 51.97 -11.22
CA ALA D 201 -12.67 50.65 -11.50
C ALA D 201 -11.81 49.92 -12.52
N GLY D 202 -11.33 50.64 -13.53
CA GLY D 202 -10.49 50.01 -14.54
C GLY D 202 -9.05 49.83 -14.09
N ARG D 203 -8.64 50.68 -13.16
CA ARG D 203 -7.29 50.65 -12.62
C ARG D 203 -7.16 49.52 -11.58
N TYR D 204 -8.27 49.15 -10.97
CA TYR D 204 -8.29 48.08 -9.98
C TYR D 204 -9.50 47.17 -10.28
N PRO D 205 -9.46 46.48 -11.43
CA PRO D 205 -10.53 45.57 -11.88
C PRO D 205 -11.16 44.60 -10.87
N ASN D 206 -10.37 44.07 -9.93
CA ASN D 206 -10.89 43.11 -8.97
C ASN D 206 -11.44 43.68 -7.68
N ILE D 207 -11.20 44.96 -7.44
CA ILE D 207 -11.70 45.58 -6.23
C ILE D 207 -13.21 45.84 -6.34
N PRO D 208 -13.98 45.38 -5.33
CA PRO D 208 -15.43 45.57 -5.34
C PRO D 208 -15.86 47.02 -5.45
N ALA D 209 -17.00 47.24 -6.12
CA ALA D 209 -17.57 48.56 -6.34
C ALA D 209 -17.63 49.42 -5.07
N ASP D 210 -18.07 48.82 -3.97
CA ASP D 210 -18.16 49.55 -2.71
C ASP D 210 -16.80 50.07 -2.26
N ALA D 211 -15.76 49.26 -2.48
CA ALA D 211 -14.41 49.65 -2.10
C ALA D 211 -13.92 50.75 -3.03
N ILE D 212 -14.26 50.64 -4.31
CA ILE D 212 -13.88 51.64 -5.30
C ILE D 212 -14.50 52.98 -4.88
N ARG D 213 -15.76 52.94 -4.48
CA ARG D 213 -16.46 54.15 -4.05
C ARG D 213 -15.68 54.85 -2.95
N ILE D 214 -15.24 54.09 -1.96
CA ILE D 214 -14.47 54.62 -0.85
C ILE D 214 -13.19 55.30 -1.30
N ARG D 215 -12.43 54.64 -2.18
CA ARG D 215 -11.20 55.21 -2.69
C ARG D 215 -11.49 56.53 -3.44
N ALA D 216 -12.55 56.54 -4.22
CA ALA D 216 -12.91 57.72 -4.98
C ALA D 216 -13.32 58.90 -4.12
N GLU D 217 -14.14 58.65 -3.10
CA GLU D 217 -14.62 59.71 -2.22
C GLU D 217 -13.57 60.22 -1.23
N SER D 218 -12.58 59.39 -0.91
CA SER D 218 -11.56 59.79 0.06
C SER D 218 -10.21 60.18 -0.52
N GLY D 219 -9.87 59.64 -1.69
CA GLY D 219 -8.57 59.94 -2.26
C GLY D 219 -8.45 61.15 -3.15
N TYR D 220 -9.58 61.78 -3.48
CA TYR D 220 -9.54 62.94 -4.36
C TYR D 220 -10.17 64.17 -3.73
N GLN D 221 -9.60 65.33 -4.02
CA GLN D 221 -10.07 66.60 -3.48
C GLN D 221 -10.49 67.60 -4.55
N PRO D 222 -11.46 68.47 -4.24
CA PRO D 222 -11.86 69.44 -5.28
C PRO D 222 -10.87 70.60 -5.28
N VAL D 223 -10.34 70.92 -6.45
CA VAL D 223 -9.40 72.02 -6.59
C VAL D 223 -9.72 72.80 -7.85
N ASP D 224 -8.89 73.80 -8.13
CA ASP D 224 -9.06 74.60 -9.33
C ASP D 224 -8.99 73.66 -10.54
N GLY D 225 -10.13 73.47 -11.22
CA GLY D 225 -10.17 72.60 -12.37
C GLY D 225 -10.99 71.32 -12.22
N GLY D 226 -11.23 70.90 -10.99
CA GLY D 226 -12.01 69.69 -10.76
C GLY D 226 -11.44 68.90 -9.59
N LEU D 227 -11.34 67.58 -9.74
CA LEU D 227 -10.81 66.74 -8.67
C LEU D 227 -9.40 66.28 -9.00
N ARG D 228 -8.52 66.36 -8.00
CA ARG D 228 -7.13 65.95 -8.13
C ARG D 228 -6.81 65.03 -6.96
N PRO D 229 -5.90 64.05 -7.17
CA PRO D 229 -5.55 63.14 -6.10
C PRO D 229 -4.95 63.91 -4.93
N LEU D 230 -5.27 63.51 -3.71
CA LEU D 230 -4.72 64.18 -2.54
C LEU D 230 -3.20 63.92 -2.47
N ALA D 231 -2.79 62.74 -2.93
CA ALA D 231 -1.37 62.36 -2.91
C ALA D 231 -0.46 63.23 -3.76
N SER D 232 0.69 63.54 -3.21
CA SER D 232 1.69 64.33 -3.93
C SER D 232 2.33 63.39 -4.94
N SER D 233 2.15 63.68 -6.23
CA SER D 233 2.73 62.83 -7.27
C SER D 233 4.25 62.77 -7.12
N ALA D 234 4.87 63.89 -6.79
CA ALA D 234 6.32 63.91 -6.60
C ALA D 234 6.67 62.98 -5.46
N ALA D 235 5.84 63.00 -4.42
CA ALA D 235 6.08 62.13 -3.28
C ALA D 235 5.91 60.67 -3.70
N MSE D 236 4.88 60.40 -4.50
CA MSE D 236 4.63 59.03 -4.96
C MSE D 236 5.84 58.50 -5.71
O MSE D 236 6.29 57.40 -5.44
CB MSE D 236 3.41 58.99 -5.87
CG MSE D 236 2.13 59.51 -5.24
SE MSE D 236 1.70 58.61 -3.56
CE MSE D 236 2.60 59.80 -2.33
N ALA D 237 6.36 59.29 -6.64
CA ALA D 237 7.52 58.86 -7.42
C ALA D 237 8.68 58.46 -6.50
N GLN D 238 8.93 59.25 -5.46
CA GLN D 238 10.00 58.98 -4.51
C GLN D 238 9.71 57.72 -3.70
N THR D 239 8.46 57.55 -3.30
CA THR D 239 8.05 56.39 -2.52
C THR D 239 8.21 55.12 -3.35
N ALA D 240 7.75 55.16 -4.61
CA ALA D 240 7.87 54.00 -5.48
C ALA D 240 9.34 53.61 -5.62
N ARG D 241 10.19 54.58 -5.93
CA ARG D 241 11.61 54.31 -6.07
C ARG D 241 12.17 53.71 -4.77
N GLY D 242 11.69 54.19 -3.63
CA GLY D 242 12.15 53.67 -2.35
C GLY D 242 11.66 52.28 -2.02
N LEU D 243 10.54 51.87 -2.61
CA LEU D 243 9.99 50.54 -2.38
C LEU D 243 10.91 49.46 -2.97
N ARG D 244 11.95 49.91 -3.69
CA ARG D 244 12.91 49.00 -4.30
C ARG D 244 14.04 48.59 -3.35
N SER D 245 14.18 49.29 -2.24
CA SER D 245 15.24 48.98 -1.29
C SER D 245 15.20 47.54 -0.75
N ASP D 246 16.38 47.03 -0.40
CA ASP D 246 16.54 45.68 0.14
C ASP D 246 15.75 45.54 1.44
N LEU D 247 14.76 44.67 1.45
CA LEU D 247 13.94 44.48 2.63
C LEU D 247 14.32 43.25 3.45
N VAL D 248 15.32 42.51 3.00
CA VAL D 248 15.74 41.31 3.72
C VAL D 248 16.18 41.59 5.16
N PRO D 249 16.89 42.70 5.42
CA PRO D 249 17.34 43.02 6.79
C PRO D 249 16.20 43.11 7.81
N ALA D 250 15.14 43.81 7.43
CA ALA D 250 13.98 43.98 8.31
C ALA D 250 13.28 42.65 8.61
N TYR D 251 13.02 41.87 7.57
CA TYR D 251 12.35 40.59 7.79
C TYR D 251 13.24 39.65 8.58
N ARG D 252 14.54 39.78 8.37
CA ARG D 252 15.50 38.92 9.06
C ARG D 252 15.66 39.23 10.55
N ASP D 253 15.75 40.51 10.91
CA ASP D 253 15.96 40.89 12.30
C ASP D 253 14.73 41.19 13.16
N VAL D 254 13.55 41.29 12.55
CA VAL D 254 12.33 41.58 13.32
C VAL D 254 12.11 40.49 14.37
N THR D 255 11.96 40.93 15.62
CA THR D 255 11.78 40.01 16.74
C THR D 255 10.34 39.79 17.15
N LYS D 256 9.47 40.72 16.79
CA LYS D 256 8.06 40.59 17.15
C LYS D 256 7.34 39.69 16.15
N PRO D 257 6.20 39.12 16.55
CA PRO D 257 5.44 38.24 15.66
C PRO D 257 4.99 38.95 14.38
N VAL D 258 5.09 38.26 13.24
CA VAL D 258 4.69 38.83 11.96
C VAL D 258 3.94 37.82 11.12
N LEU D 259 2.75 38.20 10.69
CA LEU D 259 1.94 37.32 9.86
C LEU D 259 2.09 37.79 8.42
N ILE D 260 2.49 36.87 7.55
CA ILE D 260 2.68 37.16 6.14
C ILE D 260 1.43 36.70 5.40
N VAL D 261 0.80 37.63 4.68
CA VAL D 261 -0.41 37.34 3.91
C VAL D 261 -0.17 37.69 2.45
N ARG D 262 -0.31 36.69 1.58
CA ARG D 262 -0.10 36.92 0.16
C ARG D 262 -1.35 36.60 -0.64
N GLY D 263 -1.61 37.44 -1.64
CA GLY D 263 -2.75 37.18 -2.51
C GLY D 263 -2.28 36.14 -3.50
N GLU D 264 -3.03 35.05 -3.62
CA GLU D 264 -2.67 33.98 -4.55
C GLU D 264 -2.31 34.45 -5.96
N SER D 265 -3.10 35.35 -6.52
CA SER D 265 -2.81 35.83 -7.87
C SER D 265 -2.17 37.21 -7.86
N SER D 266 -1.52 37.55 -6.75
CA SER D 266 -0.86 38.85 -6.62
C SER D 266 0.26 38.94 -7.65
N LYS D 267 0.34 40.08 -8.32
CA LYS D 267 1.37 40.31 -9.32
C LYS D 267 2.59 41.00 -8.70
N LEU D 268 2.39 41.54 -7.50
CA LEU D 268 3.46 42.23 -6.78
C LEU D 268 4.31 41.21 -6.02
N VAL D 269 3.66 40.34 -5.26
CA VAL D 269 4.40 39.32 -4.53
C VAL D 269 4.15 37.96 -5.17
N SER D 270 5.10 37.53 -5.98
CA SER D 270 5.00 36.26 -6.67
C SER D 270 5.15 35.12 -5.67
N ALA D 271 4.78 33.91 -6.08
CA ALA D 271 4.90 32.74 -5.21
C ALA D 271 6.38 32.51 -4.95
N ALA D 272 7.21 32.91 -5.91
CA ALA D 272 8.65 32.74 -5.78
C ALA D 272 9.18 33.59 -4.62
N ALA D 273 8.79 34.86 -4.61
CA ALA D 273 9.23 35.77 -3.57
C ALA D 273 8.78 35.28 -2.20
N LEU D 274 7.59 34.67 -2.14
CA LEU D 274 7.07 34.16 -0.87
C LEU D 274 7.91 32.99 -0.39
N ALA D 275 8.09 31.99 -1.25
CA ALA D 275 8.89 30.82 -0.89
C ALA D 275 10.26 31.28 -0.39
N LYS D 276 10.86 32.25 -1.09
CA LYS D 276 12.15 32.75 -0.67
C LYS D 276 12.05 33.38 0.72
N THR D 277 11.02 34.18 0.93
CA THR D 277 10.81 34.84 2.22
C THR D 277 10.69 33.84 3.36
N SER D 278 9.94 32.77 3.15
CA SER D 278 9.75 31.75 4.16
C SER D 278 11.01 30.93 4.45
N ARG D 279 11.90 30.83 3.48
CA ARG D 279 13.12 30.08 3.71
C ARG D 279 14.05 30.99 4.54
N LEU D 280 13.80 32.29 4.46
CA LEU D 280 14.57 33.29 5.20
C LEU D 280 14.09 33.34 6.65
N ARG D 281 12.76 33.29 6.83
CA ARG D 281 12.17 33.30 8.17
C ARG D 281 11.07 32.24 8.20
N PRO D 282 11.45 30.96 8.24
CA PRO D 282 10.47 29.86 8.28
C PRO D 282 9.58 29.82 9.51
N ASP D 283 9.93 30.60 10.53
CA ASP D 283 9.14 30.62 11.75
C ASP D 283 7.89 31.50 11.60
N LEU D 284 7.92 32.42 10.65
CA LEU D 284 6.80 33.32 10.43
C LEU D 284 5.63 32.63 9.74
N PRO D 285 4.45 32.66 10.36
CA PRO D 285 3.22 32.04 9.83
C PRO D 285 2.78 32.70 8.52
N VAL D 286 2.31 31.89 7.59
CA VAL D 286 1.91 32.39 6.27
C VAL D 286 0.45 32.13 5.91
N VAL D 287 -0.19 33.11 5.29
CA VAL D 287 -1.56 32.99 4.82
C VAL D 287 -1.68 33.41 3.35
N VAL D 288 -2.03 32.46 2.48
CA VAL D 288 -2.20 32.76 1.06
C VAL D 288 -3.71 32.74 0.77
N VAL D 289 -4.26 33.87 0.32
CA VAL D 289 -5.69 33.97 0.06
C VAL D 289 -6.09 33.69 -1.39
N PRO D 290 -6.83 32.59 -1.62
CA PRO D 290 -7.28 32.22 -2.96
C PRO D 290 -8.24 33.25 -3.55
N GLY D 291 -8.13 33.47 -4.85
CA GLY D 291 -9.01 34.42 -5.51
C GLY D 291 -8.67 35.86 -5.25
N ALA D 292 -7.55 36.10 -4.57
CA ALA D 292 -7.13 37.46 -4.28
C ALA D 292 -5.86 37.81 -5.01
N ASP D 293 -5.78 39.07 -5.46
CA ASP D 293 -4.58 39.57 -6.13
C ASP D 293 -3.87 40.43 -5.10
N HIS D 294 -3.03 41.34 -5.55
CA HIS D 294 -2.27 42.22 -4.65
C HIS D 294 -3.14 42.93 -3.58
N TYR D 295 -4.34 43.34 -3.96
CA TYR D 295 -5.25 44.05 -3.06
C TYR D 295 -6.09 43.10 -2.19
N VAL D 296 -5.39 42.33 -1.36
CA VAL D 296 -6.00 41.32 -0.50
C VAL D 296 -7.12 41.78 0.45
N ASN D 297 -6.87 42.80 1.27
CA ASN D 297 -7.90 43.24 2.20
C ASN D 297 -9.17 43.80 1.56
N GLU D 298 -9.07 44.34 0.36
CA GLU D 298 -10.27 44.86 -0.29
C GLU D 298 -10.99 43.79 -1.14
N VAL D 299 -10.24 42.89 -1.78
CA VAL D 299 -10.84 41.85 -2.60
C VAL D 299 -11.40 40.68 -1.80
N SER D 300 -10.76 40.39 -0.67
CA SER D 300 -11.20 39.29 0.17
C SER D 300 -11.29 39.75 1.62
N PRO D 301 -12.28 40.60 1.92
CA PRO D 301 -12.47 41.13 3.27
C PRO D 301 -12.71 40.08 4.35
N GLU D 302 -13.53 39.09 4.06
CA GLU D 302 -13.86 38.04 5.03
C GLU D 302 -12.68 37.16 5.43
N ILE D 303 -11.95 36.65 4.44
CA ILE D 303 -10.81 35.80 4.74
C ILE D 303 -9.72 36.63 5.43
N THR D 304 -9.60 37.89 5.03
CA THR D 304 -8.59 38.77 5.62
C THR D 304 -8.84 38.99 7.11
N LEU D 305 -10.08 39.29 7.45
CA LEU D 305 -10.46 39.52 8.84
C LEU D 305 -10.23 38.26 9.67
N LYS D 306 -10.67 37.12 9.13
CA LYS D 306 -10.52 35.85 9.82
C LYS D 306 -9.04 35.53 10.00
N ALA D 307 -8.24 35.84 8.98
CA ALA D 307 -6.81 35.59 9.04
C ALA D 307 -6.22 36.47 10.14
N ILE D 308 -6.70 37.70 10.23
CA ILE D 308 -6.20 38.63 11.24
C ILE D 308 -6.53 38.17 12.66
N THR D 309 -7.75 37.68 12.86
CA THR D 309 -8.16 37.25 14.20
C THR D 309 -7.48 35.95 14.63
N ASN D 310 -7.30 35.02 13.70
CA ASN D 310 -6.64 33.76 14.04
C ASN D 310 -5.25 34.06 14.55
N PHE D 311 -4.71 35.20 14.12
CA PHE D 311 -3.36 35.60 14.50
C PHE D 311 -3.29 36.28 15.86
N ILE D 312 -3.98 37.40 16.02
CA ILE D 312 -3.95 38.12 17.30
C ILE D 312 -4.73 37.53 18.48
N ASP D 313 -5.64 36.59 18.22
CA ASP D 313 -6.43 36.00 19.29
C ASP D 313 -5.90 34.67 19.83
N ALA D 314 -4.82 34.15 19.24
CA ALA D 314 -4.25 32.88 19.66
C ALA D 314 -3.74 32.88 21.11
N HIS E 47 12.03 20.62 36.40
CA HIS E 47 11.35 20.67 37.73
C HIS E 47 9.85 20.46 37.52
N PHE E 48 9.47 19.29 37.01
CA PHE E 48 8.06 19.00 36.75
C PHE E 48 7.43 18.05 37.76
N ILE E 49 6.20 18.35 38.16
CA ILE E 49 5.47 17.50 39.10
C ILE E 49 4.40 16.71 38.36
N SER E 50 4.52 15.38 38.37
CA SER E 50 3.56 14.50 37.73
C SER E 50 2.50 14.14 38.74
N ARG E 51 1.40 13.56 38.26
CA ARG E 51 0.29 13.15 39.14
C ARG E 51 -0.90 12.69 38.31
N ARG E 52 -1.56 11.62 38.75
CA ARG E 52 -2.73 11.12 38.04
C ARG E 52 -3.93 12.00 38.35
N VAL E 53 -4.69 12.34 37.32
CA VAL E 53 -5.86 13.19 37.49
C VAL E 53 -7.13 12.48 37.05
N ASP E 54 -8.11 12.49 37.94
CA ASP E 54 -9.40 11.88 37.67
C ASP E 54 -10.27 12.99 37.09
N ILE E 55 -10.70 12.83 35.84
CA ILE E 55 -11.54 13.84 35.21
C ILE E 55 -12.95 13.29 35.11
N GLY E 56 -13.20 12.21 35.84
CA GLY E 56 -14.51 11.59 35.84
C GLY E 56 -14.59 10.42 34.88
N ARG E 57 -14.60 10.72 33.60
CA ARG E 57 -14.68 9.69 32.57
C ARG E 57 -13.44 8.80 32.53
N ILE E 58 -12.35 9.26 33.16
CA ILE E 58 -11.11 8.49 33.17
C ILE E 58 -10.03 9.18 34.01
N THR E 59 -8.93 8.48 34.28
CA THR E 59 -7.81 9.04 35.03
C THR E 59 -6.60 9.15 34.11
N LEU E 60 -6.00 10.33 34.06
CA LEU E 60 -4.86 10.58 33.18
C LEU E 60 -3.65 11.12 33.91
N ASN E 61 -2.46 10.64 33.56
CA ASN E 61 -1.25 11.15 34.18
C ASN E 61 -0.93 12.49 33.53
N VAL E 62 -0.40 13.42 34.33
CA VAL E 62 -0.11 14.76 33.85
C VAL E 62 1.17 15.35 34.46
N ARG E 63 1.94 16.05 33.63
CA ARG E 63 3.17 16.69 34.10
C ARG E 63 2.91 18.19 34.15
N GLU E 64 3.18 18.82 35.29
CA GLU E 64 2.93 20.24 35.41
C GLU E 64 4.12 21.05 35.88
N LYS E 65 4.09 22.34 35.54
CA LYS E 65 5.14 23.29 35.91
C LYS E 65 4.76 24.69 35.41
N GLY E 66 5.25 25.71 36.10
CA GLY E 66 4.95 27.07 35.70
C GLY E 66 3.66 27.66 36.24
N SER E 67 3.34 28.87 35.78
CA SER E 67 2.14 29.58 36.21
C SER E 67 1.67 30.48 35.08
N GLY E 68 0.41 30.89 35.15
CA GLY E 68 -0.16 31.76 34.13
C GLY E 68 -1.18 31.02 33.28
N PRO E 69 -1.56 31.58 32.12
CA PRO E 69 -2.54 30.93 31.24
C PRO E 69 -2.20 29.45 31.05
N LEU E 70 -3.24 28.62 30.95
CA LEU E 70 -3.04 27.18 30.79
C LEU E 70 -2.68 26.81 29.36
N MSE E 71 -1.72 25.91 29.24
CA MSE E 71 -1.27 25.44 27.95
C MSE E 71 -1.01 23.94 28.05
O MSE E 71 -0.09 23.51 28.75
CB MSE E 71 0.01 26.17 27.54
CG MSE E 71 0.43 25.85 26.13
SE MSE E 71 2.01 26.82 25.63
CE MSE E 71 1.23 28.57 25.38
N LEU E 72 -1.81 23.16 27.32
CA LEU E 72 -1.70 21.70 27.33
C LEU E 72 -0.92 21.16 26.13
N PHE E 73 -0.18 20.07 26.34
CA PHE E 73 0.61 19.45 25.28
C PHE E 73 0.25 17.98 25.11
N PHE E 74 -0.01 17.55 23.87
CA PHE E 74 -0.38 16.16 23.62
C PHE E 74 0.54 15.46 22.62
N HIS E 75 1.11 14.34 23.06
CA HIS E 75 2.03 13.53 22.27
C HIS E 75 1.39 12.82 21.08
N GLY E 76 2.23 12.11 20.32
CA GLY E 76 1.76 11.34 19.17
C GLY E 76 1.51 9.90 19.57
N ILE E 77 1.09 9.05 18.65
CA ILE E 77 0.81 7.66 18.99
C ILE E 77 2.05 6.88 19.49
N THR E 78 1.87 6.12 20.57
CA THR E 78 2.90 5.30 21.23
C THR E 78 3.90 6.14 22.03
N SER E 79 3.77 7.46 21.94
CA SER E 79 4.66 8.37 22.66
C SER E 79 4.06 8.65 24.05
N ASN E 80 4.52 9.72 24.70
CA ASN E 80 4.02 10.08 26.03
C ASN E 80 4.44 11.49 26.39
N SER E 81 3.78 12.06 27.41
CA SER E 81 4.04 13.43 27.86
C SER E 81 5.48 13.92 28.06
N ALA E 82 6.39 13.03 28.40
CA ALA E 82 7.78 13.42 28.66
C ALA E 82 8.49 14.13 27.51
N VAL E 83 8.15 13.77 26.28
CA VAL E 83 8.79 14.39 25.12
C VAL E 83 8.68 15.92 25.12
N PHE E 84 7.65 16.47 25.76
CA PHE E 84 7.45 17.91 25.78
C PHE E 84 8.18 18.73 26.85
N GLU E 85 8.87 18.08 27.78
CA GLU E 85 9.54 18.83 28.84
C GLU E 85 10.53 19.89 28.33
N PRO E 86 11.42 19.53 27.38
CA PRO E 86 12.39 20.52 26.88
C PRO E 86 11.68 21.77 26.34
N LEU E 87 10.58 21.57 25.63
CA LEU E 87 9.84 22.70 25.07
C LEU E 87 9.14 23.52 26.17
N MSE E 88 8.45 22.84 27.08
CA MSE E 88 7.73 23.48 28.17
C MSE E 88 8.55 24.34 29.13
O MSE E 88 8.08 25.38 29.58
CB MSE E 88 7.00 22.43 29.00
CG MSE E 88 5.90 21.72 28.23
SE MSE E 88 5.39 20.12 29.17
CE MSE E 88 4.28 20.89 30.54
N ILE E 89 9.76 23.90 29.47
CA ILE E 89 10.60 24.66 30.39
C ILE E 89 10.80 26.05 29.82
N ARG E 90 10.80 26.12 28.50
CA ARG E 90 10.99 27.36 27.78
C ARG E 90 9.80 28.29 27.91
N LEU E 91 8.65 27.73 28.28
CA LEU E 91 7.43 28.51 28.40
C LEU E 91 6.89 28.62 29.82
N SER E 92 7.41 27.79 30.72
CA SER E 92 6.98 27.75 32.12
C SER E 92 6.87 29.10 32.82
N ASP E 93 7.75 30.02 32.48
CA ASP E 93 7.76 31.34 33.10
C ASP E 93 6.55 32.22 32.83
N ARG E 94 5.81 31.93 31.76
CA ARG E 94 4.64 32.73 31.42
C ARG E 94 3.34 31.92 31.36
N PHE E 95 3.45 30.61 31.17
CA PHE E 95 2.27 29.76 31.09
C PHE E 95 2.34 28.59 32.04
N THR E 96 1.19 28.05 32.38
CA THR E 96 1.12 26.87 33.22
C THR E 96 1.19 25.76 32.18
N THR E 97 2.41 25.27 31.93
CA THR E 97 2.59 24.23 30.93
C THR E 97 2.25 22.86 31.52
N ILE E 98 1.40 22.13 30.82
CA ILE E 98 0.98 20.81 31.28
C ILE E 98 0.98 19.80 30.13
N ALA E 99 1.78 18.75 30.26
CA ALA E 99 1.83 17.71 29.24
C ALA E 99 0.96 16.56 29.73
N VAL E 100 0.17 16.02 28.82
CA VAL E 100 -0.77 14.96 29.17
C VAL E 100 -0.47 13.61 28.57
N ASP E 101 -0.64 12.56 29.37
CA ASP E 101 -0.47 11.19 28.89
C ASP E 101 -1.89 10.85 28.46
N GLN E 102 -2.10 10.62 27.19
CA GLN E 102 -3.46 10.32 26.73
C GLN E 102 -3.80 8.86 26.93
N ARG E 103 -5.10 8.57 27.05
CA ARG E 103 -5.57 7.21 27.25
C ARG E 103 -4.79 6.23 26.40
N GLY E 104 -4.45 5.10 27.00
CA GLY E 104 -3.69 4.06 26.31
C GLY E 104 -2.18 4.23 26.42
N HIS E 105 -1.75 5.46 26.69
CA HIS E 105 -0.33 5.79 26.78
C HIS E 105 0.19 6.07 28.18
N GLY E 106 1.51 5.98 28.32
CA GLY E 106 2.19 6.26 29.58
C GLY E 106 1.57 5.73 30.85
N LEU E 107 1.31 6.65 31.78
CA LEU E 107 0.73 6.28 33.08
C LEU E 107 -0.73 6.64 33.21
N SER E 108 -1.44 6.74 32.08
CA SER E 108 -2.86 7.05 32.11
C SER E 108 -3.64 5.75 31.97
N ASP E 109 -4.94 5.80 32.20
CA ASP E 109 -5.77 4.60 32.09
C ASP E 109 -5.77 4.02 30.69
N LYS E 110 -5.89 2.69 30.60
CA LYS E 110 -5.90 2.01 29.32
C LYS E 110 -7.14 1.12 29.19
N PRO E 111 -8.30 1.75 28.96
CA PRO E 111 -9.58 1.05 28.81
C PRO E 111 -9.56 0.07 27.66
N GLU E 112 -10.44 -0.92 27.73
CA GLU E 112 -10.54 -1.96 26.70
C GLU E 112 -10.71 -1.33 25.31
N THR E 113 -11.64 -0.40 25.21
CA THR E 113 -11.92 0.25 23.94
C THR E 113 -12.32 1.72 24.07
N GLY E 114 -12.39 2.41 22.94
CA GLY E 114 -12.74 3.81 22.93
C GLY E 114 -11.53 4.67 22.61
N TYR E 115 -10.96 4.47 21.43
CA TYR E 115 -9.79 5.25 21.03
C TYR E 115 -10.02 6.04 19.74
N GLU E 116 -11.28 6.43 19.51
CA GLU E 116 -11.66 7.20 18.34
C GLU E 116 -11.39 8.68 18.63
N ALA E 117 -11.45 9.51 17.59
CA ALA E 117 -11.20 10.94 17.75
C ALA E 117 -12.02 11.54 18.89
N ASN E 118 -13.30 11.22 18.95
CA ASN E 118 -14.18 11.74 19.98
C ASN E 118 -13.75 11.41 21.40
N ASP E 119 -13.30 10.17 21.61
CA ASP E 119 -12.86 9.74 22.93
C ASP E 119 -11.71 10.63 23.41
N TYR E 120 -10.63 10.70 22.62
CA TYR E 120 -9.49 11.53 22.99
C TYR E 120 -9.94 12.98 23.17
N ALA E 121 -10.83 13.43 22.30
CA ALA E 121 -11.34 14.80 22.36
C ALA E 121 -12.09 15.07 23.65
N ASP E 122 -13.06 14.23 23.98
CA ASP E 122 -13.82 14.43 25.22
C ASP E 122 -12.90 14.50 26.43
N ASP E 123 -11.83 13.70 26.42
CA ASP E 123 -10.86 13.69 27.51
C ASP E 123 -10.30 15.09 27.70
N ILE E 124 -9.95 15.74 26.59
CA ILE E 124 -9.38 17.08 26.67
C ILE E 124 -10.34 18.08 27.30
N ALA E 125 -11.64 17.89 27.06
CA ALA E 125 -12.64 18.80 27.62
C ALA E 125 -12.77 18.58 29.12
N GLY E 126 -12.90 17.31 29.52
CA GLY E 126 -13.02 17.00 30.93
C GLY E 126 -11.78 17.42 31.70
N LEU E 127 -10.62 17.23 31.07
CA LEU E 127 -9.34 17.61 31.67
C LEU E 127 -9.28 19.13 31.87
N ILE E 128 -9.79 19.89 30.89
CA ILE E 128 -9.79 21.35 31.01
C ILE E 128 -10.79 21.84 32.07
N ARG E 129 -11.94 21.16 32.16
CA ARG E 129 -12.94 21.55 33.16
C ARG E 129 -12.44 21.24 34.57
N THR E 130 -11.85 20.05 34.73
CA THR E 130 -11.34 19.61 36.01
C THR E 130 -10.28 20.57 36.54
N LEU E 131 -9.29 20.88 35.71
CA LEU E 131 -8.23 21.79 36.13
C LEU E 131 -8.79 23.14 36.54
N ALA E 132 -9.91 23.52 35.94
CA ALA E 132 -10.56 24.78 36.27
C ALA E 132 -9.57 25.93 36.32
N ARG E 133 -8.98 26.25 35.18
CA ARG E 133 -8.02 27.35 35.10
C ARG E 133 -8.23 28.11 33.80
N GLY E 134 -9.49 28.24 33.38
CA GLY E 134 -9.78 28.95 32.14
C GLY E 134 -9.51 28.11 30.90
N HIS E 135 -9.79 28.67 29.73
CA HIS E 135 -9.56 27.94 28.49
C HIS E 135 -8.07 27.64 28.33
N ALA E 136 -7.77 26.64 27.49
CA ALA E 136 -6.39 26.25 27.29
C ALA E 136 -5.91 26.37 25.85
N ILE E 137 -4.60 26.58 25.73
CA ILE E 137 -3.95 26.65 24.43
C ILE E 137 -3.56 25.19 24.23
N LEU E 138 -3.94 24.60 23.11
CA LEU E 138 -3.63 23.20 22.83
C LEU E 138 -2.44 23.01 21.89
N VAL E 139 -1.37 22.39 22.39
CA VAL E 139 -0.19 22.12 21.59
C VAL E 139 -0.12 20.62 21.36
N GLY E 140 -0.52 20.18 20.16
CA GLY E 140 -0.52 18.76 19.85
C GLY E 140 0.37 18.37 18.69
N HIS E 141 0.88 17.15 18.74
CA HIS E 141 1.73 16.62 17.69
C HIS E 141 1.10 15.35 17.16
N SER E 142 0.90 15.31 15.84
CA SER E 142 0.32 14.15 15.19
C SER E 142 -0.95 13.77 15.94
N LEU E 143 -0.99 12.55 16.47
CA LEU E 143 -2.16 12.12 17.24
C LEU E 143 -2.66 13.26 18.11
N GLY E 144 -1.73 13.93 18.78
CA GLY E 144 -2.07 15.05 19.65
C GLY E 144 -2.74 16.21 18.93
N ALA E 145 -2.29 16.51 17.71
CA ALA E 145 -2.86 17.61 16.94
C ALA E 145 -4.28 17.26 16.47
N ARG E 146 -4.45 16.01 16.06
CA ARG E 146 -5.75 15.54 15.59
C ARG E 146 -6.78 15.70 16.70
N ASN E 147 -6.42 15.26 17.90
CA ASN E 147 -7.31 15.35 19.04
C ASN E 147 -7.60 16.78 19.43
N SER E 148 -6.58 17.63 19.36
CA SER E 148 -6.73 19.04 19.73
C SER E 148 -7.63 19.82 18.78
N VAL E 149 -7.57 19.51 17.49
CA VAL E 149 -8.42 20.21 16.53
C VAL E 149 -9.85 19.73 16.72
N THR E 150 -10.02 18.42 16.87
CA THR E 150 -11.35 17.84 17.09
C THR E 150 -11.94 18.45 18.35
N ALA E 151 -11.12 18.56 19.39
CA ALA E 151 -11.55 19.11 20.66
C ALA E 151 -11.99 20.57 20.51
N ALA E 152 -11.13 21.37 19.87
CA ALA E 152 -11.42 22.78 19.67
C ALA E 152 -12.65 23.03 18.79
N ALA E 153 -12.95 22.10 17.90
CA ALA E 153 -14.12 22.26 17.04
C ALA E 153 -15.39 21.95 17.83
N LYS E 154 -15.29 20.98 18.73
CA LYS E 154 -16.42 20.55 19.55
C LYS E 154 -16.65 21.36 20.83
N TYR E 155 -15.58 21.87 21.43
CA TYR E 155 -15.68 22.66 22.66
C TYR E 155 -14.92 23.98 22.54
N PRO E 156 -15.42 24.89 21.69
CA PRO E 156 -14.82 26.21 21.44
C PRO E 156 -14.58 27.11 22.66
N ASP E 157 -15.40 26.97 23.69
CA ASP E 157 -15.25 27.81 24.87
C ASP E 157 -14.15 27.31 25.81
N LEU E 158 -13.74 26.07 25.63
CA LEU E 158 -12.69 25.49 26.47
C LEU E 158 -11.29 25.64 25.90
N VAL E 159 -11.19 25.99 24.61
CA VAL E 159 -9.87 26.14 23.97
C VAL E 159 -9.60 27.54 23.42
N ARG E 160 -8.52 28.14 23.87
CA ARG E 160 -8.14 29.47 23.41
C ARG E 160 -7.64 29.41 21.96
N SER E 161 -6.73 28.49 21.70
CA SER E 161 -6.15 28.33 20.37
C SER E 161 -5.47 26.97 20.28
N VAL E 162 -5.05 26.60 19.08
CA VAL E 162 -4.39 25.31 18.87
C VAL E 162 -3.17 25.41 17.97
N VAL E 163 -2.19 24.57 18.25
CA VAL E 163 -0.97 24.48 17.45
C VAL E 163 -0.97 23.02 16.99
N ALA E 164 -1.42 22.79 15.77
CA ALA E 164 -1.50 21.44 15.20
C ALA E 164 -0.21 21.06 14.49
N ILE E 165 0.66 20.34 15.18
CA ILE E 165 1.94 19.95 14.61
C ILE E 165 1.92 18.64 13.83
N ASP E 166 1.97 18.77 12.51
CA ASP E 166 2.00 17.65 11.58
C ASP E 166 0.89 16.60 11.62
N PHE E 167 -0.33 17.06 11.37
CA PHE E 167 -1.49 16.20 11.24
C PHE E 167 -2.62 17.08 10.76
N THR E 168 -3.06 16.79 9.53
CA THR E 168 -4.13 17.54 8.87
C THR E 168 -5.04 16.54 8.18
N PRO E 169 -6.09 17.04 7.50
CA PRO E 169 -6.98 16.10 6.81
C PRO E 169 -6.29 15.71 5.50
N TYR E 170 -6.88 14.77 4.76
CA TYR E 170 -6.35 14.33 3.47
C TYR E 170 -5.09 13.45 3.46
N ILE E 171 -4.55 13.12 4.63
CA ILE E 171 -3.37 12.25 4.66
C ILE E 171 -3.68 11.01 3.82
N GLU E 172 -2.81 10.69 2.87
CA GLU E 172 -3.06 9.54 2.01
C GLU E 172 -3.03 8.21 2.78
N THR E 173 -3.77 7.24 2.26
CA THR E 173 -3.88 5.93 2.87
C THR E 173 -2.54 5.23 3.09
N GLU E 174 -1.65 5.32 2.11
CA GLU E 174 -0.34 4.70 2.20
C GLU E 174 0.43 5.16 3.44
N ALA E 175 0.37 6.44 3.74
CA ALA E 175 1.06 7.00 4.90
C ALA E 175 0.50 6.44 6.20
N LEU E 176 -0.82 6.29 6.26
CA LEU E 176 -1.45 5.73 7.45
C LEU E 176 -1.10 4.26 7.66
N ASP E 177 -0.97 3.51 6.56
CA ASP E 177 -0.63 2.09 6.65
C ASP E 177 0.81 1.95 7.15
N ALA E 178 1.66 2.86 6.73
CA ALA E 178 3.05 2.82 7.15
C ALA E 178 3.14 3.09 8.64
N LEU E 179 2.24 3.93 9.15
CA LEU E 179 2.21 4.26 10.57
C LEU E 179 1.64 3.10 11.37
N GLU E 180 0.55 2.52 10.88
CA GLU E 180 -0.06 1.39 11.57
C GLU E 180 0.92 0.24 11.72
N ALA E 181 1.70 -0.03 10.68
CA ALA E 181 2.68 -1.12 10.72
C ALA E 181 3.82 -0.88 11.69
N ARG E 182 4.28 0.37 11.81
CA ARG E 182 5.37 0.68 12.73
C ARG E 182 4.95 0.59 14.20
N VAL E 183 3.68 0.86 14.49
CA VAL E 183 3.20 0.78 15.86
C VAL E 183 2.90 -0.65 16.31
N ASN E 184 2.19 -1.40 15.46
CA ASN E 184 1.85 -2.78 15.79
C ASN E 184 3.06 -3.71 15.63
N ALA E 185 4.25 -3.15 15.79
CA ALA E 185 5.47 -3.93 15.67
C ALA E 185 6.51 -3.42 16.67
N GLY E 186 6.03 -2.66 17.65
CA GLY E 186 6.93 -2.11 18.66
C GLY E 186 6.86 -2.75 20.03
N SER E 187 5.72 -3.33 20.38
CA SER E 187 5.56 -3.96 21.69
C SER E 187 6.42 -5.21 21.85
N GLN E 188 7.64 -5.02 22.31
CA GLN E 188 8.57 -6.14 22.52
C GLN E 188 9.31 -6.00 23.85
N LEU E 189 10.19 -6.94 24.14
CA LEU E 189 10.95 -6.93 25.39
C LEU E 189 12.43 -6.59 25.18
N PHE E 190 12.86 -5.45 25.71
CA PHE E 190 14.25 -5.02 25.56
C PHE E 190 15.10 -5.39 26.78
N GLU E 191 16.33 -5.85 26.52
CA GLU E 191 17.24 -6.21 27.59
C GLU E 191 17.26 -5.12 28.64
N ASP E 192 18.05 -4.08 28.37
CA ASP E 192 18.16 -2.94 29.27
C ASP E 192 17.78 -1.68 28.48
N ILE E 193 18.07 -0.53 29.06
CA ILE E 193 17.75 0.74 28.40
C ILE E 193 18.63 1.00 27.18
N LYS E 194 19.82 0.40 27.14
CA LYS E 194 20.72 0.57 26.01
C LYS E 194 20.05 0.02 24.75
N ALA E 195 19.45 -1.15 24.87
CA ALA E 195 18.78 -1.80 23.76
C ALA E 195 17.53 -1.02 23.33
N VAL E 196 16.97 -0.26 24.27
CA VAL E 196 15.79 0.53 23.96
C VAL E 196 16.19 1.74 23.12
N GLU E 197 17.24 2.44 23.56
CA GLU E 197 17.70 3.61 22.83
C GLU E 197 18.13 3.20 21.41
N ALA E 198 18.83 2.07 21.31
CA ALA E 198 19.26 1.58 20.01
C ALA E 198 18.06 1.36 19.11
N TYR E 199 17.00 0.78 19.67
CA TYR E 199 15.78 0.51 18.92
C TYR E 199 15.06 1.79 18.48
N LEU E 200 15.02 2.78 19.37
CA LEU E 200 14.36 4.05 19.08
C LEU E 200 15.13 4.88 18.05
N ALA E 201 16.46 4.80 18.09
CA ALA E 201 17.28 5.56 17.17
C ALA E 201 17.11 5.06 15.74
N GLY E 202 16.88 3.75 15.60
CA GLY E 202 16.68 3.17 14.28
C GLY E 202 15.28 3.37 13.77
N ARG E 203 14.33 3.57 14.67
CA ARG E 203 12.93 3.78 14.28
C ARG E 203 12.70 5.23 13.92
N TYR E 204 13.37 6.13 14.63
CA TYR E 204 13.26 7.56 14.38
C TYR E 204 14.67 8.14 14.19
N PRO E 205 15.33 7.76 13.08
CA PRO E 205 16.68 8.22 12.75
C PRO E 205 16.96 9.71 12.80
N ASN E 206 15.94 10.54 12.56
CA ASN E 206 16.15 11.98 12.57
C ASN E 206 16.05 12.63 13.94
N ILE E 207 15.43 11.95 14.90
CA ILE E 207 15.31 12.51 16.24
C ILE E 207 16.67 12.50 16.93
N PRO E 208 17.07 13.63 17.52
CA PRO E 208 18.35 13.79 18.22
C PRO E 208 18.52 12.75 19.34
N ALA E 209 19.76 12.47 19.71
CA ALA E 209 20.04 11.48 20.75
C ALA E 209 19.35 11.84 22.07
N ASP E 210 19.50 13.08 22.50
CA ASP E 210 18.88 13.56 23.73
C ASP E 210 17.38 13.31 23.80
N ALA E 211 16.68 13.48 22.68
CA ALA E 211 15.24 13.25 22.68
C ALA E 211 14.92 11.76 22.66
N ILE E 212 15.85 10.97 22.14
CA ILE E 212 15.68 9.52 22.08
C ILE E 212 15.76 8.97 23.50
N ARG E 213 16.68 9.51 24.28
CA ARG E 213 16.85 9.07 25.66
C ARG E 213 15.61 9.42 26.49
N ILE E 214 15.07 10.61 26.27
CA ILE E 214 13.88 11.05 27.00
C ILE E 214 12.74 10.06 26.76
N ARG E 215 12.59 9.61 25.51
CA ARG E 215 11.56 8.65 25.16
C ARG E 215 11.88 7.31 25.83
N ALA E 216 13.13 6.89 25.71
CA ALA E 216 13.57 5.63 26.30
C ALA E 216 13.26 5.57 27.80
N GLU E 217 13.60 6.62 28.53
CA GLU E 217 13.38 6.68 29.98
C GLU E 217 11.91 6.84 30.41
N SER E 218 11.09 7.45 29.56
CA SER E 218 9.69 7.68 29.93
C SER E 218 8.64 6.72 29.42
N GLY E 219 8.85 6.14 28.24
CA GLY E 219 7.86 5.23 27.70
C GLY E 219 8.06 3.76 27.96
N TYR E 220 9.06 3.42 28.79
CA TYR E 220 9.33 2.03 29.10
C TYR E 220 9.47 1.77 30.59
N GLN E 221 8.85 0.69 31.06
CA GLN E 221 8.91 0.34 32.47
C GLN E 221 9.54 -1.03 32.65
N PRO E 222 10.26 -1.22 33.76
CA PRO E 222 10.91 -2.51 34.03
C PRO E 222 9.86 -3.57 34.36
N VAL E 223 9.94 -4.70 33.65
CA VAL E 223 9.01 -5.79 33.86
C VAL E 223 9.82 -7.08 33.98
N ASP E 224 9.13 -8.19 34.18
CA ASP E 224 9.77 -9.49 34.32
C ASP E 224 10.73 -9.79 33.17
N GLY E 225 12.01 -9.47 33.35
CA GLY E 225 12.98 -9.74 32.29
C GLY E 225 13.68 -8.54 31.68
N GLY E 226 13.04 -7.38 31.71
CA GLY E 226 13.65 -6.19 31.14
C GLY E 226 12.65 -5.04 31.04
N LEU E 227 12.76 -4.23 29.99
CA LEU E 227 11.86 -3.11 29.80
C LEU E 227 10.82 -3.42 28.73
N ARG E 228 9.59 -2.94 28.96
CA ARG E 228 8.50 -3.13 28.02
C ARG E 228 7.80 -1.78 27.90
N PRO E 229 7.15 -1.53 26.76
CA PRO E 229 6.44 -0.27 26.53
C PRO E 229 5.29 -0.06 27.51
N LEU E 230 5.12 1.17 28.00
CA LEU E 230 4.02 1.46 28.91
C LEU E 230 2.70 1.41 28.15
N ALA E 231 2.73 1.84 26.89
CA ALA E 231 1.52 1.87 26.07
C ALA E 231 0.88 0.50 25.89
N SER E 232 -0.44 0.50 25.86
CA SER E 232 -1.21 -0.73 25.68
C SER E 232 -1.26 -1.10 24.20
N SER E 233 -0.78 -2.29 23.87
CA SER E 233 -0.78 -2.74 22.49
C SER E 233 -2.16 -2.59 21.84
N ALA E 234 -3.17 -3.10 22.54
CA ALA E 234 -4.55 -3.04 22.06
C ALA E 234 -4.98 -1.61 21.83
N ALA E 235 -4.57 -0.73 22.71
CA ALA E 235 -4.91 0.68 22.61
C ALA E 235 -4.26 1.29 21.35
N MSE E 236 -3.00 0.93 21.11
CA MSE E 236 -2.27 1.43 19.96
C MSE E 236 -2.93 0.98 18.67
O MSE E 236 -3.19 1.79 17.77
CB MSE E 236 -0.83 0.96 20.00
CG MSE E 236 -0.06 1.41 21.23
SE MSE E 236 -0.22 3.33 21.55
CE MSE E 236 -1.75 3.34 22.75
N ALA E 237 -3.19 -0.33 18.57
CA ALA E 237 -3.81 -0.89 17.38
C ALA E 237 -5.12 -0.14 17.07
N GLN E 238 -5.96 0.04 18.07
CA GLN E 238 -7.23 0.74 17.87
C GLN E 238 -7.05 2.21 17.52
N THR E 239 -6.07 2.86 18.15
CA THR E 239 -5.84 4.26 17.87
C THR E 239 -5.33 4.46 16.45
N ALA E 240 -4.47 3.56 15.98
CA ALA E 240 -3.93 3.65 14.62
C ALA E 240 -5.10 3.58 13.63
N ARG E 241 -6.02 2.66 13.91
CA ARG E 241 -7.20 2.46 13.07
C ARG E 241 -8.10 3.71 13.12
N GLY E 242 -8.12 4.39 14.26
CA GLY E 242 -8.95 5.57 14.42
C GLY E 242 -8.36 6.81 13.76
N LEU E 243 -7.05 6.82 13.56
CA LEU E 243 -6.37 7.97 12.94
C LEU E 243 -6.81 8.12 11.47
N ARG E 244 -7.35 7.05 10.89
CA ARG E 244 -7.79 7.04 9.51
C ARG E 244 -9.12 7.76 9.26
N SER E 245 -9.83 8.13 10.33
CA SER E 245 -11.13 8.79 10.15
C SER E 245 -11.03 10.14 9.47
N ASP E 246 -12.14 10.58 8.90
CA ASP E 246 -12.20 11.86 8.20
C ASP E 246 -12.04 13.05 9.13
N LEU E 247 -11.01 13.86 8.89
CA LEU E 247 -10.74 15.03 9.70
C LEU E 247 -11.18 16.36 9.06
N VAL E 248 -11.80 16.26 7.88
CA VAL E 248 -12.29 17.46 7.19
C VAL E 248 -13.25 18.29 8.05
N PRO E 249 -14.25 17.64 8.67
CA PRO E 249 -15.22 18.34 9.51
C PRO E 249 -14.58 19.17 10.64
N ALA E 250 -13.58 18.60 11.30
CA ALA E 250 -12.90 19.32 12.38
C ALA E 250 -12.26 20.60 11.86
N TYR E 251 -11.33 20.47 10.91
CA TYR E 251 -10.67 21.64 10.35
C TYR E 251 -11.65 22.64 9.73
N ARG E 252 -12.74 22.13 9.15
CA ARG E 252 -13.75 22.99 8.52
C ARG E 252 -14.60 23.77 9.51
N ASP E 253 -14.92 23.17 10.65
CA ASP E 253 -15.77 23.83 11.63
C ASP E 253 -15.07 24.57 12.78
N VAL E 254 -13.78 24.30 13.01
CA VAL E 254 -13.07 24.97 14.10
C VAL E 254 -13.19 26.49 14.00
N THR E 255 -13.70 27.12 15.06
CA THR E 255 -13.86 28.55 15.07
C THR E 255 -12.76 29.27 15.83
N LYS E 256 -11.90 28.53 16.51
CA LYS E 256 -10.81 29.14 17.28
C LYS E 256 -9.52 29.09 16.46
N PRO E 257 -8.55 29.97 16.79
CA PRO E 257 -7.26 30.02 16.08
C PRO E 257 -6.51 28.69 16.05
N VAL E 258 -6.05 28.29 14.87
CA VAL E 258 -5.30 27.06 14.72
C VAL E 258 -4.07 27.32 13.87
N LEU E 259 -2.89 26.96 14.36
CA LEU E 259 -1.66 27.15 13.61
C LEU E 259 -1.25 25.78 13.08
N ILE E 260 -1.19 25.65 11.76
CA ILE E 260 -0.80 24.40 11.14
C ILE E 260 0.71 24.38 10.90
N VAL E 261 1.35 23.31 11.34
CA VAL E 261 2.80 23.17 11.19
C VAL E 261 3.10 21.84 10.53
N ARG E 262 4.03 21.84 9.59
CA ARG E 262 4.40 20.62 8.89
C ARG E 262 5.91 20.53 8.73
N GLY E 263 6.44 19.33 8.87
CA GLY E 263 7.86 19.13 8.67
C GLY E 263 8.03 19.18 7.16
N GLU E 264 9.05 19.91 6.71
CA GLU E 264 9.31 20.04 5.28
C GLU E 264 9.37 18.70 4.57
N SER E 265 10.04 17.73 5.17
CA SER E 265 10.18 16.41 4.57
C SER E 265 9.38 15.35 5.29
N SER E 266 8.29 15.77 5.92
CA SER E 266 7.41 14.86 6.63
C SER E 266 6.84 13.86 5.65
N LYS E 267 6.84 12.59 6.02
CA LYS E 267 6.30 11.56 5.16
C LYS E 267 4.91 11.16 5.63
N LEU E 268 4.43 11.85 6.66
CA LEU E 268 3.10 11.60 7.21
C LEU E 268 2.14 12.63 6.60
N VAL E 269 2.52 13.91 6.66
CA VAL E 269 1.72 14.97 6.07
C VAL E 269 2.42 15.43 4.79
N SER E 270 1.92 14.98 3.65
CA SER E 270 2.47 15.32 2.35
C SER E 270 2.15 16.75 1.96
N ALA E 271 2.99 17.32 1.10
CA ALA E 271 2.79 18.67 0.62
C ALA E 271 1.40 18.77 0.02
N ALA E 272 0.99 17.72 -0.67
CA ALA E 272 -0.34 17.68 -1.30
C ALA E 272 -1.39 17.76 -0.20
N ALA E 273 -1.17 17.00 0.87
CA ALA E 273 -2.08 16.99 2.01
C ALA E 273 -2.24 18.40 2.54
N LEU E 274 -1.12 19.08 2.74
CA LEU E 274 -1.15 20.44 3.26
C LEU E 274 -1.85 21.41 2.31
N ALA E 275 -1.54 21.32 1.02
CA ALA E 275 -2.16 22.20 0.02
C ALA E 275 -3.67 22.07 0.06
N LYS E 276 -4.17 20.84 0.10
CA LYS E 276 -5.62 20.61 0.16
C LYS E 276 -6.21 21.24 1.41
N THR E 277 -5.52 21.06 2.53
CA THR E 277 -5.99 21.61 3.80
C THR E 277 -6.13 23.12 3.73
N SER E 278 -5.14 23.77 3.11
CA SER E 278 -5.17 25.23 2.98
C SER E 278 -6.32 25.70 2.08
N ARG E 279 -6.76 24.84 1.17
CA ARG E 279 -7.87 25.22 0.29
C ARG E 279 -9.15 25.18 1.13
N LEU E 280 -9.24 24.19 2.01
CA LEU E 280 -10.40 24.05 2.88
C LEU E 280 -10.44 25.24 3.84
N ARG E 281 -9.28 25.60 4.39
CA ARG E 281 -9.18 26.73 5.32
C ARG E 281 -7.98 27.62 4.99
N PRO E 282 -8.11 28.52 4.00
CA PRO E 282 -6.98 29.39 3.65
C PRO E 282 -6.68 30.46 4.70
N ASP E 283 -7.59 30.61 5.65
CA ASP E 283 -7.42 31.62 6.70
C ASP E 283 -6.52 31.14 7.82
N LEU E 284 -6.35 29.83 7.95
CA LEU E 284 -5.52 29.29 9.02
C LEU E 284 -4.02 29.46 8.73
N PRO E 285 -3.29 30.15 9.63
CA PRO E 285 -1.86 30.36 9.43
C PRO E 285 -1.09 29.04 9.33
N VAL E 286 -0.06 29.04 8.49
CA VAL E 286 0.72 27.84 8.25
C VAL E 286 2.22 28.07 8.36
N VAL E 287 2.90 27.08 8.90
CA VAL E 287 4.35 27.11 9.05
C VAL E 287 4.93 25.79 8.61
N VAL E 288 5.87 25.83 7.67
CA VAL E 288 6.53 24.63 7.18
C VAL E 288 7.97 24.70 7.69
N VAL E 289 8.36 23.70 8.46
CA VAL E 289 9.70 23.68 9.05
C VAL E 289 10.73 22.98 8.18
N PRO E 290 11.75 23.73 7.75
CA PRO E 290 12.84 23.22 6.91
C PRO E 290 13.77 22.33 7.72
N GLY E 291 14.16 21.19 7.13
CA GLY E 291 15.06 20.29 7.82
C GLY E 291 14.39 19.35 8.80
N ALA E 292 13.07 19.43 8.88
CA ALA E 292 12.32 18.58 9.79
C ALA E 292 11.38 17.62 9.06
N ASP E 293 11.25 16.41 9.60
CA ASP E 293 10.35 15.40 9.04
C ASP E 293 9.08 15.42 9.89
N HIS E 294 8.41 14.29 10.01
CA HIS E 294 7.18 14.21 10.80
C HIS E 294 7.33 14.71 12.24
N TYR E 295 8.49 14.41 12.85
CA TYR E 295 8.77 14.77 14.24
C TYR E 295 9.32 16.20 14.38
N VAL E 296 8.49 17.17 14.01
CA VAL E 296 8.87 18.58 14.06
C VAL E 296 9.40 19.11 15.39
N ASN E 297 8.58 19.05 16.44
CA ASN E 297 9.01 19.57 17.74
C ASN E 297 10.33 18.97 18.28
N GLU E 298 10.59 17.71 17.97
CA GLU E 298 11.82 17.07 18.43
C GLU E 298 13.03 17.29 17.52
N VAL E 299 12.81 17.35 16.21
CA VAL E 299 13.91 17.53 15.27
C VAL E 299 14.35 18.99 15.10
N SER E 300 13.38 19.90 15.16
CA SER E 300 13.65 21.33 14.99
C SER E 300 13.07 22.12 16.17
N PRO E 301 13.58 21.84 17.38
CA PRO E 301 13.09 22.53 18.58
C PRO E 301 13.06 24.04 18.51
N GLU E 302 14.14 24.65 18.04
CA GLU E 302 14.22 26.11 17.97
C GLU E 302 13.18 26.76 17.09
N ILE E 303 12.98 26.26 15.88
CA ILE E 303 11.99 26.85 15.00
C ILE E 303 10.58 26.62 15.55
N THR E 304 10.36 25.45 16.13
CA THR E 304 9.06 25.11 16.70
C THR E 304 8.67 26.09 17.80
N LEU E 305 9.58 26.30 18.76
CA LEU E 305 9.32 27.21 19.85
C LEU E 305 8.98 28.59 19.33
N LYS E 306 9.78 29.06 18.38
CA LYS E 306 9.59 30.38 17.79
C LYS E 306 8.27 30.50 17.03
N ALA E 307 7.89 29.44 16.34
CA ALA E 307 6.64 29.47 15.59
C ALA E 307 5.48 29.61 16.57
N ILE E 308 5.61 28.93 17.71
CA ILE E 308 4.57 28.95 18.74
C ILE E 308 4.42 30.32 19.38
N THR E 309 5.53 30.99 19.65
CA THR E 309 5.46 32.32 20.25
C THR E 309 5.00 33.39 19.26
N ASN E 310 5.27 33.17 17.97
CA ASN E 310 4.85 34.11 16.93
C ASN E 310 3.34 34.02 16.78
N PHE E 311 2.81 32.88 17.19
CA PHE E 311 1.38 32.60 17.12
C PHE E 311 0.62 33.16 18.33
N ILE E 312 1.01 32.70 19.52
CA ILE E 312 0.33 33.09 20.75
C ILE E 312 0.60 34.49 21.30
N ASP E 313 1.73 35.08 20.94
CA ASP E 313 2.04 36.41 21.46
C ASP E 313 1.74 37.52 20.47
N ALA E 314 1.17 37.16 19.32
CA ALA E 314 0.84 38.12 18.28
C ALA E 314 -0.09 39.26 18.75
N HIS F 47 29.07 28.42 24.69
CA HIS F 47 29.07 28.81 26.12
C HIS F 47 30.47 29.12 26.63
N PHE F 48 31.38 29.39 25.70
CA PHE F 48 32.76 29.69 26.05
C PHE F 48 33.03 31.19 26.16
N ILE F 49 33.91 31.55 27.07
CA ILE F 49 34.27 32.95 27.24
C ILE F 49 35.69 33.06 26.70
N SER F 50 35.97 34.13 25.97
CA SER F 50 37.30 34.31 25.40
C SER F 50 38.02 35.51 25.98
N ARG F 51 39.35 35.46 25.96
CA ARG F 51 40.16 36.56 26.46
C ARG F 51 41.63 36.31 26.15
N ARG F 52 42.36 37.39 25.93
CA ARG F 52 43.78 37.30 25.62
C ARG F 52 44.55 37.30 26.92
N VAL F 53 45.32 36.24 27.12
CA VAL F 53 46.12 36.10 28.34
C VAL F 53 47.55 36.53 28.08
N ASP F 54 48.03 37.44 28.92
CA ASP F 54 49.40 37.91 28.79
C ASP F 54 50.27 36.93 29.56
N ILE F 55 51.14 36.23 28.85
CA ILE F 55 52.03 35.27 29.50
C ILE F 55 53.45 35.82 29.52
N GLY F 56 53.55 37.13 29.32
CA GLY F 56 54.86 37.78 29.34
C GLY F 56 55.51 37.89 27.98
N ARG F 57 55.96 36.77 27.44
CA ARG F 57 56.61 36.75 26.13
C ARG F 57 55.64 37.19 25.01
N ILE F 58 54.35 37.05 25.26
CA ILE F 58 53.34 37.40 24.28
C ILE F 58 51.97 37.18 24.91
N THR F 59 50.92 37.72 24.32
CA THR F 59 49.59 37.49 24.88
C THR F 59 48.82 36.66 23.85
N LEU F 60 48.07 35.67 24.33
CA LEU F 60 47.34 34.78 23.45
C LEU F 60 45.85 34.76 23.74
N ASN F 61 45.05 34.64 22.68
CA ASN F 61 43.61 34.56 22.86
C ASN F 61 43.31 33.15 23.32
N VAL F 62 42.27 32.99 24.12
CA VAL F 62 41.91 31.69 24.66
C VAL F 62 40.42 31.55 24.90
N ARG F 63 39.90 30.34 24.70
CA ARG F 63 38.48 30.04 24.92
C ARG F 63 38.39 29.10 26.11
N GLU F 64 37.67 29.53 27.15
CA GLU F 64 37.56 28.73 28.36
C GLU F 64 36.15 28.28 28.75
N LYS F 65 36.10 27.16 29.46
CA LYS F 65 34.86 26.57 29.95
C LYS F 65 35.21 25.35 30.81
N GLY F 66 34.34 25.05 31.79
CA GLY F 66 34.55 23.91 32.65
C GLY F 66 35.32 24.11 33.95
N SER F 67 35.41 23.04 34.72
CA SER F 67 36.11 23.03 36.01
C SER F 67 36.79 21.67 36.21
N GLY F 68 37.98 21.67 36.81
CA GLY F 68 38.67 20.42 37.03
C GLY F 68 40.09 20.51 36.50
N PRO F 69 40.80 19.39 36.35
CA PRO F 69 42.17 19.44 35.84
C PRO F 69 42.25 20.19 34.51
N LEU F 70 43.40 20.82 34.25
CA LEU F 70 43.62 21.59 33.03
C LEU F 70 43.88 20.74 31.78
N MSE F 71 43.19 21.08 30.70
CA MSE F 71 43.34 20.41 29.42
C MSE F 71 43.42 21.48 28.33
O MSE F 71 42.45 22.18 28.08
CB MSE F 71 42.13 19.49 29.18
CG MSE F 71 42.27 18.57 27.97
SE MSE F 71 40.93 17.15 27.92
CE MSE F 71 41.95 15.76 28.78
N LEU F 72 44.58 21.62 27.71
CA LEU F 72 44.78 22.61 26.67
C LEU F 72 44.73 22.02 25.26
N PHE F 73 43.96 22.66 24.38
CA PHE F 73 43.83 22.19 23.00
C PHE F 73 44.56 23.10 22.01
N PHE F 74 45.37 22.49 21.15
CA PHE F 74 46.13 23.22 20.15
C PHE F 74 45.79 22.84 18.70
N HIS F 75 45.42 23.84 17.90
CA HIS F 75 45.00 23.70 16.50
C HIS F 75 46.13 23.47 15.49
N GLY F 76 45.73 23.15 14.25
CA GLY F 76 46.69 22.95 13.18
C GLY F 76 47.07 24.26 12.53
N ILE F 77 48.06 24.25 11.66
CA ILE F 77 48.50 25.47 11.00
C ILE F 77 47.38 26.15 10.17
N THR F 78 47.27 27.46 10.34
CA THR F 78 46.28 28.34 9.70
C THR F 78 44.90 28.19 10.31
N SER F 79 44.80 27.37 11.34
CA SER F 79 43.51 27.15 12.01
C SER F 79 43.40 27.98 13.29
N ASN F 80 42.39 27.70 14.11
CA ASN F 80 42.23 28.42 15.37
C ASN F 80 41.44 27.62 16.41
N SER F 81 41.49 28.09 17.65
CA SER F 81 40.85 27.45 18.80
C SER F 81 39.40 27.01 18.67
N ALA F 82 38.57 27.84 18.04
CA ALA F 82 37.15 27.55 17.88
C ALA F 82 36.88 26.16 17.32
N VAL F 83 37.86 25.63 16.60
CA VAL F 83 37.74 24.33 15.98
C VAL F 83 37.53 23.21 17.00
N PHE F 84 37.96 23.43 18.25
CA PHE F 84 37.84 22.43 19.31
C PHE F 84 36.57 22.50 20.17
N GLU F 85 35.88 23.63 20.17
CA GLU F 85 34.66 23.78 20.98
C GLU F 85 33.69 22.58 20.99
N PRO F 86 33.49 21.91 19.84
CA PRO F 86 32.57 20.76 19.86
C PRO F 86 33.08 19.61 20.72
N LEU F 87 34.40 19.45 20.76
CA LEU F 87 35.04 18.39 21.54
C LEU F 87 35.11 18.72 23.04
N MSE F 88 35.44 19.96 23.36
CA MSE F 88 35.54 20.40 24.76
C MSE F 88 34.21 20.28 25.51
O MSE F 88 34.19 19.87 26.67
CB MSE F 88 36.04 21.82 24.81
CG MSE F 88 37.50 21.97 24.45
SE MSE F 88 37.95 23.79 24.03
CE MSE F 88 37.58 24.62 25.72
N ILE F 89 33.13 20.67 24.86
CA ILE F 89 31.81 20.61 25.47
C ILE F 89 31.49 19.20 25.99
N ARG F 90 32.24 18.21 25.52
CA ARG F 90 32.02 16.84 25.96
C ARG F 90 32.90 16.54 27.18
N LEU F 91 33.88 17.41 27.43
CA LEU F 91 34.81 17.23 28.53
C LEU F 91 34.85 18.37 29.55
N SER F 92 34.05 19.40 29.35
CA SER F 92 34.06 20.54 30.25
C SER F 92 33.40 20.31 31.61
N ASP F 93 32.67 19.20 31.74
CA ASP F 93 32.01 18.90 33.01
C ASP F 93 32.96 18.23 34.00
N ARG F 94 34.05 17.65 33.51
CA ARG F 94 35.01 16.97 34.35
C ARG F 94 36.37 17.64 34.30
N PHE F 95 36.63 18.34 33.21
CA PHE F 95 37.91 19.03 33.05
C PHE F 95 37.73 20.51 32.80
N THR F 96 38.83 21.23 32.92
CA THR F 96 38.85 22.66 32.65
C THR F 96 39.48 22.71 31.25
N THR F 97 38.61 22.74 30.24
CA THR F 97 39.01 22.76 28.83
C THR F 97 39.31 24.16 28.32
N ILE F 98 40.49 24.33 27.72
CA ILE F 98 40.90 25.63 27.18
C ILE F 98 41.53 25.48 25.79
N ALA F 99 40.90 26.11 24.79
CA ALA F 99 41.41 26.08 23.42
C ALA F 99 42.25 27.32 23.20
N VAL F 100 43.44 27.12 22.64
CA VAL F 100 44.39 28.20 22.43
C VAL F 100 44.72 28.64 21.00
N ASP F 101 44.51 29.94 20.72
CA ASP F 101 44.88 30.48 19.42
C ASP F 101 46.41 30.64 19.62
N GLN F 102 47.20 29.92 18.83
CA GLN F 102 48.65 30.01 18.99
C GLN F 102 49.20 31.23 18.26
N ARG F 103 50.40 31.63 18.62
CA ARG F 103 51.01 32.81 18.01
C ARG F 103 50.83 32.82 16.50
N GLY F 104 50.45 34.00 15.98
CA GLY F 104 50.24 34.16 14.54
C GLY F 104 48.86 33.78 14.05
N HIS F 105 48.06 33.13 14.90
CA HIS F 105 46.72 32.70 14.49
C HIS F 105 45.61 33.40 15.27
N GLY F 106 44.39 33.29 14.74
CA GLY F 106 43.22 33.88 15.36
C GLY F 106 43.36 35.27 15.95
N LEU F 107 42.98 35.40 17.22
CA LEU F 107 43.03 36.70 17.88
C LEU F 107 44.24 36.88 18.79
N SER F 108 45.30 36.14 18.53
CA SER F 108 46.52 36.22 19.33
C SER F 108 47.51 37.21 18.71
N ASP F 109 48.59 37.50 19.41
CA ASP F 109 49.59 38.42 18.86
C ASP F 109 50.21 37.73 17.66
N LYS F 110 50.70 38.52 16.72
CA LYS F 110 51.30 37.96 15.53
C LYS F 110 52.62 38.64 15.23
N PRO F 111 53.63 38.37 16.08
CA PRO F 111 54.98 38.94 15.96
C PRO F 111 55.53 38.75 14.57
N GLU F 112 56.58 39.50 14.24
CA GLU F 112 57.18 39.44 12.92
C GLU F 112 57.98 38.16 12.66
N THR F 113 58.45 37.52 13.71
CA THR F 113 59.22 36.29 13.53
C THR F 113 59.23 35.41 14.78
N GLY F 114 59.79 34.21 14.63
CA GLY F 114 59.85 33.28 15.74
C GLY F 114 58.69 32.30 15.71
N TYR F 115 58.74 31.36 14.76
CA TYR F 115 57.69 30.37 14.64
C TYR F 115 58.28 28.96 14.52
N GLU F 116 59.34 28.73 15.27
CA GLU F 116 60.00 27.43 15.28
C GLU F 116 59.34 26.59 16.36
N ALA F 117 59.66 25.29 16.39
CA ALA F 117 59.09 24.40 17.39
C ALA F 117 59.25 24.98 18.80
N ASN F 118 60.47 25.39 19.14
CA ASN F 118 60.75 25.94 20.46
C ASN F 118 59.92 27.17 20.80
N ASP F 119 59.68 28.02 19.80
CA ASP F 119 58.90 29.23 20.02
C ASP F 119 57.48 28.89 20.44
N TYR F 120 56.86 27.94 19.74
CA TYR F 120 55.50 27.52 20.05
C TYR F 120 55.49 26.79 21.40
N ALA F 121 56.56 26.04 21.65
CA ALA F 121 56.69 25.26 22.88
C ALA F 121 56.84 26.11 24.13
N ASP F 122 57.70 27.12 24.08
CA ASP F 122 57.89 27.98 25.24
C ASP F 122 56.57 28.70 25.54
N ASP F 123 55.78 28.95 24.51
CA ASP F 123 54.49 29.60 24.69
C ASP F 123 53.58 28.70 25.52
N ILE F 124 53.64 27.39 25.25
CA ILE F 124 52.83 26.43 25.99
C ILE F 124 53.20 26.47 27.46
N ALA F 125 54.51 26.45 27.75
CA ALA F 125 55.01 26.50 29.12
C ALA F 125 54.51 27.79 29.77
N GLY F 126 54.88 28.92 29.18
CA GLY F 126 54.48 30.21 29.71
C GLY F 126 52.98 30.35 29.94
N LEU F 127 52.20 29.60 29.18
CA LEU F 127 50.75 29.65 29.32
C LEU F 127 50.29 28.80 30.50
N ILE F 128 50.95 27.66 30.69
CA ILE F 128 50.60 26.78 31.79
C ILE F 128 50.91 27.47 33.11
N ARG F 129 52.07 28.13 33.17
CA ARG F 129 52.45 28.84 34.38
C ARG F 129 51.47 29.97 34.66
N THR F 130 51.31 30.86 33.67
CA THR F 130 50.40 32.00 33.82
C THR F 130 49.02 31.57 34.29
N LEU F 131 48.46 30.53 33.68
CA LEU F 131 47.13 30.07 34.06
C LEU F 131 47.07 29.58 35.50
N ALA F 132 48.19 29.07 36.00
CA ALA F 132 48.30 28.56 37.36
C ALA F 132 47.14 27.64 37.79
N ARG F 133 46.92 26.59 37.02
CA ARG F 133 45.85 25.62 37.32
C ARG F 133 46.48 24.24 37.54
N GLY F 134 47.80 24.20 37.59
CA GLY F 134 48.49 22.94 37.79
C GLY F 134 48.91 22.39 36.43
N HIS F 135 49.63 21.26 36.42
CA HIS F 135 50.05 20.69 35.15
C HIS F 135 48.82 20.44 34.28
N ALA F 136 49.01 20.44 32.97
CA ALA F 136 47.88 20.25 32.07
C ALA F 136 48.02 19.12 31.06
N ILE F 137 46.89 18.59 30.63
CA ILE F 137 46.87 17.58 29.61
C ILE F 137 46.93 18.38 28.32
N LEU F 138 47.81 17.98 27.41
CA LEU F 138 47.98 18.66 26.14
C LEU F 138 47.41 17.83 24.99
N VAL F 139 46.34 18.34 24.38
CA VAL F 139 45.71 17.65 23.25
C VAL F 139 45.79 18.57 22.04
N GLY F 140 46.70 18.24 21.12
CA GLY F 140 46.90 19.05 19.93
C GLY F 140 46.80 18.32 18.61
N HIS F 141 46.49 19.09 17.56
CA HIS F 141 46.35 18.55 16.23
C HIS F 141 47.37 19.09 15.24
N SER F 142 48.13 18.19 14.64
CA SER F 142 49.14 18.54 13.65
C SER F 142 50.17 19.49 14.24
N LEU F 143 50.17 20.76 13.81
CA LEU F 143 51.11 21.75 14.35
C LEU F 143 51.04 21.71 15.88
N GLY F 144 49.82 21.63 16.41
CA GLY F 144 49.64 21.58 17.85
C GLY F 144 50.24 20.34 18.51
N ALA F 145 50.02 19.19 17.89
CA ALA F 145 50.57 17.94 18.42
C ALA F 145 52.08 18.10 18.48
N ARG F 146 52.63 18.69 17.44
CA ARG F 146 54.07 18.90 17.35
C ARG F 146 54.56 19.80 18.47
N ASN F 147 53.81 20.86 18.74
CA ASN F 147 54.18 21.81 19.78
C ASN F 147 54.07 21.14 21.15
N SER F 148 52.99 20.40 21.35
CA SER F 148 52.75 19.73 22.62
C SER F 148 53.84 18.73 23.01
N VAL F 149 54.09 17.74 22.17
CA VAL F 149 55.13 16.75 22.46
C VAL F 149 56.46 17.46 22.72
N THR F 150 56.75 18.50 21.94
CA THR F 150 57.98 19.26 22.12
C THR F 150 58.00 19.93 23.48
N ALA F 151 56.83 20.38 23.92
CA ALA F 151 56.72 21.04 25.21
C ALA F 151 56.87 20.04 26.35
N ALA F 152 56.40 18.82 26.12
CA ALA F 152 56.48 17.77 27.12
C ALA F 152 57.89 17.21 27.34
N ALA F 153 58.70 17.24 26.29
CA ALA F 153 60.07 16.73 26.41
C ALA F 153 60.96 17.81 27.05
N LYS F 154 60.42 19.02 27.15
CA LYS F 154 61.17 20.14 27.73
C LYS F 154 60.62 20.61 29.07
N TYR F 155 59.33 20.45 29.30
CA TYR F 155 58.73 20.86 30.56
C TYR F 155 57.87 19.75 31.15
N PRO F 156 58.50 18.60 31.46
CA PRO F 156 57.78 17.45 32.03
C PRO F 156 56.98 17.74 33.29
N ASP F 157 57.36 18.78 34.03
CA ASP F 157 56.66 19.15 35.25
C ASP F 157 55.40 19.98 34.97
N LEU F 158 55.29 20.50 33.75
CA LEU F 158 54.15 21.30 33.37
C LEU F 158 53.05 20.50 32.68
N VAL F 159 53.43 19.44 31.98
CA VAL F 159 52.45 18.63 31.27
C VAL F 159 52.24 17.21 31.81
N ARG F 160 50.98 16.92 32.17
CA ARG F 160 50.58 15.61 32.72
C ARG F 160 50.66 14.50 31.67
N SER F 161 50.14 14.78 30.48
CA SER F 161 50.16 13.82 29.38
C SER F 161 49.84 14.54 28.07
N VAL F 162 50.06 13.87 26.94
CA VAL F 162 49.83 14.48 25.64
C VAL F 162 49.13 13.57 24.64
N VAL F 163 48.16 14.14 23.91
CA VAL F 163 47.44 13.42 22.88
C VAL F 163 47.93 14.08 21.60
N ALA F 164 48.84 13.41 20.90
CA ALA F 164 49.40 13.95 19.67
C ALA F 164 48.58 13.47 18.48
N ILE F 165 47.71 14.33 17.97
CA ILE F 165 46.88 13.96 16.83
C ILE F 165 47.47 14.30 15.47
N ASP F 166 47.83 13.25 14.76
CA ASP F 166 48.39 13.34 13.42
C ASP F 166 49.59 14.23 13.13
N PHE F 167 50.71 13.92 13.79
CA PHE F 167 51.96 14.61 13.56
C PHE F 167 53.03 13.88 14.35
N THR F 168 53.89 13.19 13.62
CA THR F 168 54.94 12.39 14.21
C THR F 168 56.25 12.73 13.49
N PRO F 169 57.36 12.11 13.92
CA PRO F 169 58.63 12.39 13.24
C PRO F 169 58.64 11.53 11.97
N TYR F 170 59.65 11.71 11.14
CA TYR F 170 59.79 10.92 9.92
C TYR F 170 58.81 11.23 8.81
N ILE F 171 58.13 12.38 8.90
CA ILE F 171 57.20 12.77 7.83
C ILE F 171 58.08 13.02 6.62
N GLU F 172 57.79 12.36 5.50
CA GLU F 172 58.59 12.55 4.30
C GLU F 172 58.49 13.97 3.75
N THR F 173 59.54 14.42 3.07
CA THR F 173 59.61 15.77 2.51
C THR F 173 58.45 16.07 1.56
N GLU F 174 58.03 15.08 0.80
CA GLU F 174 56.94 15.28 -0.14
C GLU F 174 55.68 15.74 0.56
N ALA F 175 55.38 15.15 1.71
CA ALA F 175 54.19 15.51 2.47
C ALA F 175 54.33 16.92 3.04
N LEU F 176 55.55 17.28 3.42
CA LEU F 176 55.81 18.60 3.97
C LEU F 176 55.75 19.67 2.88
N ASP F 177 56.19 19.33 1.66
CA ASP F 177 56.14 20.29 0.56
C ASP F 177 54.67 20.54 0.22
N ALA F 178 53.88 19.49 0.28
CA ALA F 178 52.45 19.58 -0.02
C ALA F 178 51.72 20.41 1.03
N LEU F 179 52.21 20.36 2.27
CA LEU F 179 51.59 21.14 3.33
C LEU F 179 52.02 22.59 3.15
N GLU F 180 53.30 22.77 2.87
CA GLU F 180 53.88 24.09 2.66
C GLU F 180 53.21 24.78 1.46
N ALA F 181 52.97 24.02 0.40
CA ALA F 181 52.32 24.57 -0.79
C ALA F 181 50.86 24.88 -0.50
N ARG F 182 50.22 24.03 0.30
CA ARG F 182 48.82 24.24 0.63
C ARG F 182 48.62 25.52 1.44
N VAL F 183 49.48 25.77 2.42
CA VAL F 183 49.34 26.96 3.26
C VAL F 183 49.54 28.27 2.48
N ASN F 184 50.52 28.29 1.58
CA ASN F 184 50.80 29.49 0.80
C ASN F 184 49.68 29.86 -0.17
N ALA F 185 48.69 28.98 -0.28
CA ALA F 185 47.57 29.22 -1.18
C ALA F 185 46.30 29.64 -0.43
N GLY F 186 46.37 29.71 0.89
CA GLY F 186 45.20 30.09 1.67
C GLY F 186 44.99 31.57 1.88
N SER F 187 46.07 32.35 1.84
CA SER F 187 45.97 33.78 2.04
C SER F 187 45.19 34.47 0.93
N GLN F 188 44.03 35.01 1.27
CA GLN F 188 43.23 35.70 0.28
C GLN F 188 42.04 36.49 0.80
N LEU F 189 41.41 37.24 -0.09
CA LEU F 189 40.27 38.09 0.23
C LEU F 189 38.99 37.58 -0.40
N PHE F 190 38.00 37.25 0.43
CA PHE F 190 36.72 36.74 -0.05
C PHE F 190 35.61 37.78 0.13
N GLU F 191 34.57 37.69 -0.70
CA GLU F 191 33.46 38.63 -0.61
C GLU F 191 32.66 38.46 0.68
N ASP F 192 32.17 37.25 0.90
CA ASP F 192 31.36 36.94 2.07
C ASP F 192 31.64 35.57 2.68
N ILE F 193 30.91 35.26 3.75
CA ILE F 193 31.05 33.99 4.47
C ILE F 193 30.71 32.80 3.57
N LYS F 194 29.68 32.93 2.75
CA LYS F 194 29.29 31.85 1.84
C LYS F 194 30.45 31.49 0.93
N ALA F 195 31.21 32.50 0.52
CA ALA F 195 32.37 32.28 -0.35
C ALA F 195 33.46 31.56 0.44
N VAL F 196 33.63 31.94 1.72
CA VAL F 196 34.64 31.30 2.55
C VAL F 196 34.29 29.82 2.78
N GLU F 197 33.03 29.56 3.08
CA GLU F 197 32.57 28.20 3.32
C GLU F 197 32.82 27.28 2.13
N ALA F 198 32.43 27.73 0.95
CA ALA F 198 32.60 26.97 -0.27
C ALA F 198 34.08 26.67 -0.48
N TYR F 199 34.91 27.71 -0.39
CA TYR F 199 36.35 27.55 -0.57
C TYR F 199 36.92 26.46 0.36
N LEU F 200 36.66 26.58 1.67
CA LEU F 200 37.17 25.62 2.64
C LEU F 200 36.63 24.21 2.43
N ALA F 201 35.41 24.09 1.91
CA ALA F 201 34.83 22.79 1.65
C ALA F 201 35.67 22.04 0.60
N GLY F 202 36.14 22.76 -0.42
CA GLY F 202 36.94 22.12 -1.45
C GLY F 202 38.36 21.86 -0.96
N ARG F 203 38.79 22.71 -0.05
CA ARG F 203 40.13 22.64 0.54
C ARG F 203 40.22 21.43 1.48
N TYR F 204 39.16 21.18 2.23
CA TYR F 204 39.11 20.05 3.16
C TYR F 204 37.85 19.25 2.86
N PRO F 205 37.83 18.52 1.73
CA PRO F 205 36.67 17.73 1.34
C PRO F 205 36.09 16.76 2.35
N ASN F 206 36.92 16.19 3.20
CA ASN F 206 36.42 15.23 4.20
C ASN F 206 35.87 15.84 5.50
N ILE F 207 36.02 17.15 5.67
CA ILE F 207 35.52 17.77 6.90
C ILE F 207 34.03 18.09 6.82
N PRO F 208 33.25 17.62 7.82
CA PRO F 208 31.80 17.86 7.86
C PRO F 208 31.44 19.33 7.71
N ALA F 209 30.34 19.58 7.03
CA ALA F 209 29.88 20.95 6.80
C ALA F 209 29.82 21.78 8.08
N ASP F 210 29.29 21.19 9.14
CA ASP F 210 29.19 21.93 10.41
C ASP F 210 30.57 22.42 10.86
N ALA F 211 31.59 21.60 10.68
CA ALA F 211 32.95 21.98 11.07
C ALA F 211 33.50 23.01 10.09
N ILE F 212 33.14 22.90 8.82
CA ILE F 212 33.59 23.87 7.84
C ILE F 212 33.03 25.22 8.28
N ARG F 213 31.76 25.22 8.67
CA ARG F 213 31.09 26.42 9.13
C ARG F 213 31.83 27.06 10.29
N ILE F 214 32.28 26.25 11.25
CA ILE F 214 33.00 26.76 12.41
C ILE F 214 34.29 27.45 11.97
N ARG F 215 35.04 26.83 11.08
CA ARG F 215 36.29 27.40 10.59
C ARG F 215 36.07 28.72 9.86
N ALA F 216 34.96 28.81 9.13
CA ALA F 216 34.61 30.01 8.37
C ALA F 216 34.20 31.17 9.28
N GLU F 217 33.32 30.91 10.23
CA GLU F 217 32.85 31.93 11.16
C GLU F 217 33.93 32.44 12.10
N SER F 218 34.88 31.57 12.44
CA SER F 218 35.94 31.92 13.38
C SER F 218 37.28 32.33 12.82
N GLY F 219 37.67 31.75 11.69
CA GLY F 219 38.96 32.06 11.12
C GLY F 219 39.09 33.28 10.24
N TYR F 220 37.98 33.93 9.91
CA TYR F 220 38.05 35.10 9.03
C TYR F 220 37.48 36.37 9.64
N GLN F 221 38.10 37.50 9.32
CA GLN F 221 37.70 38.81 9.85
C GLN F 221 37.31 39.83 8.78
N PRO F 222 36.30 40.66 9.05
CA PRO F 222 35.90 41.66 8.04
C PRO F 222 36.93 42.77 7.89
N VAL F 223 37.25 43.09 6.64
CA VAL F 223 38.20 44.15 6.32
C VAL F 223 37.62 44.83 5.09
N ASP F 224 38.26 45.88 4.61
CA ASP F 224 37.75 46.56 3.42
C ASP F 224 38.01 45.61 2.25
N GLY F 225 36.95 45.20 1.58
CA GLY F 225 37.08 44.28 0.46
C GLY F 225 36.34 42.97 0.75
N GLY F 226 36.22 42.63 2.03
CA GLY F 226 35.53 41.41 2.41
C GLY F 226 36.15 40.73 3.61
N LEU F 227 36.25 39.41 3.56
CA LEU F 227 36.82 38.65 4.66
C LEU F 227 38.25 38.22 4.34
N ARG F 228 39.09 38.21 5.35
CA ARG F 228 40.47 37.81 5.20
C ARG F 228 40.84 36.93 6.39
N PRO F 229 41.80 36.02 6.19
CA PRO F 229 42.19 35.14 7.31
C PRO F 229 42.76 35.97 8.46
N LEU F 230 42.50 35.54 9.69
CA LEU F 230 43.03 36.25 10.86
C LEU F 230 44.53 36.02 10.96
N ALA F 231 44.96 34.82 10.57
CA ALA F 231 46.38 34.44 10.62
C ALA F 231 47.28 35.29 9.73
N SER F 232 48.48 35.56 10.23
CA SER F 232 49.46 36.34 9.48
C SER F 232 50.05 35.39 8.45
N SER F 233 49.91 35.74 7.17
CA SER F 233 50.44 34.89 6.12
C SER F 233 51.96 34.76 6.26
N ALA F 234 52.63 35.85 6.64
CA ALA F 234 54.07 35.83 6.81
C ALA F 234 54.42 34.81 7.89
N ALA F 235 53.61 34.78 8.93
CA ALA F 235 53.79 33.86 10.05
C ALA F 235 53.55 32.41 9.61
N MSE F 236 52.54 32.21 8.77
CA MSE F 236 52.20 30.89 8.27
C MSE F 236 53.37 30.31 7.48
O MSE F 236 53.69 29.13 7.61
CB MSE F 236 50.98 30.96 7.36
CG MSE F 236 49.74 31.54 8.04
SE MSE F 236 49.25 30.58 9.64
CE MSE F 236 50.21 31.63 10.97
N ALA F 237 53.98 31.14 6.65
CA ALA F 237 55.10 30.71 5.84
C ALA F 237 56.24 30.22 6.74
N GLN F 238 56.55 30.98 7.78
CA GLN F 238 57.62 30.61 8.70
C GLN F 238 57.27 29.34 9.48
N THR F 239 56.02 29.24 9.93
CA THR F 239 55.57 28.08 10.68
C THR F 239 55.70 26.80 9.83
N ALA F 240 55.20 26.84 8.60
CA ALA F 240 55.25 25.69 7.70
C ALA F 240 56.70 25.25 7.51
N ARG F 241 57.55 26.22 7.22
CA ARG F 241 58.97 25.98 7.02
C ARG F 241 59.52 25.34 8.30
N GLY F 242 59.03 25.81 9.44
CA GLY F 242 59.47 25.30 10.72
C GLY F 242 59.01 23.88 11.02
N LEU F 243 57.91 23.45 10.40
CA LEU F 243 57.39 22.10 10.62
C LEU F 243 58.28 21.04 9.97
N ARG F 244 59.35 21.46 9.32
CA ARG F 244 60.28 20.54 8.66
C ARG F 244 61.39 20.10 9.61
N SER F 245 61.46 20.74 10.77
CA SER F 245 62.48 20.43 11.76
C SER F 245 62.39 18.98 12.23
N ASP F 246 63.56 18.38 12.44
CA ASP F 246 63.64 17.00 12.90
C ASP F 246 62.94 16.88 14.26
N LEU F 247 61.91 16.05 14.32
CA LEU F 247 61.12 15.87 15.54
C LEU F 247 61.46 14.63 16.36
N VAL F 248 62.42 13.85 15.89
CA VAL F 248 62.84 12.63 16.59
C VAL F 248 63.28 12.88 18.05
N PRO F 249 64.14 13.89 18.28
CA PRO F 249 64.61 14.19 19.63
C PRO F 249 63.46 14.38 20.61
N ALA F 250 62.41 15.06 20.15
CA ALA F 250 61.24 15.31 20.98
C ALA F 250 60.54 14.01 21.38
N TYR F 251 60.17 13.20 20.39
CA TYR F 251 59.48 11.94 20.65
C TYR F 251 60.33 10.97 21.46
N ARG F 252 61.62 10.94 21.15
CA ARG F 252 62.55 10.06 21.84
C ARG F 252 62.74 10.41 23.33
N ASP F 253 62.85 11.71 23.64
CA ASP F 253 63.06 12.15 25.02
C ASP F 253 61.84 12.35 25.92
N VAL F 254 60.67 12.54 25.34
CA VAL F 254 59.48 12.75 26.16
C VAL F 254 59.35 11.66 27.22
N THR F 255 59.13 12.08 28.47
CA THR F 255 58.98 11.12 29.56
C THR F 255 57.55 11.02 30.04
N LYS F 256 56.71 11.98 29.66
CA LYS F 256 55.31 11.96 30.09
C LYS F 256 54.50 11.16 29.08
N PRO F 257 53.38 10.56 29.51
CA PRO F 257 52.56 9.77 28.58
C PRO F 257 52.16 10.54 27.31
N VAL F 258 52.18 9.84 26.18
CA VAL F 258 51.80 10.43 24.90
C VAL F 258 51.01 9.42 24.08
N LEU F 259 49.78 9.79 23.71
CA LEU F 259 48.93 8.94 22.88
C LEU F 259 49.09 9.42 21.44
N ILE F 260 49.48 8.51 20.56
CA ILE F 260 49.67 8.83 19.15
C ILE F 260 48.41 8.44 18.37
N VAL F 261 47.81 9.42 17.71
CA VAL F 261 46.61 9.20 16.93
C VAL F 261 46.88 9.53 15.47
N ARG F 262 46.57 8.59 14.60
CA ARG F 262 46.79 8.81 13.17
C ARG F 262 45.54 8.45 12.40
N GLY F 263 45.23 9.26 11.40
CA GLY F 263 44.08 8.97 10.56
C GLY F 263 44.54 7.91 9.58
N GLU F 264 43.75 6.86 9.44
CA GLU F 264 44.06 5.76 8.54
C GLU F 264 44.44 6.21 7.13
N SER F 265 43.72 7.20 6.61
CA SER F 265 44.01 7.69 5.26
C SER F 265 44.73 9.04 5.21
N SER F 266 45.28 9.46 6.34
CA SER F 266 46.01 10.73 6.44
C SER F 266 47.12 10.83 5.38
N LYS F 267 47.26 12.01 4.78
CA LYS F 267 48.29 12.21 3.75
C LYS F 267 49.54 12.89 4.33
N LEU F 268 49.44 13.39 5.55
CA LEU F 268 50.56 14.06 6.20
C LEU F 268 51.42 13.04 6.94
N VAL F 269 50.79 12.18 7.73
CA VAL F 269 51.50 11.12 8.45
C VAL F 269 51.26 9.77 7.77
N SER F 270 52.23 9.33 6.98
CA SER F 270 52.12 8.07 6.27
C SER F 270 52.11 6.90 7.24
N ALA F 271 51.80 5.71 6.74
CA ALA F 271 51.78 4.52 7.56
C ALA F 271 53.22 4.22 7.93
N ALA F 272 54.12 4.46 6.97
CA ALA F 272 55.54 4.24 7.16
C ALA F 272 56.07 5.11 8.29
N ALA F 273 55.68 6.38 8.30
CA ALA F 273 56.15 7.29 9.34
C ALA F 273 55.66 6.85 10.73
N LEU F 274 54.41 6.38 10.80
CA LEU F 274 53.86 5.93 12.07
C LEU F 274 54.63 4.69 12.51
N ALA F 275 54.88 3.80 11.56
CA ALA F 275 55.61 2.56 11.83
C ALA F 275 57.00 2.88 12.36
N LYS F 276 57.66 3.85 11.74
CA LYS F 276 59.00 4.25 12.17
C LYS F 276 58.94 4.87 13.56
N THR F 277 57.84 5.56 13.85
CA THR F 277 57.68 6.20 15.14
C THR F 277 57.55 5.20 16.28
N SER F 278 56.85 4.10 16.01
CA SER F 278 56.66 3.07 17.03
C SER F 278 57.93 2.26 17.30
N ARG F 279 58.84 2.23 16.34
CA ARG F 279 60.09 1.51 16.53
C ARG F 279 61.02 2.37 17.38
N LEU F 280 60.79 3.68 17.35
CA LEU F 280 61.57 4.65 18.11
C LEU F 280 61.07 4.70 19.55
N ARG F 281 59.76 4.48 19.74
CA ARG F 281 59.15 4.47 21.07
C ARG F 281 57.98 3.48 21.06
N PRO F 282 58.28 2.17 21.09
CA PRO F 282 57.21 1.16 21.08
C PRO F 282 56.32 1.16 22.30
N ASP F 283 56.72 1.88 23.34
CA ASP F 283 55.92 1.95 24.55
C ASP F 283 54.73 2.90 24.47
N LEU F 284 54.79 3.87 23.56
CA LEU F 284 53.71 4.82 23.40
C LEU F 284 52.49 4.19 22.75
N PRO F 285 51.32 4.27 23.42
CA PRO F 285 50.10 3.70 22.86
C PRO F 285 49.71 4.39 21.56
N VAL F 286 49.12 3.63 20.64
CA VAL F 286 48.74 4.15 19.33
C VAL F 286 47.29 3.88 18.95
N VAL F 287 46.67 4.85 18.30
CA VAL F 287 45.30 4.71 17.85
C VAL F 287 45.20 5.19 16.40
N VAL F 288 44.80 4.29 15.51
CA VAL F 288 44.65 4.62 14.10
C VAL F 288 43.15 4.69 13.82
N VAL F 289 42.68 5.86 13.41
CA VAL F 289 41.25 6.02 13.14
C VAL F 289 40.87 5.75 11.69
N PRO F 290 40.07 4.70 11.46
CA PRO F 290 39.62 4.31 10.11
C PRO F 290 38.60 5.32 9.57
N GLY F 291 38.63 5.53 8.26
CA GLY F 291 37.70 6.46 7.65
C GLY F 291 38.07 7.90 7.92
N ALA F 292 39.27 8.10 8.47
CA ALA F 292 39.73 9.44 8.78
C ALA F 292 41.04 9.79 8.10
N ASP F 293 41.15 11.03 7.62
CA ASP F 293 42.39 11.49 6.99
C ASP F 293 43.17 12.30 8.01
N HIS F 294 43.86 13.34 7.55
CA HIS F 294 44.66 14.15 8.45
C HIS F 294 43.85 14.87 9.53
N TYR F 295 42.64 15.30 9.17
CA TYR F 295 41.76 16.02 10.08
C TYR F 295 40.93 15.05 10.92
N VAL F 296 41.62 14.35 11.81
CA VAL F 296 40.99 13.33 12.65
C VAL F 296 39.89 13.79 13.61
N ASN F 297 40.18 14.76 14.47
CA ASN F 297 39.15 15.20 15.43
C ASN F 297 37.91 15.78 14.76
N GLU F 298 38.06 16.30 13.54
CA GLU F 298 36.92 16.87 12.84
C GLU F 298 36.16 15.84 12.01
N VAL F 299 36.88 14.96 11.31
CA VAL F 299 36.24 13.94 10.48
C VAL F 299 35.64 12.81 11.30
N SER F 300 36.26 12.50 12.44
CA SER F 300 35.79 11.42 13.31
C SER F 300 35.74 11.90 14.75
N PRO F 301 34.73 12.70 15.10
CA PRO F 301 34.59 13.22 16.47
C PRO F 301 34.34 12.17 17.53
N GLU F 302 33.45 11.23 17.26
CA GLU F 302 33.12 10.19 18.23
C GLU F 302 34.30 9.34 18.62
N ILE F 303 35.01 8.81 17.64
CA ILE F 303 36.18 7.97 17.92
C ILE F 303 37.31 8.75 18.56
N THR F 304 37.44 10.02 18.20
CA THR F 304 38.50 10.84 18.78
C THR F 304 38.23 11.02 20.27
N LEU F 305 36.99 11.34 20.61
CA LEU F 305 36.59 11.54 22.00
C LEU F 305 36.85 10.26 22.80
N LYS F 306 36.27 9.15 22.34
CA LYS F 306 36.42 7.85 22.98
C LYS F 306 37.90 7.50 23.15
N ALA F 307 38.71 7.81 22.15
CA ALA F 307 40.14 7.53 22.19
C ALA F 307 40.82 8.36 23.28
N ILE F 308 40.45 9.64 23.38
CA ILE F 308 41.04 10.51 24.38
C ILE F 308 40.70 10.04 25.79
N THR F 309 39.43 9.71 26.04
CA THR F 309 39.03 9.27 27.36
C THR F 309 39.72 7.97 27.75
N ASN F 310 39.69 6.97 26.86
CA ASN F 310 40.34 5.69 27.15
C ASN F 310 41.79 5.93 27.60
N PHE F 311 42.35 7.06 27.19
CA PHE F 311 43.72 7.42 27.53
C PHE F 311 43.85 8.11 28.87
N ILE F 312 43.17 9.24 29.04
CA ILE F 312 43.26 10.02 30.28
C ILE F 312 42.53 9.41 31.48
N ASP F 313 41.54 8.56 31.23
CA ASP F 313 40.78 7.93 32.30
C ASP F 313 41.34 6.59 32.77
N ALA F 314 42.49 6.20 32.23
CA ALA F 314 43.09 4.93 32.61
C ALA F 314 43.70 5.00 34.01
N HIS G 47 59.28 -8.28 48.98
CA HIS G 47 58.65 -8.73 50.27
C HIS G 47 57.14 -8.56 50.26
N PHE G 48 56.46 -9.55 49.68
CA PHE G 48 55.00 -9.54 49.57
C PHE G 48 54.37 -10.45 50.61
N ILE G 49 53.13 -10.12 50.99
CA ILE G 49 52.40 -10.90 51.96
C ILE G 49 51.35 -11.73 51.25
N SER G 50 51.44 -13.04 51.40
CA SER G 50 50.47 -13.94 50.77
C SER G 50 49.41 -14.36 51.79
N ARG G 51 48.22 -14.69 51.30
CA ARG G 51 47.13 -15.11 52.16
C ARG G 51 45.95 -15.56 51.32
N ARG G 52 45.27 -16.61 51.76
CA ARG G 52 44.13 -17.10 51.00
C ARG G 52 42.93 -16.26 51.41
N VAL G 53 42.27 -15.69 50.41
CA VAL G 53 41.12 -14.85 50.65
C VAL G 53 39.84 -15.55 50.24
N ASP G 54 38.86 -15.56 51.13
CA ASP G 54 37.58 -16.17 50.83
C ASP G 54 36.73 -15.06 50.26
N ILE G 55 36.11 -15.31 49.11
CA ILE G 55 35.27 -14.29 48.49
C ILE G 55 33.83 -14.77 48.38
N GLY G 56 33.52 -15.83 49.12
CA GLY G 56 32.18 -16.40 49.12
C GLY G 56 32.06 -17.59 48.19
N ARG G 57 31.95 -17.29 46.89
CA ARG G 57 31.83 -18.30 45.86
C ARG G 57 33.02 -19.27 45.87
N ILE G 58 34.18 -18.77 46.32
CA ILE G 58 35.40 -19.58 46.36
C ILE G 58 36.46 -18.80 47.14
N THR G 59 37.58 -19.46 47.46
CA THR G 59 38.66 -18.75 48.15
C THR G 59 39.92 -18.83 47.30
N LEU G 60 40.56 -17.67 47.13
CA LEU G 60 41.74 -17.54 46.29
C LEU G 60 42.98 -17.04 47.04
N ASN G 61 44.14 -17.47 46.58
CA ASN G 61 45.39 -17.03 47.17
C ASN G 61 45.85 -15.77 46.44
N VAL G 62 46.33 -14.77 47.17
CA VAL G 62 46.80 -13.54 46.56
C VAL G 62 48.10 -13.07 47.21
N ARG G 63 48.84 -12.22 46.50
CA ARG G 63 50.10 -11.69 46.99
C ARG G 63 49.92 -10.17 46.99
N GLU G 64 50.17 -9.54 48.14
CA GLU G 64 49.99 -8.10 48.24
C GLU G 64 51.25 -7.37 48.68
N LYS G 65 51.32 -6.08 48.32
CA LYS G 65 52.44 -5.21 48.67
C LYS G 65 52.16 -3.79 48.18
N GLY G 66 52.48 -2.81 49.02
CA GLY G 66 52.27 -1.42 48.65
C GLY G 66 50.96 -0.82 49.14
N SER G 67 50.79 0.46 48.82
CA SER G 67 49.58 1.19 49.21
C SER G 67 49.15 2.12 48.09
N GLY G 68 47.83 2.33 47.97
CA GLY G 68 47.31 3.22 46.95
C GLY G 68 46.12 2.62 46.22
N PRO G 69 45.90 3.03 44.95
CA PRO G 69 44.77 2.49 44.19
C PRO G 69 45.00 0.99 43.96
N LEU G 70 43.93 0.23 44.03
CA LEU G 70 44.02 -1.21 43.84
C LEU G 70 44.36 -1.63 42.41
N MSE G 71 45.42 -2.41 42.27
CA MSE G 71 45.84 -2.89 40.97
C MSE G 71 46.01 -4.41 41.03
O MSE G 71 46.90 -4.92 41.71
CB MSE G 71 47.16 -2.24 40.58
CG MSE G 71 47.57 -2.50 39.13
SE MSE G 71 49.07 -1.42 38.60
CE MSE G 71 48.22 0.32 38.62
N LEU G 72 45.13 -5.13 40.32
CA LEU G 72 45.14 -6.59 40.28
C LEU G 72 45.87 -7.18 39.07
N PHE G 73 46.62 -8.26 39.30
CA PHE G 73 47.37 -8.94 38.26
C PHE G 73 46.93 -10.39 38.12
N PHE G 74 46.61 -10.80 36.89
CA PHE G 74 46.16 -12.16 36.62
C PHE G 74 47.02 -12.85 35.57
N HIS G 75 47.64 -13.96 35.98
CA HIS G 75 48.54 -14.77 35.15
C HIS G 75 47.85 -15.55 34.02
N GLY G 76 48.66 -16.26 33.24
CA GLY G 76 48.14 -17.09 32.16
C GLY G 76 47.90 -18.53 32.58
N ILE G 77 47.36 -19.35 31.68
CA ILE G 77 47.06 -20.76 31.97
C ILE G 77 48.27 -21.57 32.46
N THR G 78 48.07 -22.29 33.57
CA THR G 78 49.07 -23.14 34.26
C THR G 78 50.16 -22.37 35.02
N SER G 79 50.07 -21.05 35.01
CA SER G 79 51.03 -20.18 35.68
C SER G 79 50.48 -19.79 37.04
N ASN G 80 51.12 -18.82 37.71
CA ASN G 80 50.63 -18.37 39.02
C ASN G 80 51.03 -16.93 39.31
N SER G 81 50.51 -16.38 40.41
CA SER G 81 50.75 -14.99 40.80
C SER G 81 52.20 -14.56 40.97
N ALA G 82 53.06 -15.46 41.44
CA ALA G 82 54.46 -15.11 41.67
C ALA G 82 55.16 -14.46 40.48
N VAL G 83 54.73 -14.81 39.26
CA VAL G 83 55.33 -14.25 38.05
C VAL G 83 55.27 -12.72 37.95
N PHE G 84 54.27 -12.11 38.58
CA PHE G 84 54.11 -10.65 38.54
C PHE G 84 54.89 -9.86 39.59
N GLU G 85 55.58 -10.53 40.51
CA GLU G 85 56.32 -9.81 41.55
C GLU G 85 57.40 -8.83 41.06
N PRO G 86 58.17 -9.20 40.02
CA PRO G 86 59.20 -8.28 39.54
C PRO G 86 58.61 -6.96 39.03
N LEU G 87 57.42 -7.05 38.44
CA LEU G 87 56.74 -5.88 37.90
C LEU G 87 56.02 -5.10 38.99
N MSE G 88 55.41 -5.82 39.92
CA MSE G 88 54.68 -5.19 41.02
C MSE G 88 55.51 -4.35 41.96
O MSE G 88 55.00 -3.38 42.53
CB MSE G 88 53.93 -6.27 41.80
CG MSE G 88 52.70 -6.76 41.09
SE MSE G 88 51.87 -8.22 42.00
CE MSE G 88 51.66 -7.42 43.76
N ILE G 89 56.77 -4.71 42.15
CA ILE G 89 57.64 -3.96 43.04
C ILE G 89 57.89 -2.57 42.49
N ARG G 90 57.82 -2.45 41.17
CA ARG G 90 58.04 -1.18 40.49
C ARG G 90 56.81 -0.28 40.55
N LEU G 91 55.73 -0.77 41.14
CA LEU G 91 54.49 0.00 41.22
C LEU G 91 53.92 0.07 42.62
N SER G 92 54.41 -0.79 43.51
CA SER G 92 53.92 -0.84 44.89
C SER G 92 54.09 0.48 45.63
N ASP G 93 55.04 1.30 45.18
CA ASP G 93 55.28 2.59 45.81
C ASP G 93 54.11 3.56 45.65
N ARG G 94 53.25 3.30 44.65
CA ARG G 94 52.11 4.17 44.38
C ARG G 94 50.76 3.45 44.33
N PHE G 95 50.79 2.13 44.14
CA PHE G 95 49.55 1.36 44.07
C PHE G 95 49.58 0.16 44.99
N THR G 96 48.39 -0.32 45.33
CA THR G 96 48.23 -1.51 46.15
C THR G 96 48.21 -2.66 45.12
N THR G 97 49.40 -3.10 44.74
CA THR G 97 49.57 -4.18 43.77
C THR G 97 49.26 -5.54 44.39
N ILE G 98 48.33 -6.28 43.78
CA ILE G 98 47.95 -7.60 44.27
C ILE G 98 47.87 -8.69 43.18
N ALA G 99 48.81 -9.63 43.19
CA ALA G 99 48.82 -10.73 42.22
C ALA G 99 47.84 -11.80 42.70
N VAL G 100 47.09 -12.39 41.77
CA VAL G 100 46.08 -13.38 42.13
C VAL G 100 46.24 -14.76 41.49
N ASP G 101 46.13 -15.81 42.30
CA ASP G 101 46.17 -17.17 41.78
C ASP G 101 44.70 -17.38 41.40
N GLN G 102 44.41 -17.58 40.13
CA GLN G 102 43.03 -17.79 39.74
C GLN G 102 42.63 -19.23 39.97
N ARG G 103 41.33 -19.50 40.06
CA ARG G 103 40.84 -20.85 40.31
C ARG G 103 41.57 -21.90 39.49
N GLY G 104 41.87 -23.03 40.13
CA GLY G 104 42.55 -24.12 39.46
C GLY G 104 44.08 -24.03 39.51
N HIS G 105 44.61 -22.84 39.78
CA HIS G 105 46.06 -22.64 39.82
C HIS G 105 46.61 -22.30 41.20
N GLY G 106 47.94 -22.37 41.32
CA GLY G 106 48.61 -22.05 42.56
C GLY G 106 47.97 -22.59 43.82
N LEU G 107 47.74 -21.69 44.79
CA LEU G 107 47.15 -22.06 46.07
C LEU G 107 45.68 -21.70 46.22
N SER G 108 44.97 -21.53 45.11
CA SER G 108 43.55 -21.20 45.18
C SER G 108 42.71 -22.47 45.07
N ASP G 109 41.45 -22.40 45.47
CA ASP G 109 40.59 -23.57 45.38
C ASP G 109 40.61 -24.11 43.94
N LYS G 110 40.46 -25.42 43.81
CA LYS G 110 40.43 -26.05 42.50
C LYS G 110 39.16 -26.87 42.38
N PRO G 111 38.03 -26.20 42.15
CA PRO G 111 36.75 -26.89 42.01
C PRO G 111 36.79 -27.92 40.88
N GLU G 112 35.94 -28.92 41.01
CA GLU G 112 35.86 -30.01 40.05
C GLU G 112 35.39 -29.55 38.68
N THR G 113 34.65 -28.44 38.64
CA THR G 113 34.14 -27.93 37.38
C THR G 113 33.83 -26.42 37.47
N GLY G 114 33.62 -25.79 36.33
CA GLY G 114 33.32 -24.36 36.31
C GLY G 114 34.53 -23.50 35.96
N TYR G 115 35.12 -23.71 34.78
CA TYR G 115 36.27 -22.92 34.36
C TYR G 115 36.06 -22.20 33.03
N GLU G 116 34.93 -21.50 32.91
CA GLU G 116 34.62 -20.76 31.71
C GLU G 116 34.87 -19.27 31.98
N ALA G 117 34.76 -18.45 30.93
CA ALA G 117 34.99 -17.01 31.06
C ALA G 117 34.23 -16.40 32.23
N ASN G 118 32.94 -16.72 32.36
CA ASN G 118 32.12 -16.18 33.43
C ASN G 118 32.60 -16.56 34.84
N ASP G 119 32.87 -17.85 35.04
CA ASP G 119 33.36 -18.33 36.31
C ASP G 119 34.57 -17.50 36.76
N TYR G 120 35.57 -17.39 35.87
CA TYR G 120 36.76 -16.62 36.17
C TYR G 120 36.45 -15.13 36.36
N ALA G 121 35.57 -14.60 35.54
CA ALA G 121 35.22 -13.19 35.62
C ALA G 121 34.49 -12.87 36.93
N ASP G 122 33.59 -13.74 37.35
CA ASP G 122 32.86 -13.52 38.59
C ASP G 122 33.85 -13.53 39.77
N ASP G 123 34.88 -14.37 39.68
CA ASP G 123 35.89 -14.45 40.72
C ASP G 123 36.58 -13.10 40.91
N ILE G 124 36.76 -12.37 39.81
CA ILE G 124 37.40 -11.07 39.87
C ILE G 124 36.48 -10.04 40.51
N ALA G 125 35.18 -10.18 40.28
CA ALA G 125 34.22 -9.25 40.85
C ALA G 125 34.09 -9.50 42.34
N GLY G 126 33.79 -10.75 42.69
CA GLY G 126 33.65 -11.12 44.07
C GLY G 126 34.88 -10.70 44.85
N LEU G 127 36.03 -10.79 44.21
CA LEU G 127 37.29 -10.43 44.85
C LEU G 127 37.39 -8.93 45.04
N ILE G 128 36.89 -8.15 44.08
CA ILE G 128 36.95 -6.69 44.16
C ILE G 128 36.02 -6.17 45.26
N ARG G 129 34.89 -6.86 45.47
CA ARG G 129 33.96 -6.46 46.52
C ARG G 129 34.65 -6.70 47.86
N THR G 130 35.03 -7.96 48.08
CA THR G 130 35.71 -8.39 49.31
C THR G 130 36.85 -7.47 49.76
N LEU G 131 37.80 -7.20 48.87
CA LEU G 131 38.93 -6.34 49.21
C LEU G 131 38.43 -4.97 49.61
N ALA G 132 37.27 -4.60 49.06
CA ALA G 132 36.64 -3.31 49.32
C ALA G 132 37.62 -2.15 49.41
N ARG G 133 38.39 -1.93 48.35
CA ARG G 133 39.35 -0.84 48.31
C ARG G 133 39.13 0.01 47.06
N GLY G 134 37.86 0.09 46.64
CA GLY G 134 37.52 0.85 45.47
C GLY G 134 37.60 -0.01 44.22
N HIS G 135 37.58 0.63 43.05
CA HIS G 135 37.66 -0.11 41.80
C HIS G 135 39.12 -0.43 41.50
N ALA G 136 39.35 -1.51 40.75
CA ALA G 136 40.72 -1.93 40.46
C ALA G 136 41.18 -1.82 39.01
N ILE G 137 42.48 -1.66 38.85
CA ILE G 137 43.10 -1.61 37.54
C ILE G 137 43.51 -3.04 37.28
N LEU G 138 42.92 -3.67 36.27
CA LEU G 138 43.24 -5.07 35.94
C LEU G 138 44.39 -5.23 34.96
N VAL G 139 45.43 -5.96 35.37
CA VAL G 139 46.57 -6.24 34.51
C VAL G 139 46.57 -7.75 34.28
N GLY G 140 46.11 -8.17 33.11
CA GLY G 140 46.06 -9.60 32.84
C GLY G 140 46.84 -10.10 31.62
N HIS G 141 47.47 -11.26 31.78
CA HIS G 141 48.21 -11.87 30.69
C HIS G 141 47.45 -13.07 30.17
N SER G 142 47.33 -13.14 28.84
CA SER G 142 46.62 -14.24 28.19
C SER G 142 45.31 -14.56 28.90
N LEU G 143 45.24 -15.72 29.57
CA LEU G 143 44.04 -16.10 30.31
C LEU G 143 43.60 -14.90 31.16
N GLY G 144 44.58 -14.26 31.79
CA GLY G 144 44.32 -13.11 32.62
C GLY G 144 43.67 -11.96 31.85
N ALA G 145 44.20 -11.67 30.66
CA ALA G 145 43.66 -10.61 29.81
C ALA G 145 42.21 -10.95 29.46
N ARG G 146 42.00 -12.19 29.05
CA ARG G 146 40.67 -12.68 28.69
C ARG G 146 39.71 -12.50 29.87
N ASN G 147 40.13 -12.97 31.04
CA ASN G 147 39.30 -12.85 32.23
C ASN G 147 39.00 -11.40 32.59
N SER G 148 40.02 -10.55 32.52
CA SER G 148 39.87 -9.15 32.86
C SER G 148 38.92 -8.36 31.96
N VAL G 149 39.04 -8.53 30.64
CA VAL G 149 38.17 -7.80 29.74
C VAL G 149 36.72 -8.26 29.94
N THR G 150 36.53 -9.56 30.14
CA THR G 150 35.19 -10.11 30.36
C THR G 150 34.60 -9.48 31.62
N ALA G 151 35.45 -9.23 32.61
CA ALA G 151 35.00 -8.64 33.87
C ALA G 151 34.72 -7.16 33.72
N ALA G 152 35.56 -6.47 32.96
CA ALA G 152 35.40 -5.03 32.76
C ALA G 152 34.10 -4.72 32.03
N ALA G 153 33.66 -5.67 31.19
CA ALA G 153 32.43 -5.50 30.44
C ALA G 153 31.21 -5.86 31.28
N LYS G 154 31.41 -6.80 32.20
CA LYS G 154 30.34 -7.26 33.06
C LYS G 154 30.13 -6.37 34.29
N TYR G 155 31.22 -5.92 34.90
CA TYR G 155 31.15 -5.07 36.10
C TYR G 155 31.97 -3.80 35.90
N PRO G 156 31.47 -2.89 35.04
CA PRO G 156 32.13 -1.61 34.72
C PRO G 156 32.47 -0.73 35.92
N ASP G 157 31.58 -0.72 36.91
CA ASP G 157 31.80 0.09 38.10
C ASP G 157 32.86 -0.47 39.05
N LEU G 158 33.20 -1.76 38.90
CA LEU G 158 34.19 -2.40 39.75
C LEU G 158 35.62 -2.31 39.20
N VAL G 159 35.77 -1.92 37.93
CA VAL G 159 37.10 -1.83 37.35
C VAL G 159 37.39 -0.48 36.67
N ARG G 160 38.46 0.17 37.13
CA ARG G 160 38.86 1.47 36.61
C ARG G 160 39.27 1.34 35.13
N SER G 161 40.19 0.43 34.86
CA SER G 161 40.68 0.19 33.51
C SER G 161 41.27 -1.23 33.40
N VAL G 162 41.67 -1.61 32.19
CA VAL G 162 42.25 -2.93 31.98
C VAL G 162 43.43 -2.89 31.03
N VAL G 163 44.44 -3.68 31.34
CA VAL G 163 45.63 -3.80 30.49
C VAL G 163 45.56 -5.25 30.01
N ALA G 164 45.15 -5.44 28.76
CA ALA G 164 45.03 -6.78 28.19
C ALA G 164 46.30 -7.18 27.46
N ILE G 165 47.10 -8.04 28.10
CA ILE G 165 48.35 -8.49 27.52
C ILE G 165 48.19 -9.80 26.75
N ASP G 166 48.44 -9.69 25.45
CA ASP G 166 48.37 -10.78 24.49
C ASP G 166 47.20 -11.75 24.51
N PHE G 167 45.99 -11.22 24.37
CA PHE G 167 44.80 -12.05 24.27
C PHE G 167 43.64 -11.19 23.81
N THR G 168 43.23 -11.40 22.57
CA THR G 168 42.16 -10.64 21.95
C THR G 168 41.16 -11.58 21.30
N PRO G 169 40.13 -11.02 20.65
CA PRO G 169 39.15 -11.87 19.98
C PRO G 169 39.79 -12.34 18.66
N TYR G 170 39.06 -13.16 17.90
CA TYR G 170 39.53 -13.65 16.59
C TYR G 170 40.76 -14.54 16.52
N ILE G 171 41.25 -15.04 17.65
CA ILE G 171 42.42 -15.94 17.63
C ILE G 171 42.10 -17.15 16.74
N GLU G 172 43.04 -17.55 15.89
CA GLU G 172 42.83 -18.69 14.98
C GLU G 172 42.61 -20.00 15.71
N THR G 173 41.70 -20.83 15.21
CA THR G 173 41.43 -22.11 15.86
C THR G 173 42.72 -22.92 16.00
N GLU G 174 43.64 -22.75 15.05
CA GLU G 174 44.91 -23.48 15.11
C GLU G 174 45.78 -23.07 16.29
N ALA G 175 45.70 -21.80 16.68
CA ALA G 175 46.48 -21.29 17.80
C ALA G 175 45.85 -21.80 19.10
N LEU G 176 44.53 -21.91 19.10
CA LEU G 176 43.79 -22.40 20.26
C LEU G 176 44.04 -23.90 20.43
N ASP G 177 44.26 -24.60 19.31
CA ASP G 177 44.52 -26.04 19.37
C ASP G 177 45.87 -26.33 20.00
N ALA G 178 46.85 -25.48 19.70
CA ALA G 178 48.19 -25.67 20.26
C ALA G 178 48.18 -25.43 21.76
N LEU G 179 47.51 -24.35 22.17
CA LEU G 179 47.43 -24.03 23.59
C LEU G 179 46.79 -25.22 24.31
N GLU G 180 45.67 -25.68 23.77
CA GLU G 180 44.92 -26.79 24.33
C GLU G 180 45.68 -28.12 24.30
N ALA G 181 46.48 -28.34 23.27
CA ALA G 181 47.24 -29.59 23.16
C ALA G 181 48.47 -29.70 24.06
N ARG G 182 48.95 -28.57 24.58
CA ARG G 182 50.13 -28.61 25.43
C ARG G 182 49.92 -28.23 26.90
N VAL G 183 48.73 -27.79 27.28
CA VAL G 183 48.47 -27.37 28.67
C VAL G 183 48.85 -28.42 29.72
N ASN G 184 48.81 -29.69 29.33
CA ASN G 184 49.12 -30.81 30.22
C ASN G 184 50.60 -31.17 30.31
N ALA G 185 51.39 -30.67 29.36
CA ALA G 185 52.83 -30.97 29.30
C ALA G 185 53.55 -30.99 30.64
N GLY G 186 53.43 -29.91 31.41
CA GLY G 186 54.11 -29.83 32.69
C GLY G 186 53.62 -30.73 33.82
N SER G 187 52.56 -31.49 33.58
CA SER G 187 52.00 -32.39 34.58
C SER G 187 52.77 -33.70 34.73
N GLN G 188 53.92 -33.64 35.38
CA GLN G 188 54.74 -34.82 35.58
C GLN G 188 55.49 -34.68 36.91
N LEU G 189 56.25 -35.71 37.26
CA LEU G 189 57.03 -35.69 38.49
C LEU G 189 58.47 -35.33 38.19
N PHE G 190 58.90 -34.15 38.65
CA PHE G 190 60.27 -33.71 38.42
C PHE G 190 61.17 -34.07 39.58
N GLU G 191 62.35 -34.59 39.26
CA GLU G 191 63.32 -34.99 40.26
C GLU G 191 63.63 -33.88 41.26
N ASP G 192 63.90 -32.68 40.75
CA ASP G 192 64.21 -31.53 41.61
C ASP G 192 63.96 -30.20 40.89
N ILE G 193 64.33 -29.11 41.56
CA ILE G 193 64.14 -27.78 41.00
C ILE G 193 64.84 -27.61 39.65
N LYS G 194 66.04 -28.16 39.50
CA LYS G 194 66.76 -28.06 38.24
C LYS G 194 65.97 -28.72 37.11
N ALA G 195 65.48 -29.92 37.36
CA ALA G 195 64.70 -30.63 36.34
C ALA G 195 63.51 -29.76 35.93
N VAL G 196 62.87 -29.10 36.90
CA VAL G 196 61.74 -28.24 36.62
C VAL G 196 62.17 -27.09 35.72
N GLU G 197 63.26 -26.42 36.10
CA GLU G 197 63.78 -25.31 35.32
C GLU G 197 64.14 -25.74 33.91
N ALA G 198 64.79 -26.89 33.78
CA ALA G 198 65.18 -27.39 32.47
C ALA G 198 63.95 -27.57 31.60
N TYR G 199 62.88 -28.14 32.15
CA TYR G 199 61.65 -28.36 31.40
C TYR G 199 60.94 -27.06 31.01
N LEU G 200 60.98 -26.06 31.88
CA LEU G 200 60.33 -24.78 31.60
C LEU G 200 61.09 -24.02 30.52
N ALA G 201 62.42 -24.03 30.61
CA ALA G 201 63.26 -23.36 29.63
C ALA G 201 62.95 -23.90 28.23
N GLY G 202 62.58 -25.17 28.16
CA GLY G 202 62.27 -25.79 26.89
C GLY G 202 60.84 -25.49 26.45
N ARG G 203 59.94 -25.37 27.43
CA ARG G 203 58.54 -25.07 27.15
C ARG G 203 58.38 -23.61 26.70
N TYR G 204 59.17 -22.73 27.31
CA TYR G 204 59.14 -21.30 26.99
C TYR G 204 60.57 -20.80 26.75
N PRO G 205 61.14 -21.15 25.60
CA PRO G 205 62.51 -20.76 25.20
C PRO G 205 62.84 -19.26 25.15
N ASN G 206 61.84 -18.39 25.08
CA ASN G 206 62.11 -16.96 25.02
C ASN G 206 62.10 -16.28 26.39
N ILE G 207 61.58 -16.97 27.40
CA ILE G 207 61.53 -16.40 28.74
C ILE G 207 62.92 -16.45 29.37
N PRO G 208 63.37 -15.32 29.94
CA PRO G 208 64.67 -15.22 30.60
C PRO G 208 64.84 -16.21 31.75
N ALA G 209 66.07 -16.41 32.19
CA ALA G 209 66.37 -17.33 33.28
C ALA G 209 65.65 -16.97 34.59
N ASP G 210 65.83 -15.74 35.05
CA ASP G 210 65.22 -15.30 36.31
C ASP G 210 63.70 -15.51 36.30
N ALA G 211 63.09 -15.38 35.12
CA ALA G 211 61.65 -15.57 35.01
C ALA G 211 61.29 -17.05 35.08
N ILE G 212 62.21 -17.90 34.65
CA ILE G 212 61.99 -19.35 34.70
C ILE G 212 62.11 -19.82 36.15
N ARG G 213 63.09 -19.28 36.88
CA ARG G 213 63.28 -19.65 38.26
C ARG G 213 62.05 -19.28 39.08
N ILE G 214 61.49 -18.11 38.79
CA ILE G 214 60.31 -17.65 39.50
C ILE G 214 59.17 -18.64 39.27
N ARG G 215 58.93 -19.00 38.01
CA ARG G 215 57.88 -19.96 37.69
C ARG G 215 58.17 -21.32 38.36
N ALA G 216 59.42 -21.75 38.29
CA ALA G 216 59.82 -23.03 38.85
C ALA G 216 59.69 -23.15 40.36
N GLU G 217 60.02 -22.08 41.08
CA GLU G 217 59.94 -22.13 42.54
C GLU G 217 58.59 -21.71 43.11
N SER G 218 57.67 -21.28 42.25
CA SER G 218 56.35 -20.87 42.75
C SER G 218 55.21 -21.74 42.24
N GLY G 219 55.44 -22.40 41.11
CA GLY G 219 54.40 -23.24 40.53
C GLY G 219 54.50 -24.73 40.82
N TYR G 220 55.53 -25.13 41.55
CA TYR G 220 55.73 -26.53 41.86
C TYR G 220 55.99 -26.76 43.34
N GLN G 221 55.31 -27.76 43.89
CA GLN G 221 55.39 -28.10 45.31
C GLN G 221 55.98 -29.49 45.53
N PRO G 222 56.70 -29.69 46.65
CA PRO G 222 57.30 -30.98 46.95
C PRO G 222 56.20 -32.00 47.27
N VAL G 223 56.25 -33.12 46.59
CA VAL G 223 55.28 -34.19 46.79
C VAL G 223 56.10 -35.45 47.00
N ASP G 224 55.42 -36.57 47.22
CA ASP G 224 56.09 -37.84 47.43
C ASP G 224 56.95 -38.22 46.22
N GLY G 225 58.27 -38.16 46.38
CA GLY G 225 59.15 -38.50 45.29
C GLY G 225 59.82 -37.34 44.57
N GLY G 226 59.27 -36.13 44.69
CA GLY G 226 59.87 -34.99 44.02
C GLY G 226 58.98 -33.76 43.93
N LEU G 227 58.92 -33.15 42.76
CA LEU G 227 58.12 -31.95 42.54
C LEU G 227 57.03 -32.13 41.50
N ARG G 228 55.83 -31.63 41.82
CA ARG G 228 54.67 -31.71 40.96
C ARG G 228 54.09 -30.29 40.88
N PRO G 229 53.35 -29.97 39.81
CA PRO G 229 52.73 -28.64 39.62
C PRO G 229 51.56 -28.42 40.58
N LEU G 230 51.36 -27.17 40.99
CA LEU G 230 50.24 -26.88 41.88
C LEU G 230 48.93 -26.94 41.10
N ALA G 231 48.99 -26.53 39.85
CA ALA G 231 47.80 -26.49 39.00
C ALA G 231 47.08 -27.82 38.83
N SER G 232 45.76 -27.79 38.90
CA SER G 232 44.94 -28.98 38.71
C SER G 232 44.91 -29.29 37.20
N SER G 233 45.44 -30.44 36.81
CA SER G 233 45.44 -30.78 35.40
C SER G 233 44.01 -30.75 34.83
N ALA G 234 43.05 -31.26 35.59
CA ALA G 234 41.66 -31.26 35.13
C ALA G 234 41.13 -29.83 34.97
N ALA G 235 41.61 -28.93 35.84
CA ALA G 235 41.20 -27.53 35.78
C ALA G 235 41.82 -26.86 34.55
N MSE G 236 43.02 -27.29 34.20
CA MSE G 236 43.73 -26.77 33.04
C MSE G 236 43.00 -27.15 31.77
O MSE G 236 42.75 -26.30 30.90
CB MSE G 236 45.16 -27.30 33.00
CG MSE G 236 46.01 -26.91 34.20
SE MSE G 236 46.00 -24.99 34.54
CE MSE G 236 44.49 -24.90 35.77
N ALA G 237 42.66 -28.43 31.64
CA ALA G 237 41.97 -28.92 30.46
C ALA G 237 40.64 -28.20 30.24
N GLN G 238 39.92 -27.93 31.33
CA GLN G 238 38.64 -27.24 31.23
C GLN G 238 38.83 -25.76 30.91
N THR G 239 39.90 -25.17 31.45
CA THR G 239 40.19 -23.76 31.21
C THR G 239 40.61 -23.57 29.76
N ALA G 240 41.43 -24.49 29.26
CA ALA G 240 41.90 -24.40 27.88
C ALA G 240 40.69 -24.45 26.94
N ARG G 241 39.78 -25.41 27.17
CA ARG G 241 38.60 -25.52 26.35
C ARG G 241 37.76 -24.25 26.45
N GLY G 242 37.71 -23.66 27.63
CA GLY G 242 36.93 -22.45 27.82
C GLY G 242 37.51 -21.23 27.12
N LEU G 243 38.80 -21.28 26.81
CA LEU G 243 39.47 -20.18 26.15
C LEU G 243 39.13 -20.04 24.67
N ARG G 244 38.38 -21.00 24.14
CA ARG G 244 38.00 -20.98 22.73
C ARG G 244 36.70 -20.21 22.52
N SER G 245 36.06 -19.79 23.61
CA SER G 245 34.79 -19.09 23.51
C SER G 245 34.89 -17.75 22.79
N ASP G 246 33.76 -17.28 22.26
CA ASP G 246 33.72 -16.03 21.53
C ASP G 246 33.91 -14.84 22.47
N LEU G 247 34.99 -14.11 22.26
CA LEU G 247 35.31 -12.95 23.08
C LEU G 247 34.90 -11.62 22.42
N VAL G 248 34.32 -11.67 21.23
CA VAL G 248 33.89 -10.46 20.55
C VAL G 248 32.96 -9.61 21.41
N PRO G 249 31.93 -10.24 22.02
CA PRO G 249 30.99 -9.50 22.86
C PRO G 249 31.66 -8.71 24.00
N ALA G 250 32.68 -9.31 24.61
CA ALA G 250 33.36 -8.65 25.72
C ALA G 250 34.04 -7.37 25.25
N TYR G 251 34.89 -7.49 24.24
CA TYR G 251 35.61 -6.34 23.70
C TYR G 251 34.68 -5.30 23.09
N ARG G 252 33.61 -5.78 22.44
CA ARG G 252 32.67 -4.88 21.81
C ARG G 252 31.96 -3.99 22.83
N ASP G 253 31.49 -4.60 23.91
CA ASP G 253 30.75 -3.87 24.94
C ASP G 253 31.52 -3.16 26.06
N VAL G 254 32.81 -3.44 26.22
CA VAL G 254 33.59 -2.79 27.28
C VAL G 254 33.38 -1.28 27.25
N THR G 255 33.04 -0.70 28.39
CA THR G 255 32.84 0.75 28.48
C THR G 255 34.03 1.43 29.17
N LYS G 256 34.86 0.63 29.83
CA LYS G 256 36.00 1.19 30.54
C LYS G 256 37.27 1.13 29.68
N PRO G 257 38.27 1.96 30.01
CA PRO G 257 39.54 2.00 29.27
C PRO G 257 40.25 0.65 29.19
N VAL G 258 40.71 0.27 28.01
CA VAL G 258 41.43 -0.98 27.82
C VAL G 258 42.63 -0.78 26.90
N LEU G 259 43.82 -1.10 27.40
CA LEU G 259 45.03 -0.99 26.59
C LEU G 259 45.39 -2.37 26.04
N ILE G 260 45.44 -2.50 24.72
CA ILE G 260 45.76 -3.79 24.11
C ILE G 260 47.27 -3.90 23.85
N VAL G 261 47.87 -4.96 24.35
CA VAL G 261 49.30 -5.18 24.17
C VAL G 261 49.48 -6.52 23.46
N ARG G 262 50.36 -6.56 22.46
CA ARG G 262 50.61 -7.78 21.72
C ARG G 262 52.10 -7.95 21.49
N GLY G 263 52.62 -9.15 21.73
CA GLY G 263 54.02 -9.38 21.49
C GLY G 263 54.20 -9.35 19.99
N GLU G 264 55.21 -8.63 19.51
CA GLU G 264 55.45 -8.52 18.09
C GLU G 264 55.42 -9.87 17.38
N SER G 265 56.14 -10.85 17.91
CA SER G 265 56.19 -12.17 17.30
C SER G 265 55.34 -13.20 18.04
N SER G 266 54.20 -12.77 18.59
CA SER G 266 53.33 -13.68 19.30
C SER G 266 52.69 -14.74 18.39
N LYS G 267 52.75 -15.99 18.81
CA LYS G 267 52.18 -17.09 18.06
C LYS G 267 50.72 -17.37 18.44
N LEU G 268 50.22 -16.67 19.46
CA LEU G 268 48.84 -16.85 19.89
C LEU G 268 47.95 -15.77 19.31
N VAL G 269 48.40 -14.52 19.41
CA VAL G 269 47.65 -13.40 18.86
C VAL G 269 48.41 -12.93 17.62
N SER G 270 47.91 -13.34 16.45
CA SER G 270 48.51 -12.98 15.18
C SER G 270 48.22 -11.52 14.88
N ALA G 271 49.05 -10.91 14.03
CA ALA G 271 48.85 -9.53 13.64
C ALA G 271 47.45 -9.38 13.05
N ALA G 272 46.97 -10.43 12.40
CA ALA G 272 45.64 -10.42 11.78
C ALA G 272 44.53 -10.36 12.83
N ALA G 273 44.69 -11.13 13.90
CA ALA G 273 43.69 -11.14 14.98
C ALA G 273 43.64 -9.78 15.63
N LEU G 274 44.79 -9.11 15.75
CA LEU G 274 44.84 -7.79 16.35
C LEU G 274 44.21 -6.75 15.43
N ALA G 275 44.46 -6.88 14.13
CA ALA G 275 43.92 -5.94 13.15
C ALA G 275 42.39 -5.99 13.16
N LYS G 276 41.84 -7.19 13.25
CA LYS G 276 40.40 -7.37 13.29
C LYS G 276 39.86 -6.77 14.59
N THR G 277 40.62 -6.93 15.67
CA THR G 277 40.24 -6.40 16.97
C THR G 277 40.14 -4.89 16.91
N SER G 278 41.17 -4.26 16.37
CA SER G 278 41.22 -2.81 16.23
C SER G 278 40.11 -2.30 15.33
N ARG G 279 39.65 -3.14 14.41
CA ARG G 279 38.59 -2.75 13.51
C ARG G 279 37.29 -2.75 14.31
N LEU G 280 37.15 -3.73 15.21
CA LEU G 280 35.96 -3.84 16.04
C LEU G 280 35.93 -2.68 17.03
N ARG G 281 37.09 -2.34 17.58
CA ARG G 281 37.20 -1.27 18.56
C ARG G 281 38.44 -0.44 18.24
N PRO G 282 38.33 0.50 17.29
CA PRO G 282 39.47 1.34 16.92
C PRO G 282 39.86 2.36 17.99
N ASP G 283 38.93 2.65 18.91
CA ASP G 283 39.19 3.63 19.97
C ASP G 283 40.20 3.14 21.02
N LEU G 284 40.20 1.85 21.30
CA LEU G 284 41.12 1.29 22.30
C LEU G 284 42.58 1.40 21.87
N PRO G 285 43.42 1.99 22.73
CA PRO G 285 44.85 2.13 22.40
C PRO G 285 45.59 0.81 22.34
N VAL G 286 46.59 0.74 21.45
CA VAL G 286 47.36 -0.47 21.26
C VAL G 286 48.86 -0.26 21.38
N VAL G 287 49.52 -1.27 21.92
CA VAL G 287 50.97 -1.26 22.05
C VAL G 287 51.43 -2.63 21.52
N VAL G 288 52.42 -2.62 20.63
CA VAL G 288 52.95 -3.85 20.07
C VAL G 288 54.43 -3.89 20.47
N VAL G 289 54.77 -4.83 21.34
CA VAL G 289 56.14 -4.96 21.85
C VAL G 289 57.06 -5.74 20.93
N PRO G 290 58.14 -5.09 20.46
CA PRO G 290 59.15 -5.65 19.56
C PRO G 290 60.09 -6.61 20.28
N GLY G 291 60.42 -7.73 19.62
CA GLY G 291 61.33 -8.69 20.19
C GLY G 291 60.73 -9.53 21.30
N ALA G 292 59.40 -9.58 21.32
CA ALA G 292 58.68 -10.33 22.34
C ALA G 292 57.62 -11.23 21.71
N ASP G 293 57.55 -12.47 22.20
CA ASP G 293 56.55 -13.40 21.71
C ASP G 293 55.34 -13.24 22.62
N HIS G 294 54.57 -14.31 22.80
CA HIS G 294 53.38 -14.29 23.64
C HIS G 294 53.63 -13.86 25.10
N TYR G 295 54.81 -14.18 25.62
CA TYR G 295 55.16 -13.86 27.01
C TYR G 295 55.75 -12.45 27.18
N VAL G 296 54.97 -11.47 26.76
CA VAL G 296 55.35 -10.06 26.80
C VAL G 296 55.94 -9.55 28.12
N ASN G 297 55.16 -9.57 29.19
CA ASN G 297 55.65 -9.07 30.47
C ASN G 297 56.91 -9.75 31.00
N GLU G 298 57.14 -11.01 30.63
CA GLU G 298 58.32 -11.72 31.11
C GLU G 298 59.50 -11.53 30.16
N VAL G 299 59.24 -11.46 28.86
CA VAL G 299 60.29 -11.29 27.86
C VAL G 299 60.74 -9.85 27.71
N SER G 300 59.78 -8.92 27.76
CA SER G 300 60.09 -7.49 27.62
C SER G 300 59.53 -6.74 28.83
N PRO G 301 60.13 -6.97 30.01
CA PRO G 301 59.73 -6.34 31.27
C PRO G 301 59.74 -4.80 31.29
N GLU G 302 60.76 -4.19 30.73
CA GLU G 302 60.86 -2.73 30.72
C GLU G 302 59.79 -2.09 29.82
N ILE G 303 59.78 -2.48 28.56
CA ILE G 303 58.82 -1.92 27.62
C ILE G 303 57.41 -2.09 28.18
N THR G 304 57.15 -3.23 28.83
CA THR G 304 55.83 -3.48 29.39
C THR G 304 55.49 -2.53 30.52
N LEU G 305 56.43 -2.28 31.41
CA LEU G 305 56.19 -1.37 32.52
C LEU G 305 55.94 0.04 31.99
N LYS G 306 56.81 0.47 31.08
CA LYS G 306 56.68 1.81 30.50
C LYS G 306 55.32 1.94 29.83
N ALA G 307 54.89 0.89 29.13
CA ALA G 307 53.61 0.89 28.45
C ALA G 307 52.47 1.03 29.45
N ILE G 308 52.60 0.36 30.59
CA ILE G 308 51.57 0.41 31.62
C ILE G 308 51.45 1.79 32.27
N THR G 309 52.59 2.46 32.49
CA THR G 309 52.57 3.79 33.09
C THR G 309 52.06 4.85 32.11
N ASN G 310 52.39 4.69 30.83
CA ASN G 310 51.95 5.63 29.80
C ASN G 310 50.43 5.61 29.70
N PHE G 311 49.86 4.49 30.12
CA PHE G 311 48.41 4.28 30.08
C PHE G 311 47.69 4.87 31.29
N ILE G 312 47.95 4.29 32.46
CA ILE G 312 47.29 4.71 33.70
C ILE G 312 47.63 6.11 34.22
N ASP G 313 48.83 6.62 33.91
CA ASP G 313 49.23 7.95 34.38
C ASP G 313 48.94 9.13 33.43
N ALA G 314 48.27 8.87 32.31
CA ALA G 314 47.99 9.96 31.36
C ALA G 314 47.01 10.99 31.93
N HIS H 47 2.04 -51.22 -20.96
CA HIS H 47 1.49 -52.39 -21.70
C HIS H 47 0.22 -52.07 -22.48
N PHE H 48 0.38 -51.47 -23.66
CA PHE H 48 -0.77 -51.13 -24.49
C PHE H 48 -1.19 -52.36 -25.31
N ILE H 49 -2.43 -52.34 -25.78
CA ILE H 49 -2.92 -53.43 -26.60
C ILE H 49 -3.49 -52.83 -27.89
N SER H 50 -2.97 -53.26 -29.02
CA SER H 50 -3.43 -52.77 -30.30
C SER H 50 -4.31 -53.78 -30.99
N ARG H 51 -5.28 -53.28 -31.75
CA ARG H 51 -6.17 -54.16 -32.48
C ARG H 51 -6.99 -53.38 -33.49
N ARG H 52 -7.22 -54.00 -34.64
CA ARG H 52 -8.01 -53.37 -35.68
C ARG H 52 -9.47 -53.58 -35.31
N VAL H 53 -10.19 -52.47 -35.15
CA VAL H 53 -11.60 -52.49 -34.78
C VAL H 53 -12.45 -52.26 -36.02
N ASP H 54 -13.37 -53.19 -36.28
CA ASP H 54 -14.25 -53.06 -37.45
C ASP H 54 -15.52 -52.33 -37.03
N ILE H 55 -15.68 -51.10 -37.50
CA ILE H 55 -16.85 -50.31 -37.16
C ILE H 55 -17.84 -50.30 -38.31
N GLY H 56 -17.73 -51.28 -39.20
CA GLY H 56 -18.64 -51.38 -40.33
C GLY H 56 -18.16 -50.67 -41.58
N ARG H 57 -18.37 -49.36 -41.62
CA ARG H 57 -17.97 -48.53 -42.76
C ARG H 57 -16.47 -48.62 -43.02
N ILE H 58 -15.70 -49.08 -42.03
CA ILE H 58 -14.25 -49.19 -42.17
C ILE H 58 -13.61 -49.84 -40.94
N THR H 59 -12.35 -50.25 -41.06
CA THR H 59 -11.63 -50.86 -39.94
C THR H 59 -10.45 -49.97 -39.57
N LEU H 60 -10.41 -49.51 -38.32
CA LEU H 60 -9.33 -48.63 -37.84
C LEU H 60 -8.48 -49.33 -36.79
N ASN H 61 -7.16 -49.16 -36.87
CA ASN H 61 -6.27 -49.76 -35.88
C ASN H 61 -6.27 -48.85 -34.66
N VAL H 62 -6.25 -49.44 -33.48
CA VAL H 62 -6.28 -48.68 -32.23
C VAL H 62 -5.32 -49.22 -31.16
N ARG H 63 -4.91 -48.34 -30.24
CA ARG H 63 -4.03 -48.70 -29.12
C ARG H 63 -4.82 -48.39 -27.83
N GLU H 64 -5.06 -49.43 -27.03
CA GLU H 64 -5.85 -49.26 -25.80
C GLU H 64 -5.09 -49.49 -24.48
N LYS H 65 -5.54 -48.83 -23.43
CA LYS H 65 -4.95 -48.96 -22.12
C LYS H 65 -5.80 -48.25 -21.07
N GLY H 66 -5.77 -48.79 -19.85
CA GLY H 66 -6.52 -48.19 -18.76
C GLY H 66 -7.96 -48.61 -18.58
N SER H 67 -8.61 -47.99 -17.61
CA SER H 67 -10.00 -48.27 -17.28
C SER H 67 -10.67 -46.99 -16.80
N GLY H 68 -11.96 -46.86 -17.06
CA GLY H 68 -12.68 -45.67 -16.65
C GLY H 68 -13.34 -45.04 -17.86
N PRO H 69 -13.81 -43.79 -17.73
CA PRO H 69 -14.47 -43.10 -18.85
C PRO H 69 -13.56 -43.11 -20.07
N LEU H 70 -14.16 -43.23 -21.24
CA LEU H 70 -13.43 -43.28 -22.49
C LEU H 70 -12.81 -41.97 -22.93
N MSE H 71 -11.55 -42.02 -23.36
CA MSE H 71 -10.85 -40.84 -23.84
C MSE H 71 -10.11 -41.24 -25.13
O MSE H 71 -9.18 -42.06 -25.09
CB MSE H 71 -9.86 -40.32 -22.80
CG MSE H 71 -9.26 -38.97 -23.16
SE MSE H 71 -8.11 -38.24 -21.79
CE MSE H 71 -9.44 -37.39 -20.66
N LEU H 72 -10.52 -40.66 -26.25
CA LEU H 72 -9.93 -40.94 -27.55
C LEU H 72 -8.92 -39.89 -28.02
N PHE H 73 -7.82 -40.34 -28.59
CA PHE H 73 -6.76 -39.46 -29.10
C PHE H 73 -6.61 -39.55 -30.63
N PHE H 74 -6.70 -38.40 -31.30
CA PHE H 74 -6.59 -38.34 -32.76
C PHE H 74 -5.41 -37.48 -33.21
N HIS H 75 -4.51 -38.08 -34.01
CA HIS H 75 -3.29 -37.45 -34.53
C HIS H 75 -3.45 -36.44 -35.69
N GLY H 76 -2.33 -35.81 -36.03
CA GLY H 76 -2.28 -34.86 -37.12
C GLY H 76 -2.01 -35.59 -38.43
N ILE H 77 -2.13 -34.89 -39.55
CA ILE H 77 -1.94 -35.50 -40.86
C ILE H 77 -0.54 -36.14 -41.04
N THR H 78 -0.52 -37.32 -41.68
CA THR H 78 0.68 -38.14 -41.96
C THR H 78 1.26 -38.83 -40.70
N SER H 79 0.70 -38.50 -39.55
CA SER H 79 1.11 -39.02 -38.25
C SER H 79 0.31 -40.28 -37.91
N ASN H 80 0.38 -40.75 -36.67
CA ASN H 80 -0.35 -41.94 -36.27
C ASN H 80 -0.51 -42.01 -34.75
N SER H 81 -1.30 -42.98 -34.28
CA SER H 81 -1.60 -43.18 -32.86
C SER H 81 -0.44 -43.28 -31.89
N ALA H 82 0.67 -43.87 -32.32
CA ALA H 82 1.83 -44.04 -31.44
C ALA H 82 2.28 -42.73 -30.80
N VAL H 83 2.11 -41.63 -31.52
CA VAL H 83 2.51 -40.33 -31.00
C VAL H 83 1.90 -39.97 -29.62
N PHE H 84 0.78 -40.58 -29.26
CA PHE H 84 0.13 -40.26 -27.99
C PHE H 84 0.46 -41.13 -26.78
N GLU H 85 1.16 -42.24 -26.98
CA GLU H 85 1.47 -43.13 -25.87
C GLU H 85 2.06 -42.46 -24.62
N PRO H 86 3.00 -41.52 -24.78
CA PRO H 86 3.60 -40.84 -23.62
C PRO H 86 2.56 -40.08 -22.80
N LEU H 87 1.62 -39.42 -23.47
CA LEU H 87 0.57 -38.65 -22.79
C LEU H 87 -0.51 -39.58 -22.20
N MSE H 88 -0.77 -40.69 -22.88
CA MSE H 88 -1.78 -41.64 -22.43
C MSE H 88 -1.46 -42.36 -21.12
O MSE H 88 -2.35 -42.56 -20.28
CB MSE H 88 -2.04 -42.69 -23.51
CG MSE H 88 -2.87 -42.20 -24.67
SE MSE H 88 -2.85 -43.48 -26.11
CE MSE H 88 -3.93 -44.87 -25.34
N ILE H 89 -0.21 -42.77 -20.92
CA ILE H 89 0.15 -43.45 -19.69
C ILE H 89 -0.08 -42.60 -18.44
N ARG H 90 -0.10 -41.28 -18.63
CA ARG H 90 -0.32 -40.35 -17.53
C ARG H 90 -1.80 -40.22 -17.17
N LEU H 91 -2.66 -40.85 -17.96
CA LEU H 91 -4.10 -40.76 -17.74
C LEU H 91 -4.75 -42.14 -17.70
N SER H 92 -3.95 -43.18 -17.90
CA SER H 92 -4.41 -44.55 -17.91
C SER H 92 -5.12 -44.96 -16.62
N ASP H 93 -4.53 -44.61 -15.48
CA ASP H 93 -5.11 -44.99 -14.19
C ASP H 93 -6.52 -44.47 -13.97
N ARG H 94 -6.90 -43.40 -14.64
CA ARG H 94 -8.23 -42.81 -14.47
C ARG H 94 -9.11 -42.94 -15.69
N PHE H 95 -8.52 -43.16 -16.85
CA PHE H 95 -9.33 -43.26 -18.07
C PHE H 95 -8.95 -44.42 -18.97
N THR H 96 -9.89 -44.78 -19.83
CA THR H 96 -9.65 -45.83 -20.82
C THR H 96 -9.11 -44.99 -21.98
N THR H 97 -7.79 -44.89 -22.06
CA THR H 97 -7.12 -44.12 -23.10
C THR H 97 -7.00 -44.92 -24.40
N ILE H 98 -7.54 -44.37 -25.48
CA ILE H 98 -7.51 -45.03 -26.78
C ILE H 98 -7.06 -44.11 -27.91
N ALA H 99 -5.87 -44.40 -28.47
CA ALA H 99 -5.30 -43.62 -29.57
C ALA H 99 -5.68 -44.31 -30.88
N VAL H 100 -6.19 -43.52 -31.83
CA VAL H 100 -6.67 -44.05 -33.09
C VAL H 100 -5.93 -43.69 -34.36
N ASP H 101 -5.59 -44.71 -35.15
CA ASP H 101 -4.95 -44.49 -36.44
C ASP H 101 -6.15 -44.15 -37.31
N GLN H 102 -6.22 -42.91 -37.79
CA GLN H 102 -7.35 -42.49 -38.60
C GLN H 102 -7.22 -42.98 -40.04
N ARG H 103 -8.34 -43.04 -40.76
CA ARG H 103 -8.33 -43.52 -42.14
C ARG H 103 -7.15 -42.96 -42.95
N GLY H 104 -6.58 -43.82 -43.79
CA GLY H 104 -5.45 -43.43 -44.62
C GLY H 104 -4.12 -43.43 -43.89
N HIS H 105 -4.14 -43.53 -42.56
CA HIS H 105 -2.93 -43.49 -41.74
C HIS H 105 -2.60 -44.81 -41.01
N GLY H 106 -1.37 -44.88 -40.50
CA GLY H 106 -0.93 -46.04 -39.74
C GLY H 106 -1.34 -47.40 -40.28
N LEU H 107 -1.87 -48.25 -39.40
CA LEU H 107 -2.32 -49.59 -39.76
C LEU H 107 -3.83 -49.66 -40.02
N SER H 108 -4.45 -48.52 -40.23
CA SER H 108 -5.89 -48.47 -40.49
C SER H 108 -6.16 -48.66 -41.97
N ASP H 109 -7.40 -48.93 -42.32
CA ASP H 109 -7.76 -49.10 -43.72
C ASP H 109 -7.42 -47.79 -44.41
N LYS H 110 -7.25 -47.85 -45.72
CA LYS H 110 -6.91 -46.66 -46.50
C LYS H 110 -7.63 -46.67 -47.84
N PRO H 111 -8.95 -46.37 -47.83
CA PRO H 111 -9.72 -46.34 -49.08
C PRO H 111 -9.10 -45.41 -50.11
N GLU H 112 -9.55 -45.52 -51.36
CA GLU H 112 -9.02 -44.69 -52.42
C GLU H 112 -9.52 -43.25 -52.31
N THR H 113 -10.72 -43.09 -51.75
CA THR H 113 -11.28 -41.76 -51.61
C THR H 113 -12.04 -41.60 -50.30
N GLY H 114 -12.55 -40.40 -50.05
CA GLY H 114 -13.30 -40.14 -48.83
C GLY H 114 -12.43 -39.68 -47.67
N TYR H 115 -11.85 -38.50 -47.79
CA TYR H 115 -11.00 -37.96 -46.74
C TYR H 115 -11.35 -36.54 -46.34
N GLU H 116 -12.64 -36.25 -46.33
CA GLU H 116 -13.15 -34.94 -45.95
C GLU H 116 -13.48 -34.93 -44.46
N ALA H 117 -13.69 -33.74 -43.89
CA ALA H 117 -14.02 -33.63 -42.47
C ALA H 117 -15.13 -34.60 -42.03
N ASN H 118 -16.21 -34.65 -42.80
CA ASN H 118 -17.32 -35.55 -42.47
C ASN H 118 -16.92 -37.01 -42.50
N ASP H 119 -16.04 -37.38 -43.43
CA ASP H 119 -15.59 -38.76 -43.53
C ASP H 119 -14.87 -39.15 -42.24
N TYR H 120 -14.02 -38.24 -41.78
CA TYR H 120 -13.26 -38.45 -40.55
C TYR H 120 -14.16 -38.41 -39.32
N ALA H 121 -15.12 -37.49 -39.31
CA ALA H 121 -16.04 -37.34 -38.18
C ALA H 121 -16.96 -38.54 -38.02
N ASP H 122 -17.44 -39.08 -39.13
CA ASP H 122 -18.35 -40.24 -39.06
C ASP H 122 -17.60 -41.46 -38.53
N ASP H 123 -16.29 -41.50 -38.75
CA ASP H 123 -15.44 -42.59 -38.27
C ASP H 123 -15.41 -42.55 -36.75
N ILE H 124 -15.25 -41.34 -36.22
CA ILE H 124 -15.21 -41.14 -34.78
C ILE H 124 -16.54 -41.62 -34.19
N ALA H 125 -17.65 -41.17 -34.77
CA ALA H 125 -18.97 -41.57 -34.30
C ALA H 125 -19.14 -43.10 -34.28
N GLY H 126 -18.70 -43.75 -35.35
CA GLY H 126 -18.81 -45.20 -35.43
C GLY H 126 -17.95 -45.92 -34.40
N LEU H 127 -16.75 -45.43 -34.19
CA LEU H 127 -15.85 -46.04 -33.23
C LEU H 127 -16.46 -45.96 -31.83
N ILE H 128 -17.13 -44.85 -31.55
CA ILE H 128 -17.75 -44.68 -30.23
C ILE H 128 -18.86 -45.70 -30.02
N ARG H 129 -19.73 -45.87 -31.02
CA ARG H 129 -20.81 -46.84 -30.89
C ARG H 129 -20.26 -48.26 -30.76
N THR H 130 -19.27 -48.59 -31.59
CA THR H 130 -18.68 -49.92 -31.57
C THR H 130 -17.95 -50.22 -30.27
N LEU H 131 -17.30 -49.20 -29.70
CA LEU H 131 -16.57 -49.39 -28.44
C LEU H 131 -17.54 -49.65 -27.30
N ALA H 132 -18.75 -49.10 -27.42
CA ALA H 132 -19.80 -49.28 -26.42
C ALA H 132 -19.30 -49.10 -25.00
N ARG H 133 -18.93 -47.87 -24.65
CA ARG H 133 -18.45 -47.58 -23.31
C ARG H 133 -18.87 -46.19 -22.85
N GLY H 134 -19.92 -45.68 -23.49
CA GLY H 134 -20.44 -44.35 -23.15
C GLY H 134 -19.82 -43.24 -23.98
N HIS H 135 -20.32 -42.02 -23.81
CA HIS H 135 -19.79 -40.89 -24.56
C HIS H 135 -18.28 -40.77 -24.33
N ALA H 136 -17.58 -40.17 -25.28
CA ALA H 136 -16.14 -40.07 -25.16
C ALA H 136 -15.55 -38.66 -25.14
N ILE H 137 -14.42 -38.54 -24.45
CA ILE H 137 -13.71 -37.28 -24.38
C ILE H 137 -12.76 -37.33 -25.58
N LEU H 138 -12.84 -36.31 -26.43
CA LEU H 138 -12.01 -36.24 -27.63
C LEU H 138 -10.80 -35.31 -27.49
N VAL H 139 -9.61 -35.87 -27.71
CA VAL H 139 -8.32 -35.14 -27.65
C VAL H 139 -7.68 -35.22 -29.04
N GLY H 140 -7.83 -34.16 -29.83
CA GLY H 140 -7.26 -34.19 -31.16
C GLY H 140 -6.20 -33.14 -31.44
N HIS H 141 -5.22 -33.51 -32.25
CA HIS H 141 -4.16 -32.59 -32.62
C HIS H 141 -4.25 -32.24 -34.12
N SER H 142 -4.43 -30.97 -34.41
CA SER H 142 -4.51 -30.49 -35.79
C SER H 142 -5.60 -31.26 -36.55
N LEU H 143 -5.21 -32.14 -37.48
CA LEU H 143 -6.19 -32.92 -38.22
C LEU H 143 -7.20 -33.51 -37.23
N GLY H 144 -6.69 -34.08 -36.15
CA GLY H 144 -7.52 -34.67 -35.12
C GLY H 144 -8.43 -33.69 -34.42
N ALA H 145 -7.93 -32.49 -34.15
CA ALA H 145 -8.73 -31.47 -33.48
C ALA H 145 -9.89 -31.09 -34.40
N ARG H 146 -9.56 -30.91 -35.67
CA ARG H 146 -10.54 -30.56 -36.67
C ARG H 146 -11.64 -31.62 -36.76
N ASN H 147 -11.26 -32.89 -36.80
CA ASN H 147 -12.28 -33.96 -36.87
C ASN H 147 -13.11 -34.04 -35.59
N SER H 148 -12.46 -33.82 -34.44
CA SER H 148 -13.12 -33.89 -33.14
C SER H 148 -14.23 -32.87 -32.93
N VAL H 149 -13.96 -31.60 -33.21
CA VAL H 149 -15.00 -30.58 -33.04
C VAL H 149 -16.11 -30.86 -34.04
N THR H 150 -15.74 -31.27 -35.24
CA THR H 150 -16.71 -31.59 -36.28
C THR H 150 -17.62 -32.69 -35.75
N ALA H 151 -17.01 -33.71 -35.15
CA ALA H 151 -17.75 -34.83 -34.59
C ALA H 151 -18.65 -34.42 -33.43
N ALA H 152 -18.14 -33.55 -32.57
CA ALA H 152 -18.90 -33.10 -31.40
C ALA H 152 -20.11 -32.26 -31.80
N ALA H 153 -19.95 -31.48 -32.86
CA ALA H 153 -21.03 -30.63 -33.35
C ALA H 153 -22.13 -31.48 -33.97
N LYS H 154 -21.74 -32.55 -34.66
CA LYS H 154 -22.70 -33.42 -35.32
C LYS H 154 -23.29 -34.51 -34.43
N TYR H 155 -22.48 -35.07 -33.53
CA TYR H 155 -22.95 -36.14 -32.65
C TYR H 155 -22.80 -35.75 -31.18
N PRO H 156 -23.54 -34.73 -30.72
CA PRO H 156 -23.44 -34.31 -29.33
C PRO H 156 -23.53 -35.42 -28.30
N ASP H 157 -24.54 -36.29 -28.43
CA ASP H 157 -24.73 -37.37 -27.48
C ASP H 157 -23.57 -38.37 -27.35
N LEU H 158 -22.73 -38.47 -28.38
CA LEU H 158 -21.61 -39.40 -28.31
C LEU H 158 -20.33 -38.76 -27.75
N VAL H 159 -20.32 -37.44 -27.66
CA VAL H 159 -19.14 -36.74 -27.18
C VAL H 159 -19.31 -35.94 -25.89
N ARG H 160 -18.57 -36.33 -24.87
CA ARG H 160 -18.60 -35.65 -23.59
C ARG H 160 -17.96 -34.26 -23.71
N SER H 161 -16.75 -34.21 -24.26
CA SER H 161 -16.04 -32.95 -24.43
C SER H 161 -14.86 -33.09 -25.38
N VAL H 162 -14.31 -31.95 -25.80
CA VAL H 162 -13.20 -31.95 -26.74
C VAL H 162 -12.03 -31.05 -26.34
N VAL H 163 -10.82 -31.55 -26.59
CA VAL H 163 -9.61 -30.78 -26.38
C VAL H 163 -9.02 -30.65 -27.79
N ALA H 164 -9.28 -29.51 -28.42
CA ALA H 164 -8.81 -29.25 -29.78
C ALA H 164 -7.42 -28.63 -29.75
N ILE H 165 -6.42 -29.44 -30.06
CA ILE H 165 -5.04 -28.97 -30.05
C ILE H 165 -4.57 -28.42 -31.37
N ASP H 166 -4.48 -27.09 -31.42
CA ASP H 166 -3.98 -26.35 -32.57
C ASP H 166 -4.63 -26.48 -33.97
N PHE H 167 -5.91 -26.19 -34.06
CA PHE H 167 -6.61 -26.20 -35.34
C PHE H 167 -7.95 -25.54 -35.11
N THR H 168 -8.03 -24.30 -35.55
CA THR H 168 -9.21 -23.50 -35.38
C THR H 168 -9.70 -23.02 -36.74
N PRO H 169 -10.81 -22.28 -36.76
CA PRO H 169 -11.26 -21.78 -38.06
C PRO H 169 -10.34 -20.61 -38.40
N TYR H 170 -10.58 -19.98 -39.55
CA TYR H 170 -9.81 -18.82 -39.98
C TYR H 170 -8.33 -19.02 -40.27
N ILE H 171 -7.88 -20.26 -40.44
CA ILE H 171 -6.47 -20.49 -40.73
C ILE H 171 -6.21 -19.94 -42.13
N GLU H 172 -5.23 -19.03 -42.25
CA GLU H 172 -4.91 -18.45 -43.54
C GLU H 172 -4.46 -19.46 -44.60
N THR H 173 -4.85 -19.18 -45.84
CA THR H 173 -4.54 -20.01 -46.99
C THR H 173 -3.05 -20.37 -47.13
N GLU H 174 -2.17 -19.40 -46.95
CA GLU H 174 -0.73 -19.61 -47.05
C GLU H 174 -0.29 -20.74 -46.10
N ALA H 175 -0.69 -20.64 -44.83
CA ALA H 175 -0.32 -21.65 -43.84
C ALA H 175 -0.73 -23.05 -44.33
N LEU H 176 -1.91 -23.15 -44.92
CA LEU H 176 -2.40 -24.41 -45.42
C LEU H 176 -1.61 -24.85 -46.67
N ASP H 177 -1.16 -23.89 -47.47
CA ASP H 177 -0.38 -24.22 -48.66
C ASP H 177 0.94 -24.82 -48.20
N ALA H 178 1.53 -24.21 -47.17
CA ALA H 178 2.80 -24.68 -46.64
C ALA H 178 2.64 -26.11 -46.14
N LEU H 179 1.57 -26.36 -45.40
CA LEU H 179 1.32 -27.71 -44.88
C LEU H 179 1.23 -28.73 -46.02
N GLU H 180 0.37 -28.44 -46.99
CA GLU H 180 0.15 -29.33 -48.13
C GLU H 180 1.46 -29.68 -48.83
N ALA H 181 2.33 -28.70 -48.97
CA ALA H 181 3.62 -28.92 -49.65
C ALA H 181 4.53 -29.89 -48.88
N ARG H 182 4.63 -29.70 -47.56
CA ARG H 182 5.46 -30.59 -46.75
C ARG H 182 4.86 -31.99 -46.80
N VAL H 183 3.55 -32.08 -46.61
CA VAL H 183 2.83 -33.34 -46.62
C VAL H 183 3.13 -34.19 -47.86
N ASN H 184 2.86 -33.63 -49.04
CA ASN H 184 3.07 -34.37 -50.28
C ASN H 184 4.54 -34.69 -50.57
N ALA H 185 5.46 -33.88 -50.06
CA ALA H 185 6.88 -34.13 -50.28
C ALA H 185 7.36 -35.30 -49.43
N GLY H 186 6.66 -35.58 -48.34
CA GLY H 186 7.07 -36.68 -47.47
C GLY H 186 6.96 -38.06 -48.13
N SER H 187 6.20 -38.15 -49.22
CA SER H 187 6.05 -39.42 -49.92
C SER H 187 7.33 -39.72 -50.70
N GLN H 188 8.32 -40.28 -50.02
CA GLN H 188 9.59 -40.62 -50.66
C GLN H 188 10.26 -41.84 -50.03
N LEU H 189 11.26 -42.36 -50.73
CA LEU H 189 11.99 -43.52 -50.27
C LEU H 189 13.17 -43.13 -49.38
N PHE H 190 13.26 -43.73 -48.21
CA PHE H 190 14.37 -43.48 -47.32
C PHE H 190 15.20 -44.75 -47.29
N GLU H 191 16.51 -44.60 -47.24
CA GLU H 191 17.38 -45.75 -47.23
C GLU H 191 17.34 -46.57 -45.93
N ASP H 192 17.17 -45.88 -44.81
CA ASP H 192 17.12 -46.56 -43.52
C ASP H 192 16.53 -45.68 -42.43
N ILE H 193 16.29 -46.25 -41.26
CA ILE H 193 15.69 -45.53 -40.14
C ILE H 193 16.43 -44.24 -39.78
N LYS H 194 17.76 -44.29 -39.81
CA LYS H 194 18.56 -43.12 -39.48
C LYS H 194 18.30 -42.00 -40.47
N ALA H 195 18.06 -42.35 -41.73
CA ALA H 195 17.76 -41.37 -42.76
C ALA H 195 16.36 -40.82 -42.50
N VAL H 196 15.51 -41.64 -41.89
CA VAL H 196 14.15 -41.26 -41.55
C VAL H 196 14.15 -40.30 -40.37
N GLU H 197 14.99 -40.59 -39.38
CA GLU H 197 15.08 -39.74 -38.20
C GLU H 197 15.62 -38.37 -38.60
N ALA H 198 16.61 -38.38 -39.47
CA ALA H 198 17.20 -37.12 -39.95
C ALA H 198 16.10 -36.27 -40.58
N TYR H 199 15.47 -36.81 -41.63
CA TYR H 199 14.40 -36.12 -42.33
C TYR H 199 13.32 -35.52 -41.40
N LEU H 200 12.85 -36.32 -40.46
CA LEU H 200 11.82 -35.86 -39.53
C LEU H 200 12.28 -34.69 -38.66
N ALA H 201 13.51 -34.79 -38.15
CA ALA H 201 14.09 -33.73 -37.31
C ALA H 201 14.10 -32.41 -38.09
N GLY H 202 14.43 -32.49 -39.37
CA GLY H 202 14.48 -31.30 -40.19
C GLY H 202 13.10 -30.75 -40.49
N ARG H 203 12.13 -31.64 -40.65
CA ARG H 203 10.76 -31.23 -40.95
C ARG H 203 10.07 -30.65 -39.70
N TYR H 204 10.42 -31.17 -38.53
CA TYR H 204 9.85 -30.72 -37.26
C TYR H 204 11.00 -30.34 -36.33
N PRO H 205 11.72 -29.25 -36.64
CA PRO H 205 12.84 -28.81 -35.81
C PRO H 205 12.67 -28.65 -34.30
N ASN H 206 11.45 -28.41 -33.83
CA ASN H 206 11.22 -28.21 -32.40
C ASN H 206 10.79 -29.44 -31.62
N ILE H 207 10.40 -30.49 -32.32
CA ILE H 207 9.96 -31.71 -31.64
C ILE H 207 11.14 -32.47 -31.03
N PRO H 208 11.05 -32.83 -29.73
CA PRO H 208 12.09 -33.56 -28.98
C PRO H 208 12.47 -34.88 -29.64
N ALA H 209 13.76 -35.18 -29.63
CA ALA H 209 14.32 -36.40 -30.23
C ALA H 209 13.55 -37.67 -29.88
N ASP H 210 13.14 -37.79 -28.62
CA ASP H 210 12.40 -38.96 -28.20
C ASP H 210 11.11 -39.09 -29.00
N ALA H 211 10.43 -37.97 -29.21
CA ALA H 211 9.18 -37.94 -29.96
C ALA H 211 9.42 -38.18 -31.45
N ILE H 212 10.57 -37.71 -31.94
CA ILE H 212 10.94 -37.89 -33.34
C ILE H 212 11.19 -39.36 -33.63
N ARG H 213 11.81 -40.05 -32.68
CA ARG H 213 12.09 -41.47 -32.83
C ARG H 213 10.78 -42.26 -32.86
N ILE H 214 9.81 -41.84 -32.05
CA ILE H 214 8.51 -42.50 -32.01
C ILE H 214 7.84 -42.42 -33.38
N ARG H 215 7.93 -41.26 -34.03
CA ARG H 215 7.33 -41.09 -35.34
C ARG H 215 8.08 -41.92 -36.40
N ALA H 216 9.38 -42.07 -36.21
CA ALA H 216 10.22 -42.83 -37.13
C ALA H 216 9.92 -44.32 -37.08
N GLU H 217 9.78 -44.86 -35.87
CA GLU H 217 9.52 -46.29 -35.68
C GLU H 217 8.07 -46.68 -35.91
N SER H 218 7.16 -45.73 -35.77
CA SER H 218 5.73 -46.01 -35.93
C SER H 218 5.11 -45.71 -37.28
N GLY H 219 5.68 -44.77 -38.03
CA GLY H 219 5.08 -44.42 -39.30
C GLY H 219 5.62 -44.97 -40.61
N TYR H 220 6.61 -45.86 -40.56
CA TYR H 220 7.15 -46.38 -41.81
C TYR H 220 7.08 -47.89 -42.02
N GLN H 221 7.28 -48.32 -43.26
CA GLN H 221 7.21 -49.73 -43.62
C GLN H 221 8.41 -50.11 -44.46
N PRO H 222 8.94 -51.32 -44.28
CA PRO H 222 10.09 -51.72 -45.08
C PRO H 222 9.66 -52.13 -46.50
N VAL H 223 10.39 -51.65 -47.49
CA VAL H 223 10.10 -51.96 -48.89
C VAL H 223 11.43 -52.04 -49.64
N ASP H 224 11.36 -52.23 -50.95
CA ASP H 224 12.57 -52.31 -51.75
C ASP H 224 13.30 -50.97 -51.70
N GLY H 225 14.55 -51.01 -51.26
CA GLY H 225 15.33 -49.79 -51.18
C GLY H 225 15.37 -49.27 -49.76
N GLY H 226 14.43 -49.71 -48.93
CA GLY H 226 14.43 -49.26 -47.56
C GLY H 226 13.07 -49.03 -46.92
N LEU H 227 12.84 -47.80 -46.49
CA LEU H 227 11.61 -47.44 -45.81
C LEU H 227 10.74 -46.44 -46.56
N ARG H 228 9.44 -46.62 -46.43
CA ARG H 228 8.47 -45.73 -47.05
C ARG H 228 7.32 -45.54 -46.07
N PRO H 229 6.67 -44.37 -46.08
CA PRO H 229 5.55 -44.11 -45.17
C PRO H 229 4.41 -45.12 -45.26
N LEU H 230 3.82 -45.46 -44.13
CA LEU H 230 2.68 -46.37 -44.12
C LEU H 230 1.50 -45.62 -44.74
N ALA H 231 1.36 -44.35 -44.40
CA ALA H 231 0.27 -43.52 -44.90
C ALA H 231 0.09 -43.56 -46.42
N SER H 232 -1.17 -43.59 -46.87
CA SER H 232 -1.51 -43.58 -48.28
C SER H 232 -1.27 -42.16 -48.79
N SER H 233 -0.37 -42.00 -49.75
CA SER H 233 -0.06 -40.69 -50.29
C SER H 233 -1.29 -40.05 -50.96
N ALA H 234 -2.12 -40.86 -51.59
CA ALA H 234 -3.33 -40.34 -52.23
C ALA H 234 -4.27 -39.83 -51.12
N ALA H 235 -4.28 -40.53 -49.99
CA ALA H 235 -5.10 -40.16 -48.85
C ALA H 235 -4.61 -38.85 -48.25
N MSE H 236 -3.30 -38.68 -48.19
CA MSE H 236 -2.71 -37.46 -47.64
C MSE H 236 -3.05 -36.25 -48.49
O MSE H 236 -3.52 -35.23 -47.98
CB MSE H 236 -1.19 -37.59 -47.55
CG MSE H 236 -0.71 -38.75 -46.68
SE MSE H 236 -1.54 -38.73 -44.92
CE MSE H 236 -2.87 -40.14 -45.20
N ALA H 237 -2.82 -36.36 -49.79
CA ALA H 237 -3.11 -35.25 -50.69
C ALA H 237 -4.59 -34.86 -50.51
N GLN H 238 -5.46 -35.86 -50.52
CA GLN H 238 -6.88 -35.61 -50.35
C GLN H 238 -7.19 -35.00 -48.98
N THR H 239 -6.53 -35.48 -47.94
CA THR H 239 -6.74 -34.95 -46.58
C THR H 239 -6.27 -33.49 -46.51
N ALA H 240 -5.07 -33.22 -47.02
CA ALA H 240 -4.52 -31.86 -47.01
C ALA H 240 -5.49 -30.88 -47.64
N ARG H 241 -6.02 -31.21 -48.81
CA ARG H 241 -6.97 -30.34 -49.49
C ARG H 241 -8.25 -30.18 -48.65
N GLY H 242 -8.62 -31.25 -47.95
CA GLY H 242 -9.81 -31.22 -47.11
C GLY H 242 -9.67 -30.31 -45.90
N LEU H 243 -8.44 -30.10 -45.43
CA LEU H 243 -8.20 -29.26 -44.28
C LEU H 243 -8.50 -27.80 -44.58
N ARG H 244 -8.70 -27.47 -45.86
CA ARG H 244 -8.99 -26.10 -46.25
C ARG H 244 -10.48 -25.75 -46.08
N SER H 245 -11.32 -26.75 -45.84
CA SER H 245 -12.75 -26.53 -45.69
C SER H 245 -13.09 -25.59 -44.55
N ASP H 246 -14.16 -24.83 -44.72
CA ASP H 246 -14.62 -23.87 -43.72
C ASP H 246 -14.98 -24.58 -42.43
N LEU H 247 -14.32 -24.21 -41.34
CA LEU H 247 -14.55 -24.83 -40.05
C LEU H 247 -15.41 -23.99 -39.10
N VAL H 248 -15.79 -22.79 -39.54
CA VAL H 248 -16.59 -21.91 -38.70
C VAL H 248 -17.87 -22.57 -38.23
N PRO H 249 -18.60 -23.25 -39.14
CA PRO H 249 -19.86 -23.94 -38.77
C PRO H 249 -19.72 -24.89 -37.59
N ALA H 250 -18.67 -25.71 -37.60
CA ALA H 250 -18.45 -26.68 -36.55
C ALA H 250 -18.22 -26.01 -35.20
N TYR H 251 -17.43 -24.94 -35.18
CA TYR H 251 -17.15 -24.24 -33.93
C TYR H 251 -18.37 -23.46 -33.48
N ARG H 252 -19.07 -22.87 -34.44
CA ARG H 252 -20.26 -22.09 -34.15
C ARG H 252 -21.38 -22.92 -33.55
N ASP H 253 -21.57 -24.14 -34.05
CA ASP H 253 -22.67 -25.00 -33.59
C ASP H 253 -22.40 -26.05 -32.53
N VAL H 254 -21.14 -26.29 -32.18
CA VAL H 254 -20.83 -27.31 -31.18
C VAL H 254 -21.42 -26.94 -29.81
N THR H 255 -22.24 -27.85 -29.25
CA THR H 255 -22.90 -27.61 -27.98
C THR H 255 -22.18 -28.22 -26.77
N LYS H 256 -21.21 -29.10 -27.01
CA LYS H 256 -20.48 -29.71 -25.90
C LYS H 256 -19.22 -28.87 -25.61
N PRO H 257 -18.63 -29.03 -24.41
CA PRO H 257 -17.43 -28.27 -24.04
C PRO H 257 -16.22 -28.52 -24.93
N VAL H 258 -15.53 -27.43 -25.28
CA VAL H 258 -14.33 -27.50 -26.10
C VAL H 258 -13.21 -26.61 -25.58
N LEU H 259 -12.05 -27.21 -25.34
CA LEU H 259 -10.87 -26.49 -24.87
C LEU H 259 -9.97 -26.21 -26.06
N ILE H 260 -9.83 -24.94 -26.41
CA ILE H 260 -8.97 -24.54 -27.52
C ILE H 260 -7.55 -24.40 -27.00
N VAL H 261 -6.63 -25.16 -27.58
CA VAL H 261 -5.23 -25.10 -27.18
C VAL H 261 -4.37 -24.65 -28.34
N ARG H 262 -3.69 -23.53 -28.16
CA ARG H 262 -2.82 -23.02 -29.21
C ARG H 262 -1.37 -22.91 -28.76
N GLY H 263 -0.44 -23.20 -29.68
CA GLY H 263 0.97 -23.06 -29.36
C GLY H 263 1.39 -21.62 -29.58
N GLU H 264 2.04 -21.05 -28.57
CA GLU H 264 2.51 -19.67 -28.65
C GLU H 264 3.05 -19.29 -30.03
N SER H 265 3.97 -20.10 -30.56
CA SER H 265 4.56 -19.80 -31.85
C SER H 265 4.13 -20.75 -32.96
N SER H 266 2.90 -21.24 -32.89
CA SER H 266 2.41 -22.13 -33.93
C SER H 266 2.36 -21.43 -35.28
N LYS H 267 2.82 -22.13 -36.32
CA LYS H 267 2.82 -21.57 -37.66
C LYS H 267 1.56 -21.90 -38.45
N LEU H 268 0.73 -22.80 -37.94
CA LEU H 268 -0.51 -23.18 -38.62
C LEU H 268 -1.68 -22.34 -38.12
N VAL H 269 -1.74 -22.13 -36.81
CA VAL H 269 -2.78 -21.33 -36.19
C VAL H 269 -2.12 -20.05 -35.68
N SER H 270 -2.37 -18.95 -36.38
CA SER H 270 -1.81 -17.66 -36.02
C SER H 270 -2.57 -17.04 -34.84
N ALA H 271 -1.96 -16.03 -34.23
CA ALA H 271 -2.58 -15.32 -33.11
C ALA H 271 -3.86 -14.62 -33.60
N ALA H 272 -3.87 -14.22 -34.87
CA ALA H 272 -5.03 -13.56 -35.47
C ALA H 272 -6.18 -14.55 -35.64
N ALA H 273 -5.84 -15.79 -36.01
CA ALA H 273 -6.85 -16.82 -36.21
C ALA H 273 -7.49 -17.21 -34.87
N LEU H 274 -6.69 -17.25 -33.82
CA LEU H 274 -7.21 -17.59 -32.50
C LEU H 274 -8.11 -16.45 -32.04
N ALA H 275 -7.62 -15.20 -32.18
CA ALA H 275 -8.40 -14.03 -31.79
C ALA H 275 -9.78 -14.02 -32.47
N LYS H 276 -9.83 -14.38 -33.75
CA LYS H 276 -11.10 -14.40 -34.50
C LYS H 276 -11.99 -15.54 -33.99
N THR H 277 -11.37 -16.65 -33.62
CA THR H 277 -12.10 -17.81 -33.11
C THR H 277 -12.77 -17.47 -31.77
N SER H 278 -12.06 -16.75 -30.91
CA SER H 278 -12.62 -16.37 -29.61
C SER H 278 -13.77 -15.39 -29.77
N ARG H 279 -13.73 -14.60 -30.83
CA ARG H 279 -14.82 -13.66 -31.08
C ARG H 279 -16.04 -14.50 -31.43
N LEU H 280 -15.80 -15.55 -32.23
CA LEU H 280 -16.87 -16.44 -32.65
C LEU H 280 -17.48 -17.19 -31.46
N ARG H 281 -16.63 -17.69 -30.58
CA ARG H 281 -17.08 -18.42 -29.41
C ARG H 281 -16.33 -17.97 -28.15
N PRO H 282 -16.64 -16.78 -27.63
CA PRO H 282 -15.93 -16.31 -26.43
C PRO H 282 -16.10 -17.18 -25.18
N ASP H 283 -17.09 -18.07 -25.18
CA ASP H 283 -17.35 -18.94 -24.05
C ASP H 283 -16.41 -20.13 -23.94
N LEU H 284 -15.83 -20.54 -25.06
CA LEU H 284 -14.91 -21.68 -25.05
C LEU H 284 -13.57 -21.28 -24.44
N PRO H 285 -13.14 -21.98 -23.38
CA PRO H 285 -11.87 -21.73 -22.68
C PRO H 285 -10.65 -21.93 -23.59
N VAL H 286 -9.66 -21.06 -23.43
CA VAL H 286 -8.46 -21.10 -24.25
C VAL H 286 -7.18 -21.31 -23.45
N VAL H 287 -6.23 -22.01 -24.06
CA VAL H 287 -4.93 -22.25 -23.45
C VAL H 287 -3.86 -22.03 -24.52
N VAL H 288 -2.91 -21.14 -24.23
CA VAL H 288 -1.83 -20.86 -25.16
C VAL H 288 -0.57 -21.32 -24.46
N VAL H 289 0.13 -22.28 -25.06
CA VAL H 289 1.34 -22.82 -24.46
C VAL H 289 2.60 -22.08 -24.89
N PRO H 290 3.27 -21.39 -23.96
CA PRO H 290 4.50 -20.63 -24.22
C PRO H 290 5.63 -21.55 -24.66
N GLY H 291 6.39 -21.12 -25.65
CA GLY H 291 7.50 -21.93 -26.13
C GLY H 291 7.14 -23.10 -27.03
N ALA H 292 5.84 -23.32 -27.24
CA ALA H 292 5.41 -24.42 -28.09
C ALA H 292 4.97 -23.88 -29.44
N ASP H 293 5.22 -24.66 -30.49
CA ASP H 293 4.76 -24.25 -31.80
C ASP H 293 3.50 -25.05 -32.09
N HIS H 294 3.33 -25.50 -33.32
CA HIS H 294 2.14 -26.26 -33.69
C HIS H 294 2.03 -27.59 -32.93
N TYR H 295 3.16 -28.25 -32.74
CA TYR H 295 3.22 -29.54 -32.07
C TYR H 295 3.21 -29.42 -30.55
N VAL H 296 2.11 -28.87 -30.04
CA VAL H 296 1.96 -28.62 -28.61
C VAL H 296 2.18 -29.81 -27.69
N ASN H 297 1.44 -30.89 -27.92
CA ASN H 297 1.54 -32.08 -27.06
C ASN H 297 2.90 -32.80 -27.08
N GLU H 298 3.69 -32.60 -28.14
CA GLU H 298 5.00 -33.23 -28.22
C GLU H 298 6.09 -32.26 -27.75
N VAL H 299 5.85 -30.96 -27.84
CA VAL H 299 6.83 -29.97 -27.41
C VAL H 299 6.68 -29.62 -25.92
N SER H 300 5.45 -29.53 -25.44
CA SER H 300 5.20 -29.20 -24.04
C SER H 300 4.25 -30.22 -23.42
N PRO H 301 4.71 -31.47 -23.29
CA PRO H 301 3.87 -32.51 -22.70
C PRO H 301 3.34 -32.20 -21.30
N GLU H 302 4.16 -31.56 -20.47
CA GLU H 302 3.74 -31.22 -19.11
C GLU H 302 2.58 -30.24 -19.07
N ILE H 303 2.76 -29.09 -19.69
CA ILE H 303 1.70 -28.09 -19.71
C ILE H 303 0.45 -28.66 -20.38
N THR H 304 0.64 -29.45 -21.43
CA THR H 304 -0.48 -30.07 -22.15
C THR H 304 -1.30 -30.97 -21.23
N LEU H 305 -0.61 -31.88 -20.54
CA LEU H 305 -1.27 -32.79 -19.61
C LEU H 305 -2.06 -31.99 -18.57
N LYS H 306 -1.44 -30.94 -18.05
CA LYS H 306 -2.06 -30.11 -17.03
C LYS H 306 -3.29 -29.35 -17.56
N ALA H 307 -3.20 -28.84 -18.77
CA ALA H 307 -4.32 -28.11 -19.36
C ALA H 307 -5.48 -29.07 -19.51
N ILE H 308 -5.17 -30.33 -19.81
CA ILE H 308 -6.21 -31.33 -19.97
C ILE H 308 -6.90 -31.63 -18.62
N THR H 309 -6.09 -31.91 -17.59
CA THR H 309 -6.66 -32.23 -16.29
C THR H 309 -7.51 -31.09 -15.72
N ASN H 310 -7.05 -29.85 -15.86
CA ASN H 310 -7.83 -28.73 -15.34
C ASN H 310 -9.19 -28.67 -16.00
N PHE H 311 -9.22 -28.98 -17.30
CA PHE H 311 -10.43 -28.95 -18.10
C PHE H 311 -11.44 -30.04 -17.72
N ILE H 312 -11.02 -31.30 -17.77
CA ILE H 312 -11.92 -32.41 -17.48
C ILE H 312 -12.27 -32.59 -15.99
N ASP H 313 -11.34 -32.25 -15.11
CA ASP H 313 -11.56 -32.39 -13.67
C ASP H 313 -12.23 -31.20 -12.97
N ALA H 314 -12.67 -30.21 -13.73
CA ALA H 314 -13.31 -29.05 -13.14
C ALA H 314 -14.74 -29.36 -12.71
N HIS I 47 -45.41 -25.80 -36.06
CA HIS I 47 -46.33 -25.06 -35.16
C HIS I 47 -47.66 -24.78 -35.87
N PHE I 48 -47.59 -24.16 -37.05
CA PHE I 48 -48.79 -23.87 -37.84
C PHE I 48 -49.16 -25.08 -38.67
N ILE I 49 -50.44 -25.18 -39.02
CA ILE I 49 -50.88 -26.27 -39.88
C ILE I 49 -51.40 -25.60 -41.16
N SER I 50 -51.00 -26.14 -42.30
CA SER I 50 -51.46 -25.57 -43.55
C SER I 50 -52.39 -26.55 -44.25
N ARG I 51 -53.34 -26.01 -45.00
CA ARG I 51 -54.25 -26.83 -45.76
C ARG I 51 -54.95 -26.01 -46.83
N ARG I 52 -55.29 -26.67 -47.93
CA ARG I 52 -55.99 -26.01 -49.01
C ARG I 52 -57.47 -26.13 -48.70
N VAL I 53 -58.13 -24.99 -48.56
CA VAL I 53 -59.55 -24.97 -48.24
C VAL I 53 -60.42 -24.68 -49.44
N ASP I 54 -61.28 -25.64 -49.77
CA ASP I 54 -62.19 -25.49 -50.90
C ASP I 54 -63.42 -24.74 -50.41
N ILE I 55 -63.63 -23.54 -50.94
CA ILE I 55 -64.78 -22.75 -50.53
C ILE I 55 -65.80 -22.64 -51.66
N GLY I 56 -65.79 -23.65 -52.53
CA GLY I 56 -66.72 -23.67 -53.64
C GLY I 56 -66.27 -22.86 -54.83
N ARG I 57 -66.37 -21.53 -54.72
CA ARG I 57 -65.97 -20.64 -55.79
C ARG I 57 -64.48 -20.74 -56.13
N ILE I 58 -63.69 -21.29 -55.21
CA ILE I 58 -62.24 -21.41 -55.45
C ILE I 58 -61.59 -22.15 -54.28
N THR I 59 -60.33 -22.58 -54.45
CA THR I 59 -59.61 -23.27 -53.38
C THR I 59 -58.41 -22.42 -52.94
N LEU I 60 -58.37 -22.05 -51.66
CA LEU I 60 -57.31 -21.22 -51.11
C LEU I 60 -56.46 -21.92 -50.04
N ASN I 61 -55.14 -21.78 -50.15
CA ASN I 61 -54.24 -22.36 -49.18
C ASN I 61 -54.31 -21.49 -47.94
N VAL I 62 -54.17 -22.09 -46.78
CA VAL I 62 -54.26 -21.38 -45.52
C VAL I 62 -53.26 -21.87 -44.47
N ARG I 63 -52.91 -21.00 -43.51
CA ARG I 63 -52.00 -21.32 -42.41
C ARG I 63 -52.79 -21.06 -41.13
N GLU I 64 -53.02 -22.11 -40.34
CA GLU I 64 -53.82 -21.98 -39.13
C GLU I 64 -53.09 -22.24 -37.82
N LYS I 65 -53.52 -21.57 -36.76
CA LYS I 65 -52.93 -21.75 -35.43
C LYS I 65 -53.75 -21.08 -34.33
N GLY I 66 -53.82 -21.74 -33.18
CA GLY I 66 -54.54 -21.20 -32.04
C GLY I 66 -55.98 -21.64 -31.87
N SER I 67 -56.68 -20.97 -30.95
CA SER I 67 -58.08 -21.27 -30.66
C SER I 67 -58.76 -20.00 -30.18
N GLY I 68 -60.08 -19.98 -30.27
CA GLY I 68 -60.82 -18.79 -29.84
C GLY I 68 -61.44 -18.10 -31.04
N PRO I 69 -61.89 -16.84 -30.88
CA PRO I 69 -62.52 -16.09 -31.97
C PRO I 69 -61.64 -16.09 -33.22
N LEU I 70 -62.26 -16.19 -34.38
CA LEU I 70 -61.55 -16.23 -35.65
C LEU I 70 -60.93 -14.89 -36.06
N MSE I 71 -59.66 -14.95 -36.47
CA MSE I 71 -58.95 -13.75 -36.92
C MSE I 71 -58.20 -14.09 -38.21
O MSE I 71 -57.28 -14.92 -38.20
CB MSE I 71 -57.98 -13.25 -35.86
CG MSE I 71 -57.41 -11.87 -36.17
SE MSE I 71 -56.14 -11.19 -34.87
CE MSE I 71 -57.37 -10.54 -33.52
N LEU I 72 -58.60 -13.46 -39.31
CA LEU I 72 -58.00 -13.71 -40.62
C LEU I 72 -56.99 -12.64 -41.06
N PHE I 73 -55.89 -13.10 -41.66
CA PHE I 73 -54.82 -12.21 -42.14
C PHE I 73 -54.68 -12.28 -43.67
N PHE I 74 -54.72 -11.13 -44.32
CA PHE I 74 -54.59 -11.07 -45.77
C PHE I 74 -53.44 -10.15 -46.18
N HIS I 75 -52.53 -10.70 -47.00
CA HIS I 75 -51.33 -10.01 -47.48
C HIS I 75 -51.49 -8.99 -48.61
N GLY I 76 -50.37 -8.36 -48.95
CA GLY I 76 -50.33 -7.39 -50.03
C GLY I 76 -50.04 -8.10 -51.34
N ILE I 77 -50.19 -7.38 -52.45
CA ILE I 77 -49.99 -7.93 -53.80
C ILE I 77 -48.57 -8.51 -54.02
N THR I 78 -48.52 -9.70 -54.61
CA THR I 78 -47.30 -10.48 -54.91
C THR I 78 -46.71 -11.17 -53.69
N SER I 79 -47.30 -10.93 -52.52
CA SER I 79 -46.82 -11.53 -51.27
C SER I 79 -47.65 -12.79 -51.01
N ASN I 80 -47.64 -13.28 -49.78
CA ASN I 80 -48.40 -14.48 -49.43
C ASN I 80 -48.56 -14.56 -47.91
N SER I 81 -49.30 -15.57 -47.44
CA SER I 81 -49.58 -15.75 -46.02
C SER I 81 -48.40 -15.83 -45.08
N ALA I 82 -47.34 -16.54 -45.50
CA ALA I 82 -46.16 -16.71 -44.66
C ALA I 82 -45.69 -15.45 -43.93
N VAL I 83 -45.91 -14.28 -44.53
CA VAL I 83 -45.49 -13.03 -43.93
C VAL I 83 -46.13 -12.73 -42.57
N PHE I 84 -47.25 -13.38 -42.25
CA PHE I 84 -47.92 -13.11 -40.97
C PHE I 84 -47.60 -14.03 -39.79
N GLU I 85 -46.89 -15.12 -40.04
CA GLU I 85 -46.58 -16.05 -38.95
C GLU I 85 -45.99 -15.40 -37.70
N PRO I 86 -45.06 -14.44 -37.87
CA PRO I 86 -44.46 -13.78 -36.70
C PRO I 86 -45.47 -13.01 -35.85
N LEU I 87 -46.48 -12.43 -36.50
CA LEU I 87 -47.51 -11.67 -35.80
C LEU I 87 -48.58 -12.62 -35.23
N MSE I 88 -48.86 -13.70 -35.94
CA MSE I 88 -49.85 -14.67 -35.51
C MSE I 88 -49.51 -15.44 -34.23
O MSE I 88 -50.36 -15.58 -33.35
CB MSE I 88 -50.12 -15.68 -36.62
CG MSE I 88 -50.92 -15.14 -37.78
SE MSE I 88 -50.91 -16.46 -39.19
CE MSE I 88 -52.10 -17.78 -38.44
N ILE I 89 -48.29 -15.96 -34.12
CA ILE I 89 -47.90 -16.72 -32.94
C ILE I 89 -48.09 -15.87 -31.69
N ARG I 90 -48.18 -14.57 -31.91
CA ARG I 90 -48.35 -13.59 -30.85
C ARG I 90 -49.82 -13.44 -30.43
N LEU I 91 -50.74 -13.96 -31.25
CA LEU I 91 -52.16 -13.85 -30.96
C LEU I 91 -52.82 -15.22 -30.87
N SER I 92 -52.04 -16.26 -31.13
CA SER I 92 -52.52 -17.64 -31.10
C SER I 92 -53.18 -18.02 -29.77
N ASP I 93 -52.61 -17.54 -28.68
CA ASP I 93 -53.11 -17.87 -27.35
C ASP I 93 -54.58 -17.58 -27.10
N ARG I 94 -55.17 -16.63 -27.81
CA ARG I 94 -56.58 -16.32 -27.57
C ARG I 94 -57.40 -16.13 -28.84
N PHE I 95 -56.78 -16.34 -29.99
CA PHE I 95 -57.47 -16.22 -31.26
C PHE I 95 -57.08 -17.35 -32.18
N THR I 96 -58.02 -17.72 -33.03
CA THR I 96 -57.78 -18.74 -34.05
C THR I 96 -57.28 -17.86 -35.19
N THR I 97 -55.96 -17.79 -35.33
CA THR I 97 -55.33 -16.97 -36.36
C THR I 97 -55.14 -17.77 -37.63
N ILE I 98 -55.60 -17.21 -38.74
CA ILE I 98 -55.46 -17.88 -40.01
C ILE I 98 -55.03 -16.90 -41.09
N ALA I 99 -53.87 -17.17 -41.69
CA ALA I 99 -53.32 -16.36 -42.76
C ALA I 99 -53.73 -17.03 -44.07
N VAL I 100 -54.12 -16.22 -45.05
CA VAL I 100 -54.61 -16.71 -46.32
C VAL I 100 -53.87 -16.30 -47.58
N ASP I 101 -53.62 -17.27 -48.46
CA ASP I 101 -52.99 -16.99 -49.75
C ASP I 101 -54.21 -16.64 -50.60
N GLN I 102 -54.29 -15.38 -51.02
CA GLN I 102 -55.42 -14.92 -51.81
C GLN I 102 -55.30 -15.35 -53.27
N ARG I 103 -56.43 -15.37 -53.97
CA ARG I 103 -56.42 -15.81 -55.35
C ARG I 103 -55.23 -15.24 -56.12
N GLY I 104 -54.60 -16.11 -56.93
CA GLY I 104 -53.45 -15.70 -57.71
C GLY I 104 -52.12 -15.77 -56.97
N HIS I 105 -52.15 -15.90 -55.65
CA HIS I 105 -50.92 -15.93 -54.84
C HIS I 105 -50.58 -17.24 -54.14
N GLY I 106 -49.34 -17.32 -53.66
CA GLY I 106 -48.86 -18.50 -52.95
C GLY I 106 -49.26 -19.84 -53.52
N LEU I 107 -49.89 -20.67 -52.69
CA LEU I 107 -50.32 -22.01 -53.10
C LEU I 107 -51.81 -22.11 -53.40
N SER I 108 -52.47 -20.97 -53.55
CA SER I 108 -53.92 -20.98 -53.84
C SER I 108 -54.17 -21.04 -55.35
N ASP I 109 -55.42 -21.28 -55.72
CA ASP I 109 -55.75 -21.33 -57.13
C ASP I 109 -55.41 -20.00 -57.75
N LYS I 110 -55.19 -20.01 -59.06
CA LYS I 110 -54.83 -18.83 -59.78
C LYS I 110 -55.62 -18.80 -61.09
N PRO I 111 -56.93 -18.48 -61.01
CA PRO I 111 -57.79 -18.43 -62.19
C PRO I 111 -57.23 -17.49 -63.25
N GLU I 112 -57.70 -17.65 -64.48
CA GLU I 112 -57.23 -16.84 -65.59
C GLU I 112 -57.63 -15.38 -65.45
N THR I 113 -58.79 -15.14 -64.85
CA THR I 113 -59.27 -13.76 -64.69
C THR I 113 -60.05 -13.59 -63.39
N GLY I 114 -60.52 -12.37 -63.16
CA GLY I 114 -61.29 -12.06 -61.96
C GLY I 114 -60.42 -11.66 -60.78
N TYR I 115 -59.80 -10.48 -60.85
CA TYR I 115 -58.96 -10.01 -59.77
C TYR I 115 -59.29 -8.60 -59.32
N GLU I 116 -60.58 -8.30 -59.24
CA GLU I 116 -61.05 -7.00 -58.79
C GLU I 116 -61.39 -7.11 -57.29
N ALA I 117 -61.66 -5.98 -56.63
CA ALA I 117 -61.98 -6.00 -55.22
C ALA I 117 -63.10 -6.99 -54.87
N ASN I 118 -64.20 -6.92 -55.59
CA ASN I 118 -65.31 -7.83 -55.32
C ASN I 118 -64.95 -9.31 -55.43
N ASP I 119 -64.03 -9.65 -56.34
CA ASP I 119 -63.62 -11.04 -56.49
C ASP I 119 -62.88 -11.46 -55.21
N TYR I 120 -61.97 -10.61 -54.75
CA TYR I 120 -61.22 -10.89 -53.53
C TYR I 120 -62.16 -10.82 -52.32
N ALA I 121 -63.04 -9.82 -52.30
CA ALA I 121 -63.97 -9.68 -51.18
C ALA I 121 -64.86 -10.90 -51.06
N ASP I 122 -65.40 -11.38 -52.17
CA ASP I 122 -66.27 -12.54 -52.14
C ASP I 122 -65.52 -13.79 -51.69
N ASP I 123 -64.22 -13.82 -51.92
CA ASP I 123 -63.39 -14.95 -51.49
C ASP I 123 -63.38 -14.97 -49.96
N ILE I 124 -63.28 -13.78 -49.36
CA ILE I 124 -63.27 -13.67 -47.90
C ILE I 124 -64.60 -14.11 -47.33
N ALA I 125 -65.69 -13.62 -47.90
CA ALA I 125 -67.03 -13.99 -47.44
C ALA I 125 -67.16 -15.51 -47.48
N GLY I 126 -66.87 -16.11 -48.63
CA GLY I 126 -66.96 -17.56 -48.77
C GLY I 126 -66.11 -18.31 -47.77
N LEU I 127 -64.90 -17.82 -47.52
CA LEU I 127 -63.97 -18.45 -46.57
C LEU I 127 -64.56 -18.49 -45.16
N ILE I 128 -65.20 -17.39 -44.76
CA ILE I 128 -65.79 -17.30 -43.43
C ILE I 128 -66.99 -18.22 -43.29
N ARG I 129 -67.82 -18.31 -44.33
CA ARG I 129 -68.97 -19.20 -44.25
C ARG I 129 -68.46 -20.64 -44.19
N THR I 130 -67.46 -20.94 -45.01
CA THR I 130 -66.89 -22.29 -45.05
C THR I 130 -66.21 -22.71 -43.75
N LEU I 131 -65.43 -21.81 -43.15
CA LEU I 131 -64.75 -22.11 -41.90
C LEU I 131 -65.77 -22.32 -40.79
N ALA I 132 -66.95 -21.73 -40.99
CA ALA I 132 -68.06 -21.84 -40.04
C ALA I 132 -67.67 -21.67 -38.58
N ARG I 133 -66.97 -20.59 -38.26
CA ARG I 133 -66.56 -20.35 -36.88
C ARG I 133 -67.01 -19.01 -36.35
N GLY I 134 -68.15 -18.51 -36.84
CA GLY I 134 -68.66 -17.24 -36.38
C GLY I 134 -67.99 -16.09 -37.15
N HIS I 135 -68.45 -14.86 -36.95
CA HIS I 135 -67.85 -13.74 -37.66
C HIS I 135 -66.34 -13.67 -37.40
N ALA I 136 -65.65 -12.95 -38.26
CA ALA I 136 -64.20 -12.86 -38.13
C ALA I 136 -63.64 -11.45 -38.10
N ILE I 137 -62.51 -11.31 -37.41
CA ILE I 137 -61.79 -10.04 -37.32
C ILE I 137 -60.89 -10.06 -38.56
N LEU I 138 -60.91 -8.97 -39.33
CA LEU I 138 -60.12 -8.89 -40.55
C LEU I 138 -58.91 -7.95 -40.43
N VAL I 139 -57.72 -8.52 -40.59
CA VAL I 139 -56.48 -7.76 -40.55
C VAL I 139 -55.80 -7.95 -41.90
N GLY I 140 -55.85 -6.89 -42.70
CA GLY I 140 -55.26 -6.95 -44.02
C GLY I 140 -54.23 -5.87 -44.25
N HIS I 141 -53.25 -6.18 -45.08
CA HIS I 141 -52.21 -5.23 -45.41
C HIS I 141 -52.30 -4.87 -46.90
N SER I 142 -52.49 -3.58 -47.18
CA SER I 142 -52.56 -3.09 -48.56
C SER I 142 -53.63 -3.85 -49.36
N LEU I 143 -53.23 -4.62 -50.37
CA LEU I 143 -54.20 -5.40 -51.13
C LEU I 143 -55.20 -6.00 -50.15
N GLY I 144 -54.67 -6.63 -49.10
CA GLY I 144 -55.50 -7.26 -48.09
C GLY I 144 -56.40 -6.32 -47.31
N ALA I 145 -55.94 -5.08 -47.07
CA ALA I 145 -56.76 -4.12 -46.34
C ALA I 145 -57.91 -3.67 -47.25
N ARG I 146 -57.58 -3.41 -48.52
CA ARG I 146 -58.55 -2.98 -49.53
C ARG I 146 -59.63 -4.08 -49.59
N ASN I 147 -59.21 -5.32 -49.77
CA ASN I 147 -60.15 -6.44 -49.85
C ASN I 147 -61.01 -6.57 -48.60
N SER I 148 -60.40 -6.37 -47.44
CA SER I 148 -61.10 -6.49 -46.18
C SER I 148 -62.22 -5.49 -45.95
N VAL I 149 -61.94 -4.20 -46.16
CA VAL I 149 -62.95 -3.18 -45.96
C VAL I 149 -64.08 -3.38 -46.97
N THR I 150 -63.71 -3.84 -48.16
CA THR I 150 -64.71 -4.10 -49.19
C THR I 150 -65.64 -5.20 -48.69
N ALA I 151 -65.05 -6.25 -48.12
CA ALA I 151 -65.84 -7.37 -47.60
C ALA I 151 -66.75 -6.98 -46.44
N ALA I 152 -66.22 -6.19 -45.49
CA ALA I 152 -67.01 -5.77 -44.33
C ALA I 152 -68.20 -4.90 -44.76
N ALA I 153 -67.97 -4.03 -45.73
CA ALA I 153 -69.02 -3.16 -46.25
C ALA I 153 -70.10 -4.00 -46.91
N LYS I 154 -69.68 -5.01 -47.66
CA LYS I 154 -70.62 -5.87 -48.38
C LYS I 154 -71.31 -6.95 -47.52
N TYR I 155 -70.59 -7.52 -46.56
CA TYR I 155 -71.16 -8.57 -45.71
C TYR I 155 -70.90 -8.32 -44.22
N PRO I 156 -71.53 -7.28 -43.66
CA PRO I 156 -71.34 -6.97 -42.23
C PRO I 156 -71.51 -8.13 -41.25
N ASP I 157 -72.52 -8.98 -41.48
CA ASP I 157 -72.76 -10.08 -40.57
C ASP I 157 -71.62 -11.11 -40.46
N LEU I 158 -70.76 -11.15 -41.47
CA LEU I 158 -69.66 -12.10 -41.45
C LEU I 158 -68.39 -11.57 -40.77
N VAL I 159 -68.29 -10.25 -40.63
CA VAL I 159 -67.09 -9.71 -40.02
C VAL I 159 -67.30 -8.81 -38.80
N ARG I 160 -66.65 -9.19 -37.70
CA ARG I 160 -66.71 -8.48 -36.43
C ARG I 160 -66.05 -7.10 -36.49
N SER I 161 -64.86 -7.04 -37.07
CA SER I 161 -64.14 -5.78 -37.18
C SER I 161 -63.01 -5.89 -38.19
N VAL I 162 -62.47 -4.73 -38.58
CA VAL I 162 -61.40 -4.69 -39.54
C VAL I 162 -60.22 -3.82 -39.14
N VAL I 163 -59.03 -4.33 -39.40
CA VAL I 163 -57.80 -3.60 -39.15
C VAL I 163 -57.22 -3.45 -40.55
N ALA I 164 -57.39 -2.26 -41.13
CA ALA I 164 -56.92 -1.95 -42.48
C ALA I 164 -55.53 -1.34 -42.45
N ILE I 165 -54.52 -2.14 -42.74
CA ILE I 165 -53.16 -1.65 -42.70
C ILE I 165 -52.64 -1.08 -44.00
N ASP I 166 -52.51 0.23 -44.01
CA ASP I 166 -51.98 1.00 -45.12
C ASP I 166 -52.64 0.95 -46.50
N PHE I 167 -53.96 1.14 -46.56
CA PHE I 167 -54.65 1.21 -47.84
C PHE I 167 -55.99 1.89 -47.63
N THR I 168 -56.04 3.16 -47.97
CA THR I 168 -57.21 3.98 -47.82
C THR I 168 -57.68 4.43 -49.19
N PRO I 169 -58.75 5.23 -49.24
CA PRO I 169 -59.20 5.70 -50.54
C PRO I 169 -58.29 6.90 -50.83
N TYR I 170 -58.49 7.53 -52.00
CA TYR I 170 -57.71 8.71 -52.38
C TYR I 170 -56.23 8.51 -52.66
N ILE I 171 -55.81 7.28 -52.92
CA ILE I 171 -54.41 7.04 -53.24
C ILE I 171 -54.11 7.65 -54.60
N GLU I 172 -53.09 8.50 -54.67
CA GLU I 172 -52.72 9.17 -55.92
C GLU I 172 -52.32 8.22 -57.05
N THR I 173 -52.78 8.55 -58.24
CA THR I 173 -52.51 7.78 -59.45
C THR I 173 -51.04 7.45 -59.57
N GLU I 174 -50.18 8.44 -59.28
CA GLU I 174 -48.74 8.27 -59.34
C GLU I 174 -48.29 7.06 -58.51
N ALA I 175 -48.73 7.02 -57.26
CA ALA I 175 -48.36 5.94 -56.35
C ALA I 175 -48.77 4.58 -56.90
N LEU I 176 -49.96 4.51 -57.47
CA LEU I 176 -50.44 3.25 -58.02
C LEU I 176 -49.64 2.88 -59.27
N ASP I 177 -49.13 3.90 -59.96
CA ASP I 177 -48.32 3.66 -61.16
C ASP I 177 -46.99 3.03 -60.76
N ALA I 178 -46.38 3.59 -59.72
CA ALA I 178 -45.10 3.08 -59.24
C ALA I 178 -45.29 1.64 -58.78
N LEU I 179 -46.34 1.40 -58.00
CA LEU I 179 -46.62 0.06 -57.52
C LEU I 179 -46.83 -0.92 -58.68
N GLU I 180 -47.62 -0.52 -59.67
CA GLU I 180 -47.88 -1.38 -60.81
C GLU I 180 -46.60 -1.80 -61.55
N ALA I 181 -45.74 -0.83 -61.82
CA ALA I 181 -44.50 -1.12 -62.53
C ALA I 181 -43.57 -2.04 -61.72
N ARG I 182 -43.52 -1.85 -60.40
CA ARG I 182 -42.68 -2.70 -59.58
C ARG I 182 -43.21 -4.14 -59.54
N VAL I 183 -44.53 -4.30 -59.43
CA VAL I 183 -45.08 -5.66 -59.39
C VAL I 183 -44.82 -6.39 -60.70
N ASN I 184 -45.06 -5.73 -61.84
CA ASN I 184 -44.85 -6.37 -63.14
C ASN I 184 -43.37 -6.65 -63.45
N ALA I 185 -42.47 -5.84 -62.90
CA ALA I 185 -41.05 -6.06 -63.13
C ALA I 185 -40.56 -7.22 -62.24
N GLY I 186 -41.41 -7.68 -61.34
CA GLY I 186 -41.04 -8.77 -60.46
C GLY I 186 -41.03 -10.14 -61.11
N SER I 187 -41.67 -10.25 -62.27
CA SER I 187 -41.71 -11.52 -62.99
C SER I 187 -40.33 -11.76 -63.60
N GLN I 188 -39.44 -12.34 -62.81
CA GLN I 188 -38.07 -12.58 -63.25
C GLN I 188 -37.55 -13.97 -62.93
N LEU I 189 -36.47 -14.33 -63.61
CA LEU I 189 -35.80 -15.59 -63.39
C LEU I 189 -34.64 -15.22 -62.48
N PHE I 190 -34.57 -15.84 -61.31
CA PHE I 190 -33.50 -15.56 -60.38
C PHE I 190 -32.57 -16.78 -60.31
N GLU I 191 -31.27 -16.54 -60.42
CA GLU I 191 -30.28 -17.61 -60.40
C GLU I 191 -30.45 -18.57 -59.23
N ASP I 192 -30.66 -18.02 -58.04
CA ASP I 192 -30.85 -18.84 -56.84
C ASP I 192 -31.43 -18.00 -55.70
N ILE I 193 -31.62 -18.61 -54.54
CA ILE I 193 -32.21 -17.91 -53.40
C ILE I 193 -31.45 -16.67 -52.91
N LYS I 194 -30.13 -16.67 -53.05
CA LYS I 194 -29.34 -15.53 -52.62
C LYS I 194 -29.69 -14.36 -53.52
N ALA I 195 -29.84 -14.63 -54.80
CA ALA I 195 -30.18 -13.58 -55.75
C ALA I 195 -31.60 -13.06 -55.45
N VAL I 196 -32.50 -13.98 -55.10
CA VAL I 196 -33.87 -13.57 -54.77
C VAL I 196 -33.81 -12.64 -53.56
N GLU I 197 -33.04 -13.03 -52.55
CA GLU I 197 -32.90 -12.23 -51.34
C GLU I 197 -32.35 -10.85 -51.60
N ALA I 198 -31.38 -10.75 -52.51
CA ALA I 198 -30.80 -9.47 -52.86
C ALA I 198 -31.82 -8.62 -53.62
N TYR I 199 -32.59 -9.27 -54.47
CA TYR I 199 -33.59 -8.56 -55.23
C TYR I 199 -34.66 -7.96 -54.31
N LEU I 200 -35.17 -8.77 -53.39
CA LEU I 200 -36.21 -8.33 -52.45
C LEU I 200 -35.72 -7.22 -51.52
N ALA I 201 -34.49 -7.35 -51.03
CA ALA I 201 -33.93 -6.35 -50.15
C ALA I 201 -33.91 -5.01 -50.87
N GLY I 202 -33.51 -5.02 -52.14
CA GLY I 202 -33.46 -3.81 -52.92
C GLY I 202 -34.85 -3.25 -53.19
N ARG I 203 -35.83 -4.13 -53.33
CA ARG I 203 -37.21 -3.72 -53.59
C ARG I 203 -37.91 -3.17 -52.34
N TYR I 204 -37.56 -3.71 -51.17
CA TYR I 204 -38.15 -3.27 -49.92
C TYR I 204 -37.01 -2.96 -48.96
N PRO I 205 -36.28 -1.86 -49.19
CA PRO I 205 -35.15 -1.52 -48.30
C PRO I 205 -35.38 -1.43 -46.80
N ASN I 206 -36.59 -1.06 -46.37
CA ASN I 206 -36.87 -0.95 -44.93
C ASN I 206 -37.30 -2.22 -44.21
N ILE I 207 -37.61 -3.28 -44.97
CA ILE I 207 -38.04 -4.52 -44.36
C ILE I 207 -36.86 -5.26 -43.74
N PRO I 208 -37.02 -5.72 -42.48
CA PRO I 208 -35.97 -6.44 -41.77
C PRO I 208 -35.51 -7.68 -42.52
N ALA I 209 -34.23 -8.02 -42.36
CA ALA I 209 -33.63 -9.17 -43.02
C ALA I 209 -34.44 -10.45 -42.85
N ASP I 210 -34.80 -10.76 -41.61
CA ASP I 210 -35.59 -11.96 -41.33
C ASP I 210 -36.90 -12.00 -42.12
N ALA I 211 -37.58 -10.86 -42.19
CA ALA I 211 -38.84 -10.77 -42.94
C ALA I 211 -38.56 -10.95 -44.43
N ILE I 212 -37.45 -10.40 -44.90
CA ILE I 212 -37.06 -10.53 -46.29
C ILE I 212 -36.88 -12.02 -46.60
N ARG I 213 -36.17 -12.72 -45.73
CA ARG I 213 -35.95 -14.13 -45.93
C ARG I 213 -37.28 -14.89 -46.01
N ILE I 214 -38.22 -14.55 -45.14
CA ILE I 214 -39.54 -15.17 -45.15
C ILE I 214 -40.17 -15.06 -46.54
N ARG I 215 -40.14 -13.85 -47.10
CA ARG I 215 -40.71 -13.62 -48.42
C ARG I 215 -39.95 -14.40 -49.50
N ALA I 216 -38.65 -14.58 -49.27
CA ALA I 216 -37.83 -15.32 -50.24
C ALA I 216 -38.13 -16.83 -50.22
N GLU I 217 -38.19 -17.42 -49.02
CA GLU I 217 -38.45 -18.85 -48.90
C GLU I 217 -39.89 -19.21 -49.25
N SER I 218 -40.82 -18.31 -48.96
CA SER I 218 -42.22 -18.61 -49.21
C SER I 218 -42.79 -18.21 -50.55
N GLY I 219 -42.20 -17.24 -51.22
CA GLY I 219 -42.76 -16.79 -52.48
C GLY I 219 -42.27 -17.36 -53.81
N TYR I 220 -41.24 -18.20 -53.77
CA TYR I 220 -40.70 -18.71 -55.01
C TYR I 220 -40.77 -20.22 -55.26
N GLN I 221 -40.63 -20.59 -56.53
CA GLN I 221 -40.68 -21.98 -56.97
C GLN I 221 -39.44 -22.35 -57.81
N PRO I 222 -38.98 -23.61 -57.69
CA PRO I 222 -37.82 -24.06 -58.46
C PRO I 222 -38.22 -24.27 -59.91
N VAL I 223 -37.46 -23.66 -60.81
CA VAL I 223 -37.71 -23.75 -62.25
C VAL I 223 -36.39 -23.88 -63.00
N ASP I 224 -36.47 -24.17 -64.30
CA ASP I 224 -35.27 -24.28 -65.11
C ASP I 224 -34.53 -22.94 -65.09
N GLY I 225 -33.29 -22.99 -64.63
CA GLY I 225 -32.49 -21.77 -64.56
C GLY I 225 -32.48 -21.18 -63.17
N GLY I 226 -33.28 -21.76 -62.28
CA GLY I 226 -33.32 -21.27 -60.91
C GLY I 226 -34.69 -21.13 -60.29
N LEU I 227 -35.02 -19.91 -59.89
CA LEU I 227 -36.28 -19.62 -59.23
C LEU I 227 -37.11 -18.55 -59.91
N ARG I 228 -38.43 -18.66 -59.76
CA ARG I 228 -39.39 -17.70 -60.29
C ARG I 228 -40.51 -17.58 -59.25
N PRO I 229 -41.27 -16.47 -59.28
CA PRO I 229 -42.34 -16.35 -58.28
C PRO I 229 -43.48 -17.34 -58.49
N LEU I 230 -44.14 -17.75 -57.40
CA LEU I 230 -45.27 -18.66 -57.50
C LEU I 230 -46.46 -17.90 -58.06
N ALA I 231 -46.60 -16.65 -57.66
CA ALA I 231 -47.69 -15.82 -58.10
C ALA I 231 -47.84 -15.80 -59.63
N SER I 232 -49.09 -15.86 -60.09
CA SER I 232 -49.36 -15.80 -61.53
C SER I 232 -49.11 -14.37 -61.96
N SER I 233 -48.23 -14.17 -62.92
CA SER I 233 -47.93 -12.83 -63.38
C SER I 233 -49.19 -12.15 -63.97
N ALA I 234 -50.03 -12.94 -64.65
CA ALA I 234 -51.26 -12.38 -65.23
C ALA I 234 -52.18 -11.90 -64.10
N ALA I 235 -52.26 -12.71 -63.05
CA ALA I 235 -53.08 -12.37 -61.90
C ALA I 235 -52.60 -11.08 -61.24
N MSE I 236 -51.28 -10.87 -61.22
CA MSE I 236 -50.70 -9.69 -60.61
C MSE I 236 -50.97 -8.43 -61.42
O MSE I 236 -51.32 -7.38 -60.88
CB MSE I 236 -49.18 -9.85 -60.45
CG MSE I 236 -48.77 -11.09 -59.68
SE MSE I 236 -49.52 -11.21 -57.88
CE MSE I 236 -51.00 -12.43 -58.23
N ALA I 237 -50.82 -8.53 -62.74
CA ALA I 237 -51.08 -7.40 -63.60
C ALA I 237 -52.55 -6.96 -63.40
N GLN I 238 -53.45 -7.93 -63.41
CA GLN I 238 -54.88 -7.66 -63.23
C GLN I 238 -55.21 -7.09 -61.85
N THR I 239 -54.55 -7.61 -60.83
CA THR I 239 -54.76 -7.14 -59.46
C THR I 239 -54.26 -5.71 -59.32
N ALA I 240 -53.08 -5.45 -59.89
CA ALA I 240 -52.50 -4.11 -59.83
C ALA I 240 -53.44 -3.08 -60.46
N ARG I 241 -53.99 -3.40 -61.62
CA ARG I 241 -54.91 -2.50 -62.31
C ARG I 241 -56.17 -2.31 -61.48
N GLY I 242 -56.65 -3.40 -60.90
CA GLY I 242 -57.85 -3.33 -60.07
C GLY I 242 -57.68 -2.53 -58.79
N LEU I 243 -56.44 -2.38 -58.32
CA LEU I 243 -56.18 -1.61 -57.10
C LEU I 243 -56.50 -0.14 -57.30
N ARG I 244 -56.71 0.26 -58.55
CA ARG I 244 -57.02 1.65 -58.88
C ARG I 244 -58.49 2.01 -58.68
N SER I 245 -59.35 1.01 -58.48
CA SER I 245 -60.77 1.28 -58.33
C SER I 245 -61.09 2.17 -57.13
N ASP I 246 -62.18 2.93 -57.26
CA ASP I 246 -62.60 3.84 -56.22
C ASP I 246 -62.94 3.09 -54.95
N LEU I 247 -62.29 3.45 -53.84
CA LEU I 247 -62.54 2.77 -52.57
C LEU I 247 -63.41 3.61 -51.62
N VAL I 248 -63.80 4.81 -52.05
CA VAL I 248 -64.63 5.68 -51.22
C VAL I 248 -65.91 4.96 -50.75
N PRO I 249 -66.68 4.37 -51.67
CA PRO I 249 -67.91 3.67 -51.31
C PRO I 249 -67.75 2.68 -50.14
N ALA I 250 -66.74 1.84 -50.23
CA ALA I 250 -66.50 0.84 -49.18
C ALA I 250 -66.25 1.51 -47.83
N TYR I 251 -65.36 2.49 -47.80
CA TYR I 251 -65.07 3.16 -46.53
C TYR I 251 -66.29 3.91 -46.02
N ARG I 252 -66.98 4.57 -46.94
CA ARG I 252 -68.18 5.33 -46.61
C ARG I 252 -69.30 4.45 -46.06
N ASP I 253 -69.45 3.25 -46.62
CA ASP I 253 -70.54 2.37 -46.19
C ASP I 253 -70.29 1.33 -45.11
N VAL I 254 -69.03 0.95 -44.87
CA VAL I 254 -68.77 -0.05 -43.83
C VAL I 254 -69.45 0.33 -42.51
N THR I 255 -70.20 -0.61 -41.96
CA THR I 255 -70.92 -0.39 -40.71
C THR I 255 -70.21 -0.98 -39.50
N LYS I 256 -69.22 -1.84 -39.74
CA LYS I 256 -68.47 -2.46 -38.66
C LYS I 256 -67.23 -1.63 -38.34
N PRO I 257 -66.69 -1.79 -37.13
CA PRO I 257 -65.50 -1.04 -36.71
C PRO I 257 -64.30 -1.26 -37.64
N VAL I 258 -63.57 -0.18 -37.91
CA VAL I 258 -62.37 -0.24 -38.75
C VAL I 258 -61.26 0.61 -38.16
N LEU I 259 -60.11 -0.01 -37.92
CA LEU I 259 -58.94 0.68 -37.41
C LEU I 259 -58.04 0.97 -38.60
N ILE I 260 -57.86 2.24 -38.93
CA ILE I 260 -57.01 2.62 -40.04
C ILE I 260 -55.58 2.79 -39.54
N VAL I 261 -54.67 2.03 -40.13
CA VAL I 261 -53.25 2.09 -39.76
C VAL I 261 -52.39 2.57 -40.92
N ARG I 262 -51.67 3.66 -40.72
CA ARG I 262 -50.78 4.17 -41.77
C ARG I 262 -49.35 4.28 -41.28
N GLY I 263 -48.41 3.99 -42.17
CA GLY I 263 -47.00 4.09 -41.85
C GLY I 263 -46.62 5.55 -42.04
N GLU I 264 -46.01 6.15 -41.03
CA GLU I 264 -45.63 7.57 -41.10
C GLU I 264 -45.02 8.01 -42.41
N SER I 265 -44.13 7.20 -42.97
CA SER I 265 -43.47 7.57 -44.21
C SER I 265 -43.85 6.64 -45.38
N SER I 266 -45.11 6.21 -45.39
CA SER I 266 -45.59 5.34 -46.45
C SER I 266 -45.68 6.11 -47.75
N LYS I 267 -45.20 5.50 -48.83
CA LYS I 267 -45.25 6.14 -50.14
C LYS I 267 -46.52 5.77 -50.88
N LEU I 268 -47.23 4.75 -50.39
CA LEU I 268 -48.47 4.31 -51.03
C LEU I 268 -49.63 5.13 -50.49
N VAL I 269 -49.76 5.18 -49.17
CA VAL I 269 -50.82 5.96 -48.53
C VAL I 269 -50.17 7.24 -48.01
N SER I 270 -50.41 8.34 -48.71
CA SER I 270 -49.85 9.62 -48.33
C SER I 270 -50.62 10.22 -47.16
N ALA I 271 -49.99 11.20 -46.50
CA ALA I 271 -50.61 11.88 -45.37
C ALA I 271 -51.87 12.62 -45.86
N ALA I 272 -51.84 13.11 -47.10
CA ALA I 272 -52.98 13.80 -47.68
C ALA I 272 -54.13 12.83 -47.85
N ALA I 273 -53.82 11.61 -48.29
CA ALA I 273 -54.85 10.59 -48.50
C ALA I 273 -55.50 10.20 -47.18
N LEU I 274 -54.70 10.11 -46.11
CA LEU I 274 -55.24 9.76 -44.80
C LEU I 274 -56.15 10.88 -44.30
N ALA I 275 -55.67 12.11 -44.44
CA ALA I 275 -56.44 13.27 -44.01
C ALA I 275 -57.80 13.28 -44.70
N LYS I 276 -57.82 12.97 -46.00
CA LYS I 276 -59.07 12.95 -46.76
C LYS I 276 -59.97 11.81 -46.30
N THR I 277 -59.37 10.70 -45.92
CA THR I 277 -60.13 9.54 -45.46
C THR I 277 -60.80 9.87 -44.13
N SER I 278 -60.04 10.51 -43.23
CA SER I 278 -60.57 10.88 -41.93
C SER I 278 -61.72 11.87 -42.05
N ARG I 279 -61.69 12.71 -43.08
CA ARG I 279 -62.78 13.67 -43.29
C ARG I 279 -64.00 12.90 -43.79
N LEU I 280 -63.76 11.81 -44.50
CA LEU I 280 -64.84 10.95 -45.02
C LEU I 280 -65.49 10.18 -43.88
N ARG I 281 -64.66 9.62 -43.01
CA ARG I 281 -65.13 8.85 -41.87
C ARG I 281 -64.38 9.25 -40.60
N PRO I 282 -64.71 10.42 -40.04
CA PRO I 282 -64.06 10.91 -38.81
C PRO I 282 -64.21 10.01 -37.60
N ASP I 283 -65.17 9.09 -37.65
CA ASP I 283 -65.42 8.16 -36.54
C ASP I 283 -64.48 6.96 -36.50
N LEU I 284 -63.89 6.61 -37.63
CA LEU I 284 -62.97 5.47 -37.65
C LEU I 284 -61.65 5.83 -36.95
N PRO I 285 -61.27 5.05 -35.93
CA PRO I 285 -60.02 5.33 -35.20
C PRO I 285 -58.77 5.17 -36.08
N VAL I 286 -57.79 6.04 -35.85
CA VAL I 286 -56.57 6.05 -36.64
C VAL I 286 -55.29 5.79 -35.84
N VAL I 287 -54.33 5.15 -36.49
CA VAL I 287 -53.03 4.86 -35.89
C VAL I 287 -51.97 5.10 -36.96
N VAL I 288 -51.05 6.02 -36.68
CA VAL I 288 -49.97 6.35 -37.59
C VAL I 288 -48.70 5.81 -36.91
N VAL I 289 -48.02 4.88 -37.57
CA VAL I 289 -46.82 4.29 -36.96
C VAL I 289 -45.51 4.98 -37.36
N PRO I 290 -44.83 5.61 -36.39
CA PRO I 290 -43.57 6.32 -36.64
C PRO I 290 -42.46 5.38 -37.12
N GLY I 291 -41.62 5.88 -38.02
CA GLY I 291 -40.52 5.07 -38.52
C GLY I 291 -40.95 3.92 -39.41
N ALA I 292 -42.24 3.82 -39.70
CA ALA I 292 -42.72 2.75 -40.56
C ALA I 292 -43.14 3.28 -41.92
N ASP I 293 -42.80 2.55 -42.96
CA ASP I 293 -43.21 2.95 -44.30
C ASP I 293 -44.46 2.13 -44.60
N HIS I 294 -44.73 1.88 -45.88
CA HIS I 294 -45.91 1.12 -46.29
C HIS I 294 -45.99 -0.26 -45.61
N TYR I 295 -44.84 -0.88 -45.41
CA TYR I 295 -44.74 -2.20 -44.80
C TYR I 295 -44.75 -2.11 -43.27
N VAL I 296 -45.88 -1.65 -42.73
CA VAL I 296 -46.05 -1.45 -41.30
C VAL I 296 -45.86 -2.69 -40.41
N ASN I 297 -46.60 -3.76 -40.68
CA ASN I 297 -46.49 -4.96 -39.84
C ASN I 297 -45.14 -5.69 -39.86
N GLU I 298 -44.32 -5.45 -40.89
CA GLU I 298 -43.02 -6.10 -40.95
C GLU I 298 -41.91 -5.17 -40.43
N VAL I 299 -42.15 -3.87 -40.52
CA VAL I 299 -41.17 -2.89 -40.04
C VAL I 299 -41.36 -2.53 -38.55
N SER I 300 -42.61 -2.53 -38.08
CA SER I 300 -42.88 -2.22 -36.67
C SER I 300 -43.83 -3.27 -36.07
N PRO I 301 -43.39 -4.53 -36.00
CA PRO I 301 -44.24 -5.57 -35.44
C PRO I 301 -44.82 -5.28 -34.05
N GLU I 302 -43.99 -4.71 -33.17
CA GLU I 302 -44.42 -4.41 -31.80
C GLU I 302 -45.55 -3.38 -31.71
N ILE I 303 -45.40 -2.25 -32.39
CA ILE I 303 -46.44 -1.23 -32.37
C ILE I 303 -47.69 -1.72 -33.10
N THR I 304 -47.49 -2.49 -34.17
CA THR I 304 -48.60 -3.04 -34.93
C THR I 304 -49.39 -3.96 -34.01
N LEU I 305 -48.68 -4.82 -33.30
CA LEU I 305 -49.32 -5.74 -32.39
C LEU I 305 -50.11 -5.01 -31.31
N LYS I 306 -49.52 -3.96 -30.73
CA LYS I 306 -50.18 -3.20 -29.67
C LYS I 306 -51.42 -2.45 -30.17
N ALA I 307 -51.31 -1.88 -31.37
CA ALA I 307 -52.43 -1.15 -31.95
C ALA I 307 -53.56 -2.14 -32.14
N ILE I 308 -53.23 -3.35 -32.57
CA ILE I 308 -54.26 -4.36 -32.79
C ILE I 308 -54.97 -4.72 -31.48
N THR I 309 -54.20 -5.03 -30.43
CA THR I 309 -54.81 -5.39 -29.15
C THR I 309 -55.60 -4.24 -28.53
N ASN I 310 -55.08 -3.01 -28.61
CA ASN I 310 -55.82 -1.87 -28.04
C ASN I 310 -57.18 -1.73 -28.70
N PHE I 311 -57.25 -2.08 -29.97
CA PHE I 311 -58.46 -2.00 -30.75
C PHE I 311 -59.50 -3.08 -30.40
N ILE I 312 -59.12 -4.34 -30.55
CA ILE I 312 -60.03 -5.45 -30.29
C ILE I 312 -60.33 -5.78 -28.82
N ASP I 313 -59.53 -5.25 -27.89
CA ASP I 313 -59.76 -5.52 -26.48
C ASP I 313 -60.46 -4.37 -25.75
N ALA I 314 -60.81 -3.32 -26.47
CA ALA I 314 -61.45 -2.17 -25.85
C ALA I 314 -62.84 -2.48 -25.28
N HIS J 47 -38.05 -17.85 -3.97
CA HIS J 47 -37.13 -18.81 -4.63
C HIS J 47 -35.91 -19.16 -3.78
N PHE J 48 -35.27 -18.16 -3.18
CA PHE J 48 -34.10 -18.43 -2.35
C PHE J 48 -34.35 -18.21 -0.86
N ILE J 49 -33.85 -19.12 -0.04
CA ILE J 49 -34.02 -19.01 1.41
C ILE J 49 -32.75 -18.41 2.02
N SER J 50 -32.92 -17.29 2.71
CA SER J 50 -31.81 -16.60 3.37
C SER J 50 -31.71 -17.02 4.82
N ARG J 51 -30.48 -17.12 5.32
CA ARG J 51 -30.27 -17.52 6.70
C ARG J 51 -28.85 -17.18 7.11
N ARG J 52 -28.65 -16.83 8.37
CA ARG J 52 -27.33 -16.52 8.86
C ARG J 52 -26.73 -17.78 9.43
N VAL J 53 -25.62 -18.23 8.84
CA VAL J 53 -24.93 -19.43 9.25
C VAL J 53 -23.74 -19.13 10.14
N ASP J 54 -23.69 -19.77 11.30
CA ASP J 54 -22.59 -19.58 12.23
C ASP J 54 -21.53 -20.62 11.87
N ILE J 55 -20.39 -20.16 11.39
CA ILE J 55 -19.32 -21.09 11.02
C ILE J 55 -18.22 -21.10 12.08
N GLY J 56 -18.60 -20.76 13.31
CA GLY J 56 -17.64 -20.72 14.40
C GLY J 56 -16.99 -19.35 14.48
N ARG J 57 -15.93 -19.18 13.70
CA ARG J 57 -15.18 -17.92 13.66
C ARG J 57 -16.05 -16.70 13.39
N ILE J 58 -17.19 -16.89 12.74
CA ILE J 58 -18.08 -15.77 12.43
C ILE J 58 -19.42 -16.25 11.91
N THR J 59 -20.37 -15.34 11.76
CA THR J 59 -21.71 -15.67 11.25
C THR J 59 -21.92 -14.96 9.91
N LEU J 60 -22.23 -15.73 8.88
CA LEU J 60 -22.44 -15.21 7.54
C LEU J 60 -23.86 -15.43 7.00
N ASN J 61 -24.39 -14.43 6.31
CA ASN J 61 -25.72 -14.55 5.72
C ASN J 61 -25.58 -15.26 4.38
N VAL J 62 -26.51 -16.14 4.08
CA VAL J 62 -26.48 -16.93 2.85
C VAL J 62 -27.83 -17.05 2.12
N ARG J 63 -27.77 -17.35 0.82
CA ARG J 63 -28.93 -17.55 -0.04
C ARG J 63 -28.74 -18.92 -0.69
N GLU J 64 -29.67 -19.83 -0.45
CA GLU J 64 -29.56 -21.18 -0.99
C GLU J 64 -30.70 -21.59 -1.89
N LYS J 65 -30.45 -22.62 -2.70
CA LYS J 65 -31.46 -23.15 -3.61
C LYS J 65 -30.91 -24.36 -4.36
N GLY J 66 -31.81 -25.22 -4.84
CA GLY J 66 -31.41 -26.40 -5.59
C GLY J 66 -30.80 -27.52 -4.76
N SER J 67 -30.34 -28.56 -5.45
CA SER J 67 -29.72 -29.70 -4.80
C SER J 67 -28.62 -30.24 -5.70
N GLY J 68 -27.73 -31.06 -5.15
CA GLY J 68 -26.65 -31.61 -5.93
C GLY J 68 -25.34 -31.09 -5.37
N PRO J 69 -24.20 -31.29 -6.08
CA PRO J 69 -22.91 -30.81 -5.59
C PRO J 69 -22.95 -29.33 -5.21
N LEU J 70 -22.19 -28.94 -4.20
CA LEU J 70 -22.16 -27.58 -3.73
C LEU J 70 -21.39 -26.61 -4.63
N MSE J 71 -21.99 -25.46 -4.89
CA MSE J 71 -21.38 -24.42 -5.70
C MSE J 71 -21.60 -23.11 -4.94
O MSE J 71 -22.74 -22.70 -4.73
CB MSE J 71 -22.06 -24.36 -7.06
CG MSE J 71 -21.38 -23.44 -8.04
SE MSE J 71 -22.16 -23.53 -9.81
CE MSE J 71 -21.45 -25.26 -10.35
N LEU J 72 -20.51 -22.46 -4.55
CA LEU J 72 -20.60 -21.21 -3.79
C LEU J 72 -20.28 -19.97 -4.62
N PHE J 73 -21.02 -18.90 -4.40
CA PHE J 73 -20.81 -17.66 -5.12
C PHE J 73 -20.37 -16.52 -4.20
N PHE J 74 -19.36 -15.76 -4.62
CA PHE J 74 -18.85 -14.66 -3.81
C PHE J 74 -18.77 -13.35 -4.59
N HIS J 75 -19.42 -12.33 -4.05
CA HIS J 75 -19.52 -10.99 -4.64
C HIS J 75 -18.23 -10.16 -4.53
N GLY J 76 -18.25 -9.00 -5.17
CA GLY J 76 -17.11 -8.09 -5.14
C GLY J 76 -17.29 -7.06 -4.03
N ILE J 77 -16.28 -6.21 -3.83
CA ILE J 77 -16.35 -5.21 -2.76
C ILE J 77 -17.57 -4.26 -2.81
N THR J 78 -18.14 -4.02 -1.62
CA THR J 78 -19.33 -3.17 -1.41
C THR J 78 -20.63 -3.79 -1.91
N SER J 79 -20.52 -4.89 -2.65
CA SER J 79 -21.69 -5.59 -3.19
C SER J 79 -22.22 -6.62 -2.17
N ASN J 80 -23.09 -7.52 -2.61
CA ASN J 80 -23.64 -8.56 -1.75
C ASN J 80 -24.14 -9.77 -2.57
N SER J 81 -24.55 -10.83 -1.88
CA SER J 81 -25.00 -12.07 -2.53
C SER J 81 -26.16 -12.03 -3.52
N ALA J 82 -27.08 -11.07 -3.38
CA ALA J 82 -28.24 -11.02 -4.28
C ALA J 82 -27.93 -10.90 -5.77
N VAL J 83 -26.79 -10.31 -6.11
CA VAL J 83 -26.42 -10.14 -7.51
C VAL J 83 -26.25 -11.46 -8.26
N PHE J 84 -26.15 -12.57 -7.52
CA PHE J 84 -25.96 -13.85 -8.17
C PHE J 84 -27.20 -14.69 -8.42
N GLU J 85 -28.35 -14.28 -7.87
CA GLU J 85 -29.57 -15.06 -8.05
C GLU J 85 -29.94 -15.37 -9.51
N PRO J 86 -29.87 -14.38 -10.42
CA PRO J 86 -30.22 -14.63 -11.83
C PRO J 86 -29.39 -15.75 -12.46
N LEU J 87 -28.14 -15.88 -12.00
CA LEU J 87 -27.22 -16.88 -12.51
C LEU J 87 -27.40 -18.24 -11.82
N MSE J 88 -27.67 -18.22 -10.52
CA MSE J 88 -27.85 -19.47 -9.78
C MSE J 88 -29.12 -20.20 -10.18
O MSE J 88 -29.19 -21.43 -10.14
CB MSE J 88 -27.92 -19.18 -8.29
CG MSE J 88 -26.80 -18.32 -7.77
SE MSE J 88 -27.06 -18.00 -5.90
CE MSE J 88 -25.94 -19.41 -5.25
N ILE J 89 -30.14 -19.42 -10.56
CA ILE J 89 -31.43 -19.98 -10.97
C ILE J 89 -31.25 -20.87 -12.21
N ARG J 90 -30.24 -20.54 -13.02
CA ARG J 90 -29.95 -21.31 -14.22
C ARG J 90 -29.20 -22.59 -13.90
N LEU J 91 -28.70 -22.73 -12.67
CA LEU J 91 -27.94 -23.90 -12.28
C LEU J 91 -28.56 -24.68 -11.13
N SER J 92 -29.61 -24.13 -10.55
CA SER J 92 -30.31 -24.74 -9.41
C SER J 92 -30.69 -26.20 -9.63
N ASP J 93 -31.20 -26.52 -10.81
CA ASP J 93 -31.63 -27.88 -11.07
C ASP J 93 -30.55 -28.95 -10.98
N ARG J 94 -29.29 -28.57 -11.15
CA ARG J 94 -28.19 -29.53 -11.09
C ARG J 94 -27.22 -29.35 -9.91
N PHE J 95 -27.22 -28.16 -9.31
CA PHE J 95 -26.33 -27.90 -8.19
C PHE J 95 -27.02 -27.19 -7.04
N THR J 96 -26.44 -27.34 -5.85
CA THR J 96 -26.96 -26.67 -4.66
C THR J 96 -26.20 -25.34 -4.65
N THR J 97 -26.79 -24.34 -5.30
CA THR J 97 -26.21 -23.02 -5.42
C THR J 97 -26.42 -22.15 -4.18
N ILE J 98 -25.31 -21.70 -3.59
CA ILE J 98 -25.37 -20.85 -2.39
C ILE J 98 -24.52 -19.59 -2.55
N ALA J 99 -25.18 -18.43 -2.50
CA ALA J 99 -24.47 -17.15 -2.61
C ALA J 99 -24.18 -16.70 -1.18
N VAL J 100 -23.02 -16.11 -0.96
CA VAL J 100 -22.60 -15.72 0.38
C VAL J 100 -22.28 -14.25 0.58
N ASP J 101 -22.89 -13.63 1.58
CA ASP J 101 -22.59 -12.25 1.90
C ASP J 101 -21.31 -12.44 2.70
N GLN J 102 -20.21 -11.88 2.23
CA GLN J 102 -18.95 -12.04 2.92
C GLN J 102 -18.83 -11.01 4.06
N ARG J 103 -17.90 -11.26 4.99
CA ARG J 103 -17.70 -10.37 6.13
C ARG J 103 -17.66 -8.90 5.74
N GLY J 104 -18.32 -8.07 6.56
CA GLY J 104 -18.36 -6.65 6.31
C GLY J 104 -19.46 -6.27 5.34
N HIS J 105 -20.04 -7.29 4.68
CA HIS J 105 -21.06 -7.07 3.67
C HIS J 105 -22.47 -7.57 4.00
N GLY J 106 -23.45 -7.04 3.27
CA GLY J 106 -24.84 -7.42 3.44
C GLY J 106 -25.34 -7.64 4.86
N LEU J 107 -25.87 -8.84 5.11
CA LEU J 107 -26.38 -9.19 6.43
C LEU J 107 -25.44 -10.09 7.21
N SER J 108 -24.15 -10.05 6.88
CA SER J 108 -23.17 -10.88 7.59
C SER J 108 -22.54 -10.05 8.71
N ASP J 109 -21.80 -10.70 9.60
CA ASP J 109 -21.14 -9.98 10.70
C ASP J 109 -20.12 -9.02 10.10
N LYS J 110 -19.85 -7.94 10.82
CA LYS J 110 -18.90 -6.95 10.38
C LYS J 110 -17.90 -6.64 11.49
N PRO J 111 -16.93 -7.55 11.72
CA PRO J 111 -15.94 -7.33 12.77
C PRO J 111 -15.21 -6.01 12.61
N GLU J 112 -14.67 -5.51 13.71
CA GLU J 112 -13.96 -4.26 13.72
C GLU J 112 -12.73 -4.36 12.83
N THR J 113 -12.24 -5.57 12.64
CA THR J 113 -11.05 -5.76 11.82
C THR J 113 -10.93 -7.19 11.29
N GLY J 114 -10.00 -7.39 10.37
CA GLY J 114 -9.80 -8.71 9.79
C GLY J 114 -10.36 -8.83 8.39
N TYR J 115 -9.85 -8.02 7.48
CA TYR J 115 -10.32 -8.04 6.10
C TYR J 115 -9.23 -8.34 5.07
N GLU J 116 -8.22 -9.08 5.47
CA GLU J 116 -7.13 -9.45 4.57
C GLU J 116 -7.58 -10.68 3.79
N ALA J 117 -6.81 -11.04 2.77
CA ALA J 117 -7.14 -12.20 1.95
C ALA J 117 -7.27 -13.46 2.79
N ASN J 118 -6.42 -13.58 3.79
CA ASN J 118 -6.42 -14.74 4.68
C ASN J 118 -7.75 -14.86 5.45
N ASP J 119 -8.25 -13.74 5.94
CA ASP J 119 -9.49 -13.72 6.70
C ASP J 119 -10.66 -14.18 5.85
N TYR J 120 -10.77 -13.64 4.65
CA TYR J 120 -11.87 -14.02 3.76
C TYR J 120 -11.77 -15.48 3.35
N ALA J 121 -10.54 -15.96 3.17
CA ALA J 121 -10.31 -17.34 2.74
C ALA J 121 -10.66 -18.36 3.81
N ASP J 122 -10.36 -18.05 5.08
CA ASP J 122 -10.67 -18.99 6.16
C ASP J 122 -12.18 -19.08 6.32
N ASP J 123 -12.89 -17.98 6.03
CA ASP J 123 -14.35 -17.96 6.13
C ASP J 123 -14.94 -18.96 5.14
N ILE J 124 -14.31 -19.09 3.98
CA ILE J 124 -14.77 -20.02 2.95
C ILE J 124 -14.53 -21.46 3.38
N ALA J 125 -13.37 -21.72 3.96
CA ALA J 125 -13.06 -23.06 4.43
C ALA J 125 -14.05 -23.43 5.52
N GLY J 126 -14.24 -22.50 6.45
CA GLY J 126 -15.18 -22.72 7.53
C GLY J 126 -16.61 -22.96 7.04
N LEU J 127 -17.03 -22.18 6.05
CA LEU J 127 -18.38 -22.31 5.52
C LEU J 127 -18.60 -23.65 4.81
N ILE J 128 -17.55 -24.17 4.14
CA ILE J 128 -17.65 -25.43 3.43
C ILE J 128 -17.78 -26.56 4.45
N ARG J 129 -17.07 -26.43 5.57
CA ARG J 129 -17.13 -27.42 6.63
C ARG J 129 -18.51 -27.41 7.29
N THR J 130 -18.95 -26.24 7.74
CA THR J 130 -20.25 -26.11 8.39
C THR J 130 -21.38 -26.69 7.55
N LEU J 131 -21.31 -26.49 6.23
CA LEU J 131 -22.34 -27.02 5.35
C LEU J 131 -22.19 -28.54 5.26
N ALA J 132 -20.96 -29.02 5.37
CA ALA J 132 -20.67 -30.44 5.30
C ALA J 132 -21.45 -31.14 4.19
N ARG J 133 -21.26 -30.68 2.96
CA ARG J 133 -21.93 -31.27 1.81
C ARG J 133 -20.96 -31.58 0.68
N GLY J 134 -19.74 -31.96 1.02
CA GLY J 134 -18.74 -32.28 0.01
C GLY J 134 -17.98 -31.04 -0.43
N HIS J 135 -16.93 -31.25 -1.23
CA HIS J 135 -16.14 -30.12 -1.70
C HIS J 135 -17.04 -29.21 -2.53
N ALA J 136 -16.62 -27.97 -2.69
CA ALA J 136 -17.42 -27.02 -3.44
C ALA J 136 -16.70 -26.38 -4.62
N ILE J 137 -17.50 -25.97 -5.60
CA ILE J 137 -16.98 -25.28 -6.75
C ILE J 137 -17.14 -23.86 -6.29
N LEU J 138 -16.11 -23.04 -6.48
CA LEU J 138 -16.17 -21.65 -6.06
C LEU J 138 -16.24 -20.70 -7.25
N VAL J 139 -17.31 -19.91 -7.30
CA VAL J 139 -17.51 -18.93 -8.36
C VAL J 139 -17.43 -17.57 -7.69
N GLY J 140 -16.35 -16.83 -7.98
CA GLY J 140 -16.18 -15.53 -7.37
C GLY J 140 -15.93 -14.40 -8.35
N HIS J 141 -16.38 -13.21 -7.97
CA HIS J 141 -16.19 -12.03 -8.79
C HIS J 141 -15.32 -11.03 -8.04
N SER J 142 -14.22 -10.62 -8.66
CA SER J 142 -13.27 -9.68 -8.09
C SER J 142 -12.86 -10.08 -6.67
N LEU J 143 -13.30 -9.33 -5.67
CA LEU J 143 -12.97 -9.68 -4.28
C LEU J 143 -13.26 -11.17 -4.07
N GLY J 144 -14.38 -11.61 -4.64
CA GLY J 144 -14.80 -13.00 -4.52
C GLY J 144 -13.82 -13.96 -5.17
N ALA J 145 -13.31 -13.58 -6.34
CA ALA J 145 -12.35 -14.41 -7.06
C ALA J 145 -11.02 -14.47 -6.28
N ARG J 146 -10.55 -13.30 -5.81
CA ARG J 146 -9.31 -13.22 -5.04
C ARG J 146 -9.42 -14.18 -3.86
N ASN J 147 -10.52 -14.11 -3.13
CA ASN J 147 -10.75 -14.97 -1.98
C ASN J 147 -10.85 -16.44 -2.33
N SER J 148 -11.53 -16.75 -3.42
CA SER J 148 -11.70 -18.14 -3.83
C SER J 148 -10.41 -18.84 -4.22
N VAL J 149 -9.59 -18.21 -5.05
CA VAL J 149 -8.33 -18.82 -5.46
C VAL J 149 -7.41 -18.98 -4.24
N THR J 150 -7.43 -18.01 -3.32
CA THR J 150 -6.61 -18.10 -2.11
C THR J 150 -7.06 -19.31 -1.28
N ALA J 151 -8.38 -19.47 -1.15
CA ALA J 151 -8.95 -20.59 -0.41
C ALA J 151 -8.58 -21.92 -1.06
N ALA J 152 -8.63 -21.97 -2.39
CA ALA J 152 -8.30 -23.19 -3.11
C ALA J 152 -6.82 -23.55 -2.98
N ALA J 153 -5.98 -22.53 -2.85
CA ALA J 153 -4.55 -22.78 -2.71
C ALA J 153 -4.24 -23.30 -1.30
N LYS J 154 -4.99 -22.83 -0.32
CA LYS J 154 -4.81 -23.21 1.08
C LYS J 154 -5.63 -24.42 1.55
N TYR J 155 -6.78 -24.65 0.93
CA TYR J 155 -7.63 -25.79 1.29
C TYR J 155 -8.08 -26.56 0.05
N PRO J 156 -7.13 -27.16 -0.68
CA PRO J 156 -7.48 -27.92 -1.89
C PRO J 156 -8.51 -29.02 -1.69
N ASP J 157 -8.48 -29.68 -0.53
CA ASP J 157 -9.41 -30.77 -0.27
C ASP J 157 -10.85 -30.29 -0.08
N LEU J 158 -11.05 -29.01 0.13
CA LEU J 158 -12.38 -28.47 0.33
C LEU J 158 -12.92 -27.82 -0.96
N VAL J 159 -12.03 -27.61 -1.93
CA VAL J 159 -12.42 -26.99 -3.18
C VAL J 159 -12.28 -27.91 -4.37
N ARG J 160 -13.35 -28.01 -5.16
CA ARG J 160 -13.34 -28.85 -6.34
C ARG J 160 -12.69 -28.12 -7.51
N SER J 161 -13.13 -26.87 -7.72
CA SER J 161 -12.60 -26.04 -8.78
C SER J 161 -13.02 -24.61 -8.51
N VAL J 162 -12.41 -23.69 -9.24
CA VAL J 162 -12.71 -22.29 -9.07
C VAL J 162 -12.88 -21.56 -10.39
N VAL J 163 -13.85 -20.66 -10.41
CA VAL J 163 -14.11 -19.80 -11.54
C VAL J 163 -13.81 -18.41 -10.97
N ALA J 164 -12.65 -17.86 -11.32
CA ALA J 164 -12.22 -16.56 -10.84
C ALA J 164 -12.58 -15.46 -11.83
N ILE J 165 -13.64 -14.72 -11.55
CA ILE J 165 -14.06 -13.66 -12.46
C ILE J 165 -13.47 -12.29 -12.19
N ASP J 166 -12.59 -11.88 -13.09
CA ASP J 166 -11.92 -10.59 -13.08
C ASP J 166 -11.13 -10.18 -11.84
N PHE J 167 -10.11 -10.98 -11.54
CA PHE J 167 -9.18 -10.70 -10.46
C PHE J 167 -8.02 -11.64 -10.53
N THR J 168 -6.92 -11.13 -11.09
CA THR J 168 -5.68 -11.88 -11.26
C THR J 168 -4.55 -11.19 -10.50
N PRO J 169 -3.34 -11.78 -10.55
CA PRO J 169 -2.22 -11.15 -9.87
C PRO J 169 -1.76 -10.06 -10.84
N TYR J 170 -0.75 -9.28 -10.48
CA TYR J 170 -0.20 -8.22 -11.34
C TYR J 170 -1.10 -7.03 -11.65
N ILE J 171 -2.21 -6.88 -10.94
CA ILE J 171 -3.08 -5.73 -11.19
C ILE J 171 -2.29 -4.46 -10.87
N GLU J 172 -2.23 -3.52 -11.82
CA GLU J 172 -1.47 -2.30 -11.60
C GLU J 172 -2.01 -1.40 -10.48
N THR J 173 -1.08 -0.74 -9.79
CA THR J 173 -1.39 0.14 -8.67
C THR J 173 -2.47 1.20 -8.96
N GLU J 174 -2.44 1.77 -10.16
CA GLU J 174 -3.42 2.79 -10.53
C GLU J 174 -4.83 2.24 -10.57
N ALA J 175 -4.98 0.97 -10.92
CA ALA J 175 -6.30 0.35 -10.98
C ALA J 175 -6.81 0.21 -9.55
N LEU J 176 -5.93 -0.22 -8.65
CA LEU J 176 -6.32 -0.37 -7.27
C LEU J 176 -6.63 1.00 -6.64
N ASP J 177 -5.82 2.02 -6.97
CA ASP J 177 -6.07 3.36 -6.45
C ASP J 177 -7.48 3.79 -6.84
N ALA J 178 -7.85 3.49 -8.09
CA ALA J 178 -9.16 3.84 -8.61
C ALA J 178 -10.26 3.11 -7.86
N LEU J 179 -10.07 1.82 -7.63
CA LEU J 179 -11.07 1.02 -6.91
C LEU J 179 -11.28 1.58 -5.51
N GLU J 180 -10.16 1.80 -4.81
CA GLU J 180 -10.20 2.32 -3.45
C GLU J 180 -10.94 3.65 -3.34
N ALA J 181 -10.58 4.62 -4.17
CA ALA J 181 -11.23 5.92 -4.15
C ALA J 181 -12.74 5.86 -4.38
N ARG J 182 -13.18 4.87 -5.16
CA ARG J 182 -14.61 4.70 -5.44
C ARG J 182 -15.38 4.09 -4.27
N VAL J 183 -14.83 3.07 -3.64
CA VAL J 183 -15.52 2.42 -2.53
C VAL J 183 -15.62 3.34 -1.32
N ASN J 184 -14.54 4.07 -1.04
CA ASN J 184 -14.51 4.97 0.12
C ASN J 184 -15.31 6.25 -0.11
N ALA J 185 -16.17 6.24 -1.11
CA ALA J 185 -17.00 7.40 -1.41
C ALA J 185 -18.43 6.97 -1.72
N GLY J 186 -18.94 6.01 -0.96
CA GLY J 186 -20.29 5.53 -1.19
C GLY J 186 -21.16 5.44 0.06
N SER J 187 -20.53 5.28 1.24
CA SER J 187 -21.28 5.18 2.49
C SER J 187 -21.92 6.51 2.82
N GLN J 188 -23.05 6.77 2.17
CA GLN J 188 -23.78 8.01 2.34
C GLN J 188 -25.25 7.72 2.63
N LEU J 189 -26.10 8.71 2.36
CA LEU J 189 -27.53 8.57 2.61
C LEU J 189 -28.30 8.88 1.32
N PHE J 190 -29.16 7.96 0.91
CA PHE J 190 -29.95 8.18 -0.31
C PHE J 190 -31.41 8.44 0.07
N GLU J 191 -32.06 9.32 -0.68
CA GLU J 191 -33.45 9.69 -0.44
C GLU J 191 -34.45 8.55 -0.57
N ASP J 192 -34.21 7.65 -1.52
CA ASP J 192 -35.10 6.51 -1.75
C ASP J 192 -34.53 5.59 -2.82
N ILE J 193 -35.25 4.51 -3.10
CA ILE J 193 -34.82 3.52 -4.10
C ILE J 193 -34.38 4.17 -5.41
N LYS J 194 -35.11 5.17 -5.89
CA LYS J 194 -34.75 5.85 -7.13
C LYS J 194 -33.37 6.48 -7.05
N ALA J 195 -33.16 7.28 -6.01
CA ALA J 195 -31.88 7.94 -5.81
C ALA J 195 -30.73 6.94 -5.80
N VAL J 196 -30.99 5.75 -5.26
CA VAL J 196 -29.96 4.72 -5.21
C VAL J 196 -29.67 4.18 -6.60
N GLU J 197 -30.72 3.90 -7.36
CA GLU J 197 -30.53 3.38 -8.71
C GLU J 197 -29.81 4.39 -9.59
N ALA J 198 -30.20 5.66 -9.50
CA ALA J 198 -29.57 6.70 -10.28
C ALA J 198 -28.07 6.74 -9.95
N TYR J 199 -27.77 6.71 -8.66
CA TYR J 199 -26.39 6.73 -8.20
C TYR J 199 -25.59 5.50 -8.65
N LEU J 200 -26.22 4.34 -8.67
CA LEU J 200 -25.56 3.12 -9.09
C LEU J 200 -25.38 3.09 -10.61
N ALA J 201 -26.42 3.50 -11.33
CA ALA J 201 -26.37 3.52 -12.79
C ALA J 201 -25.21 4.41 -13.22
N GLY J 202 -25.00 5.52 -12.50
CA GLY J 202 -23.91 6.42 -12.82
C GLY J 202 -22.56 5.85 -12.45
N ARG J 203 -22.53 5.07 -11.37
CA ARG J 203 -21.30 4.45 -10.87
C ARG J 203 -20.88 3.24 -11.72
N TYR J 204 -21.87 2.48 -12.18
CA TYR J 204 -21.64 1.31 -13.03
C TYR J 204 -22.49 1.50 -14.27
N PRO J 205 -22.04 2.36 -15.18
CA PRO J 205 -22.78 2.65 -16.42
C PRO J 205 -22.99 1.48 -17.40
N ASN J 206 -22.19 0.43 -17.28
CA ASN J 206 -22.35 -0.71 -18.19
C ASN J 206 -23.27 -1.79 -17.65
N ILE J 207 -23.53 -1.77 -16.35
CA ILE J 207 -24.40 -2.77 -15.75
C ILE J 207 -25.85 -2.50 -16.16
N PRO J 208 -26.55 -3.52 -16.67
CA PRO J 208 -27.95 -3.44 -17.11
C PRO J 208 -28.90 -2.93 -16.02
N ALA J 209 -30.01 -2.32 -16.45
CA ALA J 209 -31.02 -1.77 -15.54
C ALA J 209 -31.51 -2.74 -14.47
N ASP J 210 -31.90 -3.95 -14.88
CA ASP J 210 -32.40 -4.96 -13.94
C ASP J 210 -31.36 -5.30 -12.87
N ALA J 211 -30.09 -5.38 -13.26
CA ALA J 211 -29.02 -5.70 -12.31
C ALA J 211 -28.75 -4.53 -11.36
N ILE J 212 -28.95 -3.31 -11.85
CA ILE J 212 -28.77 -2.13 -11.01
C ILE J 212 -29.89 -2.14 -9.95
N ARG J 213 -31.09 -2.56 -10.36
CA ARG J 213 -32.23 -2.63 -9.45
C ARG J 213 -31.97 -3.67 -8.36
N ILE J 214 -31.37 -4.79 -8.74
CA ILE J 214 -31.07 -5.84 -7.78
C ILE J 214 -30.08 -5.33 -6.72
N ARG J 215 -29.05 -4.60 -7.15
CA ARG J 215 -28.08 -4.07 -6.22
C ARG J 215 -28.78 -3.07 -5.30
N ALA J 216 -29.63 -2.25 -5.89
CA ALA J 216 -30.37 -1.23 -5.16
C ALA J 216 -31.27 -1.80 -4.05
N GLU J 217 -31.95 -2.90 -4.33
CA GLU J 217 -32.86 -3.49 -3.36
C GLU J 217 -32.20 -4.36 -2.29
N SER J 218 -31.08 -4.98 -2.63
CA SER J 218 -30.43 -5.87 -1.68
C SER J 218 -29.28 -5.27 -0.87
N GLY J 219 -28.63 -4.24 -1.40
CA GLY J 219 -27.50 -3.65 -0.70
C GLY J 219 -27.79 -2.45 0.16
N TYR J 220 -29.03 -2.01 0.20
CA TYR J 220 -29.37 -0.83 0.99
C TYR J 220 -30.52 -1.04 1.97
N GLN J 221 -30.30 -0.59 3.20
CA GLN J 221 -31.29 -0.70 4.29
C GLN J 221 -31.82 0.66 4.70
N PRO J 222 -33.14 0.76 4.97
CA PRO J 222 -33.74 2.02 5.39
C PRO J 222 -33.29 2.45 6.78
N VAL J 223 -33.03 3.74 6.94
CA VAL J 223 -32.62 4.28 8.24
C VAL J 223 -33.24 5.66 8.36
N ASP J 224 -32.77 6.44 9.34
CA ASP J 224 -33.25 7.79 9.55
C ASP J 224 -33.14 8.64 8.28
N GLY J 225 -34.28 9.08 7.74
CA GLY J 225 -34.24 9.92 6.57
C GLY J 225 -34.12 9.28 5.20
N GLY J 226 -33.68 8.03 5.13
CA GLY J 226 -33.55 7.38 3.84
C GLY J 226 -32.86 6.04 3.88
N LEU J 227 -32.17 5.68 2.78
CA LEU J 227 -31.46 4.41 2.70
C LEU J 227 -29.96 4.60 2.89
N ARG J 228 -29.32 3.58 3.46
CA ARG J 228 -27.89 3.60 3.69
C ARG J 228 -27.36 2.24 3.27
N PRO J 229 -26.09 2.18 2.81
CA PRO J 229 -25.50 0.90 2.40
C PRO J 229 -25.48 -0.08 3.56
N LEU J 230 -25.62 -1.37 3.25
CA LEU J 230 -25.57 -2.39 4.30
C LEU J 230 -24.11 -2.57 4.75
N ALA J 231 -23.18 -2.50 3.79
CA ALA J 231 -21.77 -2.69 4.10
C ALA J 231 -21.17 -1.67 5.04
N SER J 232 -20.30 -2.16 5.93
CA SER J 232 -19.60 -1.29 6.88
C SER J 232 -18.57 -0.53 6.08
N SER J 233 -18.62 0.80 6.12
CA SER J 233 -17.66 1.60 5.36
C SER J 233 -16.24 1.34 5.85
N ALA J 234 -16.07 1.15 7.15
CA ALA J 234 -14.76 0.85 7.70
C ALA J 234 -14.27 -0.50 7.17
N ALA J 235 -15.19 -1.45 7.07
CA ALA J 235 -14.85 -2.78 6.56
C ALA J 235 -14.39 -2.67 5.10
N MSE J 236 -15.04 -1.80 4.35
CA MSE J 236 -14.70 -1.58 2.94
C MSE J 236 -13.29 -1.00 2.80
O MSE J 236 -12.50 -1.46 1.97
CB MSE J 236 -15.70 -0.63 2.30
CG MSE J 236 -17.14 -1.15 2.34
SE MSE J 236 -17.30 -2.99 1.70
CE MSE J 236 -17.03 -3.96 3.36
N ALA J 237 -12.99 0.01 3.62
CA ALA J 237 -11.68 0.65 3.58
C ALA J 237 -10.58 -0.38 3.80
N GLN J 238 -10.76 -1.25 4.78
CA GLN J 238 -9.76 -2.28 5.07
C GLN J 238 -9.67 -3.34 3.98
N THR J 239 -10.80 -3.71 3.39
CA THR J 239 -10.79 -4.71 2.33
C THR J 239 -10.10 -4.17 1.09
N ALA J 240 -10.41 -2.93 0.73
CA ALA J 240 -9.79 -2.29 -0.44
C ALA J 240 -8.28 -2.34 -0.25
N ARG J 241 -7.84 -1.94 0.94
CA ARG J 241 -6.43 -1.95 1.29
C ARG J 241 -5.89 -3.38 1.12
N GLY J 242 -6.64 -4.35 1.62
CA GLY J 242 -6.24 -5.74 1.54
C GLY J 242 -6.18 -6.30 0.11
N LEU J 243 -6.84 -5.63 -0.83
CA LEU J 243 -6.84 -6.09 -2.22
C LEU J 243 -5.51 -5.86 -2.92
N ARG J 244 -4.68 -5.01 -2.32
CA ARG J 244 -3.36 -4.70 -2.89
C ARG J 244 -2.33 -5.80 -2.67
N SER J 245 -2.59 -6.72 -1.74
CA SER J 245 -1.62 -7.79 -1.44
C SER J 245 -1.25 -8.65 -2.66
N ASP J 246 0.00 -9.10 -2.68
CA ASP J 246 0.51 -9.92 -3.79
C ASP J 246 -0.27 -11.22 -3.89
N LEU J 247 -0.87 -11.44 -5.06
CA LEU J 247 -1.68 -12.64 -5.28
C LEU J 247 -0.95 -13.72 -6.08
N VAL J 248 0.30 -13.45 -6.46
CA VAL J 248 1.08 -14.43 -7.23
C VAL J 248 1.16 -15.80 -6.55
N PRO J 249 1.48 -15.83 -5.24
CA PRO J 249 1.57 -17.09 -4.50
C PRO J 249 0.33 -17.98 -4.66
N ALA J 250 -0.85 -17.35 -4.57
CA ALA J 250 -2.10 -18.08 -4.68
C ALA J 250 -2.27 -18.72 -6.05
N TYR J 251 -2.12 -17.92 -7.10
CA TYR J 251 -2.26 -18.45 -8.45
C TYR J 251 -1.14 -19.43 -8.77
N ARG J 252 0.03 -19.19 -8.22
CA ARG J 252 1.16 -20.07 -8.46
C ARG J 252 1.00 -21.43 -7.80
N ASP J 253 0.34 -21.47 -6.64
CA ASP J 253 0.19 -22.72 -5.91
C ASP J 253 -1.11 -23.51 -6.01
N VAL J 254 -2.17 -22.94 -6.59
CA VAL J 254 -3.43 -23.69 -6.69
C VAL J 254 -3.19 -25.02 -7.39
N THR J 255 -3.61 -26.11 -6.76
CA THR J 255 -3.45 -27.43 -7.37
C THR J 255 -4.77 -27.90 -7.99
N LYS J 256 -5.86 -27.22 -7.66
CA LYS J 256 -7.17 -27.55 -8.20
C LYS J 256 -7.44 -26.65 -9.41
N PRO J 257 -8.35 -27.07 -10.31
CA PRO J 257 -8.71 -26.34 -11.53
C PRO J 257 -9.21 -24.92 -11.32
N VAL J 258 -8.73 -23.99 -12.14
CA VAL J 258 -9.16 -22.60 -12.06
C VAL J 258 -9.41 -22.02 -13.44
N LEU J 259 -10.63 -21.55 -13.67
CA LEU J 259 -10.98 -20.93 -14.94
C LEU J 259 -10.86 -19.43 -14.74
N ILE J 260 -10.00 -18.79 -15.53
CA ILE J 260 -9.78 -17.35 -15.41
C ILE J 260 -10.65 -16.62 -16.40
N VAL J 261 -11.50 -15.75 -15.89
CA VAL J 261 -12.39 -14.98 -16.74
C VAL J 261 -12.10 -13.49 -16.60
N ARG J 262 -11.90 -12.82 -17.72
CA ARG J 262 -11.64 -11.38 -17.71
C ARG J 262 -12.61 -10.67 -18.64
N GLY J 263 -12.92 -9.44 -18.30
CA GLY J 263 -13.80 -8.64 -19.13
C GLY J 263 -12.93 -7.90 -20.12
N GLU J 264 -13.32 -7.90 -21.39
CA GLU J 264 -12.54 -7.24 -22.42
C GLU J 264 -12.09 -5.82 -22.06
N SER J 265 -13.02 -5.01 -21.57
CA SER J 265 -12.70 -3.63 -21.22
C SER J 265 -12.64 -3.36 -19.73
N SER J 266 -12.28 -4.38 -18.95
CA SER J 266 -12.18 -4.24 -17.51
C SER J 266 -11.16 -3.17 -17.09
N LYS J 267 -11.53 -2.33 -16.14
CA LYS J 267 -10.60 -1.30 -15.69
C LYS J 267 -9.80 -1.78 -14.48
N LEU J 268 -10.09 -3.00 -14.01
CA LEU J 268 -9.37 -3.55 -12.87
C LEU J 268 -8.28 -4.51 -13.38
N VAL J 269 -8.66 -5.47 -14.20
CA VAL J 269 -7.71 -6.43 -14.75
C VAL J 269 -7.38 -6.03 -16.19
N SER J 270 -6.16 -5.57 -16.41
CA SER J 270 -5.73 -5.15 -17.73
C SER J 270 -5.36 -6.35 -18.59
N ALA J 271 -5.33 -6.14 -19.90
CA ALA J 271 -4.95 -7.20 -20.82
C ALA J 271 -3.52 -7.64 -20.50
N ALA J 272 -2.68 -6.69 -20.13
CA ALA J 272 -1.28 -7.00 -19.80
C ALA J 272 -1.22 -7.86 -18.55
N ALA J 273 -2.05 -7.53 -17.57
CA ALA J 273 -2.11 -8.27 -16.31
C ALA J 273 -2.49 -9.74 -16.54
N LEU J 274 -3.50 -9.97 -17.37
CA LEU J 274 -3.92 -11.34 -17.67
C LEU J 274 -2.80 -12.07 -18.38
N ALA J 275 -2.07 -11.36 -19.24
CA ALA J 275 -0.96 -11.94 -19.99
C ALA J 275 0.15 -12.45 -19.05
N LYS J 276 0.48 -11.66 -18.03
CA LYS J 276 1.50 -12.08 -17.07
C LYS J 276 0.96 -13.23 -16.23
N THR J 277 -0.33 -13.22 -15.96
CA THR J 277 -0.93 -14.30 -15.19
C THR J 277 -0.78 -15.60 -15.99
N SER J 278 -1.12 -15.55 -17.28
CA SER J 278 -1.01 -16.72 -18.14
C SER J 278 0.41 -17.26 -18.27
N ARG J 279 1.41 -16.40 -18.23
CA ARG J 279 2.79 -16.88 -18.31
C ARG J 279 3.20 -17.50 -16.98
N LEU J 280 2.53 -17.09 -15.91
CA LEU J 280 2.80 -17.63 -14.57
C LEU J 280 2.17 -19.02 -14.51
N ARG J 281 0.94 -19.10 -15.02
CA ARG J 281 0.19 -20.35 -15.06
C ARG J 281 -0.42 -20.53 -16.44
N PRO J 282 0.38 -21.03 -17.39
CA PRO J 282 -0.09 -21.25 -18.76
C PRO J 282 -1.11 -22.36 -18.90
N ASP J 283 -1.13 -23.27 -17.93
CA ASP J 283 -2.06 -24.39 -17.94
C ASP J 283 -3.50 -24.04 -17.58
N LEU J 284 -3.70 -22.90 -16.92
CA LEU J 284 -5.05 -22.50 -16.53
C LEU J 284 -5.84 -21.95 -17.72
N PRO J 285 -7.05 -22.52 -17.98
CA PRO J 285 -7.93 -22.11 -19.08
C PRO J 285 -8.39 -20.66 -18.93
N VAL J 286 -8.50 -19.96 -20.05
CA VAL J 286 -8.88 -18.55 -20.03
C VAL J 286 -10.07 -18.21 -20.91
N VAL J 287 -10.92 -17.32 -20.41
CA VAL J 287 -12.10 -16.84 -21.12
C VAL J 287 -12.11 -15.32 -21.04
N VAL J 288 -12.08 -14.66 -22.20
CA VAL J 288 -12.10 -13.21 -22.27
C VAL J 288 -13.46 -12.81 -22.87
N VAL J 289 -14.31 -12.21 -22.05
CA VAL J 289 -15.63 -11.84 -22.50
C VAL J 289 -15.76 -10.51 -23.22
N PRO J 290 -16.06 -10.57 -24.53
CA PRO J 290 -16.23 -9.39 -25.38
C PRO J 290 -17.40 -8.52 -24.93
N GLY J 291 -17.18 -7.21 -24.94
CA GLY J 291 -18.23 -6.29 -24.55
C GLY J 291 -18.42 -6.15 -23.06
N ALA J 292 -17.69 -6.94 -22.28
CA ALA J 292 -17.80 -6.88 -20.83
C ALA J 292 -16.63 -6.13 -20.21
N ASP J 293 -16.92 -5.33 -19.19
CA ASP J 293 -15.89 -4.60 -18.47
C ASP J 293 -15.63 -5.41 -17.19
N HIS J 294 -15.35 -4.73 -16.09
CA HIS J 294 -15.08 -5.42 -14.83
C HIS J 294 -16.21 -6.30 -14.30
N TYR J 295 -17.45 -5.87 -14.51
CA TYR J 295 -18.63 -6.57 -14.02
C TYR J 295 -19.13 -7.60 -15.03
N VAL J 296 -18.27 -8.56 -15.33
CA VAL J 296 -18.55 -9.60 -16.31
C VAL J 296 -19.85 -10.38 -16.14
N ASN J 297 -20.08 -10.96 -14.98
CA ASN J 297 -21.30 -11.74 -14.81
C ASN J 297 -22.60 -10.93 -14.92
N GLU J 298 -22.59 -9.68 -14.48
CA GLU J 298 -23.79 -8.86 -14.58
C GLU J 298 -24.02 -8.26 -15.96
N VAL J 299 -22.94 -7.99 -16.70
CA VAL J 299 -23.04 -7.38 -18.03
C VAL J 299 -23.25 -8.39 -19.17
N SER J 300 -22.63 -9.55 -19.06
CA SER J 300 -22.73 -10.60 -20.07
C SER J 300 -23.10 -11.90 -19.37
N PRO J 301 -24.35 -12.00 -18.87
CA PRO J 301 -24.81 -13.20 -18.17
C PRO J 301 -24.81 -14.50 -18.97
N GLU J 302 -25.21 -14.44 -20.24
CA GLU J 302 -25.27 -15.65 -21.07
C GLU J 302 -23.90 -16.26 -21.34
N ILE J 303 -22.93 -15.44 -21.74
CA ILE J 303 -21.59 -15.95 -22.00
C ILE J 303 -20.97 -16.45 -20.71
N THR J 304 -21.23 -15.76 -19.60
CA THR J 304 -20.69 -16.16 -18.31
C THR J 304 -21.23 -17.54 -17.94
N LEU J 305 -22.54 -17.73 -18.07
CA LEU J 305 -23.14 -19.01 -17.73
C LEU J 305 -22.57 -20.11 -18.63
N LYS J 306 -22.54 -19.88 -19.94
CA LYS J 306 -22.02 -20.88 -20.87
C LYS J 306 -20.53 -21.18 -20.65
N ALA J 307 -19.77 -20.17 -20.20
CA ALA J 307 -18.34 -20.34 -19.93
C ALA J 307 -18.17 -21.21 -18.70
N ILE J 308 -19.12 -21.09 -17.77
CA ILE J 308 -19.09 -21.86 -16.56
C ILE J 308 -19.45 -23.31 -16.83
N THR J 309 -20.48 -23.56 -17.63
CA THR J 309 -20.84 -24.93 -17.92
C THR J 309 -19.75 -25.55 -18.79
N ASN J 310 -19.15 -24.77 -19.69
CA ASN J 310 -18.08 -25.31 -20.52
C ASN J 310 -16.96 -25.84 -19.61
N PHE J 311 -16.70 -25.11 -18.53
CA PHE J 311 -15.65 -25.46 -17.57
C PHE J 311 -15.96 -26.69 -16.72
N ILE J 312 -16.98 -26.60 -15.87
CA ILE J 312 -17.31 -27.70 -14.98
C ILE J 312 -17.90 -28.99 -15.59
N ASP J 313 -18.49 -28.91 -16.79
CA ASP J 313 -19.08 -30.10 -17.41
C ASP J 313 -18.19 -30.88 -18.37
N ALA J 314 -16.96 -30.42 -18.58
CA ALA J 314 -16.05 -31.09 -19.51
C ALA J 314 -15.62 -32.47 -19.01
N HIS K 47 -85.95 8.84 -16.90
CA HIS K 47 -85.29 7.56 -17.32
C HIS K 47 -84.12 7.16 -16.45
N PHE K 48 -83.44 8.15 -15.86
CA PHE K 48 -82.30 7.87 -15.00
C PHE K 48 -82.60 8.03 -13.52
N ILE K 49 -82.06 7.12 -12.71
CA ILE K 49 -82.28 7.20 -11.28
C ILE K 49 -81.03 7.75 -10.63
N SER K 50 -81.19 8.86 -9.92
CA SER K 50 -80.07 9.50 -9.23
C SER K 50 -80.04 9.00 -7.79
N ARG K 51 -78.84 8.84 -7.25
CA ARG K 51 -78.69 8.38 -5.88
C ARG K 51 -77.27 8.64 -5.42
N ARG K 52 -77.13 9.11 -4.19
CA ARG K 52 -75.81 9.36 -3.64
C ARG K 52 -75.26 8.04 -3.14
N VAL K 53 -74.08 7.68 -3.65
CA VAL K 53 -73.41 6.46 -3.29
C VAL K 53 -72.22 6.73 -2.37
N ASP K 54 -72.14 6.00 -1.27
CA ASP K 54 -71.04 6.15 -0.33
C ASP K 54 -69.98 5.12 -0.72
N ILE K 55 -68.85 5.59 -1.25
CA ILE K 55 -67.78 4.69 -1.66
C ILE K 55 -66.70 4.60 -0.59
N GLY K 56 -67.07 4.94 0.64
CA GLY K 56 -66.14 4.89 1.75
C GLY K 56 -65.38 6.19 1.93
N ARG K 57 -64.46 6.44 1.00
CA ARG K 57 -63.63 7.64 1.04
C ARG K 57 -64.43 8.93 0.81
N ILE K 58 -65.68 8.79 0.36
CA ILE K 58 -66.52 9.95 0.06
C ILE K 58 -67.84 9.42 -0.53
N THR K 59 -68.82 10.30 -0.68
CA THR K 59 -70.08 9.87 -1.27
C THR K 59 -70.32 10.73 -2.51
N LEU K 60 -70.71 10.08 -3.60
CA LEU K 60 -70.93 10.77 -4.86
C LEU K 60 -72.35 10.54 -5.37
N ASN K 61 -72.88 11.53 -6.08
CA ASN K 61 -74.22 11.38 -6.65
C ASN K 61 -73.99 10.82 -8.06
N VAL K 62 -74.79 9.82 -8.44
CA VAL K 62 -74.67 9.19 -9.74
C VAL K 62 -76.04 9.03 -10.39
N ARG K 63 -76.03 8.87 -11.72
CA ARG K 63 -77.23 8.67 -12.53
C ARG K 63 -77.03 7.33 -13.21
N GLU K 64 -77.91 6.39 -12.91
CA GLU K 64 -77.80 5.05 -13.45
C GLU K 64 -78.93 4.68 -14.40
N LYS K 65 -78.66 3.73 -15.27
CA LYS K 65 -79.63 3.22 -16.22
C LYS K 65 -79.05 2.06 -17.01
N GLY K 66 -79.93 1.16 -17.46
CA GLY K 66 -79.51 0.01 -18.24
C GLY K 66 -78.92 -1.14 -17.46
N SER K 67 -78.48 -2.17 -18.19
CA SER K 67 -77.87 -3.35 -17.62
C SER K 67 -76.80 -3.82 -18.60
N GLY K 68 -75.85 -4.62 -18.12
CA GLY K 68 -74.79 -5.09 -18.98
C GLY K 68 -73.47 -4.58 -18.42
N PRO K 69 -72.35 -4.80 -19.11
CA PRO K 69 -71.06 -4.32 -18.59
C PRO K 69 -71.13 -2.85 -18.15
N LEU K 70 -70.47 -2.54 -17.05
CA LEU K 70 -70.46 -1.20 -16.51
C LEU K 70 -69.71 -0.19 -17.38
N MSE K 71 -70.30 1.00 -17.53
CA MSE K 71 -69.69 2.07 -18.29
C MSE K 71 -69.94 3.37 -17.52
O MSE K 71 -71.09 3.82 -17.40
CB MSE K 71 -70.30 2.16 -19.68
CG MSE K 71 -69.57 3.14 -20.57
SE MSE K 71 -70.27 3.10 -22.36
CE MSE K 71 -69.38 1.50 -22.99
N LEU K 72 -68.87 3.96 -17.00
CA LEU K 72 -68.96 5.17 -16.21
C LEU K 72 -68.54 6.40 -17.00
N PHE K 73 -69.31 7.48 -16.87
CA PHE K 73 -69.03 8.72 -17.58
C PHE K 73 -68.63 9.84 -16.62
N PHE K 74 -67.55 10.55 -16.93
CA PHE K 74 -67.07 11.63 -16.09
C PHE K 74 -67.02 12.96 -16.82
N HIS K 75 -67.63 13.99 -16.21
CA HIS K 75 -67.72 15.33 -16.79
C HIS K 75 -66.46 16.18 -16.69
N GLY K 76 -66.54 17.36 -17.31
CA GLY K 76 -65.44 18.31 -17.29
C GLY K 76 -65.58 19.26 -16.10
N ILE K 77 -64.56 20.08 -15.87
CA ILE K 77 -64.59 21.00 -14.74
C ILE K 77 -65.78 21.98 -14.73
N THR K 78 -66.37 22.15 -13.55
CA THR K 78 -67.52 23.04 -13.31
C THR K 78 -68.83 22.52 -13.93
N SER K 79 -68.77 21.31 -14.49
CA SER K 79 -69.91 20.69 -15.13
C SER K 79 -70.47 19.61 -14.21
N ASN K 80 -71.35 18.75 -14.72
CA ASN K 80 -71.92 17.69 -13.89
C ASN K 80 -72.41 16.53 -14.77
N SER K 81 -72.76 15.42 -14.13
CA SER K 81 -73.19 14.20 -14.83
C SER K 81 -74.36 14.28 -15.80
N ALA K 82 -75.28 15.21 -15.61
CA ALA K 82 -76.45 15.29 -16.50
C ALA K 82 -76.11 15.42 -17.99
N VAL K 83 -75.01 16.10 -18.31
CA VAL K 83 -74.62 16.30 -19.70
C VAL K 83 -74.45 15.01 -20.52
N PHE K 84 -74.32 13.88 -19.85
CA PHE K 84 -74.15 12.60 -20.55
C PHE K 84 -75.44 11.80 -20.82
N GLU K 85 -76.56 12.20 -20.22
CA GLU K 85 -77.80 11.45 -20.43
C GLU K 85 -78.15 11.21 -21.89
N PRO K 86 -78.00 12.24 -22.75
CA PRO K 86 -78.32 12.02 -24.17
C PRO K 86 -77.44 10.98 -24.83
N LEU K 87 -76.23 10.79 -24.31
CA LEU K 87 -75.31 9.82 -24.87
C LEU K 87 -75.52 8.43 -24.25
N MSE K 88 -75.88 8.42 -22.96
CA MSE K 88 -76.09 7.17 -22.26
C MSE K 88 -77.32 6.41 -22.73
O MSE K 88 -77.30 5.18 -22.81
CB MSE K 88 -76.19 7.44 -20.77
CG MSE K 88 -75.06 8.26 -20.24
SE MSE K 88 -75.19 8.51 -18.34
CE MSE K 88 -74.08 7.05 -17.81
N ILE K 89 -78.37 7.15 -23.05
CA ILE K 89 -79.62 6.56 -23.53
C ILE K 89 -79.37 5.74 -24.79
N ARG K 90 -78.33 6.09 -25.53
CA ARG K 90 -77.99 5.38 -26.77
C ARG K 90 -77.23 4.09 -26.47
N LEU K 91 -76.77 3.94 -25.23
CA LEU K 91 -76.01 2.76 -24.86
C LEU K 91 -76.63 1.94 -23.73
N SER K 92 -77.72 2.46 -23.17
CA SER K 92 -78.42 1.79 -22.07
C SER K 92 -78.92 0.39 -22.42
N ASP K 93 -79.26 0.19 -23.68
CA ASP K 93 -79.76 -1.11 -24.12
C ASP K 93 -78.71 -2.23 -24.06
N ARG K 94 -77.43 -1.87 -23.99
CA ARG K 94 -76.35 -2.87 -23.96
C ARG K 94 -75.42 -2.75 -22.75
N PHE K 95 -75.30 -1.55 -22.19
CA PHE K 95 -74.42 -1.34 -21.04
C PHE K 95 -75.12 -0.69 -19.85
N THR K 96 -74.54 -0.87 -18.67
CA THR K 96 -75.05 -0.25 -17.46
C THR K 96 -74.36 1.11 -17.44
N THR K 97 -75.03 2.10 -18.03
CA THR K 97 -74.49 3.45 -18.11
C THR K 97 -74.68 4.22 -16.81
N ILE K 98 -73.58 4.69 -16.23
CA ILE K 98 -73.63 5.45 -14.99
C ILE K 98 -72.80 6.73 -15.10
N ALA K 99 -73.45 7.88 -14.91
CA ALA K 99 -72.75 9.16 -14.99
C ALA K 99 -72.45 9.58 -13.56
N VAL K 100 -71.22 10.02 -13.31
CA VAL K 100 -70.80 10.40 -11.97
C VAL K 100 -70.53 11.88 -11.74
N ASP K 101 -71.16 12.44 -10.70
CA ASP K 101 -70.87 13.83 -10.35
C ASP K 101 -69.59 13.60 -9.56
N GLN K 102 -68.50 14.24 -9.96
CA GLN K 102 -67.24 14.04 -9.24
C GLN K 102 -67.11 15.00 -8.06
N ARG K 103 -66.24 14.64 -7.12
CA ARG K 103 -66.02 15.46 -5.94
C ARG K 103 -65.98 16.93 -6.30
N GLY K 104 -66.68 17.75 -5.51
CA GLY K 104 -66.72 19.18 -5.73
C GLY K 104 -67.80 19.64 -6.70
N HIS K 105 -68.34 18.70 -7.47
CA HIS K 105 -69.35 19.00 -8.47
C HIS K 105 -70.74 18.49 -8.14
N GLY K 106 -71.73 19.11 -8.79
CA GLY K 106 -73.12 18.73 -8.61
C GLY K 106 -73.60 18.42 -7.20
N LEU K 107 -74.18 17.23 -7.03
CA LEU K 107 -74.72 16.84 -5.74
C LEU K 107 -73.81 15.89 -4.97
N SER K 108 -72.51 15.95 -5.25
CA SER K 108 -71.55 15.09 -4.56
C SER K 108 -70.85 15.84 -3.45
N ASP K 109 -70.22 15.10 -2.53
CA ASP K 109 -69.50 15.73 -1.44
C ASP K 109 -68.46 16.68 -2.00
N LYS K 110 -68.33 17.82 -1.33
CA LYS K 110 -67.37 18.84 -1.74
C LYS K 110 -66.42 19.05 -0.58
N PRO K 111 -65.40 18.19 -0.44
CA PRO K 111 -64.43 18.32 0.64
C PRO K 111 -63.66 19.63 0.58
N GLU K 112 -63.15 20.06 1.73
CA GLU K 112 -62.40 21.30 1.86
C GLU K 112 -61.21 21.29 0.90
N THR K 113 -60.56 20.14 0.78
CA THR K 113 -59.41 20.02 -0.11
C THR K 113 -59.26 18.60 -0.70
N GLY K 114 -58.26 18.43 -1.56
CA GLY K 114 -58.04 17.14 -2.19
C GLY K 114 -58.64 17.08 -3.59
N TYR K 115 -58.12 17.90 -4.49
CA TYR K 115 -58.63 17.93 -5.85
C TYR K 115 -57.55 17.71 -6.90
N GLU K 116 -56.59 16.85 -6.58
CA GLU K 116 -55.51 16.53 -7.49
C GLU K 116 -55.89 15.26 -8.27
N ALA K 117 -55.12 14.95 -9.31
CA ALA K 117 -55.40 13.78 -10.14
C ALA K 117 -55.64 12.52 -9.31
N ASN K 118 -54.68 12.18 -8.46
CA ASN K 118 -54.81 11.00 -7.62
C ASN K 118 -56.10 10.98 -6.80
N ASP K 119 -56.54 12.15 -6.34
CA ASP K 119 -57.77 12.24 -5.56
C ASP K 119 -58.93 11.74 -6.42
N TYR K 120 -59.09 12.34 -7.59
CA TYR K 120 -60.16 11.96 -8.51
C TYR K 120 -60.05 10.50 -8.95
N ALA K 121 -58.82 10.05 -9.17
CA ALA K 121 -58.58 8.67 -9.62
C ALA K 121 -59.03 7.64 -8.59
N ASP K 122 -58.62 7.82 -7.34
CA ASP K 122 -59.00 6.88 -6.28
C ASP K 122 -60.52 6.85 -6.08
N ASP K 123 -61.19 7.94 -6.44
CA ASP K 123 -62.65 8.02 -6.32
C ASP K 123 -63.26 7.07 -7.34
N ILE K 124 -62.66 7.06 -8.54
CA ILE K 124 -63.11 6.18 -9.61
C ILE K 124 -62.86 4.74 -9.18
N ALA K 125 -61.67 4.50 -8.63
CA ALA K 125 -61.32 3.17 -8.17
C ALA K 125 -62.30 2.77 -7.06
N GLY K 126 -62.49 3.66 -6.10
CA GLY K 126 -63.40 3.40 -4.99
C GLY K 126 -64.81 3.07 -5.47
N LEU K 127 -65.30 3.86 -6.42
CA LEU K 127 -66.62 3.67 -6.97
C LEU K 127 -66.80 2.30 -7.64
N ILE K 128 -65.83 1.93 -8.47
CA ILE K 128 -65.92 0.65 -9.17
C ILE K 128 -66.02 -0.50 -8.17
N ARG K 129 -65.17 -0.48 -7.14
CA ARG K 129 -65.21 -1.55 -6.15
C ARG K 129 -66.57 -1.56 -5.45
N THR K 130 -67.06 -0.39 -5.07
CA THR K 130 -68.35 -0.29 -4.40
C THR K 130 -69.47 -0.82 -5.29
N LEU K 131 -69.51 -0.37 -6.54
CA LEU K 131 -70.55 -0.84 -7.46
C LEU K 131 -70.48 -2.36 -7.61
N ALA K 132 -69.27 -2.88 -7.57
CA ALA K 132 -69.02 -4.33 -7.69
C ALA K 132 -69.81 -4.98 -8.82
N ARG K 133 -69.54 -4.58 -10.06
CA ARG K 133 -70.22 -5.14 -11.22
C ARG K 133 -69.21 -5.45 -12.31
N GLY K 134 -67.97 -5.72 -11.92
CA GLY K 134 -66.93 -6.02 -12.88
C GLY K 134 -66.16 -4.78 -13.28
N HIS K 135 -65.12 -4.98 -14.10
CA HIS K 135 -64.31 -3.85 -14.55
C HIS K 135 -65.17 -2.87 -15.35
N ALA K 136 -64.77 -1.62 -15.35
CA ALA K 136 -65.54 -0.59 -16.06
C ALA K 136 -64.85 0.03 -17.26
N ILE K 137 -65.68 0.47 -18.21
CA ILE K 137 -65.20 1.17 -19.39
C ILE K 137 -65.36 2.61 -18.93
N LEU K 138 -64.31 3.41 -19.05
CA LEU K 138 -64.36 4.81 -18.61
C LEU K 138 -64.48 5.78 -19.78
N VAL K 139 -65.52 6.61 -19.75
CA VAL K 139 -65.73 7.63 -20.78
C VAL K 139 -65.62 8.98 -20.10
N GLY K 140 -64.53 9.70 -20.37
CA GLY K 140 -64.33 10.99 -19.73
C GLY K 140 -64.06 12.17 -20.64
N HIS K 141 -64.52 13.34 -20.23
CA HIS K 141 -64.32 14.57 -20.99
C HIS K 141 -63.43 15.50 -20.18
N SER K 142 -62.34 15.97 -20.79
CA SER K 142 -61.34 16.84 -20.15
C SER K 142 -61.00 16.37 -18.74
N LEU K 143 -61.46 17.07 -17.70
CA LEU K 143 -61.18 16.64 -16.32
C LEU K 143 -61.47 15.16 -16.16
N GLY K 144 -62.60 14.71 -16.69
CA GLY K 144 -62.97 13.31 -16.58
C GLY K 144 -62.02 12.38 -17.36
N ALA K 145 -61.56 12.83 -18.51
CA ALA K 145 -60.64 12.02 -19.30
C ALA K 145 -59.31 11.90 -18.55
N ARG K 146 -58.83 13.02 -18.03
CA ARG K 146 -57.58 13.05 -17.30
C ARG K 146 -57.65 12.11 -16.09
N ASN K 147 -58.80 12.09 -15.43
CA ASN K 147 -59.00 11.23 -14.27
C ASN K 147 -59.06 9.76 -14.66
N SER K 148 -59.76 9.48 -15.76
CA SER K 148 -59.92 8.12 -16.24
C SER K 148 -58.61 7.46 -16.68
N VAL K 149 -57.75 8.21 -17.37
CA VAL K 149 -56.47 7.65 -17.80
C VAL K 149 -55.57 7.40 -16.58
N THR K 150 -55.63 8.31 -15.60
CA THR K 150 -54.85 8.17 -14.38
C THR K 150 -55.36 6.95 -13.62
N ALA K 151 -56.68 6.84 -13.49
CA ALA K 151 -57.27 5.69 -12.80
C ALA K 151 -56.90 4.37 -13.48
N ALA K 152 -56.93 4.36 -14.81
CA ALA K 152 -56.61 3.16 -15.58
C ALA K 152 -55.13 2.77 -15.50
N ALA K 153 -54.25 3.76 -15.36
CA ALA K 153 -52.84 3.48 -15.27
C ALA K 153 -52.50 2.91 -13.88
N LYS K 154 -53.27 3.35 -12.88
CA LYS K 154 -53.07 2.94 -11.50
C LYS K 154 -53.86 1.69 -11.09
N TYR K 155 -55.03 1.50 -11.68
CA TYR K 155 -55.86 0.34 -11.37
C TYR K 155 -56.33 -0.40 -12.62
N PRO K 156 -55.39 -0.94 -13.40
CA PRO K 156 -55.71 -1.67 -14.63
C PRO K 156 -56.76 -2.78 -14.49
N ASP K 157 -56.73 -3.50 -13.37
CA ASP K 157 -57.68 -4.59 -13.14
C ASP K 157 -59.12 -4.11 -13.00
N LEU K 158 -59.30 -2.84 -12.65
CA LEU K 158 -60.65 -2.30 -12.49
C LEU K 158 -61.18 -1.64 -13.76
N VAL K 159 -60.27 -1.27 -14.66
CA VAL K 159 -60.62 -0.60 -15.91
C VAL K 159 -60.44 -1.44 -17.18
N ARG K 160 -61.53 -1.67 -17.88
CA ARG K 160 -61.51 -2.44 -19.12
C ARG K 160 -60.86 -1.64 -20.25
N SER K 161 -61.32 -0.42 -20.43
CA SER K 161 -60.79 0.44 -21.48
C SER K 161 -61.18 1.88 -21.18
N VAL K 162 -60.56 2.83 -21.88
CA VAL K 162 -60.90 4.22 -21.63
C VAL K 162 -61.07 5.04 -22.89
N VAL K 163 -62.07 5.91 -22.88
CA VAL K 163 -62.33 6.81 -23.98
C VAL K 163 -61.98 8.18 -23.39
N ALA K 164 -60.81 8.71 -23.75
CA ALA K 164 -60.33 10.00 -23.25
C ALA K 164 -60.72 11.13 -24.19
N ILE K 165 -61.74 11.88 -23.83
CA ILE K 165 -62.19 12.98 -24.66
C ILE K 165 -61.60 14.36 -24.35
N ASP K 166 -60.70 14.78 -25.23
CA ASP K 166 -60.06 16.09 -25.17
C ASP K 166 -59.25 16.50 -23.94
N PHE K 167 -58.24 15.70 -23.61
CA PHE K 167 -57.33 16.00 -22.52
C PHE K 167 -56.15 15.05 -22.52
N THR K 168 -55.07 15.50 -23.15
CA THR K 168 -53.84 14.73 -23.28
C THR K 168 -52.69 15.42 -22.54
N PRO K 169 -51.49 14.84 -22.60
CA PRO K 169 -50.35 15.48 -21.92
C PRO K 169 -49.92 16.61 -22.86
N TYR K 170 -48.89 17.34 -22.47
CA TYR K 170 -48.32 18.42 -23.28
C TYR K 170 -49.21 19.63 -23.55
N ILE K 171 -50.33 19.73 -22.85
CA ILE K 171 -51.20 20.90 -23.06
C ILE K 171 -50.39 22.12 -22.65
N GLU K 172 -50.35 23.14 -23.51
CA GLU K 172 -49.58 24.33 -23.20
C GLU K 172 -50.15 25.17 -22.05
N THR K 173 -49.25 25.84 -21.34
CA THR K 173 -49.60 26.67 -20.20
C THR K 173 -50.62 27.76 -20.51
N GLU K 174 -50.52 28.40 -21.66
CA GLU K 174 -51.46 29.46 -22.02
C GLU K 174 -52.89 28.93 -22.09
N ALA K 175 -53.05 27.68 -22.53
CA ALA K 175 -54.36 27.06 -22.65
C ALA K 175 -54.93 26.81 -21.28
N LEU K 176 -54.09 26.32 -20.37
CA LEU K 176 -54.54 26.05 -19.01
C LEU K 176 -54.85 27.35 -18.25
N ASP K 177 -54.10 28.42 -18.53
CA ASP K 177 -54.36 29.70 -17.88
C ASP K 177 -55.73 30.20 -18.30
N ALA K 178 -56.05 30.03 -19.58
CA ALA K 178 -57.32 30.49 -20.10
C ALA K 178 -58.47 29.72 -19.48
N LEU K 179 -58.28 28.42 -19.27
CA LEU K 179 -59.32 27.60 -18.68
C LEU K 179 -59.53 27.95 -17.21
N GLU K 180 -58.44 28.16 -16.49
CA GLU K 180 -58.52 28.50 -15.08
C GLU K 180 -59.16 29.87 -14.90
N ALA K 181 -58.78 30.83 -15.74
CA ALA K 181 -59.33 32.19 -15.65
C ALA K 181 -60.83 32.23 -15.91
N ARG K 182 -61.35 31.30 -16.70
CA ARG K 182 -62.79 31.25 -16.99
C ARG K 182 -63.52 30.52 -15.88
N VAL K 183 -62.93 29.43 -15.40
CA VAL K 183 -63.55 28.68 -14.32
C VAL K 183 -63.72 29.55 -13.07
N ASN K 184 -62.62 30.09 -12.57
CA ASN K 184 -62.66 30.93 -11.37
C ASN K 184 -63.60 32.13 -11.43
N ALA K 185 -63.83 32.68 -12.60
CA ALA K 185 -64.73 33.82 -12.73
C ALA K 185 -66.14 33.40 -13.14
N GLY K 186 -66.67 32.39 -12.46
CA GLY K 186 -68.01 31.91 -12.79
C GLY K 186 -69.00 31.75 -11.65
N SER K 187 -68.52 31.33 -10.47
CA SER K 187 -69.39 31.14 -9.31
C SER K 187 -70.09 32.44 -8.94
N GLN K 188 -71.28 32.66 -9.48
CA GLN K 188 -72.03 33.88 -9.24
C GLN K 188 -73.52 33.66 -8.98
N LEU K 189 -74.32 34.69 -9.23
CA LEU K 189 -75.76 34.64 -9.01
C LEU K 189 -76.54 35.04 -10.26
N PHE K 190 -77.51 34.22 -10.66
CA PHE K 190 -78.32 34.51 -11.83
C PHE K 190 -79.79 34.68 -11.45
N GLU K 191 -80.44 35.69 -12.01
CA GLU K 191 -81.85 35.95 -11.71
C GLU K 191 -82.74 34.73 -11.84
N ASP K 192 -82.64 34.05 -12.97
CA ASP K 192 -83.44 32.87 -13.23
C ASP K 192 -82.74 32.02 -14.28
N ILE K 193 -83.35 30.89 -14.63
CA ILE K 193 -82.75 29.97 -15.59
C ILE K 193 -82.47 30.59 -16.97
N LYS K 194 -83.32 31.49 -17.43
CA LYS K 194 -83.08 32.10 -18.74
C LYS K 194 -81.81 32.94 -18.69
N ALA K 195 -81.48 33.48 -17.51
CA ALA K 195 -80.28 34.26 -17.37
C ALA K 195 -79.07 33.32 -17.36
N VAL K 196 -79.27 32.11 -16.84
CA VAL K 196 -78.20 31.12 -16.78
C VAL K 196 -77.90 30.61 -18.19
N GLU K 197 -78.94 30.41 -18.99
CA GLU K 197 -78.77 29.95 -20.34
C GLU K 197 -78.03 31.00 -21.17
N ALA K 198 -78.44 32.25 -21.03
CA ALA K 198 -77.78 33.34 -21.75
C ALA K 198 -76.29 33.31 -21.43
N TYR K 199 -75.96 33.31 -20.15
CA TYR K 199 -74.58 33.29 -19.70
C TYR K 199 -73.79 32.08 -20.22
N LEU K 200 -74.43 30.92 -20.28
CA LEU K 200 -73.78 29.71 -20.74
C LEU K 200 -73.61 29.70 -22.25
N ALA K 201 -74.56 30.31 -22.96
CA ALA K 201 -74.49 30.37 -24.43
C ALA K 201 -73.29 31.23 -24.81
N GLY K 202 -73.06 32.30 -24.05
CA GLY K 202 -71.94 33.18 -24.31
C GLY K 202 -70.61 32.50 -23.98
N ARG K 203 -70.57 31.83 -22.84
CA ARG K 203 -69.34 31.15 -22.42
C ARG K 203 -68.99 29.95 -23.29
N TYR K 204 -70.02 29.29 -23.84
CA TYR K 204 -69.82 28.12 -24.69
C TYR K 204 -70.56 28.26 -26.00
N PRO K 205 -70.12 29.21 -26.85
CA PRO K 205 -70.74 29.49 -28.17
C PRO K 205 -71.03 28.33 -29.13
N ASN K 206 -70.21 27.29 -29.11
CA ASN K 206 -70.45 26.16 -30.03
C ASN K 206 -71.38 25.08 -29.49
N ILE K 207 -71.66 25.10 -28.18
CA ILE K 207 -72.54 24.09 -27.63
C ILE K 207 -73.99 24.36 -28.04
N PRO K 208 -74.68 23.34 -28.58
CA PRO K 208 -76.08 23.43 -29.03
C PRO K 208 -77.04 23.87 -27.92
N ALA K 209 -78.08 24.62 -28.29
CA ALA K 209 -79.07 25.12 -27.34
C ALA K 209 -79.59 24.08 -26.34
N ASP K 210 -79.87 22.87 -26.81
CA ASP K 210 -80.37 21.79 -25.96
C ASP K 210 -79.37 21.35 -24.88
N ALA K 211 -78.09 21.28 -25.24
CA ALA K 211 -77.07 20.87 -24.28
C ALA K 211 -76.86 22.00 -23.29
N ILE K 212 -77.02 23.24 -23.75
CA ILE K 212 -76.87 24.40 -22.87
C ILE K 212 -77.97 24.30 -21.82
N ARG K 213 -79.19 24.03 -22.27
CA ARG K 213 -80.35 23.89 -21.41
C ARG K 213 -80.08 22.80 -20.36
N ILE K 214 -79.59 21.65 -20.79
CA ILE K 214 -79.30 20.57 -19.85
C ILE K 214 -78.35 21.08 -18.75
N ARG K 215 -77.32 21.83 -19.14
CA ARG K 215 -76.37 22.37 -18.16
C ARG K 215 -77.03 23.38 -17.21
N ALA K 216 -77.96 24.18 -17.75
CA ALA K 216 -78.64 25.19 -16.96
C ALA K 216 -79.54 24.56 -15.88
N GLU K 217 -80.29 23.55 -16.29
CA GLU K 217 -81.20 22.84 -15.40
C GLU K 217 -80.54 21.93 -14.35
N SER K 218 -79.36 21.40 -14.66
CA SER K 218 -78.71 20.48 -13.73
C SER K 218 -77.53 20.99 -12.93
N GLY K 219 -76.87 22.03 -13.42
CA GLY K 219 -75.71 22.54 -12.71
C GLY K 219 -75.96 23.72 -11.80
N TYR K 220 -77.21 24.17 -11.72
CA TYR K 220 -77.51 25.31 -10.88
C TYR K 220 -78.67 25.03 -9.95
N GLN K 221 -78.54 25.52 -8.71
CA GLN K 221 -79.56 25.32 -7.68
C GLN K 221 -80.14 26.65 -7.23
N PRO K 222 -81.42 26.65 -6.83
CA PRO K 222 -82.07 27.88 -6.37
C PRO K 222 -81.54 28.27 -5.00
N VAL K 223 -81.15 29.52 -4.86
CA VAL K 223 -80.64 30.01 -3.60
C VAL K 223 -81.30 31.36 -3.29
N ASP K 224 -80.99 31.90 -2.12
CA ASP K 224 -81.57 33.17 -1.70
C ASP K 224 -81.23 34.27 -2.70
N GLY K 225 -82.14 34.54 -3.63
CA GLY K 225 -81.92 35.57 -4.62
C GLY K 225 -81.95 35.11 -6.08
N GLY K 226 -81.89 33.80 -6.28
CA GLY K 226 -81.92 33.26 -7.63
C GLY K 226 -81.11 31.97 -7.73
N LEU K 227 -80.53 31.70 -8.89
CA LEU K 227 -79.73 30.49 -9.08
C LEU K 227 -78.26 30.68 -8.80
N ARG K 228 -77.60 29.60 -8.36
CA ARG K 228 -76.17 29.62 -8.07
C ARG K 228 -75.61 28.25 -8.45
N PRO K 229 -74.41 28.21 -9.05
CA PRO K 229 -73.78 26.95 -9.46
C PRO K 229 -73.68 25.95 -8.30
N LEU K 230 -73.98 24.69 -8.56
CA LEU K 230 -73.89 23.67 -7.51
C LEU K 230 -72.42 23.46 -7.15
N ALA K 231 -71.55 23.51 -8.16
CA ALA K 231 -70.11 23.31 -7.95
C ALA K 231 -69.52 24.29 -6.94
N SER K 232 -68.65 23.77 -6.08
CA SER K 232 -67.97 24.57 -5.07
C SER K 232 -66.86 25.38 -5.74
N SER K 233 -66.91 26.70 -5.59
CA SER K 233 -65.89 27.54 -6.21
C SER K 233 -64.48 27.24 -5.69
N ALA K 234 -64.37 26.92 -4.42
CA ALA K 234 -63.06 26.59 -3.86
C ALA K 234 -62.55 25.31 -4.49
N ALA K 235 -63.47 24.37 -4.73
CA ALA K 235 -63.14 23.09 -5.33
C ALA K 235 -62.68 23.28 -6.77
N MSE K 236 -63.34 24.19 -7.49
CA MSE K 236 -63.00 24.48 -8.88
C MSE K 236 -61.61 25.08 -9.01
O MSE K 236 -60.81 24.67 -9.86
CB MSE K 236 -64.02 25.43 -9.50
CG MSE K 236 -65.45 24.94 -9.39
SE MSE K 236 -65.67 23.18 -10.16
CE MSE K 236 -65.44 22.08 -8.57
N ALA K 237 -61.31 26.07 -8.16
CA ALA K 237 -60.01 26.72 -8.19
C ALA K 237 -58.88 25.71 -7.99
N GLN K 238 -59.06 24.80 -7.04
CA GLN K 238 -58.04 23.79 -6.76
C GLN K 238 -57.96 22.77 -7.87
N THR K 239 -59.12 22.39 -8.42
CA THR K 239 -59.15 21.40 -9.49
C THR K 239 -58.44 21.97 -10.70
N ALA K 240 -58.73 23.24 -11.01
CA ALA K 240 -58.09 23.89 -12.15
C ALA K 240 -56.57 23.82 -11.96
N ARG K 241 -56.13 24.14 -10.76
CA ARG K 241 -54.71 24.11 -10.43
C ARG K 241 -54.15 22.70 -10.65
N GLY K 242 -54.89 21.70 -10.17
CA GLY K 242 -54.46 20.32 -10.30
C GLY K 242 -54.41 19.83 -11.74
N LEU K 243 -55.13 20.52 -12.64
CA LEU K 243 -55.14 20.14 -14.05
C LEU K 243 -53.79 20.40 -14.72
N ARG K 244 -52.96 21.21 -14.08
CA ARG K 244 -51.65 21.55 -14.62
C ARG K 244 -50.57 20.47 -14.46
N SER K 245 -50.83 19.46 -13.64
CA SER K 245 -49.83 18.41 -13.43
C SER K 245 -49.46 17.64 -14.70
N ASP K 246 -48.20 17.19 -14.75
CA ASP K 246 -47.67 16.43 -15.89
C ASP K 246 -48.45 15.13 -16.06
N LEU K 247 -49.03 14.93 -17.23
CA LEU K 247 -49.82 13.72 -17.46
C LEU K 247 -49.07 12.67 -18.29
N VAL K 248 -47.84 12.97 -18.68
CA VAL K 248 -47.05 12.03 -19.46
C VAL K 248 -47.02 10.64 -18.82
N PRO K 249 -46.68 10.54 -17.54
CA PRO K 249 -46.63 9.24 -16.86
C PRO K 249 -47.89 8.38 -17.04
N ALA K 250 -49.06 9.01 -16.85
CA ALA K 250 -50.33 8.31 -16.99
C ALA K 250 -50.51 7.69 -18.37
N TYR K 251 -50.25 8.48 -19.42
CA TYR K 251 -50.38 7.99 -20.79
C TYR K 251 -49.26 7.03 -21.16
N ARG K 252 -48.08 7.28 -20.60
CA ARG K 252 -46.94 6.43 -20.89
C ARG K 252 -47.09 5.06 -20.24
N ASP K 253 -47.72 5.00 -19.07
CA ASP K 253 -47.85 3.73 -18.37
C ASP K 253 -49.21 3.03 -18.36
N VAL K 254 -50.20 3.59 -19.03
CA VAL K 254 -51.50 2.93 -19.04
C VAL K 254 -51.40 1.69 -19.95
N THR K 255 -51.76 0.53 -19.43
CA THR K 255 -51.67 -0.71 -20.19
C THR K 255 -53.01 -1.18 -20.77
N LYS K 256 -54.09 -0.47 -20.47
CA LYS K 256 -55.39 -0.83 -21.00
C LYS K 256 -55.68 0.06 -22.21
N PRO K 257 -56.56 -0.40 -23.13
CA PRO K 257 -56.88 0.39 -24.31
C PRO K 257 -57.39 1.80 -23.98
N VAL K 258 -56.89 2.78 -24.70
CA VAL K 258 -57.32 4.16 -24.51
C VAL K 258 -57.57 4.80 -25.86
N LEU K 259 -58.79 5.27 -26.08
CA LEU K 259 -59.12 5.94 -27.32
C LEU K 259 -59.03 7.44 -27.08
N ILE K 260 -58.08 8.08 -27.75
CA ILE K 260 -57.87 9.51 -27.62
C ILE K 260 -58.74 10.25 -28.63
N VAL K 261 -59.60 11.12 -28.12
CA VAL K 261 -60.49 11.88 -28.98
C VAL K 261 -60.22 13.36 -28.83
N ARG K 262 -60.03 14.05 -29.95
CA ARG K 262 -59.78 15.47 -29.90
C ARG K 262 -60.70 16.27 -30.80
N GLY K 263 -61.13 17.42 -30.30
CA GLY K 263 -61.98 18.28 -31.11
C GLY K 263 -61.06 19.04 -32.03
N GLU K 264 -61.40 19.10 -33.32
CA GLU K 264 -60.60 19.79 -34.31
C GLU K 264 -60.20 21.21 -33.92
N SER K 265 -61.14 21.97 -33.37
CA SER K 265 -60.86 23.35 -32.99
C SER K 265 -60.73 23.56 -31.48
N SER K 266 -60.37 22.51 -30.76
CA SER K 266 -60.23 22.60 -29.31
C SER K 266 -59.21 23.65 -28.90
N LYS K 267 -59.66 24.63 -28.11
CA LYS K 267 -58.77 25.67 -27.65
C LYS K 267 -57.99 25.14 -26.42
N LEU K 268 -58.34 23.94 -25.96
CA LEU K 268 -57.65 23.35 -24.83
C LEU K 268 -56.53 22.41 -25.29
N VAL K 269 -56.86 21.47 -26.16
CA VAL K 269 -55.88 20.52 -26.68
C VAL K 269 -55.52 20.88 -28.12
N SER K 270 -54.32 21.43 -28.31
CA SER K 270 -53.85 21.83 -29.63
C SER K 270 -53.44 20.62 -30.46
N ALA K 271 -53.40 20.80 -31.78
CA ALA K 271 -52.99 19.72 -32.66
C ALA K 271 -51.56 19.28 -32.31
N ALA K 272 -50.72 20.24 -31.93
CA ALA K 272 -49.33 19.99 -31.57
C ALA K 272 -49.28 19.08 -30.34
N ALA K 273 -50.15 19.36 -29.38
CA ALA K 273 -50.24 18.55 -28.16
C ALA K 273 -50.65 17.11 -28.48
N LEU K 274 -51.60 16.94 -29.38
CA LEU K 274 -52.07 15.61 -29.77
C LEU K 274 -50.95 14.87 -30.48
N ALA K 275 -50.23 15.59 -31.33
CA ALA K 275 -49.13 15.02 -32.09
C ALA K 275 -48.04 14.45 -31.16
N LYS K 276 -47.68 15.21 -30.13
CA LYS K 276 -46.67 14.77 -29.17
C LYS K 276 -47.17 13.57 -28.39
N THR K 277 -48.46 13.56 -28.08
CA THR K 277 -49.05 12.48 -27.33
C THR K 277 -48.97 11.19 -28.15
N SER K 278 -49.22 11.30 -29.46
CA SER K 278 -49.18 10.13 -30.34
C SER K 278 -47.75 9.63 -30.53
N ARG K 279 -46.78 10.53 -30.42
CA ARG K 279 -45.38 10.13 -30.55
C ARG K 279 -44.98 9.38 -29.28
N LEU K 280 -45.67 9.68 -28.18
CA LEU K 280 -45.41 9.02 -26.89
C LEU K 280 -46.05 7.63 -26.90
N ARG K 281 -47.27 7.57 -27.43
CA ARG K 281 -48.01 6.32 -27.51
C ARG K 281 -48.65 6.17 -28.90
N PRO K 282 -47.83 5.87 -29.92
CA PRO K 282 -48.32 5.71 -31.29
C PRO K 282 -49.35 4.60 -31.43
N ASP K 283 -49.34 3.66 -30.49
CA ASP K 283 -50.27 2.54 -30.52
C ASP K 283 -51.72 2.88 -30.12
N LEU K 284 -51.94 4.04 -29.50
CA LEU K 284 -53.28 4.41 -29.07
C LEU K 284 -54.14 4.99 -30.20
N PRO K 285 -55.25 4.32 -30.54
CA PRO K 285 -56.13 4.80 -31.61
C PRO K 285 -56.57 6.24 -31.35
N VAL K 286 -56.60 7.04 -32.42
CA VAL K 286 -56.98 8.43 -32.32
C VAL K 286 -58.17 8.79 -33.21
N VAL K 287 -58.98 9.74 -32.74
CA VAL K 287 -60.14 10.24 -33.47
C VAL K 287 -60.19 11.74 -33.27
N VAL K 288 -60.17 12.48 -34.37
CA VAL K 288 -60.21 13.93 -34.36
C VAL K 288 -61.55 14.32 -34.99
N VAL K 289 -62.40 14.96 -34.22
CA VAL K 289 -63.72 15.33 -34.69
C VAL K 289 -63.83 16.65 -35.42
N PRO K 290 -64.11 16.61 -36.73
CA PRO K 290 -64.25 17.82 -37.53
C PRO K 290 -65.41 18.67 -37.01
N GLY K 291 -65.24 19.98 -36.97
CA GLY K 291 -66.29 20.87 -36.52
C GLY K 291 -66.50 20.96 -35.01
N ALA K 292 -65.78 20.16 -34.24
CA ALA K 292 -65.91 20.18 -32.79
C ALA K 292 -64.76 20.91 -32.10
N ASP K 293 -65.08 21.71 -31.09
CA ASP K 293 -64.04 22.39 -30.34
C ASP K 293 -63.79 21.50 -29.11
N HIS K 294 -63.47 22.11 -27.97
CA HIS K 294 -63.20 21.34 -26.76
C HIS K 294 -64.36 20.46 -26.29
N TYR K 295 -65.59 20.92 -26.51
CA TYR K 295 -66.77 20.22 -26.07
C TYR K 295 -67.29 19.22 -27.10
N VAL K 296 -66.47 18.21 -27.37
CA VAL K 296 -66.77 17.19 -28.36
C VAL K 296 -68.07 16.39 -28.22
N ASN K 297 -68.29 15.75 -27.08
CA ASN K 297 -69.53 14.95 -26.95
C ASN K 297 -70.80 15.80 -27.06
N GLU K 298 -70.72 17.07 -26.69
CA GLU K 298 -71.90 17.92 -26.78
C GLU K 298 -72.08 18.57 -28.15
N VAL K 299 -70.98 18.90 -28.81
CA VAL K 299 -71.05 19.54 -30.11
C VAL K 299 -71.26 18.56 -31.28
N SER K 300 -70.75 17.34 -31.14
CA SER K 300 -70.88 16.32 -32.18
C SER K 300 -71.28 14.99 -31.52
N PRO K 301 -72.53 14.88 -31.06
CA PRO K 301 -72.99 13.65 -30.42
C PRO K 301 -72.96 12.40 -31.31
N GLU K 302 -73.33 12.57 -32.58
CA GLU K 302 -73.36 11.44 -33.51
C GLU K 302 -71.99 10.85 -33.80
N ILE K 303 -71.02 11.70 -34.11
CA ILE K 303 -69.67 11.20 -34.38
C ILE K 303 -69.07 10.63 -33.09
N THR K 304 -69.26 11.34 -31.98
CA THR K 304 -68.76 10.88 -30.70
C THR K 304 -69.27 9.47 -30.39
N LEU K 305 -70.58 9.28 -30.47
CA LEU K 305 -71.18 7.98 -30.20
C LEU K 305 -70.61 6.89 -31.10
N LYS K 306 -70.51 7.18 -32.39
CA LYS K 306 -69.97 6.23 -33.38
C LYS K 306 -68.50 5.86 -33.09
N ALA K 307 -67.73 6.81 -32.62
CA ALA K 307 -66.32 6.58 -32.31
C ALA K 307 -66.23 5.63 -31.13
N ILE K 308 -67.10 5.84 -30.14
CA ILE K 308 -67.10 4.99 -28.97
C ILE K 308 -67.48 3.55 -29.32
N THR K 309 -68.53 3.37 -30.12
CA THR K 309 -68.94 2.02 -30.49
C THR K 309 -67.93 1.34 -31.39
N ASN K 310 -67.23 2.11 -32.24
CA ASN K 310 -66.22 1.51 -33.10
C ASN K 310 -65.08 0.97 -32.24
N PHE K 311 -64.81 1.69 -31.15
CA PHE K 311 -63.74 1.34 -30.22
C PHE K 311 -64.05 0.12 -29.38
N ILE K 312 -65.15 0.17 -28.63
CA ILE K 312 -65.50 -0.93 -27.74
C ILE K 312 -66.10 -2.18 -28.39
N ASP K 313 -66.60 -2.08 -29.61
CA ASP K 313 -67.19 -3.25 -30.29
C ASP K 313 -66.25 -3.96 -31.24
N ALA K 314 -65.07 -3.38 -31.49
CA ALA K 314 -64.11 -3.97 -32.44
C ALA K 314 -63.79 -5.44 -32.15
N HIS L 47 8.40 24.71 -35.80
CA HIS L 47 8.77 24.02 -37.08
C HIS L 47 9.53 22.74 -36.79
N PHE L 48 9.48 22.27 -35.54
CA PHE L 48 10.17 21.06 -35.15
C PHE L 48 9.54 19.83 -35.81
N ILE L 49 10.34 18.79 -35.98
CA ILE L 49 9.87 17.54 -36.55
C ILE L 49 10.14 16.46 -35.53
N SER L 50 9.07 15.81 -35.07
CA SER L 50 9.20 14.77 -34.08
C SER L 50 9.14 13.38 -34.73
N ARG L 51 9.96 12.47 -34.23
CA ARG L 51 9.99 11.10 -34.74
C ARG L 51 10.63 10.16 -33.73
N ARG L 52 10.22 8.89 -33.80
CA ARG L 52 10.76 7.88 -32.90
C ARG L 52 11.90 7.20 -33.63
N VAL L 53 13.11 7.34 -33.08
CA VAL L 53 14.28 6.75 -33.69
C VAL L 53 14.67 5.44 -33.05
N ASP L 54 14.81 4.41 -33.88
CA ASP L 54 15.20 3.09 -33.41
C ASP L 54 16.71 3.01 -33.42
N ILE L 55 17.33 3.02 -32.23
CA ILE L 55 18.77 2.96 -32.15
C ILE L 55 19.25 1.54 -31.89
N GLY L 56 18.36 0.58 -32.13
CA GLY L 56 18.70 -0.82 -31.91
C GLY L 56 18.33 -1.29 -30.52
N ARG L 57 19.17 -0.95 -29.56
CA ARG L 57 18.96 -1.32 -28.16
C ARG L 57 17.62 -0.82 -27.60
N ILE L 58 17.04 0.19 -28.23
CA ILE L 58 15.78 0.77 -27.76
C ILE L 58 15.28 1.80 -28.80
N THR L 59 14.05 2.27 -28.65
CA THR L 59 13.50 3.27 -29.57
C THR L 59 13.14 4.53 -28.78
N LEU L 60 13.70 5.67 -29.18
CA LEU L 60 13.47 6.93 -28.48
C LEU L 60 12.82 8.00 -29.35
N ASN L 61 12.04 8.87 -28.71
CA ASN L 61 11.37 9.96 -29.42
C ASN L 61 12.25 11.20 -29.34
N VAL L 62 12.37 11.91 -30.46
CA VAL L 62 13.20 13.10 -30.51
C VAL L 62 12.50 14.22 -31.29
N ARG L 63 12.87 15.45 -30.96
CA ARG L 63 12.33 16.64 -31.63
C ARG L 63 13.52 17.26 -32.37
N GLU L 64 13.38 17.43 -33.69
CA GLU L 64 14.48 17.97 -34.48
C GLU L 64 14.17 19.25 -35.25
N LYS L 65 15.19 20.11 -35.37
CA LYS L 65 15.07 21.38 -36.08
C LYS L 65 16.45 21.93 -36.46
N GLY L 66 16.47 22.74 -37.52
CA GLY L 66 17.71 23.36 -37.97
C GLY L 66 18.66 22.49 -38.78
N SER L 67 19.87 23.00 -39.00
CA SER L 67 20.89 22.29 -39.76
C SER L 67 22.29 22.68 -39.31
N GLY L 68 23.27 21.84 -39.63
CA GLY L 68 24.63 22.13 -39.25
C GLY L 68 25.14 21.09 -38.27
N PRO L 69 26.19 21.42 -37.49
CA PRO L 69 26.76 20.51 -36.50
C PRO L 69 25.68 20.01 -35.53
N LEU L 70 25.75 18.74 -35.16
CA LEU L 70 24.75 18.15 -34.26
C LEU L 70 24.85 18.56 -32.79
N MSE L 71 23.72 18.99 -32.24
CA MSE L 71 23.64 19.39 -30.84
C MSE L 71 22.44 18.71 -30.17
O MSE L 71 21.29 19.01 -30.48
CB MSE L 71 23.52 20.92 -30.73
CG MSE L 71 23.71 21.44 -29.31
SE MSE L 71 23.69 23.37 -29.22
CE MSE L 71 25.53 23.73 -29.68
N LEU L 72 22.73 17.80 -29.25
CA LEU L 72 21.72 17.03 -28.53
C LEU L 72 21.40 17.59 -27.15
N PHE L 73 20.10 17.61 -26.81
CA PHE L 73 19.63 18.09 -25.51
C PHE L 73 18.96 16.97 -24.69
N PHE L 74 19.33 16.89 -23.41
CA PHE L 74 18.78 15.89 -22.50
C PHE L 74 18.21 16.52 -21.24
N HIS L 75 16.96 16.17 -20.95
CA HIS L 75 16.18 16.67 -19.83
C HIS L 75 16.48 16.06 -18.47
N GLY L 76 15.85 16.65 -17.45
CA GLY L 76 15.99 16.17 -16.09
C GLY L 76 15.00 15.05 -15.83
N ILE L 77 15.16 14.36 -14.70
CA ILE L 77 14.29 13.24 -14.35
C ILE L 77 12.80 13.65 -14.27
N THR L 78 11.94 12.84 -14.89
CA THR L 78 10.48 13.04 -14.96
C THR L 78 10.07 14.08 -15.99
N SER L 79 11.06 14.77 -16.54
CA SER L 79 10.86 15.82 -17.55
C SER L 79 10.86 15.18 -18.95
N ASN L 80 10.92 16.00 -19.99
CA ASN L 80 10.94 15.46 -21.36
C ASN L 80 11.53 16.50 -22.32
N SER L 81 11.77 16.08 -23.56
CA SER L 81 12.40 16.93 -24.59
C SER L 81 11.76 18.28 -24.91
N ALA L 82 10.47 18.42 -24.64
CA ALA L 82 9.77 19.67 -24.95
C ALA L 82 10.29 20.92 -24.22
N VAL L 83 10.90 20.74 -23.05
CA VAL L 83 11.39 21.89 -22.28
C VAL L 83 12.51 22.65 -22.98
N PHE L 84 13.10 22.03 -24.00
CA PHE L 84 14.20 22.68 -24.73
C PHE L 84 13.80 23.46 -25.98
N GLU L 85 12.58 23.28 -26.47
CA GLU L 85 12.17 23.99 -27.67
C GLU L 85 12.50 25.49 -27.66
N PRO L 86 12.22 26.20 -26.56
CA PRO L 86 12.54 27.64 -26.54
C PRO L 86 14.04 27.93 -26.74
N LEU L 87 14.89 27.04 -26.25
CA LEU L 87 16.35 27.20 -26.37
C LEU L 87 16.83 26.79 -27.77
N MSE L 88 16.30 25.67 -28.27
CA MSE L 88 16.66 25.18 -29.59
C MSE L 88 16.33 26.19 -30.69
O MSE L 88 17.12 26.39 -31.62
CB MSE L 88 15.94 23.86 -29.86
CG MSE L 88 16.50 22.67 -29.10
SE MSE L 88 15.36 21.09 -29.17
CE MSE L 88 15.55 20.60 -31.03
N ILE L 89 15.17 26.83 -30.59
CA ILE L 89 14.74 27.84 -31.56
C ILE L 89 15.87 28.84 -31.80
N ARG L 90 16.63 29.09 -30.74
CA ARG L 90 17.73 30.04 -30.75
C ARG L 90 19.03 29.55 -31.42
N LEU L 91 19.19 28.25 -31.54
CA LEU L 91 20.41 27.69 -32.12
C LEU L 91 20.16 26.95 -33.43
N SER L 92 18.89 26.85 -33.82
CA SER L 92 18.46 26.16 -35.03
C SER L 92 19.16 26.62 -36.30
N ASP L 93 19.41 27.92 -36.38
CA ASP L 93 20.04 28.52 -37.55
C ASP L 93 21.44 28.00 -37.91
N ARG L 94 22.22 27.55 -36.94
CA ARG L 94 23.57 27.05 -37.25
C ARG L 94 23.90 25.68 -36.71
N PHE L 95 22.94 25.09 -36.02
CA PHE L 95 23.11 23.75 -35.49
C PHE L 95 21.88 22.91 -35.79
N THR L 96 22.08 21.61 -35.88
CA THR L 96 20.97 20.69 -36.08
C THR L 96 20.69 20.33 -34.63
N THR L 97 19.71 21.00 -34.05
CA THR L 97 19.33 20.79 -32.65
C THR L 97 18.32 19.68 -32.45
N ILE L 98 18.63 18.75 -31.56
CA ILE L 98 17.73 17.63 -31.31
C ILE L 98 17.58 17.31 -29.82
N ALA L 99 16.36 17.48 -29.31
CA ALA L 99 16.04 17.19 -27.91
C ALA L 99 15.53 15.75 -27.86
N VAL L 100 16.01 15.00 -26.87
CA VAL L 100 15.68 13.61 -26.72
C VAL L 100 14.85 13.20 -25.50
N ASP L 101 13.82 12.41 -25.72
CA ASP L 101 13.02 11.89 -24.61
C ASP L 101 13.84 10.67 -24.24
N GLN L 102 14.48 10.70 -23.07
CA GLN L 102 15.31 9.58 -22.66
C GLN L 102 14.45 8.38 -22.22
N ARG L 103 15.07 7.22 -22.16
CA ARG L 103 14.36 6.01 -21.77
C ARG L 103 13.47 6.26 -20.54
N GLY L 104 12.28 5.66 -20.57
CA GLY L 104 11.34 5.80 -19.46
C GLY L 104 10.58 7.11 -19.42
N HIS L 105 10.93 8.05 -20.30
CA HIS L 105 10.29 9.37 -20.33
C HIS L 105 9.54 9.67 -21.64
N GLY L 106 8.72 10.72 -21.59
CA GLY L 106 7.98 11.17 -22.75
C GLY L 106 7.36 10.08 -23.61
N LEU L 107 7.62 10.15 -24.91
CA LEU L 107 7.09 9.18 -25.85
C LEU L 107 8.10 8.12 -26.26
N SER L 108 9.11 7.90 -25.42
CA SER L 108 10.14 6.89 -25.71
C SER L 108 9.77 5.56 -25.05
N ASP L 109 10.52 4.53 -25.41
CA ASP L 109 10.32 3.20 -24.83
C ASP L 109 10.55 3.28 -23.35
N LYS L 110 9.80 2.49 -22.60
CA LYS L 110 9.95 2.49 -21.15
C LYS L 110 10.13 1.05 -20.64
N PRO L 111 11.32 0.47 -20.86
CA PRO L 111 11.62 -0.89 -20.42
C PRO L 111 11.40 -1.05 -18.93
N GLU L 112 11.21 -2.28 -18.48
CA GLU L 112 10.97 -2.51 -17.06
C GLU L 112 12.17 -2.17 -16.18
N THR L 113 13.37 -2.46 -16.68
CA THR L 113 14.59 -2.22 -15.92
C THR L 113 15.67 -1.57 -16.78
N GLY L 114 16.82 -1.27 -16.15
CA GLY L 114 17.94 -0.67 -16.87
C GLY L 114 17.93 0.86 -16.86
N TYR L 115 18.05 1.46 -15.67
CA TYR L 115 18.06 2.92 -15.58
C TYR L 115 19.25 3.50 -14.83
N GLU L 116 20.40 2.88 -15.03
CA GLU L 116 21.63 3.32 -14.42
C GLU L 116 22.30 4.30 -15.38
N ALA L 117 23.38 4.92 -14.94
CA ALA L 117 24.10 5.87 -15.78
C ALA L 117 24.53 5.19 -17.10
N ASN L 118 25.12 4.01 -16.98
CA ASN L 118 25.58 3.28 -18.16
C ASN L 118 24.47 3.09 -19.20
N ASP L 119 23.26 2.76 -18.75
CA ASP L 119 22.15 2.55 -19.66
C ASP L 119 21.81 3.84 -20.40
N TYR L 120 21.69 4.93 -19.64
CA TYR L 120 21.38 6.22 -20.24
C TYR L 120 22.51 6.67 -21.16
N ALA L 121 23.74 6.36 -20.76
CA ALA L 121 24.90 6.74 -21.57
C ALA L 121 25.05 5.93 -22.85
N ASP L 122 24.75 4.63 -22.80
CA ASP L 122 24.87 3.81 -24.00
C ASP L 122 23.80 4.20 -25.02
N ASP L 123 22.70 4.77 -24.54
CA ASP L 123 21.61 5.23 -25.41
C ASP L 123 22.13 6.39 -26.24
N ILE L 124 22.81 7.32 -25.59
CA ILE L 124 23.37 8.48 -26.27
C ILE L 124 24.35 8.06 -27.36
N ALA L 125 25.18 7.06 -27.09
CA ALA L 125 26.13 6.58 -28.08
C ALA L 125 25.37 6.03 -29.30
N GLY L 126 24.38 5.19 -29.05
CA GLY L 126 23.59 4.63 -30.13
C GLY L 126 22.87 5.68 -30.94
N LEU L 127 22.41 6.73 -30.29
CA LEU L 127 21.68 7.81 -30.96
C LEU L 127 22.61 8.59 -31.90
N ILE L 128 23.84 8.79 -31.47
CA ILE L 128 24.82 9.52 -32.29
C ILE L 128 25.25 8.67 -33.48
N ARG L 129 25.37 7.36 -33.27
CA ARG L 129 25.77 6.46 -34.34
C ARG L 129 24.63 6.33 -35.35
N THR L 130 23.41 6.14 -34.85
CA THR L 130 22.25 6.00 -35.72
C THR L 130 21.98 7.27 -36.52
N LEU L 131 22.11 8.44 -35.88
CA LEU L 131 21.87 9.70 -36.56
C LEU L 131 22.90 9.95 -37.65
N ALA L 132 24.08 9.38 -37.47
CA ALA L 132 25.17 9.51 -38.43
C ALA L 132 25.32 10.93 -38.97
N ARG L 133 25.71 11.86 -38.12
CA ARG L 133 25.89 13.24 -38.56
C ARG L 133 27.12 13.88 -37.93
N GLY L 134 28.05 13.05 -37.49
CA GLY L 134 29.27 13.55 -36.88
C GLY L 134 29.15 13.60 -35.36
N HIS L 135 30.28 13.86 -34.68
CA HIS L 135 30.23 13.94 -33.22
C HIS L 135 29.24 15.02 -32.83
N ALA L 136 28.59 14.86 -31.70
CA ALA L 136 27.60 15.84 -31.27
C ALA L 136 27.96 16.61 -30.02
N ILE L 137 27.37 17.79 -29.89
CA ILE L 137 27.57 18.62 -28.72
C ILE L 137 26.46 18.19 -27.76
N LEU L 138 26.85 17.82 -26.55
CA LEU L 138 25.92 17.36 -25.54
C LEU L 138 25.57 18.43 -24.50
N VAL L 139 24.32 18.88 -24.53
CA VAL L 139 23.83 19.87 -23.57
C VAL L 139 22.75 19.20 -22.73
N GLY L 140 23.13 18.84 -21.51
CA GLY L 140 22.21 18.16 -20.63
C GLY L 140 21.91 18.82 -19.30
N HIS L 141 20.68 18.62 -18.83
CA HIS L 141 20.26 19.18 -17.57
C HIS L 141 20.06 18.09 -16.52
N SER L 142 20.76 18.24 -15.40
CA SER L 142 20.65 17.31 -14.28
C SER L 142 20.85 15.88 -14.77
N LEU L 143 19.80 15.07 -14.72
CA LEU L 143 19.88 13.70 -15.19
C LEU L 143 20.62 13.69 -16.54
N GLY L 144 20.20 14.61 -17.41
CA GLY L 144 20.81 14.72 -18.73
C GLY L 144 22.28 15.08 -18.69
N ALA L 145 22.67 15.94 -17.75
CA ALA L 145 24.06 16.32 -17.64
C ALA L 145 24.86 15.11 -17.14
N ARG L 146 24.32 14.45 -16.12
CA ARG L 146 24.97 13.27 -15.58
C ARG L 146 25.18 12.26 -16.70
N ASN L 147 24.14 12.04 -17.50
CA ASN L 147 24.25 11.09 -18.62
C ASN L 147 25.26 11.55 -19.66
N SER L 148 25.29 12.84 -19.94
CA SER L 148 26.19 13.37 -20.95
C SER L 148 27.68 13.31 -20.62
N VAL L 149 28.06 13.63 -19.39
CA VAL L 149 29.47 13.55 -19.03
C VAL L 149 29.85 12.08 -19.06
N THR L 150 28.97 11.23 -18.55
CA THR L 150 29.23 9.79 -18.52
C THR L 150 29.52 9.32 -19.93
N ALA L 151 28.68 9.73 -20.88
CA ALA L 151 28.84 9.35 -22.29
C ALA L 151 30.14 9.90 -22.86
N ALA L 152 30.45 11.16 -22.56
CA ALA L 152 31.68 11.77 -23.06
C ALA L 152 32.91 10.97 -22.59
N ALA L 153 32.92 10.59 -21.33
CA ALA L 153 34.05 9.83 -20.78
C ALA L 153 34.17 8.47 -21.45
N LYS L 154 33.04 7.86 -21.79
CA LYS L 154 33.03 6.53 -22.40
C LYS L 154 33.17 6.53 -23.93
N TYR L 155 32.64 7.56 -24.59
CA TYR L 155 32.70 7.62 -26.05
C TYR L 155 33.24 8.96 -26.57
N PRO L 156 34.53 9.25 -26.28
CA PRO L 156 35.16 10.49 -26.72
C PRO L 156 35.00 10.89 -28.19
N ASP L 157 35.11 9.95 -29.12
CA ASP L 157 34.98 10.28 -30.53
C ASP L 157 33.57 10.65 -31.01
N LEU L 158 32.55 10.19 -30.27
CA LEU L 158 31.18 10.50 -30.64
C LEU L 158 30.72 11.87 -30.16
N VAL L 159 31.45 12.47 -29.21
CA VAL L 159 31.04 13.76 -28.68
C VAL L 159 32.09 14.88 -28.71
N ARG L 160 31.72 15.97 -29.37
CA ARG L 160 32.57 17.14 -29.51
C ARG L 160 32.81 17.87 -28.18
N SER L 161 31.73 18.16 -27.46
CA SER L 161 31.82 18.82 -26.16
C SER L 161 30.54 18.59 -25.36
N VAL L 162 30.57 19.01 -24.09
CA VAL L 162 29.43 18.83 -23.22
C VAL L 162 29.15 20.05 -22.35
N VAL L 163 27.88 20.38 -22.26
CA VAL L 163 27.43 21.48 -21.42
C VAL L 163 26.64 20.78 -20.33
N ALA L 164 27.25 20.62 -19.16
CA ALA L 164 26.60 19.95 -18.04
C ALA L 164 25.91 20.94 -17.10
N ILE L 165 24.60 21.06 -17.25
CA ILE L 165 23.85 21.97 -16.42
C ILE L 165 23.36 21.37 -15.12
N ASP L 166 23.93 21.86 -14.03
CA ASP L 166 23.56 21.47 -12.67
C ASP L 166 23.57 20.00 -12.21
N PHE L 167 24.67 19.30 -12.43
CA PHE L 167 24.81 17.94 -11.93
C PHE L 167 26.27 17.52 -11.94
N THR L 168 26.92 17.72 -10.81
CA THR L 168 28.32 17.41 -10.64
C THR L 168 28.45 16.23 -9.69
N PRO L 169 29.69 15.79 -9.42
CA PRO L 169 29.89 14.67 -8.49
C PRO L 169 29.74 15.31 -7.11
N TYR L 170 29.87 14.51 -6.04
CA TYR L 170 29.80 15.00 -4.67
C TYR L 170 28.47 15.56 -4.16
N ILE L 171 27.38 15.30 -4.87
CA ILE L 171 26.09 15.78 -4.42
C ILE L 171 25.78 15.08 -3.10
N GLU L 172 25.49 15.84 -2.04
CA GLU L 172 25.22 15.23 -0.75
C GLU L 172 23.95 14.38 -0.70
N THR L 173 24.03 13.31 0.08
CA THR L 173 22.96 12.34 0.26
C THR L 173 21.57 12.92 0.53
N GLU L 174 21.50 13.88 1.45
CA GLU L 174 20.22 14.50 1.80
C GLU L 174 19.57 15.15 0.57
N ALA L 175 20.38 15.69 -0.32
CA ALA L 175 19.85 16.34 -1.52
C ALA L 175 19.27 15.31 -2.48
N LEU L 176 19.92 14.16 -2.59
CA LEU L 176 19.45 13.10 -3.47
C LEU L 176 18.20 12.46 -2.88
N ASP L 177 18.08 12.52 -1.56
CA ASP L 177 16.91 11.96 -0.88
C ASP L 177 15.69 12.83 -1.20
N ALA L 178 15.86 14.14 -1.09
CA ALA L 178 14.77 15.07 -1.34
C ALA L 178 14.27 14.95 -2.78
N LEU L 179 15.21 14.82 -3.72
CA LEU L 179 14.86 14.68 -5.13
C LEU L 179 14.04 13.39 -5.32
N GLU L 180 14.55 12.29 -4.77
CA GLU L 180 13.88 11.00 -4.90
C GLU L 180 12.45 11.08 -4.34
N ALA L 181 12.29 11.74 -3.20
CA ALA L 181 10.98 11.88 -2.57
C ALA L 181 10.01 12.62 -3.45
N ARG L 182 10.47 13.72 -4.05
CA ARG L 182 9.62 14.52 -4.91
C ARG L 182 9.25 13.79 -6.19
N VAL L 183 10.20 13.07 -6.79
CA VAL L 183 9.91 12.37 -8.04
C VAL L 183 8.83 11.32 -7.85
N ASN L 184 8.98 10.46 -6.83
CA ASN L 184 8.01 9.40 -6.60
C ASN L 184 6.63 9.94 -6.21
N ALA L 185 6.60 11.09 -5.55
CA ALA L 185 5.32 11.68 -5.14
C ALA L 185 4.60 12.32 -6.34
N GLY L 186 5.29 12.42 -7.46
CA GLY L 186 4.70 13.03 -8.63
C GLY L 186 3.75 12.12 -9.36
N SER L 187 3.87 10.81 -9.12
CA SER L 187 3.01 9.83 -9.76
C SER L 187 1.61 9.83 -9.16
N GLN L 188 0.72 10.62 -9.75
CA GLN L 188 -0.65 10.72 -9.28
C GLN L 188 -1.60 11.15 -10.38
N LEU L 189 -2.90 11.12 -10.06
CA LEU L 189 -3.95 11.50 -10.99
C LEU L 189 -4.30 12.97 -10.80
N PHE L 190 -4.47 13.69 -11.89
CA PHE L 190 -4.85 15.11 -11.83
C PHE L 190 -6.17 15.26 -12.55
N GLU L 191 -7.07 16.06 -11.98
CA GLU L 191 -8.39 16.29 -12.57
C GLU L 191 -8.26 16.72 -14.03
N ASP L 192 -7.51 17.79 -14.25
CA ASP L 192 -7.31 18.34 -15.58
C ASP L 192 -5.97 19.07 -15.69
N ILE L 193 -5.76 19.73 -16.81
CA ILE L 193 -4.51 20.46 -17.07
C ILE L 193 -4.28 21.60 -16.06
N LYS L 194 -5.36 22.26 -15.65
CA LYS L 194 -5.24 23.37 -14.70
C LYS L 194 -4.67 22.86 -13.37
N ALA L 195 -5.15 21.69 -12.93
CA ALA L 195 -4.68 21.08 -11.69
C ALA L 195 -3.19 20.72 -11.84
N VAL L 196 -2.83 20.25 -13.02
CA VAL L 196 -1.44 19.88 -13.31
C VAL L 196 -0.54 21.11 -13.22
N GLU L 197 -0.98 22.21 -13.83
CA GLU L 197 -0.23 23.46 -13.81
C GLU L 197 -0.02 23.99 -12.40
N ALA L 198 -1.06 23.91 -11.57
CA ALA L 198 -0.99 24.36 -10.19
C ALA L 198 0.05 23.50 -9.45
N TYR L 199 -0.06 22.19 -9.60
CA TYR L 199 0.87 21.27 -8.95
C TYR L 199 2.33 21.52 -9.34
N LEU L 200 2.61 21.59 -10.65
CA LEU L 200 3.97 21.84 -11.12
C LEU L 200 4.51 23.19 -10.63
N ALA L 201 3.65 24.22 -10.62
CA ALA L 201 4.08 25.55 -10.16
C ALA L 201 4.48 25.49 -8.70
N GLY L 202 3.74 24.74 -7.90
CA GLY L 202 4.06 24.63 -6.49
C GLY L 202 5.33 23.82 -6.26
N ARG L 203 5.60 22.86 -7.14
CA ARG L 203 6.79 22.01 -7.05
C ARG L 203 8.05 22.71 -7.58
N TYR L 204 7.88 23.66 -8.48
CA TYR L 204 9.00 24.39 -9.06
C TYR L 204 8.64 25.87 -9.05
N PRO L 205 8.56 26.49 -7.86
CA PRO L 205 8.22 27.90 -7.67
C PRO L 205 8.99 28.95 -8.49
N ASN L 206 10.25 28.69 -8.80
CA ASN L 206 11.05 29.64 -9.57
C ASN L 206 10.90 29.56 -11.08
N ILE L 207 10.36 28.44 -11.56
CA ILE L 207 10.19 28.27 -13.00
C ILE L 207 9.09 29.17 -13.54
N PRO L 208 9.40 29.96 -14.58
CA PRO L 208 8.43 30.87 -15.20
C PRO L 208 7.19 30.14 -15.69
N ALA L 209 6.05 30.82 -15.63
CA ALA L 209 4.78 30.26 -16.05
C ALA L 209 4.80 29.66 -17.46
N ASP L 210 5.41 30.34 -18.41
CA ASP L 210 5.46 29.81 -19.77
C ASP L 210 6.17 28.44 -19.83
N ALA L 211 7.18 28.26 -18.98
CA ALA L 211 7.93 27.00 -18.95
C ALA L 211 7.12 25.93 -18.23
N ILE L 212 6.35 26.36 -17.22
CA ILE L 212 5.49 25.46 -16.46
C ILE L 212 4.45 24.89 -17.42
N ARG L 213 3.85 25.77 -18.22
CA ARG L 213 2.86 25.33 -19.18
C ARG L 213 3.45 24.25 -20.10
N ILE L 214 4.66 24.49 -20.59
CA ILE L 214 5.31 23.54 -21.48
C ILE L 214 5.40 22.16 -20.82
N ARG L 215 5.77 22.15 -19.54
CA ARG L 215 5.87 20.88 -18.82
C ARG L 215 4.49 20.24 -18.68
N ALA L 216 3.48 21.07 -18.40
CA ALA L 216 2.12 20.58 -18.25
C ALA L 216 1.53 20.03 -19.55
N GLU L 217 1.81 20.68 -20.67
CA GLU L 217 1.26 20.22 -21.94
C GLU L 217 1.97 19.05 -22.56
N SER L 218 3.25 18.87 -22.22
CA SER L 218 4.05 17.81 -22.81
C SER L 218 4.30 16.57 -21.96
N GLY L 219 4.17 16.68 -20.65
CA GLY L 219 4.47 15.53 -19.81
C GLY L 219 3.35 14.59 -19.41
N TYR L 220 2.11 14.90 -19.79
CA TYR L 220 1.00 14.06 -19.38
C TYR L 220 0.17 13.35 -20.44
N GLN L 221 -0.58 12.34 -19.99
CA GLN L 221 -1.43 11.53 -20.86
C GLN L 221 -2.86 11.45 -20.33
N PRO L 222 -3.86 11.50 -21.24
CA PRO L 222 -5.25 11.43 -20.78
C PRO L 222 -5.60 10.00 -20.35
N VAL L 223 -6.15 9.87 -19.15
CA VAL L 223 -6.53 8.56 -18.63
C VAL L 223 -7.87 8.70 -17.92
N ASP L 224 -8.41 7.58 -17.45
CA ASP L 224 -9.69 7.62 -16.73
C ASP L 224 -9.49 8.44 -15.45
N GLY L 225 -10.29 9.49 -15.31
CA GLY L 225 -10.17 10.34 -14.13
C GLY L 225 -9.43 11.62 -14.44
N GLY L 226 -8.84 11.70 -15.62
CA GLY L 226 -8.12 12.91 -16.00
C GLY L 226 -6.75 12.71 -16.62
N LEU L 227 -5.73 13.26 -15.96
CA LEU L 227 -4.37 13.19 -16.44
C LEU L 227 -3.39 12.49 -15.52
N ARG L 228 -2.42 11.81 -16.12
CA ARG L 228 -1.36 11.12 -15.39
C ARG L 228 -0.07 11.33 -16.18
N PRO L 229 1.09 11.26 -15.51
CA PRO L 229 2.37 11.44 -16.21
C PRO L 229 2.59 10.38 -17.30
N LEU L 230 3.33 10.75 -18.34
CA LEU L 230 3.65 9.78 -19.39
C LEU L 230 4.79 8.91 -18.84
N ALA L 231 5.72 9.55 -18.13
CA ALA L 231 6.84 8.83 -17.55
C ALA L 231 6.46 7.59 -16.74
N SER L 232 7.22 6.52 -16.91
CA SER L 232 7.01 5.29 -16.16
C SER L 232 7.46 5.51 -14.72
N SER L 233 6.59 5.23 -13.77
CA SER L 233 6.90 5.39 -12.36
C SER L 233 8.04 4.49 -11.91
N ALA L 234 8.05 3.26 -12.43
CA ALA L 234 9.09 2.30 -12.09
C ALA L 234 10.44 2.83 -12.56
N ALA L 235 10.42 3.41 -13.76
CA ALA L 235 11.63 3.96 -14.36
C ALA L 235 12.16 5.10 -13.49
N MSE L 236 11.27 6.00 -13.06
CA MSE L 236 11.65 7.13 -12.23
C MSE L 236 12.26 6.69 -10.91
O MSE L 236 13.30 7.21 -10.49
CB MSE L 236 10.45 8.02 -11.94
CG MSE L 236 9.70 8.48 -13.19
SE MSE L 236 10.83 9.39 -14.49
CE MSE L 236 11.03 7.94 -15.77
N ALA L 237 11.62 5.73 -10.26
CA ALA L 237 12.12 5.24 -8.98
C ALA L 237 13.53 4.70 -9.17
N GLN L 238 13.71 3.88 -10.19
CA GLN L 238 15.01 3.30 -10.49
C GLN L 238 16.02 4.35 -10.94
N THR L 239 15.58 5.31 -11.75
CA THR L 239 16.47 6.35 -12.22
C THR L 239 16.94 7.20 -11.04
N ALA L 240 16.02 7.60 -10.17
CA ALA L 240 16.35 8.42 -9.02
C ALA L 240 17.39 7.73 -8.15
N ARG L 241 17.23 6.43 -7.98
CA ARG L 241 18.16 5.63 -7.19
C ARG L 241 19.53 5.62 -7.88
N GLY L 242 19.52 5.48 -9.20
CA GLY L 242 20.76 5.47 -9.96
C GLY L 242 21.54 6.78 -9.95
N LEU L 243 20.83 7.89 -9.71
CA LEU L 243 21.48 9.19 -9.66
C LEU L 243 22.43 9.29 -8.46
N ARG L 244 22.36 8.34 -7.54
CA ARG L 244 23.24 8.36 -6.36
C ARG L 244 24.63 7.78 -6.63
N SER L 245 24.78 7.08 -7.74
CA SER L 245 26.05 6.47 -8.08
C SER L 245 27.20 7.49 -8.13
N ASP L 246 28.40 7.01 -7.82
CA ASP L 246 29.58 7.86 -7.82
C ASP L 246 29.86 8.41 -9.22
N LEU L 247 29.95 9.73 -9.32
CA LEU L 247 30.19 10.37 -10.62
C LEU L 247 31.61 10.91 -10.81
N VAL L 248 32.45 10.75 -9.79
CA VAL L 248 33.83 11.22 -9.85
C VAL L 248 34.57 10.60 -11.05
N PRO L 249 34.46 9.28 -11.23
CA PRO L 249 35.13 8.59 -12.35
C PRO L 249 34.90 9.25 -13.71
N ALA L 250 33.65 9.56 -14.00
CA ALA L 250 33.30 10.18 -15.28
C ALA L 250 33.88 11.59 -15.44
N TYR L 251 33.84 12.40 -14.39
CA TYR L 251 34.38 13.76 -14.49
C TYR L 251 35.89 13.74 -14.54
N ARG L 252 36.48 12.77 -13.85
CA ARG L 252 37.93 12.62 -13.79
C ARG L 252 38.55 12.14 -15.10
N ASP L 253 37.87 11.23 -15.80
CA ASP L 253 38.42 10.68 -17.03
C ASP L 253 37.91 11.30 -18.33
N VAL L 254 36.92 12.17 -18.25
CA VAL L 254 36.41 12.77 -19.46
C VAL L 254 37.53 13.56 -20.14
N THR L 255 37.71 13.32 -21.44
CA THR L 255 38.77 13.99 -22.20
C THR L 255 38.28 15.11 -23.12
N LYS L 256 36.98 15.20 -23.36
CA LYS L 256 36.46 16.26 -24.22
C LYS L 256 36.04 17.46 -23.37
N PRO L 257 35.99 18.65 -23.97
CA PRO L 257 35.61 19.87 -23.23
C PRO L 257 34.27 19.73 -22.48
N VAL L 258 34.23 20.22 -21.25
CA VAL L 258 33.01 20.20 -20.45
C VAL L 258 32.81 21.54 -19.75
N LEU L 259 31.65 22.14 -19.96
CA LEU L 259 31.28 23.40 -19.33
C LEU L 259 30.37 23.09 -18.15
N ILE L 260 30.82 23.40 -16.94
CA ILE L 260 30.04 23.13 -15.75
C ILE L 260 29.21 24.36 -15.42
N VAL L 261 27.88 24.18 -15.38
CA VAL L 261 26.97 25.26 -15.07
C VAL L 261 26.16 24.98 -13.81
N ARG L 262 26.23 25.90 -12.84
CA ARG L 262 25.48 25.74 -11.61
C ARG L 262 24.62 26.96 -11.34
N GLY L 263 23.43 26.72 -10.78
CA GLY L 263 22.56 27.82 -10.41
C GLY L 263 23.05 28.26 -9.03
N GLU L 264 23.21 29.56 -8.82
CA GLU L 264 23.71 30.08 -7.54
C GLU L 264 22.94 29.56 -6.32
N SER L 265 21.63 29.34 -6.47
CA SER L 265 20.83 28.85 -5.36
C SER L 265 20.25 27.46 -5.61
N SER L 266 20.96 26.64 -6.38
CA SER L 266 20.52 25.29 -6.66
C SER L 266 20.53 24.46 -5.37
N LYS L 267 19.47 23.69 -5.15
CA LYS L 267 19.42 22.86 -3.96
C LYS L 267 19.98 21.46 -4.23
N LEU L 268 20.22 21.14 -5.49
CA LEU L 268 20.77 19.84 -5.84
C LEU L 268 22.30 19.88 -5.84
N VAL L 269 22.86 20.85 -6.55
CA VAL L 269 24.31 21.01 -6.60
C VAL L 269 24.71 22.14 -5.67
N SER L 270 25.27 21.78 -4.52
CA SER L 270 25.70 22.74 -3.52
C SER L 270 26.97 23.45 -3.95
N ALA L 271 27.26 24.58 -3.33
CA ALA L 271 28.46 25.32 -3.65
C ALA L 271 29.68 24.49 -3.24
N ALA L 272 29.53 23.68 -2.20
CA ALA L 272 30.64 22.84 -1.74
C ALA L 272 30.93 21.79 -2.79
N ALA L 273 29.86 21.17 -3.30
CA ALA L 273 29.99 20.13 -4.31
C ALA L 273 30.70 20.68 -5.56
N LEU L 274 30.37 21.91 -5.91
CA LEU L 274 31.00 22.55 -7.07
C LEU L 274 32.48 22.81 -6.77
N ALA L 275 32.75 23.35 -5.58
CA ALA L 275 34.12 23.64 -5.16
C ALA L 275 34.97 22.37 -5.20
N LYS L 276 34.39 21.23 -4.81
CA LYS L 276 35.10 19.96 -4.82
C LYS L 276 35.27 19.46 -6.26
N THR L 277 34.26 19.71 -7.09
CA THR L 277 34.33 19.30 -8.48
C THR L 277 35.46 20.04 -9.19
N SER L 278 35.56 21.34 -8.92
CA SER L 278 36.60 22.16 -9.53
C SER L 278 38.02 21.80 -9.09
N ARG L 279 38.18 21.23 -7.89
CA ARG L 279 39.51 20.84 -7.47
C ARG L 279 39.85 19.51 -8.13
N LEU L 280 38.83 18.75 -8.49
CA LEU L 280 39.02 17.47 -9.19
C LEU L 280 39.43 17.74 -10.63
N ARG L 281 38.78 18.74 -11.23
CA ARG L 281 39.03 19.10 -12.61
C ARG L 281 39.08 20.63 -12.75
N PRO L 282 40.15 21.26 -12.25
CA PRO L 282 40.28 22.73 -12.33
C PRO L 282 40.34 23.31 -13.74
N ASP L 283 40.57 22.45 -14.73
CA ASP L 283 40.67 22.90 -16.11
C ASP L 283 39.30 23.12 -16.79
N LEU L 284 38.27 22.44 -16.28
CA LEU L 284 36.94 22.59 -16.86
C LEU L 284 36.35 23.95 -16.52
N PRO L 285 35.98 24.73 -17.55
CA PRO L 285 35.41 26.06 -17.32
C PRO L 285 34.09 25.99 -16.53
N VAL L 286 33.86 26.99 -15.68
CA VAL L 286 32.68 27.03 -14.83
C VAL L 286 31.84 28.29 -15.02
N VAL L 287 30.52 28.12 -14.95
CA VAL L 287 29.57 29.22 -15.05
C VAL L 287 28.56 29.07 -13.90
N VAL L 288 28.43 30.11 -13.09
CA VAL L 288 27.50 30.11 -11.97
C VAL L 288 26.46 31.16 -12.27
N VAL L 289 25.19 30.75 -12.38
CA VAL L 289 24.13 31.69 -12.72
C VAL L 289 23.40 32.31 -11.52
N PRO L 290 23.63 33.62 -11.27
CA PRO L 290 22.99 34.30 -10.16
C PRO L 290 21.46 34.37 -10.33
N GLY L 291 20.72 34.21 -9.24
CA GLY L 291 19.27 34.27 -9.32
C GLY L 291 18.67 33.07 -10.03
N ALA L 292 19.37 31.95 -10.01
CA ALA L 292 18.88 30.74 -10.64
C ALA L 292 19.08 29.57 -9.70
N ASP L 293 18.08 28.70 -9.64
CA ASP L 293 18.20 27.53 -8.79
C ASP L 293 18.62 26.39 -9.69
N HIS L 294 18.22 25.16 -9.34
CA HIS L 294 18.56 23.96 -10.11
C HIS L 294 18.12 24.02 -11.57
N TYR L 295 16.97 24.65 -11.83
CA TYR L 295 16.40 24.77 -13.17
C TYR L 295 16.95 25.99 -13.89
N VAL L 296 18.25 25.93 -14.15
CA VAL L 296 18.98 27.02 -14.80
C VAL L 296 18.49 27.44 -16.18
N ASN L 297 18.36 26.50 -17.11
CA ASN L 297 17.93 26.85 -18.46
C ASN L 297 16.51 27.42 -18.57
N GLU L 298 15.63 27.05 -17.66
CA GLU L 298 14.27 27.56 -17.72
C GLU L 298 14.13 28.86 -16.91
N VAL L 299 14.88 28.98 -15.82
CA VAL L 299 14.81 30.17 -14.98
C VAL L 299 15.63 31.34 -15.54
N SER L 300 16.76 31.04 -16.16
CA SER L 300 17.62 32.08 -16.73
C SER L 300 17.99 31.67 -18.14
N PRO L 301 17.03 31.74 -19.07
CA PRO L 301 17.27 31.36 -20.46
C PRO L 301 18.31 32.20 -21.22
N GLU L 302 18.34 33.51 -20.97
CA GLU L 302 19.30 34.36 -21.68
C GLU L 302 20.75 34.10 -21.28
N ILE L 303 21.01 34.10 -19.99
CA ILE L 303 22.37 33.84 -19.50
C ILE L 303 22.77 32.43 -19.91
N THR L 304 21.81 31.50 -19.92
CA THR L 304 22.08 30.13 -20.31
C THR L 304 22.52 30.05 -21.77
N LEU L 305 21.77 30.70 -22.64
CA LEU L 305 22.10 30.69 -24.06
C LEU L 305 23.48 31.31 -24.29
N LYS L 306 23.68 32.49 -23.70
CA LYS L 306 24.94 33.20 -23.81
C LYS L 306 26.13 32.36 -23.34
N ALA L 307 25.96 31.64 -22.22
CA ALA L 307 27.03 30.80 -21.70
C ALA L 307 27.33 29.68 -22.68
N ILE L 308 26.30 29.15 -23.32
CA ILE L 308 26.50 28.07 -24.27
C ILE L 308 27.31 28.56 -25.48
N THR L 309 26.93 29.71 -26.04
CA THR L 309 27.64 30.24 -27.19
C THR L 309 29.07 30.70 -26.89
N ASN L 310 29.33 31.23 -25.70
CA ASN L 310 30.69 31.64 -25.37
C ASN L 310 31.60 30.42 -25.39
N PHE L 311 31.04 29.30 -24.98
CA PHE L 311 31.75 28.02 -24.89
C PHE L 311 32.03 27.37 -26.25
N ILE L 312 31.00 27.17 -27.06
CA ILE L 312 31.18 26.51 -28.35
C ILE L 312 31.74 27.41 -29.47
N ASP L 313 31.61 28.72 -29.34
CA ASP L 313 32.11 29.65 -30.35
C ASP L 313 33.51 30.21 -30.06
N ALA L 314 34.12 29.79 -28.95
CA ALA L 314 35.45 30.28 -28.59
C ALA L 314 36.50 30.01 -29.68
CL CL M . 50.62 43.60 -15.58
CL CL N . 8.93 -32.88 37.22
CL CL O . -29.95 -52.73 45.12
CL CL P . 2.56 49.95 -2.35
CL CL Q . 0.38 9.80 15.74
CL CL R . 49.94 21.85 10.76
CL CL S . 46.44 -18.67 28.70
CL CL T . -2.87 -31.80 -39.74
CL CL U . -50.82 -4.16 -52.54
CL CL V . -13.60 -6.02 -5.55
CL CL W . -61.86 20.34 -17.40
CL CL X . 17.45 14.90 -12.54
#